data_2KR2
#
_entry.id   2KR2
#
_cell.length_a   1.000
_cell.length_b   1.000
_cell.length_c   1.000
_cell.angle_alpha   90.00
_cell.angle_beta   90.00
_cell.angle_gamma   90.00
#
_symmetry.space_group_name_H-M   'P 1'
#
loop_
_entity.id
_entity.type
_entity.pdbx_description
1 polymer Malectin-A
2 branched alpha-D-glucopyranose-(1-4)-beta-D-glucopyranose
#
_entity_poly.entity_id   1
_entity_poly.type   'polypeptide(L)'
_entity_poly.pdbx_seq_one_letter_code
;GAMSGLADKVIWAVNAGGESHVDVHGIHYRKDPLEGRVGRASDYGMKLPILRSNPEDQVLYQTERYNEDSFGYDIPIKEE
GEYVLVLKFAEVYFAQSQQKVFDVRVNGHTVVKDLDIFDRVGHSTAHDEIIPISIKKGKLSVQGEVSTFTGKLSVEFVKG
YYDNPKVCALFIMKGTADDVPMLQPHPGLE
;
_entity_poly.pdbx_strand_id   A
#
loop_
_chem_comp.id
_chem_comp.type
_chem_comp.name
_chem_comp.formula
BGC D-saccharide, beta linking beta-D-glucopyranose 'C6 H12 O6'
GLC D-saccharide, alpha linking alpha-D-glucopyranose 'C6 H12 O6'
#
# COMPACT_ATOMS: atom_id res chain seq x y z
N GLY A 1 16.40 25.84 3.96
CA GLY A 1 15.49 25.01 3.12
C GLY A 1 15.10 23.71 3.80
N ALA A 2 14.24 23.82 4.85
CA ALA A 2 13.77 22.65 5.63
C ALA A 2 12.24 22.41 5.41
N MET A 3 11.89 21.14 5.10
CA MET A 3 10.49 20.74 4.86
C MET A 3 10.16 19.44 5.64
N SER A 4 9.29 19.60 6.66
CA SER A 4 8.87 18.46 7.50
C SER A 4 7.36 18.49 7.78
N GLY A 5 6.64 17.49 7.25
CA GLY A 5 5.20 17.40 7.45
C GLY A 5 4.55 16.30 6.61
N LEU A 6 4.39 15.11 7.22
CA LEU A 6 3.77 13.92 6.56
C LEU A 6 2.22 13.88 6.73
N ALA A 7 1.77 14.07 8.01
CA ALA A 7 0.31 14.13 8.42
C ALA A 7 -0.53 15.29 7.76
N ASP A 8 0.16 16.38 7.32
CA ASP A 8 -0.48 17.55 6.64
C ASP A 8 -0.61 17.37 5.09
N LYS A 9 0.07 16.34 4.51
CA LYS A 9 0.02 16.09 3.06
C LYS A 9 -0.81 14.83 2.67
N VAL A 10 -1.11 13.87 3.62
CA VAL A 10 -1.97 12.66 3.35
C VAL A 10 -3.43 12.99 2.81
N ILE A 11 -3.85 12.22 1.78
CA ILE A 11 -5.21 12.39 1.20
C ILE A 11 -6.04 11.09 1.25
N TRP A 12 -5.37 9.90 1.24
CA TRP A 12 -6.08 8.61 1.25
C TRP A 12 -5.12 7.45 1.67
N ALA A 13 -5.40 6.75 2.81
CA ALA A 13 -4.55 5.60 3.30
C ALA A 13 -5.42 4.44 3.85
N VAL A 14 -5.15 3.19 3.37
CA VAL A 14 -5.93 1.99 3.82
C VAL A 14 -5.04 0.72 4.08
N ASN A 15 -5.29 0.05 5.24
CA ASN A 15 -4.66 -1.24 5.59
C ASN A 15 -5.79 -2.30 5.62
N ALA A 16 -5.73 -3.25 4.66
CA ALA A 16 -6.73 -4.33 4.53
C ALA A 16 -6.47 -5.49 5.53
N GLY A 17 -7.22 -5.43 6.67
CA GLY A 17 -7.09 -6.42 7.73
C GLY A 17 -7.93 -6.16 8.97
N GLY A 18 -7.58 -5.09 9.72
CA GLY A 18 -8.28 -4.76 10.97
C GLY A 18 -9.34 -3.66 10.83
N GLU A 19 -9.13 -2.52 11.52
CA GLU A 19 -10.06 -1.37 11.48
C GLU A 19 -9.45 -0.13 12.16
N SER A 20 -9.30 0.94 11.33
CA SER A 20 -8.80 2.31 11.71
C SER A 20 -7.43 2.39 12.48
N HIS A 21 -6.33 2.84 11.84
CA HIS A 21 -5.04 2.98 12.58
C HIS A 21 -4.27 4.27 12.27
N VAL A 22 -3.79 4.89 13.36
CA VAL A 22 -2.97 6.13 13.34
C VAL A 22 -1.49 5.72 13.63
N ASP A 23 -0.60 5.91 12.63
CA ASP A 23 0.85 5.58 12.80
C ASP A 23 1.65 6.79 13.38
N VAL A 24 2.85 6.47 13.94
CA VAL A 24 3.82 7.43 14.65
C VAL A 24 4.14 8.83 13.99
N HIS A 25 4.00 8.95 12.67
CA HIS A 25 4.20 10.23 11.94
C HIS A 25 2.85 11.02 11.80
N GLY A 26 1.73 10.27 11.91
CA GLY A 26 0.38 10.82 11.82
C GLY A 26 -0.38 10.37 10.58
N ILE A 27 -0.22 9.09 10.20
CA ILE A 27 -0.91 8.53 9.01
C ILE A 27 -2.07 7.59 9.49
N HIS A 28 -3.29 7.88 9.00
CA HIS A 28 -4.49 7.17 9.43
C HIS A 28 -5.21 6.33 8.34
N TYR A 29 -5.54 5.07 8.72
CA TYR A 29 -6.35 4.15 7.86
C TYR A 29 -7.84 4.21 8.33
N ARG A 30 -8.77 4.08 7.34
CA ARG A 30 -10.25 4.15 7.55
C ARG A 30 -10.90 2.98 8.36
N LYS A 31 -11.59 2.05 7.67
CA LYS A 31 -12.30 0.89 8.30
C LYS A 31 -13.07 0.06 7.25
N ASP A 32 -12.42 -1.03 6.71
CA ASP A 32 -13.04 -2.03 5.71
C ASP A 32 -13.83 -1.42 4.49
N PRO A 33 -13.19 -0.55 3.63
CA PRO A 33 -13.87 0.10 2.49
C PRO A 33 -13.69 -0.54 1.08
N LEU A 34 -13.58 -1.88 1.02
CA LEU A 34 -13.42 -2.60 -0.27
C LEU A 34 -14.26 -3.91 -0.32
N GLU A 35 -14.13 -4.79 0.70
CA GLU A 35 -14.89 -6.07 0.72
C GLU A 35 -15.98 -6.07 1.80
N GLY A 36 -17.22 -5.78 1.34
CA GLY A 36 -18.39 -5.69 2.22
C GLY A 36 -18.84 -4.24 2.48
N ARG A 37 -17.85 -3.29 2.49
CA ARG A 37 -18.03 -1.81 2.73
C ARG A 37 -18.23 -1.41 4.22
N VAL A 38 -19.12 -2.12 4.95
CA VAL A 38 -19.38 -1.86 6.40
C VAL A 38 -19.38 -3.19 7.20
N GLY A 39 -18.41 -3.32 8.13
CA GLY A 39 -18.31 -4.54 8.94
C GLY A 39 -17.41 -4.40 10.17
N ARG A 40 -16.53 -5.41 10.36
CA ARG A 40 -15.61 -5.44 11.52
C ARG A 40 -14.17 -5.91 11.12
N ALA A 41 -13.34 -6.21 12.16
CA ALA A 41 -11.93 -6.67 12.02
C ALA A 41 -11.80 -8.22 12.00
N SER A 42 -10.96 -8.73 11.07
CA SER A 42 -10.70 -10.15 10.92
C SER A 42 -9.18 -10.43 10.92
N ASP A 43 -8.73 -11.25 11.89
CA ASP A 43 -7.31 -11.59 12.03
C ASP A 43 -7.12 -13.11 12.18
N TYR A 44 -6.74 -13.77 11.07
CA TYR A 44 -6.47 -15.24 11.04
C TYR A 44 -4.96 -15.51 10.99
N GLY A 45 -4.33 -15.32 12.15
CA GLY A 45 -2.89 -15.45 12.32
C GLY A 45 -2.28 -14.16 12.88
N MET A 46 -2.66 -13.83 14.14
CA MET A 46 -2.22 -12.59 14.83
C MET A 46 -0.94 -12.73 15.70
N LYS A 47 -0.32 -13.93 15.73
CA LYS A 47 0.90 -14.17 16.51
C LYS A 47 2.14 -14.43 15.58
N LEU A 48 2.27 -13.55 14.57
CA LEU A 48 3.35 -13.59 13.57
C LEU A 48 3.67 -12.14 13.17
N PRO A 49 4.37 -11.35 14.06
CA PRO A 49 4.72 -9.91 13.81
C PRO A 49 5.76 -9.64 12.70
N ILE A 50 5.73 -8.38 12.18
CA ILE A 50 6.65 -7.90 11.15
C ILE A 50 7.98 -7.34 11.82
N LEU A 51 9.12 -7.77 11.27
CA LEU A 51 10.48 -7.44 11.79
C LEU A 51 11.10 -6.08 11.34
N ARG A 52 10.60 -5.47 10.25
CA ARG A 52 11.15 -4.18 9.76
C ARG A 52 10.27 -2.93 10.10
N SER A 53 9.42 -3.03 11.15
CA SER A 53 8.55 -1.92 11.56
C SER A 53 8.49 -1.74 13.11
N ASN A 54 7.50 -0.93 13.55
CA ASN A 54 7.22 -0.60 14.97
C ASN A 54 6.12 -1.55 15.56
N PRO A 55 5.66 -1.43 16.87
CA PRO A 55 4.52 -2.25 17.43
C PRO A 55 3.15 -1.82 16.85
N GLU A 56 2.97 -0.47 16.84
CA GLU A 56 1.76 0.25 16.31
C GLU A 56 1.67 0.14 14.76
N ASP A 57 2.78 0.49 14.08
CA ASP A 57 2.88 0.41 12.61
C ASP A 57 3.07 -1.09 12.09
N GLN A 58 3.26 -2.06 13.05
CA GLN A 58 3.31 -3.54 12.80
C GLN A 58 1.87 -4.02 12.49
N VAL A 59 0.88 -3.49 13.28
CA VAL A 59 -0.61 -3.71 13.08
C VAL A 59 -1.02 -3.14 11.66
N LEU A 60 -0.50 -1.94 11.28
CA LEU A 60 -0.77 -1.36 9.94
C LEU A 60 0.15 -1.94 8.79
N TYR A 61 1.11 -2.77 9.15
CA TYR A 61 2.04 -3.46 8.20
C TYR A 61 2.00 -5.03 8.37
N GLN A 62 0.91 -5.57 8.99
CA GLN A 62 0.78 -7.04 9.26
C GLN A 62 -0.64 -7.64 9.18
N THR A 63 -1.68 -6.87 9.58
CA THR A 63 -3.14 -7.34 9.59
C THR A 63 -3.79 -7.52 8.16
N GLU A 64 -4.42 -8.71 7.96
CA GLU A 64 -5.12 -9.09 6.68
C GLU A 64 -6.57 -9.57 6.96
N ARG A 65 -7.54 -9.19 6.09
CA ARG A 65 -8.97 -9.58 6.28
C ARG A 65 -9.39 -10.79 5.40
N TYR A 66 -9.74 -10.57 4.11
CA TYR A 66 -10.13 -11.69 3.21
C TYR A 66 -9.86 -11.40 1.72
N ASN A 67 -9.92 -12.47 0.90
CA ASN A 67 -9.66 -12.38 -0.57
C ASN A 67 -10.75 -13.09 -1.42
N GLU A 68 -10.82 -12.68 -2.71
CA GLU A 68 -11.78 -13.26 -3.68
C GLU A 68 -11.13 -13.42 -5.08
N ASP A 69 -11.50 -12.55 -6.07
CA ASP A 69 -10.94 -12.60 -7.45
C ASP A 69 -11.11 -11.25 -8.17
N SER A 70 -9.96 -10.64 -8.62
CA SER A 70 -9.89 -9.30 -9.36
C SER A 70 -10.57 -8.13 -8.59
N PHE A 71 -9.81 -7.44 -7.74
CA PHE A 71 -10.41 -6.36 -6.91
C PHE A 71 -9.46 -5.22 -6.56
N GLY A 72 -10.04 -4.07 -6.18
CA GLY A 72 -9.24 -2.91 -5.82
C GLY A 72 -10.00 -1.68 -5.34
N TYR A 73 -9.24 -0.58 -5.16
CA TYR A 73 -9.79 0.68 -4.61
C TYR A 73 -9.95 1.85 -5.59
N ASP A 74 -10.60 2.92 -5.07
CA ASP A 74 -10.89 4.17 -5.79
C ASP A 74 -10.42 5.41 -4.98
N ILE A 75 -9.52 6.22 -5.58
CA ILE A 75 -8.98 7.45 -4.95
C ILE A 75 -9.42 8.69 -5.79
N PRO A 76 -10.39 9.53 -5.32
CA PRO A 76 -10.83 10.74 -6.06
C PRO A 76 -9.93 12.00 -5.81
N ILE A 77 -9.29 12.49 -6.89
CA ILE A 77 -8.40 13.68 -6.84
C ILE A 77 -8.85 14.76 -7.87
N LYS A 78 -8.45 16.02 -7.58
CA LYS A 78 -8.75 17.19 -8.41
C LYS A 78 -7.60 18.24 -8.38
N GLU A 79 -6.36 17.81 -8.00
CA GLU A 79 -5.20 18.71 -7.92
C GLU A 79 -3.96 18.11 -8.61
N GLU A 80 -3.00 18.98 -8.96
CA GLU A 80 -1.78 18.57 -9.65
C GLU A 80 -0.49 18.81 -8.85
N GLY A 81 0.49 17.91 -9.08
CA GLY A 81 1.79 17.98 -8.43
C GLY A 81 2.51 16.63 -8.44
N GLU A 82 3.15 16.24 -7.31
CA GLU A 82 3.83 14.94 -7.25
C GLU A 82 3.17 14.01 -6.21
N TYR A 83 2.38 13.03 -6.68
CA TYR A 83 1.67 12.11 -5.77
C TYR A 83 2.42 10.78 -5.67
N VAL A 84 2.68 10.35 -4.43
CA VAL A 84 3.47 9.11 -4.18
C VAL A 84 2.59 8.02 -3.53
N LEU A 85 2.56 6.85 -4.21
CA LEU A 85 1.81 5.69 -3.72
C LEU A 85 2.78 4.60 -3.24
N VAL A 86 2.86 4.49 -1.90
CA VAL A 86 3.71 3.50 -1.21
C VAL A 86 2.78 2.51 -0.46
N LEU A 87 2.93 1.23 -0.79
CA LEU A 87 2.10 0.18 -0.16
C LEU A 87 2.96 -0.99 0.33
N LYS A 88 2.65 -1.47 1.55
CA LYS A 88 3.39 -2.61 2.15
C LYS A 88 2.68 -3.95 1.95
N PHE A 89 3.41 -4.89 1.33
CA PHE A 89 2.92 -6.24 1.08
C PHE A 89 3.58 -7.24 2.05
N ALA A 90 2.75 -8.11 2.66
CA ALA A 90 3.21 -9.12 3.67
C ALA A 90 2.53 -10.51 3.46
N GLU A 91 3.17 -11.58 3.99
CA GLU A 91 2.66 -12.96 3.90
C GLU A 91 2.48 -13.64 5.29
N VAL A 92 1.84 -14.82 5.30
CA VAL A 92 1.59 -15.58 6.56
C VAL A 92 2.12 -17.05 6.49
N TYR A 93 1.43 -17.93 5.72
CA TYR A 93 1.84 -19.34 5.58
C TYR A 93 1.88 -19.78 4.10
N PHE A 94 2.83 -19.21 3.33
CA PHE A 94 3.01 -19.52 1.90
C PHE A 94 4.51 -19.48 1.54
N ALA A 95 5.13 -20.68 1.42
CA ALA A 95 6.57 -20.79 1.07
C ALA A 95 6.78 -21.28 -0.39
N GLN A 96 7.08 -20.31 -1.29
CA GLN A 96 7.31 -20.56 -2.72
C GLN A 96 7.95 -19.34 -3.42
N SER A 97 8.91 -19.62 -4.31
CA SER A 97 9.62 -18.57 -5.08
C SER A 97 9.54 -18.82 -6.59
N GLN A 98 8.87 -17.87 -7.30
CA GLN A 98 8.63 -17.89 -8.79
C GLN A 98 7.57 -18.94 -9.24
N GLN A 99 6.43 -18.89 -8.54
CA GLN A 99 5.27 -19.79 -8.74
C GLN A 99 3.98 -19.06 -8.34
N LYS A 100 4.06 -18.30 -7.21
CA LYS A 100 2.96 -17.46 -6.72
C LYS A 100 3.24 -15.99 -7.13
N VAL A 101 2.95 -15.69 -8.41
CA VAL A 101 3.20 -14.37 -9.03
C VAL A 101 1.87 -13.60 -9.29
N PHE A 102 1.85 -12.34 -8.84
CA PHE A 102 0.65 -11.49 -8.93
C PHE A 102 0.80 -10.24 -9.84
N ASP A 103 -0.33 -9.53 -10.06
CA ASP A 103 -0.33 -8.30 -10.89
C ASP A 103 -0.86 -7.08 -10.12
N VAL A 104 -0.17 -5.95 -10.31
CA VAL A 104 -0.50 -4.68 -9.61
C VAL A 104 -0.56 -3.49 -10.65
N ARG A 105 -1.70 -2.72 -10.60
CA ARG A 105 -1.97 -1.59 -11.54
C ARG A 105 -2.38 -0.25 -10.86
N VAL A 106 -2.05 0.89 -11.55
CA VAL A 106 -2.42 2.28 -11.08
C VAL A 106 -3.11 3.12 -12.21
N ASN A 107 -4.43 3.43 -12.00
CA ASN A 107 -5.36 4.20 -12.94
C ASN A 107 -5.64 3.47 -14.28
N GLY A 108 -5.53 2.15 -14.26
CA GLY A 108 -5.70 1.34 -15.46
C GLY A 108 -4.38 0.82 -16.06
N HIS A 109 -3.24 1.45 -15.64
CA HIS A 109 -1.88 1.15 -16.09
C HIS A 109 -1.20 -0.03 -15.35
N THR A 110 -0.38 -0.83 -16.07
CA THR A 110 0.36 -1.96 -15.44
C THR A 110 1.79 -1.55 -15.07
N VAL A 111 2.14 -1.77 -13.80
CA VAL A 111 3.49 -1.39 -13.28
C VAL A 111 4.30 -2.61 -12.76
N VAL A 112 3.76 -3.36 -11.76
CA VAL A 112 4.49 -4.53 -11.22
C VAL A 112 3.64 -5.80 -11.49
N LYS A 113 3.89 -6.42 -12.67
CA LYS A 113 3.16 -7.62 -13.09
C LYS A 113 4.06 -8.89 -13.08
N ASP A 114 4.32 -9.31 -11.82
CA ASP A 114 5.15 -10.49 -11.41
C ASP A 114 5.58 -10.23 -9.95
N LEU A 115 4.59 -10.16 -9.04
CA LEU A 115 4.85 -9.84 -7.63
C LEU A 115 4.81 -11.07 -6.70
N ASP A 116 6.04 -11.54 -6.38
CA ASP A 116 6.30 -12.67 -5.46
C ASP A 116 6.99 -12.15 -4.17
N ILE A 117 6.25 -12.14 -3.04
CA ILE A 117 6.73 -11.64 -1.71
C ILE A 117 7.84 -12.54 -1.01
N PHE A 118 7.86 -13.86 -1.31
CA PHE A 118 8.87 -14.82 -0.75
C PHE A 118 10.27 -14.68 -1.43
N ASP A 119 10.28 -14.54 -2.80
CA ASP A 119 11.52 -14.33 -3.61
C ASP A 119 12.12 -12.88 -3.50
N ARG A 120 11.26 -11.86 -3.17
CA ARG A 120 11.70 -10.45 -3.01
C ARG A 120 12.37 -10.16 -1.64
N VAL A 121 11.67 -10.42 -0.49
CA VAL A 121 12.28 -10.18 0.86
C VAL A 121 12.89 -11.46 1.54
N GLY A 122 12.31 -12.66 1.29
CA GLY A 122 12.82 -13.89 1.90
C GLY A 122 11.75 -14.67 2.68
N HIS A 123 11.94 -14.76 4.01
CA HIS A 123 10.98 -15.44 4.90
C HIS A 123 10.33 -14.44 5.87
N SER A 124 9.03 -14.14 5.61
CA SER A 124 8.18 -13.17 6.39
C SER A 124 8.58 -11.68 6.10
N THR A 125 8.84 -10.85 7.18
CA THR A 125 9.29 -9.39 7.11
C THR A 125 8.33 -8.42 6.33
N ALA A 126 8.79 -7.15 6.08
CA ALA A 126 8.00 -6.13 5.35
C ALA A 126 8.53 -5.87 3.91
N HIS A 127 7.61 -5.94 2.91
CA HIS A 127 7.93 -5.67 1.49
C HIS A 127 7.37 -4.28 1.08
N ASP A 128 8.15 -3.49 0.35
CA ASP A 128 7.73 -2.12 -0.02
C ASP A 128 7.82 -1.79 -1.52
N GLU A 129 6.74 -1.18 -2.02
CA GLU A 129 6.63 -0.73 -3.42
C GLU A 129 6.45 0.80 -3.49
N ILE A 130 7.43 1.46 -4.15
CA ILE A 130 7.46 2.94 -4.32
C ILE A 130 7.21 3.31 -5.80
N ILE A 131 6.04 3.95 -6.05
CA ILE A 131 5.64 4.37 -7.41
C ILE A 131 5.26 5.89 -7.42
N PRO A 132 6.23 6.84 -7.75
CA PRO A 132 5.93 8.31 -7.87
C PRO A 132 5.15 8.68 -9.16
N ILE A 133 4.17 9.57 -9.00
CA ILE A 133 3.29 10.02 -10.09
C ILE A 133 3.39 11.57 -10.28
N SER A 134 3.25 12.00 -11.54
CA SER A 134 3.29 13.44 -11.87
C SER A 134 2.11 13.85 -12.78
N ILE A 135 1.21 14.67 -12.21
CA ILE A 135 0.01 15.20 -12.90
C ILE A 135 0.20 16.74 -13.10
N LYS A 136 0.14 17.17 -14.38
CA LYS A 136 0.29 18.59 -14.76
C LYS A 136 -0.65 18.98 -15.90
N LYS A 137 -1.39 20.12 -15.69
CA LYS A 137 -2.39 20.68 -16.68
C LYS A 137 -3.67 19.79 -16.89
N GLY A 138 -3.88 18.82 -15.97
CA GLY A 138 -5.00 17.88 -16.05
C GLY A 138 -4.64 16.50 -16.66
N LYS A 139 -3.32 16.15 -16.76
CA LYS A 139 -2.90 14.85 -17.32
C LYS A 139 -1.93 14.09 -16.41
N LEU A 140 -1.90 12.74 -16.57
CA LEU A 140 -1.08 11.86 -15.74
C LEU A 140 0.20 11.32 -16.45
N SER A 141 1.24 11.10 -15.63
CA SER A 141 2.52 10.55 -16.10
C SER A 141 3.01 9.45 -15.14
N VAL A 142 3.03 8.19 -15.63
CA VAL A 142 3.48 7.03 -14.83
C VAL A 142 4.84 6.46 -15.43
N GLN A 143 6.00 6.96 -14.88
CA GLN A 143 7.40 6.57 -15.30
C GLN A 143 7.77 6.91 -16.78
N GLY A 144 7.39 6.02 -17.71
CA GLY A 144 7.62 6.23 -19.14
C GLY A 144 6.36 6.07 -20.01
N GLU A 145 5.16 6.34 -19.43
CA GLU A 145 3.87 6.25 -20.14
C GLU A 145 2.99 7.45 -19.79
N VAL A 146 2.64 8.25 -20.82
CA VAL A 146 1.82 9.47 -20.64
C VAL A 146 0.33 9.27 -21.14
N SER A 147 -0.62 9.70 -20.29
CA SER A 147 -2.06 9.62 -20.56
C SER A 147 -2.80 10.77 -19.83
N THR A 148 -4.13 10.83 -19.97
CA THR A 148 -4.92 11.89 -19.29
C THR A 148 -5.69 11.37 -18.01
N PHE A 149 -5.67 12.21 -16.94
CA PHE A 149 -6.36 11.94 -15.63
C PHE A 149 -7.85 12.34 -15.70
N THR A 150 -8.74 11.38 -15.40
CA THR A 150 -10.20 11.67 -15.43
C THR A 150 -10.92 11.27 -14.12
N GLY A 151 -10.99 12.25 -13.18
CA GLY A 151 -11.70 12.09 -11.89
C GLY A 151 -11.02 11.30 -10.75
N LYS A 152 -10.77 10.01 -10.96
CA LYS A 152 -10.20 9.14 -9.91
C LYS A 152 -9.03 8.25 -10.40
N LEU A 153 -8.26 7.77 -9.41
CA LEU A 153 -7.11 6.84 -9.60
C LEU A 153 -7.49 5.44 -9.10
N SER A 154 -7.03 4.37 -9.77
CA SER A 154 -7.41 3.02 -9.33
C SER A 154 -6.22 2.07 -9.04
N VAL A 155 -6.40 1.26 -8.00
CA VAL A 155 -5.39 0.22 -7.64
C VAL A 155 -6.06 -1.14 -7.85
N GLU A 156 -5.79 -1.76 -9.02
CA GLU A 156 -6.40 -3.03 -9.37
C GLU A 156 -5.37 -4.15 -9.46
N PHE A 157 -5.56 -5.16 -8.60
CA PHE A 157 -4.67 -6.32 -8.57
C PHE A 157 -5.41 -7.60 -8.99
N VAL A 158 -4.72 -8.32 -9.88
CA VAL A 158 -5.25 -9.58 -10.50
C VAL A 158 -4.55 -10.83 -9.85
N LYS A 159 -5.35 -11.93 -9.75
CA LYS A 159 -4.99 -13.26 -9.14
C LYS A 159 -3.77 -14.01 -9.76
N GLY A 160 -3.10 -14.81 -8.91
CA GLY A 160 -1.94 -15.62 -9.34
C GLY A 160 -2.23 -17.12 -9.43
N TYR A 161 -2.63 -17.74 -8.29
CA TYR A 161 -2.95 -19.18 -8.24
C TYR A 161 -4.16 -19.47 -7.32
N TYR A 162 -4.04 -19.12 -6.02
CA TYR A 162 -5.13 -19.33 -5.02
C TYR A 162 -5.63 -18.00 -4.41
N ASP A 163 -4.68 -17.15 -3.95
CA ASP A 163 -4.99 -15.82 -3.36
C ASP A 163 -4.71 -14.66 -4.37
N ASN A 164 -4.98 -13.41 -3.97
CA ASN A 164 -4.73 -12.24 -4.86
C ASN A 164 -3.67 -11.28 -4.22
N PRO A 165 -4.00 -10.26 -3.31
CA PRO A 165 -2.95 -9.42 -2.66
C PRO A 165 -2.37 -10.01 -1.34
N LYS A 166 -3.28 -10.66 -0.54
CA LYS A 166 -3.00 -11.27 0.80
C LYS A 166 -2.97 -10.18 1.90
N VAL A 167 -1.77 -9.64 2.27
CA VAL A 167 -1.71 -8.50 3.23
C VAL A 167 -1.37 -7.21 2.42
N CYS A 168 -2.17 -6.15 2.68
CA CYS A 168 -2.02 -4.88 1.96
C CYS A 168 -2.06 -3.65 2.89
N ALA A 169 -1.05 -2.76 2.72
CA ALA A 169 -0.88 -1.53 3.55
C ALA A 169 -0.83 -0.18 2.76
N LEU A 170 -1.82 0.00 1.84
CA LEU A 170 -2.02 1.23 0.97
C LEU A 170 -1.78 2.60 1.69
N PHE A 171 -0.94 3.43 1.07
CA PHE A 171 -0.62 4.74 1.63
C PHE A 171 -0.34 5.77 0.50
N ILE A 172 -1.33 6.64 0.16
CA ILE A 172 -1.09 7.69 -0.84
C ILE A 172 -1.04 9.12 -0.17
N MET A 173 0.10 9.77 -0.35
CA MET A 173 0.35 11.12 0.17
C MET A 173 0.73 12.09 -0.98
N LYS A 174 0.71 13.41 -0.71
CA LYS A 174 0.98 14.36 -1.79
C LYS A 174 2.15 15.37 -1.62
N GLY A 175 2.54 15.84 -2.80
CA GLY A 175 3.52 16.89 -3.06
C GLY A 175 4.93 16.49 -3.57
N THR A 176 5.58 15.39 -3.04
CA THR A 176 6.96 14.96 -3.51
C THR A 176 7.46 13.68 -2.81
N ALA A 177 8.38 12.94 -3.52
CA ALA A 177 9.04 11.69 -3.04
C ALA A 177 10.23 11.92 -2.01
N ASP A 178 10.72 13.19 -1.90
CA ASP A 178 11.79 13.59 -0.95
C ASP A 178 11.27 14.00 0.48
N ASP A 179 9.93 13.87 0.71
CA ASP A 179 9.28 14.23 1.99
C ASP A 179 8.80 13.00 2.84
N VAL A 180 8.84 11.77 2.26
CA VAL A 180 8.43 10.49 2.95
C VAL A 180 9.59 9.87 3.84
N PRO A 181 9.64 10.14 5.20
CA PRO A 181 10.67 9.56 6.09
C PRO A 181 10.22 8.28 6.85
N MET A 182 11.16 7.31 6.96
CA MET A 182 10.89 6.03 7.64
C MET A 182 12.11 5.54 8.43
N LEU A 183 12.00 5.56 9.76
CA LEU A 183 13.08 5.12 10.67
C LEU A 183 12.57 4.26 11.83
N GLN A 184 13.51 3.53 12.46
CA GLN A 184 13.25 2.66 13.63
C GLN A 184 13.74 3.34 14.94
N PRO A 185 13.17 3.01 16.17
CA PRO A 185 13.60 3.64 17.47
C PRO A 185 15.03 3.32 17.92
N HIS A 186 15.83 4.38 18.08
CA HIS A 186 17.22 4.27 18.48
C HIS A 186 17.58 5.34 19.57
N PRO A 187 18.32 4.98 20.69
CA PRO A 187 18.72 5.93 21.79
C PRO A 187 19.89 6.90 21.48
N GLY A 188 20.79 6.47 20.58
CA GLY A 188 21.96 7.27 20.21
C GLY A 188 22.03 7.67 18.74
N LEU A 189 22.23 8.98 18.50
CA LEU A 189 22.32 9.53 17.13
C LEU A 189 23.68 10.16 16.85
N GLU A 190 24.52 9.44 16.08
CA GLU A 190 25.86 9.91 15.70
C GLU A 190 26.27 9.35 14.33
C2 BGC B . -4.64 -22.87 2.06
C3 BGC B . -4.98 -21.35 2.36
C4 BGC B . -5.98 -21.16 3.60
C5 BGC B . -5.37 -21.94 4.86
C6 BGC B . -6.29 -21.96 6.13
C1 BGC B . -4.24 -23.58 3.39
O1 BGC B . -4.12 -24.96 3.22
O2 BGC B . -3.57 -22.96 1.12
O3 BGC B . -5.57 -20.78 1.19
O4 BGC B . -6.16 -19.72 3.90
O5 BGC B . -5.25 -23.36 4.43
O6 BGC B . -6.36 -23.21 6.81
H2 BGC B . -5.55 -23.37 1.68
H3 BGC B . -4.05 -20.83 2.62
H4 BGC B . -6.93 -21.66 3.34
H5 BGC B . -4.33 -21.74 5.16
H61 BGC B . -7.27 -21.58 5.86
H62 BGC B . -5.89 -21.18 6.81
H1 BGC B . -3.26 -23.21 3.77
HO1 BGC B . -4.21 -25.39 4.07
HO2 BGC B . -2.75 -22.69 1.53
HO3 BGC B . -5.20 -19.91 1.04
HO6 BGC B . -6.94 -23.79 6.33
C1 GLC B . -7.44 -19.12 3.58
C2 GLC B . -7.27 -17.67 2.98
C3 GLC B . -6.78 -16.66 4.11
C4 GLC B . -7.66 -16.74 5.44
C5 GLC B . -7.74 -18.26 5.94
C6 GLC B . -8.73 -18.51 7.12
O2 GLC B . -6.26 -17.69 1.96
O3 GLC B . -6.87 -15.33 3.59
O4 GLC B . -7.07 -15.91 6.45
O5 GLC B . -8.29 -19.02 4.78
O6 GLC B . -9.49 -19.71 7.03
H1 GLC B . -7.97 -19.77 2.87
H2 GLC B . -8.24 -17.33 2.59
H3 GLC B . -5.74 -16.90 4.38
H4 GLC B . -8.67 -16.41 5.18
H5 GLC B . -6.80 -18.81 6.09
H61 GLC B . -9.36 -17.63 7.26
H62 GLC B . -8.11 -18.53 8.04
HO2 GLC B . -6.04 -16.79 1.71
HO3 GLC B . -7.65 -14.89 3.95
HO4 GLC B . -7.05 -16.39 7.28
HO6 GLC B . -8.93 -20.43 6.74
N GLY A 1 6.31 19.43 13.33
CA GLY A 1 6.49 17.97 13.61
C GLY A 1 7.90 17.63 14.04
N ALA A 2 8.46 16.55 13.44
CA ALA A 2 9.84 16.08 13.76
C ALA A 2 10.86 16.35 12.60
N MET A 3 10.44 16.17 11.32
CA MET A 3 11.32 16.40 10.15
C MET A 3 10.76 17.51 9.23
N SER A 4 9.63 17.23 8.55
CA SER A 4 9.00 18.19 7.62
C SER A 4 7.47 18.24 7.82
N GLY A 5 6.76 17.16 7.42
CA GLY A 5 5.31 17.10 7.56
C GLY A 5 4.67 16.01 6.71
N LEU A 6 4.43 14.83 7.32
CA LEU A 6 3.80 13.66 6.65
C LEU A 6 2.23 13.68 6.74
N ALA A 7 1.73 13.88 7.99
CA ALA A 7 0.26 14.00 8.34
C ALA A 7 -0.50 15.20 7.66
N ASP A 8 0.26 16.27 7.25
CA ASP A 8 -0.30 17.47 6.57
C ASP A 8 -0.43 17.31 5.02
N LYS A 9 0.18 16.25 4.44
CA LYS A 9 0.13 15.99 2.99
C LYS A 9 -0.76 14.78 2.61
N VAL A 10 -1.08 13.83 3.57
CA VAL A 10 -1.98 12.64 3.31
C VAL A 10 -3.43 13.00 2.75
N ILE A 11 -3.86 12.23 1.73
CA ILE A 11 -5.20 12.42 1.12
C ILE A 11 -6.07 11.13 1.22
N TRP A 12 -5.41 9.93 1.21
CA TRP A 12 -6.13 8.65 1.25
C TRP A 12 -5.17 7.49 1.66
N ALA A 13 -5.49 6.74 2.75
CA ALA A 13 -4.66 5.57 3.21
C ALA A 13 -5.56 4.41 3.69
N VAL A 14 -5.33 3.17 3.17
CA VAL A 14 -6.18 2.00 3.55
C VAL A 14 -5.35 0.69 3.84
N ASN A 15 -5.65 0.04 5.00
CA ASN A 15 -5.08 -1.27 5.37
C ASN A 15 -6.23 -2.30 5.46
N ALA A 16 -6.29 -3.26 4.50
CA ALA A 16 -7.33 -4.32 4.50
C ALA A 16 -6.93 -5.48 5.46
N GLY A 17 -7.56 -5.42 6.66
CA GLY A 17 -7.28 -6.39 7.70
C GLY A 17 -8.06 -6.20 8.99
N GLY A 18 -7.92 -5.01 9.60
CA GLY A 18 -8.58 -4.71 10.88
C GLY A 18 -9.65 -3.63 10.78
N GLU A 19 -9.42 -2.49 11.45
CA GLU A 19 -10.37 -1.35 11.42
C GLU A 19 -9.72 -0.06 11.96
N SER A 20 -9.62 0.98 11.08
CA SER A 20 -9.08 2.37 11.35
C SER A 20 -7.77 2.49 12.21
N HIS A 21 -6.61 2.80 11.59
CA HIS A 21 -5.35 2.93 12.40
C HIS A 21 -4.52 4.17 12.07
N VAL A 22 -4.00 4.79 13.15
CA VAL A 22 -3.13 5.98 13.06
C VAL A 22 -1.65 5.60 13.44
N ASP A 23 -0.76 5.77 12.45
CA ASP A 23 0.69 5.49 12.55
C ASP A 23 1.45 6.70 13.20
N VAL A 24 2.65 6.40 13.80
CA VAL A 24 3.58 7.34 14.58
C VAL A 24 3.83 8.80 14.03
N HIS A 25 3.82 8.98 12.70
CA HIS A 25 3.98 10.34 12.09
C HIS A 25 2.59 11.04 11.94
N GLY A 26 1.54 10.20 11.81
CA GLY A 26 0.16 10.64 11.72
C GLY A 26 -0.58 10.19 10.46
N ILE A 27 -0.39 8.91 10.07
CA ILE A 27 -1.04 8.35 8.87
C ILE A 27 -2.19 7.37 9.31
N HIS A 28 -3.45 7.78 9.01
CA HIS A 28 -4.66 7.02 9.39
C HIS A 28 -5.37 6.29 8.22
N TYR A 29 -5.74 5.00 8.49
CA TYR A 29 -6.50 4.12 7.56
C TYR A 29 -8.01 4.18 7.89
N ARG A 30 -8.84 4.13 6.82
CA ARG A 30 -10.32 4.20 6.90
C ARG A 30 -11.01 2.81 6.86
N LYS A 31 -11.46 2.34 8.06
CA LYS A 31 -12.21 1.06 8.35
C LYS A 31 -13.22 0.52 7.26
N ASP A 32 -12.89 -0.70 6.74
CA ASP A 32 -13.69 -1.52 5.73
C ASP A 32 -14.41 -0.75 4.55
N PRO A 33 -13.66 -0.25 3.52
CA PRO A 33 -14.27 0.46 2.37
C PRO A 33 -14.49 -0.36 1.06
N LEU A 34 -13.88 -1.55 0.97
CA LEU A 34 -13.99 -2.41 -0.23
C LEU A 34 -14.30 -3.89 0.11
N GLU A 35 -13.49 -4.51 1.02
CA GLU A 35 -13.68 -5.93 1.40
C GLU A 35 -14.59 -6.10 2.62
N GLY A 36 -15.85 -6.40 2.31
CA GLY A 36 -16.91 -6.55 3.32
C GLY A 36 -17.96 -5.42 3.26
N ARG A 37 -17.51 -4.17 2.86
CA ARG A 37 -18.34 -2.92 2.72
C ARG A 37 -18.73 -2.25 4.08
N VAL A 38 -19.38 -3.02 4.97
CA VAL A 38 -19.80 -2.54 6.32
C VAL A 38 -19.57 -3.64 7.39
N GLY A 39 -18.67 -3.36 8.34
CA GLY A 39 -18.36 -4.32 9.40
C GLY A 39 -17.35 -3.81 10.41
N ARG A 40 -16.34 -4.65 10.72
CA ARG A 40 -15.28 -4.30 11.70
C ARG A 40 -13.92 -4.99 11.35
N ALA A 41 -13.33 -5.73 12.33
CA ALA A 41 -12.02 -6.43 12.16
C ALA A 41 -12.17 -7.98 12.10
N SER A 42 -11.44 -8.59 11.15
CA SER A 42 -11.44 -10.04 10.95
C SER A 42 -10.00 -10.55 10.82
N ASP A 43 -9.46 -11.09 11.94
CA ASP A 43 -8.06 -11.59 12.00
C ASP A 43 -7.98 -13.14 11.95
N TYR A 44 -7.51 -13.65 10.78
CA TYR A 44 -7.33 -15.11 10.56
C TYR A 44 -5.82 -15.44 10.48
N GLY A 45 -5.20 -15.45 11.69
CA GLY A 45 -3.77 -15.69 11.83
C GLY A 45 -3.09 -14.48 12.47
N MET A 46 -3.34 -14.27 13.78
CA MET A 46 -2.81 -13.11 14.55
C MET A 46 -1.45 -13.36 15.28
N LYS A 47 -0.88 -14.57 15.15
CA LYS A 47 0.42 -14.89 15.79
C LYS A 47 1.56 -15.12 14.74
N LEU A 48 1.57 -14.25 13.72
CA LEU A 48 2.54 -14.24 12.63
C LEU A 48 2.88 -12.77 12.32
N PRO A 49 3.71 -12.09 13.18
CA PRO A 49 4.05 -10.65 13.04
C PRO A 49 5.15 -10.29 12.02
N ILE A 50 5.23 -8.97 11.71
CA ILE A 50 6.22 -8.40 10.78
C ILE A 50 7.52 -7.94 11.56
N LEU A 51 8.68 -8.27 10.96
CA LEU A 51 10.01 -7.99 11.56
C LEU A 51 10.70 -6.66 11.11
N ARG A 52 10.15 -5.96 10.09
CA ARG A 52 10.75 -4.70 9.61
C ARG A 52 9.91 -3.41 9.96
N SER A 53 9.03 -3.51 10.99
CA SER A 53 8.21 -2.36 11.42
C SER A 53 8.08 -2.26 12.98
N ASN A 54 7.12 -1.40 13.43
CA ASN A 54 6.80 -1.16 14.88
C ASN A 54 5.70 -2.15 15.39
N PRO A 55 5.25 -2.16 16.71
CA PRO A 55 4.12 -3.03 17.20
C PRO A 55 2.73 -2.56 16.69
N GLU A 56 2.52 -1.23 16.81
CA GLU A 56 1.28 -0.50 16.38
C GLU A 56 1.18 -0.43 14.82
N ASP A 57 2.32 -0.12 14.17
CA ASP A 57 2.45 -0.08 12.70
C ASP A 57 2.63 -1.54 12.09
N GLN A 58 2.80 -2.57 12.98
CA GLN A 58 2.86 -4.03 12.62
C GLN A 58 1.43 -4.51 12.26
N VAL A 59 0.44 -3.96 13.02
CA VAL A 59 -1.06 -4.13 12.80
C VAL A 59 -1.45 -3.49 11.41
N LEU A 60 -0.97 -2.23 11.16
CA LEU A 60 -1.23 -1.53 9.86
C LEU A 60 -0.28 -1.98 8.68
N TYR A 61 0.69 -2.83 8.98
CA TYR A 61 1.62 -3.44 8.00
C TYR A 61 1.37 -4.97 7.89
N GLN A 62 0.34 -5.45 8.64
CA GLN A 62 -0.08 -6.86 8.68
C GLN A 62 -1.64 -7.00 8.69
N THR A 63 -2.20 -7.56 9.81
CA THR A 63 -3.66 -7.92 10.03
C THR A 63 -4.30 -8.91 8.98
N GLU A 64 -4.80 -8.38 7.80
CA GLU A 64 -5.44 -9.20 6.68
C GLU A 64 -6.95 -9.54 6.92
N ARG A 65 -7.79 -9.33 5.88
CA ARG A 65 -9.24 -9.68 5.94
C ARG A 65 -9.55 -11.04 5.24
N TYR A 66 -9.57 -11.06 3.88
CA TYR A 66 -9.84 -12.30 3.11
C TYR A 66 -9.34 -12.23 1.65
N ASN A 67 -9.21 -13.43 1.03
CA ASN A 67 -8.76 -13.57 -0.37
C ASN A 67 -9.84 -14.28 -1.24
N GLU A 68 -10.12 -13.73 -2.44
CA GLU A 68 -11.17 -14.29 -3.31
C GLU A 68 -11.00 -13.93 -4.82
N ASP A 69 -11.06 -12.63 -5.19
CA ASP A 69 -10.99 -12.22 -6.61
C ASP A 69 -10.34 -10.84 -6.80
N SER A 70 -10.60 -10.19 -7.98
CA SER A 70 -10.08 -8.83 -8.33
C SER A 70 -10.63 -7.73 -7.38
N PHE A 71 -9.72 -7.24 -6.51
CA PHE A 71 -10.03 -6.23 -5.49
C PHE A 71 -9.58 -4.82 -5.96
N GLY A 72 -10.49 -3.84 -5.88
CA GLY A 72 -10.15 -2.50 -6.37
C GLY A 72 -10.49 -1.30 -5.52
N TYR A 73 -9.49 -0.41 -5.38
CA TYR A 73 -9.64 0.82 -4.58
C TYR A 73 -9.84 2.09 -5.42
N ASP A 74 -10.64 3.01 -4.87
CA ASP A 74 -10.98 4.28 -5.53
C ASP A 74 -10.42 5.50 -4.75
N ILE A 75 -9.54 6.25 -5.43
CA ILE A 75 -8.90 7.45 -4.87
C ILE A 75 -9.31 8.70 -5.72
N PRO A 76 -10.34 9.50 -5.30
CA PRO A 76 -10.76 10.71 -6.04
C PRO A 76 -9.91 11.98 -5.75
N ILE A 77 -9.25 12.50 -6.80
CA ILE A 77 -8.38 13.70 -6.71
C ILE A 77 -8.86 14.84 -7.66
N LYS A 78 -8.42 16.07 -7.33
CA LYS A 78 -8.73 17.30 -8.08
C LYS A 78 -7.56 18.32 -8.05
N GLU A 79 -6.32 17.86 -7.70
CA GLU A 79 -5.14 18.72 -7.63
C GLU A 79 -3.96 18.13 -8.43
N GLU A 80 -2.96 18.98 -8.72
CA GLU A 80 -1.79 18.55 -9.51
C GLU A 80 -0.44 18.80 -8.79
N GLY A 81 0.49 17.89 -9.06
CA GLY A 81 1.84 17.94 -8.50
C GLY A 81 2.52 16.57 -8.51
N GLU A 82 3.17 16.15 -7.39
CA GLU A 82 3.81 14.83 -7.35
C GLU A 82 3.18 13.94 -6.28
N TYR A 83 2.38 12.95 -6.70
CA TYR A 83 1.69 12.03 -5.76
C TYR A 83 2.45 10.71 -5.63
N VAL A 84 2.71 10.33 -4.38
CA VAL A 84 3.50 9.11 -4.07
C VAL A 84 2.59 8.01 -3.48
N LEU A 85 2.53 6.89 -4.22
CA LEU A 85 1.75 5.72 -3.82
C LEU A 85 2.69 4.59 -3.38
N VAL A 86 2.75 4.40 -2.05
CA VAL A 86 3.59 3.36 -1.41
C VAL A 86 2.66 2.31 -0.76
N LEU A 87 2.89 1.05 -1.13
CA LEU A 87 2.08 -0.06 -0.58
C LEU A 87 2.93 -1.16 0.07
N LYS A 88 2.46 -1.64 1.24
CA LYS A 88 3.13 -2.73 1.96
C LYS A 88 2.40 -4.05 1.72
N PHE A 89 3.09 -4.99 1.07
CA PHE A 89 2.50 -6.32 0.79
C PHE A 89 3.12 -7.38 1.73
N ALA A 90 2.24 -8.23 2.31
CA ALA A 90 2.65 -9.28 3.28
C ALA A 90 2.01 -10.67 2.95
N GLU A 91 2.72 -11.74 3.36
CA GLU A 91 2.28 -13.14 3.17
C GLU A 91 2.27 -13.90 4.52
N VAL A 92 1.38 -14.90 4.66
CA VAL A 92 1.25 -15.67 5.94
C VAL A 92 1.71 -17.16 5.83
N TYR A 93 0.89 -18.06 5.22
CA TYR A 93 1.24 -19.49 5.10
C TYR A 93 1.24 -19.99 3.64
N PHE A 94 2.26 -19.58 2.87
CA PHE A 94 2.44 -19.98 1.46
C PHE A 94 3.93 -19.90 1.09
N ALA A 95 4.58 -21.08 0.90
CA ALA A 95 6.02 -21.15 0.54
C ALA A 95 6.25 -21.59 -0.93
N GLN A 96 6.62 -20.59 -1.77
CA GLN A 96 6.90 -20.80 -3.21
C GLN A 96 7.49 -19.54 -3.86
N SER A 97 8.48 -19.74 -4.75
CA SER A 97 9.15 -18.65 -5.48
C SER A 97 9.19 -18.91 -6.99
N GLN A 98 8.55 -17.99 -7.76
CA GLN A 98 8.43 -18.02 -9.26
C GLN A 98 7.44 -19.14 -9.76
N GLN A 99 6.23 -19.13 -9.15
CA GLN A 99 5.15 -20.10 -9.44
C GLN A 99 3.78 -19.47 -9.16
N LYS A 100 3.69 -18.67 -8.06
CA LYS A 100 2.46 -17.95 -7.71
C LYS A 100 2.69 -16.45 -7.95
N VAL A 101 2.50 -16.06 -9.22
CA VAL A 101 2.73 -14.68 -9.70
C VAL A 101 1.39 -13.95 -10.03
N PHE A 102 1.25 -12.76 -9.42
CA PHE A 102 0.02 -11.92 -9.50
C PHE A 102 0.12 -10.70 -10.43
N ASP A 103 -0.96 -9.86 -10.47
CA ASP A 103 -0.96 -8.61 -11.31
C ASP A 103 -1.38 -7.39 -10.47
N VAL A 104 -0.66 -6.26 -10.66
CA VAL A 104 -0.90 -4.99 -9.90
C VAL A 104 -1.01 -3.77 -10.92
N ARG A 105 -2.15 -3.03 -10.82
CA ARG A 105 -2.47 -1.87 -11.71
C ARG A 105 -2.71 -0.52 -11.00
N VAL A 106 -2.43 0.59 -11.74
CA VAL A 106 -2.60 2.00 -11.25
C VAL A 106 -3.31 2.92 -12.29
N ASN A 107 -4.64 3.19 -12.05
CA ASN A 107 -5.58 4.02 -12.92
C ASN A 107 -5.84 3.40 -14.33
N GLY A 108 -5.73 2.08 -14.43
CA GLY A 108 -5.89 1.40 -15.70
C GLY A 108 -4.55 0.86 -16.27
N HIS A 109 -3.42 1.42 -15.75
CA HIS A 109 -2.04 1.07 -16.14
C HIS A 109 -1.46 -0.14 -15.36
N THR A 110 -0.25 -0.61 -15.74
CA THR A 110 0.41 -1.73 -15.03
C THR A 110 1.82 -1.35 -14.59
N VAL A 111 2.08 -1.53 -13.29
CA VAL A 111 3.41 -1.23 -12.72
C VAL A 111 4.12 -2.56 -12.25
N VAL A 112 3.41 -3.46 -11.54
CA VAL A 112 4.03 -4.74 -11.09
C VAL A 112 3.14 -5.91 -11.55
N LYS A 113 3.43 -6.39 -12.77
CA LYS A 113 2.71 -7.53 -13.35
C LYS A 113 3.60 -8.78 -13.32
N ASP A 114 3.40 -9.45 -12.20
CA ASP A 114 4.04 -10.72 -11.73
C ASP A 114 4.60 -10.48 -10.31
N LEU A 115 3.70 -10.52 -9.30
CA LEU A 115 4.11 -10.29 -7.90
C LEU A 115 4.24 -11.59 -7.10
N ASP A 116 5.51 -11.91 -6.79
CA ASP A 116 5.86 -13.05 -5.94
C ASP A 116 6.59 -12.47 -4.70
N ILE A 117 5.82 -12.34 -3.58
CA ILE A 117 6.31 -11.76 -2.29
C ILE A 117 7.40 -12.64 -1.55
N PHE A 118 7.41 -13.98 -1.81
CA PHE A 118 8.39 -14.94 -1.22
C PHE A 118 9.79 -14.83 -1.92
N ASP A 119 9.79 -14.67 -3.28
CA ASP A 119 11.02 -14.49 -4.11
C ASP A 119 11.68 -13.07 -3.95
N ARG A 120 10.87 -12.03 -3.60
CA ARG A 120 11.36 -10.64 -3.40
C ARG A 120 12.03 -10.41 -2.00
N VAL A 121 11.30 -10.65 -0.88
CA VAL A 121 11.90 -10.47 0.49
C VAL A 121 12.50 -11.78 1.13
N GLY A 122 11.90 -12.97 0.88
CA GLY A 122 12.42 -14.22 1.43
C GLY A 122 11.39 -15.00 2.26
N HIS A 123 11.60 -15.02 3.60
CA HIS A 123 10.68 -15.71 4.52
C HIS A 123 9.99 -14.71 5.45
N SER A 124 8.67 -14.46 5.19
CA SER A 124 7.78 -13.51 5.96
C SER A 124 8.18 -12.01 5.74
N THR A 125 8.46 -11.25 6.85
CA THR A 125 8.90 -9.79 6.88
C THR A 125 7.94 -8.78 6.13
N ALA A 126 8.42 -7.55 5.82
CA ALA A 126 7.62 -6.52 5.12
C ALA A 126 8.14 -6.23 3.67
N HIS A 127 7.21 -6.21 2.67
CA HIS A 127 7.53 -5.89 1.25
C HIS A 127 6.98 -4.49 0.88
N ASP A 128 7.73 -3.74 0.05
CA ASP A 128 7.32 -2.36 -0.31
C ASP A 128 7.67 -1.97 -1.76
N GLU A 129 6.68 -1.40 -2.46
CA GLU A 129 6.89 -0.85 -3.80
C GLU A 129 6.56 0.66 -3.83
N ILE A 130 7.48 1.43 -4.47
CA ILE A 130 7.39 2.91 -4.61
C ILE A 130 7.01 3.31 -6.06
N ILE A 131 5.89 4.05 -6.18
CA ILE A 131 5.37 4.51 -7.48
C ILE A 131 5.12 6.06 -7.47
N PRO A 132 6.16 6.93 -7.76
CA PRO A 132 5.97 8.42 -7.87
C PRO A 132 5.24 8.84 -9.18
N ILE A 133 4.16 9.61 -8.99
CA ILE A 133 3.28 10.04 -10.10
C ILE A 133 3.39 11.59 -10.32
N SER A 134 3.19 12.00 -11.59
CA SER A 134 3.22 13.41 -11.99
C SER A 134 1.98 13.80 -12.82
N ILE A 135 1.11 14.62 -12.22
CA ILE A 135 -0.12 15.14 -12.87
C ILE A 135 0.02 16.68 -13.04
N LYS A 136 -0.10 17.14 -14.31
CA LYS A 136 0.01 18.57 -14.65
C LYS A 136 -1.00 18.95 -15.74
N LYS A 137 -1.81 20.01 -15.46
CA LYS A 137 -2.90 20.55 -16.36
C LYS A 137 -4.13 19.57 -16.52
N GLY A 138 -4.21 18.55 -15.64
CA GLY A 138 -5.25 17.52 -15.66
C GLY A 138 -4.85 16.20 -16.36
N LYS A 139 -3.53 15.95 -16.55
CA LYS A 139 -3.06 14.71 -17.20
C LYS A 139 -2.06 13.92 -16.32
N LEU A 140 -2.12 12.57 -16.43
CA LEU A 140 -1.30 11.67 -15.60
C LEU A 140 -0.07 11.07 -16.32
N SER A 141 1.01 10.90 -15.56
CA SER A 141 2.25 10.32 -16.06
C SER A 141 2.82 9.28 -15.05
N VAL A 142 2.82 7.99 -15.47
CA VAL A 142 3.33 6.89 -14.64
C VAL A 142 4.71 6.36 -15.20
N GLN A 143 5.84 6.91 -14.65
CA GLN A 143 7.26 6.57 -15.02
C GLN A 143 7.66 7.00 -16.46
N GLY A 144 7.32 6.15 -17.45
CA GLY A 144 7.58 6.44 -18.87
C GLY A 144 6.33 6.30 -19.77
N GLU A 145 5.13 6.49 -19.18
CA GLU A 145 3.85 6.40 -19.91
C GLU A 145 2.98 7.65 -19.65
N VAL A 146 2.45 8.25 -20.72
CA VAL A 146 1.63 9.47 -20.60
C VAL A 146 0.14 9.22 -21.08
N SER A 147 -0.81 9.65 -20.22
CA SER A 147 -2.25 9.53 -20.48
C SER A 147 -2.99 10.68 -19.76
N THR A 148 -4.33 10.71 -19.87
CA THR A 148 -5.12 11.76 -19.20
C THR A 148 -5.87 11.26 -17.90
N PHE A 149 -5.85 12.11 -16.84
CA PHE A 149 -6.51 11.84 -15.53
C PHE A 149 -8.02 12.21 -15.58
N THR A 150 -8.89 11.23 -15.30
CA THR A 150 -10.35 11.47 -15.32
C THR A 150 -11.03 11.09 -13.99
N GLY A 151 -11.12 12.09 -13.07
CA GLY A 151 -11.79 11.95 -11.76
C GLY A 151 -11.08 11.16 -10.63
N LYS A 152 -10.85 9.85 -10.85
CA LYS A 152 -10.25 8.98 -9.82
C LYS A 152 -9.11 8.08 -10.34
N LEU A 153 -8.28 7.64 -9.37
CA LEU A 153 -7.14 6.70 -9.58
C LEU A 153 -7.53 5.31 -9.04
N SER A 154 -7.20 4.22 -9.78
CA SER A 154 -7.62 2.89 -9.32
C SER A 154 -6.47 1.88 -9.15
N VAL A 155 -6.42 1.25 -7.96
CA VAL A 155 -5.39 0.19 -7.68
C VAL A 155 -6.14 -1.17 -7.70
N GLU A 156 -5.99 -1.88 -8.83
CA GLU A 156 -6.67 -3.16 -9.04
C GLU A 156 -5.71 -4.33 -9.21
N PHE A 157 -5.83 -5.32 -8.32
CA PHE A 157 -4.99 -6.52 -8.40
C PHE A 157 -5.83 -7.76 -8.72
N VAL A 158 -5.38 -8.45 -9.78
CA VAL A 158 -6.04 -9.66 -10.35
C VAL A 158 -5.22 -10.95 -10.05
N LYS A 159 -5.97 -12.07 -9.86
CA LYS A 159 -5.38 -13.39 -9.58
C LYS A 159 -5.13 -14.24 -10.87
N GLY A 160 -4.10 -15.11 -10.79
CA GLY A 160 -3.72 -15.99 -11.92
C GLY A 160 -4.44 -17.36 -11.94
N TYR A 161 -4.53 -18.02 -10.78
CA TYR A 161 -5.22 -19.33 -10.65
C TYR A 161 -6.24 -19.31 -9.50
N TYR A 162 -5.75 -19.30 -8.24
CA TYR A 162 -6.60 -19.25 -7.04
C TYR A 162 -5.90 -18.45 -5.94
N ASP A 163 -6.55 -17.34 -5.47
CA ASP A 163 -6.02 -16.39 -4.42
C ASP A 163 -5.22 -15.23 -5.05
N ASN A 164 -5.24 -14.10 -4.32
CA ASN A 164 -4.54 -12.86 -4.69
C ASN A 164 -3.27 -12.69 -3.78
N PRO A 165 -2.54 -11.48 -3.72
CA PRO A 165 -1.35 -11.28 -2.78
C PRO A 165 -1.67 -11.49 -1.26
N LYS A 166 -3.00 -11.44 -0.95
CA LYS A 166 -3.60 -11.69 0.39
C LYS A 166 -3.56 -10.50 1.39
N VAL A 167 -2.35 -10.02 1.82
CA VAL A 167 -2.30 -8.87 2.79
C VAL A 167 -1.92 -7.55 2.03
N CYS A 168 -2.67 -6.47 2.36
CA CYS A 168 -2.50 -5.15 1.72
C CYS A 168 -2.49 -3.97 2.73
N ALA A 169 -1.49 -3.07 2.57
CA ALA A 169 -1.26 -1.88 3.45
C ALA A 169 -1.10 -0.50 2.69
N LEU A 170 -2.05 -0.23 1.74
CA LEU A 170 -2.12 1.03 0.89
C LEU A 170 -1.88 2.39 1.62
N PHE A 171 -1.07 3.26 0.99
CA PHE A 171 -0.74 4.59 1.54
C PHE A 171 -0.47 5.60 0.39
N ILE A 172 -1.40 6.58 0.17
CA ILE A 172 -1.15 7.64 -0.84
C ILE A 172 -1.09 9.07 -0.17
N MET A 173 0.05 9.73 -0.42
CA MET A 173 0.32 11.08 0.08
C MET A 173 0.65 12.06 -1.08
N LYS A 174 0.67 13.39 -0.80
CA LYS A 174 0.89 14.37 -1.89
C LYS A 174 2.09 15.36 -1.74
N GLY A 175 2.47 15.82 -2.93
CA GLY A 175 3.46 16.86 -3.21
C GLY A 175 4.86 16.46 -3.70
N THR A 176 5.52 15.38 -3.13
CA THR A 176 6.90 14.94 -3.56
C THR A 176 7.38 13.67 -2.80
N ALA A 177 8.28 12.90 -3.49
CA ALA A 177 8.93 11.66 -2.93
C ALA A 177 10.10 11.93 -1.92
N ASP A 178 10.63 13.19 -1.89
CA ASP A 178 11.70 13.62 -0.95
C ASP A 178 11.19 14.14 0.44
N ASP A 179 9.85 14.05 0.67
CA ASP A 179 9.19 14.49 1.93
C ASP A 179 8.78 13.30 2.87
N VAL A 180 8.85 12.04 2.34
CA VAL A 180 8.53 10.76 3.09
C VAL A 180 9.70 10.36 4.09
N PRO A 181 9.60 10.67 5.44
CA PRO A 181 10.64 10.29 6.43
C PRO A 181 10.36 8.96 7.19
N MET A 182 11.07 7.90 6.78
CA MET A 182 10.93 6.56 7.40
C MET A 182 12.27 5.81 7.39
N LEU A 183 12.77 5.49 8.60
CA LEU A 183 14.05 4.77 8.78
C LEU A 183 13.93 3.56 9.71
N GLN A 184 15.00 2.74 9.71
CA GLN A 184 15.11 1.53 10.56
C GLN A 184 16.08 1.77 11.76
N PRO A 185 15.97 1.03 12.93
CA PRO A 185 16.89 1.23 14.11
C PRO A 185 18.35 0.76 13.87
N HIS A 186 19.27 1.73 14.01
CA HIS A 186 20.70 1.50 13.78
C HIS A 186 21.56 2.17 14.90
N PRO A 187 22.72 1.52 15.35
CA PRO A 187 23.62 2.10 16.40
C PRO A 187 24.73 3.05 15.83
N GLY A 188 25.85 3.18 16.56
CA GLY A 188 26.95 3.99 16.10
C GLY A 188 28.00 4.24 17.17
N LEU A 189 29.12 3.48 17.10
CA LEU A 189 30.23 3.60 18.06
C LEU A 189 31.55 4.02 17.38
N GLU A 190 32.10 5.17 17.83
CA GLU A 190 33.36 5.70 17.28
C GLU A 190 34.32 6.11 18.40
C2 BGC B . -5.32 -23.86 1.39
C3 BGC B . -5.81 -22.36 1.57
C4 BGC B . -6.71 -22.13 2.88
C5 BGC B . -5.95 -22.73 4.15
C6 BGC B . -6.77 -22.72 5.47
C1 BGC B . -4.75 -24.37 2.74
O1 BGC B . -4.48 -25.74 2.70
O2 BGC B . -4.31 -23.92 0.38
O3 BGC B . -6.57 -21.99 0.42
O4 BGC B . -6.97 -20.68 3.05
O5 BGC B . -5.71 -24.17 3.84
O6 BGC B . -6.66 -23.90 6.27
H2 BGC B . -6.18 -24.48 1.13
H3 BGC B . -4.92 -21.71 1.67
H4 BGC B . -7.64 -22.71 2.74
H5 BGC B . -4.92 -22.40 4.35
H61 BGC B . -7.81 -22.47 5.25
H62 BGC B . -6.42 -21.84 6.05
H1 BGC B . -3.80 -23.86 3.02
HO1 BGC B . -4.46 -26.09 3.59
HO2 BGC B . -4.15 -24.84 0.16
HO3 BGC B . -7.49 -22.00 0.63
HO6 BGC B . -5.75 -24.18 6.31
C1 GLC B . -8.31 -20.18 2.85
C2 GLC B . -8.32 -18.83 2.03
C3 GLC B . -7.66 -17.68 2.92
C4 GLC B . -8.29 -17.58 4.38
C5 GLC B . -8.27 -19.01 5.09
C6 GLC B . -9.06 -19.10 6.43
O2 GLC B . -7.51 -18.98 0.86
O3 GLC B . -7.83 -16.43 2.25
O4 GLC B . -7.56 -16.62 5.15
O5 GLC B . -8.98 -19.92 4.15
O6 GLC B . -9.81 -20.29 6.63
H1 GLC B . -8.92 -20.94 2.33
H2 GLC B . -9.35 -18.56 1.80
H3 GLC B . -6.58 -17.90 3.04
H4 GLC B . -9.35 -17.28 4.25
H5 GLC B . -7.30 -19.53 5.18
H61 GLC B . -9.67 -18.20 6.55
H62 GLC B . -8.31 -18.98 7.25
HO2 GLC B . -7.38 -18.13 0.45
HO3 GLC B . -8.06 -16.60 1.33
HO4 GLC B . -6.74 -16.43 4.72
HO6 GLC B . -9.28 -21.03 6.37
N GLY A 1 9.84 27.22 4.29
CA GLY A 1 9.22 26.26 3.33
C GLY A 1 8.78 24.98 4.00
N ALA A 2 9.19 23.82 3.42
CA ALA A 2 8.83 22.48 3.96
C ALA A 2 10.09 21.73 4.53
N MET A 3 9.94 21.19 5.75
CA MET A 3 11.02 20.45 6.43
C MET A 3 10.56 19.04 6.88
N SER A 4 9.64 18.99 7.87
CA SER A 4 9.11 17.72 8.39
C SER A 4 7.59 17.80 8.61
N GLY A 5 6.84 17.12 7.73
CA GLY A 5 5.38 17.11 7.82
C GLY A 5 4.73 16.09 6.90
N LEU A 6 4.52 14.87 7.42
CA LEU A 6 3.88 13.75 6.67
C LEU A 6 2.32 13.74 6.78
N ALA A 7 1.82 13.89 8.04
CA ALA A 7 0.35 13.98 8.40
C ALA A 7 -0.43 15.18 7.73
N ASP A 8 0.30 16.25 7.31
CA ASP A 8 -0.26 17.45 6.63
C ASP A 8 -0.38 17.28 5.07
N LYS A 9 0.26 16.22 4.50
CA LYS A 9 0.21 15.95 3.04
C LYS A 9 -0.71 14.75 2.67
N VAL A 10 -1.00 13.80 3.64
CA VAL A 10 -1.93 12.62 3.40
C VAL A 10 -3.39 12.99 2.87
N ILE A 11 -3.84 12.22 1.87
CA ILE A 11 -5.19 12.42 1.28
C ILE A 11 -6.04 11.13 1.34
N TRP A 12 -5.39 9.94 1.27
CA TRP A 12 -6.10 8.64 1.27
C TRP A 12 -5.15 7.47 1.64
N ALA A 13 -5.41 6.76 2.78
CA ALA A 13 -4.57 5.59 3.23
C ALA A 13 -5.47 4.40 3.70
N VAL A 14 -5.21 3.17 3.17
CA VAL A 14 -6.04 1.97 3.54
C VAL A 14 -5.18 0.68 3.80
N ASN A 15 -5.46 0.00 4.95
CA ASN A 15 -4.86 -1.32 5.27
C ASN A 15 -6.00 -2.35 5.28
N ALA A 16 -6.05 -3.18 4.21
CA ALA A 16 -7.05 -4.26 4.07
C ALA A 16 -6.63 -5.51 4.91
N GLY A 17 -7.38 -5.64 6.03
CA GLY A 17 -7.19 -6.70 7.02
C GLY A 17 -7.96 -6.48 8.32
N GLY A 18 -7.70 -5.34 8.99
CA GLY A 18 -8.37 -5.00 10.28
C GLY A 18 -9.41 -3.90 10.13
N GLU A 19 -9.32 -2.85 10.99
CA GLU A 19 -10.24 -1.68 10.93
C GLU A 19 -9.68 -0.46 11.68
N SER A 20 -9.43 0.65 10.91
CA SER A 20 -8.93 2.00 11.38
C SER A 20 -7.59 2.02 12.20
N HIS A 21 -6.47 2.53 11.62
CA HIS A 21 -5.21 2.62 12.40
C HIS A 21 -4.35 3.87 12.09
N VAL A 22 -3.78 4.46 13.17
CA VAL A 22 -2.91 5.63 13.07
C VAL A 22 -1.40 5.23 13.36
N ASP A 23 -0.55 5.46 12.34
CA ASP A 23 0.90 5.17 12.36
C ASP A 23 1.69 6.36 13.02
N VAL A 24 2.91 6.00 13.56
CA VAL A 24 3.89 6.92 14.33
C VAL A 24 4.15 8.37 13.80
N HIS A 25 4.10 8.60 12.47
CA HIS A 25 4.26 9.96 11.89
C HIS A 25 2.90 10.73 11.83
N GLY A 26 1.81 9.95 11.83
CA GLY A 26 0.43 10.46 11.82
C GLY A 26 -0.37 10.08 10.58
N ILE A 27 -0.22 8.82 10.11
CA ILE A 27 -0.94 8.31 8.92
C ILE A 27 -2.08 7.32 9.38
N HIS A 28 -3.34 7.74 9.15
CA HIS A 28 -4.53 6.96 9.55
C HIS A 28 -5.28 6.24 8.40
N TYR A 29 -5.58 4.93 8.63
CA TYR A 29 -6.38 4.10 7.71
C TYR A 29 -7.89 4.14 8.12
N ARG A 30 -8.76 4.06 7.07
CA ARG A 30 -10.26 4.11 7.13
C ARG A 30 -10.97 3.03 8.02
N LYS A 31 -11.71 2.08 7.39
CA LYS A 31 -12.47 1.02 8.10
C LYS A 31 -13.21 0.04 7.14
N ASP A 32 -12.46 -0.96 6.55
CA ASP A 32 -13.03 -2.05 5.66
C ASP A 32 -13.65 -1.60 4.27
N PRO A 33 -12.98 -0.73 3.46
CA PRO A 33 -13.49 -0.30 2.15
C PRO A 33 -12.72 -0.90 0.93
N LEU A 34 -13.43 -0.98 -0.18
CA LEU A 34 -12.91 -1.48 -1.48
C LEU A 34 -13.88 -1.12 -2.60
N GLU A 35 -14.92 -1.94 -2.85
CA GLU A 35 -15.92 -1.67 -3.90
C GLU A 35 -17.33 -2.28 -3.59
N GLY A 36 -17.89 -1.99 -2.40
CA GLY A 36 -19.22 -2.54 -2.04
C GLY A 36 -19.22 -3.61 -0.94
N ARG A 37 -18.05 -3.91 -0.35
CA ARG A 37 -17.87 -4.96 0.66
C ARG A 37 -17.39 -4.39 2.02
N VAL A 38 -18.37 -4.00 2.83
CA VAL A 38 -18.12 -3.44 4.19
C VAL A 38 -18.72 -4.38 5.31
N GLY A 39 -17.87 -4.73 6.29
CA GLY A 39 -18.30 -5.60 7.38
C GLY A 39 -17.49 -5.40 8.67
N ARG A 40 -16.65 -6.41 8.99
CA ARG A 40 -15.81 -6.37 10.21
C ARG A 40 -14.33 -6.77 9.94
N ALA A 41 -13.53 -6.89 11.04
CA ALA A 41 -12.09 -7.26 10.99
C ALA A 41 -11.87 -8.81 10.96
N SER A 42 -10.99 -9.23 10.01
CA SER A 42 -10.66 -10.65 9.84
C SER A 42 -9.15 -10.91 10.03
N ASP A 43 -8.85 -11.84 10.94
CA ASP A 43 -7.46 -12.23 11.25
C ASP A 43 -7.32 -13.76 11.33
N TYR A 44 -6.91 -14.37 10.19
CA TYR A 44 -6.70 -15.83 10.09
C TYR A 44 -5.18 -16.14 10.10
N GLY A 45 -4.61 -16.05 11.30
CA GLY A 45 -3.17 -16.24 11.52
C GLY A 45 -2.57 -15.00 12.18
N MET A 46 -2.95 -14.77 13.47
CA MET A 46 -2.51 -13.59 14.24
C MET A 46 -1.22 -13.77 15.09
N LYS A 47 -0.60 -14.99 15.05
CA LYS A 47 0.63 -15.28 15.79
C LYS A 47 1.83 -15.47 14.83
N LEU A 48 2.16 -14.38 14.12
CA LEU A 48 3.26 -14.31 13.15
C LEU A 48 3.50 -12.83 12.81
N PRO A 49 4.13 -12.05 13.74
CA PRO A 49 4.40 -10.58 13.55
C PRO A 49 5.43 -10.20 12.45
N ILE A 50 5.32 -8.93 11.98
CA ILE A 50 6.22 -8.36 10.97
C ILE A 50 7.47 -7.72 11.70
N LEU A 51 8.66 -8.18 11.28
CA LEU A 51 9.97 -7.77 11.89
C LEU A 51 10.56 -6.42 11.41
N ARG A 52 10.10 -5.90 10.25
CA ARG A 52 10.58 -4.60 9.73
C ARG A 52 9.66 -3.39 10.11
N SER A 53 8.89 -3.54 11.22
CA SER A 53 7.99 -2.50 11.74
C SER A 53 7.89 -2.55 13.30
N ASN A 54 6.99 -1.75 13.88
CA ASN A 54 6.75 -1.70 15.38
C ASN A 54 5.53 -2.64 15.73
N PRO A 55 5.03 -2.75 17.03
CA PRO A 55 3.80 -3.57 17.37
C PRO A 55 2.47 -2.97 16.81
N GLU A 56 2.40 -1.61 16.90
CA GLU A 56 1.27 -0.76 16.41
C GLU A 56 1.19 -0.75 14.84
N ASP A 57 2.37 -0.48 14.22
CA ASP A 57 2.52 -0.47 12.75
C ASP A 57 2.67 -1.91 12.15
N GLN A 58 2.75 -2.95 13.05
CA GLN A 58 2.75 -4.40 12.72
C GLN A 58 1.31 -4.80 12.32
N VAL A 59 0.30 -4.27 13.08
CA VAL A 59 -1.18 -4.43 12.78
C VAL A 59 -1.50 -3.78 11.38
N LEU A 60 -0.98 -2.55 11.13
CA LEU A 60 -1.16 -1.89 9.80
C LEU A 60 -0.20 -2.41 8.66
N TYR A 61 0.74 -3.28 9.02
CA TYR A 61 1.69 -3.93 8.07
C TYR A 61 1.62 -5.51 8.16
N GLN A 62 0.49 -6.07 8.70
CA GLN A 62 0.36 -7.56 8.90
C GLN A 62 -1.08 -8.17 8.77
N THR A 63 -2.13 -7.38 9.06
CA THR A 63 -3.58 -7.88 9.02
C THR A 63 -4.15 -8.11 7.56
N GLU A 64 -4.89 -9.25 7.35
CA GLU A 64 -5.41 -9.63 5.98
C GLU A 64 -6.96 -9.59 5.78
N ARG A 65 -7.35 -9.10 4.58
CA ARG A 65 -8.76 -9.05 4.14
C ARG A 65 -8.88 -9.73 2.76
N TYR A 66 -9.61 -10.86 2.69
CA TYR A 66 -9.76 -11.65 1.46
C TYR A 66 -11.24 -11.84 1.03
N ASN A 67 -11.46 -11.90 -0.32
CA ASN A 67 -12.80 -12.10 -0.90
C ASN A 67 -12.82 -13.29 -1.91
N GLU A 68 -12.64 -13.04 -3.24
CA GLU A 68 -12.67 -14.16 -4.23
C GLU A 68 -12.01 -13.86 -5.62
N ASP A 69 -12.34 -12.73 -6.27
CA ASP A 69 -11.83 -12.40 -7.63
C ASP A 69 -11.05 -11.06 -7.72
N SER A 70 -10.93 -10.49 -8.97
CA SER A 70 -10.25 -9.18 -9.25
C SER A 70 -10.94 -8.00 -8.51
N PHE A 71 -10.22 -7.47 -7.51
CA PHE A 71 -10.77 -6.41 -6.65
C PHE A 71 -9.75 -5.29 -6.35
N GLY A 72 -10.29 -4.10 -6.07
CA GLY A 72 -9.44 -2.96 -5.76
C GLY A 72 -10.18 -1.74 -5.21
N TYR A 73 -9.42 -0.65 -5.03
CA TYR A 73 -9.96 0.60 -4.45
C TYR A 73 -10.03 1.79 -5.44
N ASP A 74 -10.69 2.87 -4.94
CA ASP A 74 -10.91 4.12 -5.69
C ASP A 74 -10.38 5.35 -4.90
N ILE A 75 -9.56 6.20 -5.57
CA ILE A 75 -9.00 7.43 -4.97
C ILE A 75 -9.40 8.67 -5.83
N PRO A 76 -10.43 9.48 -5.42
CA PRO A 76 -10.83 10.70 -6.17
C PRO A 76 -9.98 11.98 -5.86
N ILE A 77 -9.26 12.48 -6.88
CA ILE A 77 -8.41 13.70 -6.75
C ILE A 77 -8.79 14.78 -7.82
N LYS A 78 -8.42 16.03 -7.52
CA LYS A 78 -8.69 17.19 -8.39
C LYS A 78 -7.51 18.22 -8.37
N GLU A 79 -6.29 17.78 -7.95
CA GLU A 79 -5.11 18.67 -7.88
C GLU A 79 -3.92 18.10 -8.67
N GLU A 80 -2.95 18.97 -8.99
CA GLU A 80 -1.76 18.56 -9.76
C GLU A 80 -0.44 18.81 -9.01
N GLY A 81 0.46 17.84 -9.17
CA GLY A 81 1.79 17.89 -8.54
C GLY A 81 2.48 16.53 -8.55
N GLU A 82 3.15 16.14 -7.43
CA GLU A 82 3.79 14.82 -7.38
C GLU A 82 3.17 13.94 -6.27
N TYR A 83 2.37 12.95 -6.70
CA TYR A 83 1.69 12.04 -5.76
C TYR A 83 2.44 10.71 -5.61
N VAL A 84 2.69 10.31 -4.38
CA VAL A 84 3.48 9.08 -4.10
C VAL A 84 2.57 7.99 -3.47
N LEU A 85 2.49 6.86 -4.19
CA LEU A 85 1.71 5.69 -3.78
C LEU A 85 2.66 4.56 -3.34
N VAL A 86 2.71 4.38 -2.00
CA VAL A 86 3.57 3.36 -1.34
C VAL A 86 2.65 2.28 -0.68
N LEU A 87 2.91 1.01 -1.01
CA LEU A 87 2.11 -0.09 -0.46
C LEU A 87 2.97 -1.19 0.19
N LYS A 88 2.49 -1.68 1.36
CA LYS A 88 3.18 -2.78 2.09
C LYS A 88 2.43 -4.10 1.88
N PHE A 89 3.10 -5.06 1.22
CA PHE A 89 2.51 -6.39 0.99
C PHE A 89 3.14 -7.44 1.92
N ALA A 90 2.29 -8.29 2.53
CA ALA A 90 2.75 -9.34 3.49
C ALA A 90 2.01 -10.71 3.27
N GLU A 91 2.67 -11.82 3.71
CA GLU A 91 2.12 -13.19 3.60
C GLU A 91 2.01 -13.86 4.99
N VAL A 92 0.85 -14.48 5.27
CA VAL A 92 0.61 -15.14 6.61
C VAL A 92 0.02 -16.60 6.53
N TYR A 93 0.28 -17.35 5.44
CA TYR A 93 -0.25 -18.74 5.32
C TYR A 93 0.51 -19.64 4.31
N PHE A 94 0.97 -19.09 3.16
CA PHE A 94 1.67 -19.89 2.14
C PHE A 94 3.12 -19.43 1.89
N ALA A 95 4.06 -20.40 1.91
CA ALA A 95 5.50 -20.15 1.68
C ALA A 95 5.98 -20.84 0.36
N GLN A 96 5.98 -20.04 -0.72
CA GLN A 96 6.42 -20.51 -2.06
C GLN A 96 6.94 -19.37 -2.97
N SER A 97 7.88 -19.72 -3.86
CA SER A 97 8.51 -18.75 -4.78
C SER A 97 8.41 -19.18 -6.25
N GLN A 98 7.85 -18.24 -7.09
CA GLN A 98 7.62 -18.42 -8.58
C GLN A 98 6.53 -19.49 -8.91
N GLN A 99 5.39 -19.35 -8.24
CA GLN A 99 4.23 -20.26 -8.35
C GLN A 99 2.92 -19.46 -8.19
N LYS A 100 2.92 -18.51 -7.22
CA LYS A 100 1.78 -17.62 -6.98
C LYS A 100 2.21 -16.19 -7.35
N VAL A 101 2.10 -15.92 -8.67
CA VAL A 101 2.49 -14.63 -9.28
C VAL A 101 1.24 -13.83 -9.70
N PHE A 102 1.07 -12.68 -9.03
CA PHE A 102 -0.11 -11.79 -9.18
C PHE A 102 0.08 -10.60 -10.14
N ASP A 103 -1.00 -9.82 -10.37
CA ASP A 103 -0.93 -8.61 -11.22
C ASP A 103 -1.39 -7.36 -10.44
N VAL A 104 -0.62 -6.26 -10.57
CA VAL A 104 -0.92 -4.99 -9.85
C VAL A 104 -0.92 -3.77 -10.86
N ARG A 105 -2.06 -3.02 -10.85
CA ARG A 105 -2.29 -1.86 -11.76
C ARG A 105 -2.61 -0.53 -11.03
N VAL A 106 -2.28 0.60 -11.73
CA VAL A 106 -2.52 2.00 -11.22
C VAL A 106 -3.19 2.93 -12.27
N ASN A 107 -4.53 3.19 -12.08
CA ASN A 107 -5.43 4.05 -12.96
C ASN A 107 -5.63 3.46 -14.39
N GLY A 108 -5.52 2.14 -14.51
CA GLY A 108 -5.62 1.49 -15.80
C GLY A 108 -4.26 0.96 -16.33
N HIS A 109 -3.14 1.52 -15.77
CA HIS A 109 -1.75 1.18 -16.12
C HIS A 109 -1.21 -0.09 -15.40
N THR A 110 -0.03 -0.56 -15.80
CA THR A 110 0.61 -1.74 -15.16
C THR A 110 2.02 -1.39 -14.64
N VAL A 111 2.24 -1.60 -13.33
CA VAL A 111 3.55 -1.32 -12.72
C VAL A 111 4.26 -2.65 -12.23
N VAL A 112 3.53 -3.53 -11.49
CA VAL A 112 4.14 -4.79 -11.02
C VAL A 112 3.25 -5.98 -11.41
N LYS A 113 3.54 -6.53 -12.62
CA LYS A 113 2.81 -7.67 -13.17
C LYS A 113 3.67 -8.95 -13.12
N ASP A 114 3.47 -9.60 -11.98
CA ASP A 114 4.07 -10.88 -11.49
C ASP A 114 4.64 -10.59 -10.11
N LEU A 115 3.73 -10.52 -9.11
CA LEU A 115 4.10 -10.18 -7.75
C LEU A 115 4.05 -11.38 -6.79
N ASP A 116 5.28 -11.86 -6.46
CA ASP A 116 5.53 -12.96 -5.52
C ASP A 116 6.29 -12.40 -4.28
N ILE A 117 5.59 -12.37 -3.11
CA ILE A 117 6.13 -11.81 -1.82
C ILE A 117 7.30 -12.64 -1.18
N PHE A 118 7.29 -14.01 -1.33
CA PHE A 118 8.37 -14.89 -0.77
C PHE A 118 9.70 -14.83 -1.60
N ASP A 119 9.58 -14.67 -2.96
CA ASP A 119 10.74 -14.52 -3.89
C ASP A 119 11.42 -13.10 -3.82
N ARG A 120 10.64 -12.04 -3.44
CA ARG A 120 11.17 -10.65 -3.31
C ARG A 120 11.95 -10.41 -1.98
N VAL A 121 11.32 -10.68 -0.80
CA VAL A 121 12.05 -10.51 0.52
C VAL A 121 12.81 -11.80 1.01
N GLY A 122 12.21 -13.00 0.83
CA GLY A 122 12.86 -14.26 1.25
C GLY A 122 12.20 -14.92 2.46
N HIS A 123 12.40 -14.30 3.64
CA HIS A 123 11.84 -14.77 4.93
C HIS A 123 10.60 -13.92 5.36
N SER A 124 9.94 -14.32 6.48
CA SER A 124 8.71 -13.62 7.01
C SER A 124 9.00 -12.22 7.62
N THR A 125 8.90 -11.22 6.74
CA THR A 125 9.16 -9.79 7.04
C THR A 125 8.16 -8.89 6.24
N ALA A 126 8.47 -7.57 6.11
CA ALA A 126 7.63 -6.61 5.37
C ALA A 126 8.15 -6.31 3.92
N HIS A 127 7.21 -6.32 2.93
CA HIS A 127 7.51 -6.01 1.51
C HIS A 127 6.98 -4.61 1.13
N ASP A 128 7.73 -3.86 0.30
CA ASP A 128 7.33 -2.49 -0.08
C ASP A 128 7.72 -2.09 -1.52
N GLU A 129 6.78 -1.42 -2.21
CA GLU A 129 7.01 -0.88 -3.56
C GLU A 129 6.63 0.61 -3.63
N ILE A 130 7.51 1.40 -4.26
CA ILE A 130 7.36 2.88 -4.42
C ILE A 130 7.02 3.27 -5.90
N ILE A 131 5.91 4.00 -6.07
CA ILE A 131 5.43 4.45 -7.39
C ILE A 131 5.15 5.99 -7.40
N PRO A 132 6.18 6.88 -7.72
CA PRO A 132 5.95 8.37 -7.84
C PRO A 132 5.22 8.76 -9.16
N ILE A 133 4.16 9.57 -9.01
CA ILE A 133 3.29 10.01 -10.11
C ILE A 133 3.37 11.56 -10.30
N SER A 134 3.18 12.00 -11.56
CA SER A 134 3.19 13.43 -11.88
C SER A 134 2.01 13.80 -12.81
N ILE A 135 1.12 14.66 -12.29
CA ILE A 135 -0.07 15.17 -13.01
C ILE A 135 0.11 16.71 -13.20
N LYS A 136 -0.02 17.15 -14.48
CA LYS A 136 0.11 18.58 -14.85
C LYS A 136 -0.93 18.96 -15.92
N LYS A 137 -1.74 20.02 -15.61
CA LYS A 137 -2.83 20.58 -16.50
C LYS A 137 -4.05 19.60 -16.71
N GLY A 138 -4.13 18.56 -15.85
CA GLY A 138 -5.18 17.54 -15.93
C GLY A 138 -4.75 16.23 -16.64
N LYS A 139 -3.41 15.95 -16.76
CA LYS A 139 -2.93 14.72 -17.41
C LYS A 139 -1.95 13.92 -16.51
N LEU A 140 -2.04 12.57 -16.59
CA LEU A 140 -1.23 11.67 -15.74
C LEU A 140 -0.01 11.05 -16.44
N SER A 141 1.06 10.86 -15.65
CA SER A 141 2.29 10.23 -16.13
C SER A 141 2.89 9.30 -15.06
N VAL A 142 2.95 7.99 -15.41
CA VAL A 142 3.49 6.95 -14.53
C VAL A 142 4.88 6.41 -15.09
N GLN A 143 6.00 6.94 -14.50
CA GLN A 143 7.42 6.57 -14.86
C GLN A 143 7.85 7.09 -16.28
N GLY A 144 7.47 6.32 -17.32
CA GLY A 144 7.77 6.68 -18.71
C GLY A 144 6.56 6.49 -19.67
N GLU A 145 5.32 6.57 -19.12
CA GLU A 145 4.09 6.43 -19.90
C GLU A 145 3.12 7.60 -19.61
N VAL A 146 2.80 8.39 -20.65
CA VAL A 146 1.90 9.57 -20.52
C VAL A 146 0.49 9.32 -21.11
N SER A 147 -0.52 9.77 -20.35
CA SER A 147 -1.93 9.67 -20.72
C SER A 147 -2.70 10.82 -20.03
N THR A 148 -4.04 10.77 -20.08
CA THR A 148 -4.85 11.81 -19.42
C THR A 148 -5.50 11.33 -18.07
N PHE A 149 -5.62 12.27 -17.10
CA PHE A 149 -6.24 12.00 -15.78
C PHE A 149 -7.76 12.27 -15.80
N THR A 150 -8.49 11.30 -15.26
CA THR A 150 -9.96 11.35 -15.11
C THR A 150 -10.30 11.81 -13.65
N GLY A 151 -11.54 11.63 -13.16
CA GLY A 151 -11.85 12.07 -11.77
C GLY A 151 -11.46 11.09 -10.62
N LYS A 152 -10.72 10.00 -10.94
CA LYS A 152 -10.26 9.02 -9.93
C LYS A 152 -9.07 8.16 -10.44
N LEU A 153 -8.27 7.71 -9.46
CA LEU A 153 -7.10 6.82 -9.67
C LEU A 153 -7.45 5.40 -9.13
N SER A 154 -7.08 4.32 -9.85
CA SER A 154 -7.46 2.97 -9.38
C SER A 154 -6.28 2.02 -9.07
N VAL A 155 -6.49 1.20 -8.05
CA VAL A 155 -5.52 0.14 -7.66
C VAL A 155 -6.25 -1.21 -7.81
N GLU A 156 -6.04 -1.86 -8.96
CA GLU A 156 -6.74 -3.12 -9.27
C GLU A 156 -5.79 -4.29 -9.44
N PHE A 157 -6.03 -5.35 -8.66
CA PHE A 157 -5.20 -6.56 -8.73
C PHE A 157 -6.01 -7.80 -9.15
N VAL A 158 -5.38 -8.53 -10.09
CA VAL A 158 -5.96 -9.77 -10.71
C VAL A 158 -5.23 -11.04 -10.19
N LYS A 159 -6.01 -12.14 -10.03
CA LYS A 159 -5.50 -13.44 -9.52
C LYS A 159 -5.07 -14.42 -10.64
N GLY A 160 -4.08 -15.28 -10.30
CA GLY A 160 -3.55 -16.28 -11.24
C GLY A 160 -4.14 -17.70 -11.07
N TYR A 161 -4.42 -18.12 -9.82
CA TYR A 161 -5.00 -19.45 -9.53
C TYR A 161 -6.27 -19.37 -8.66
N TYR A 162 -6.10 -19.22 -7.32
CA TYR A 162 -7.23 -19.13 -6.37
C TYR A 162 -7.11 -17.89 -5.45
N ASP A 163 -5.92 -17.73 -4.82
CA ASP A 163 -5.58 -16.59 -3.92
C ASP A 163 -5.07 -15.37 -4.69
N ASN A 164 -5.34 -14.22 -4.10
CA ASN A 164 -4.92 -12.90 -4.61
C ASN A 164 -3.87 -12.30 -3.63
N PRO A 165 -3.43 -10.99 -3.74
CA PRO A 165 -2.50 -10.37 -2.72
C PRO A 165 -3.18 -10.24 -1.33
N LYS A 166 -2.88 -11.26 -0.48
CA LYS A 166 -3.45 -11.51 0.87
C LYS A 166 -3.42 -10.29 1.88
N VAL A 167 -2.23 -9.71 2.17
CA VAL A 167 -2.15 -8.51 3.07
C VAL A 167 -1.84 -7.25 2.21
N CYS A 168 -2.63 -6.17 2.44
CA CYS A 168 -2.45 -4.92 1.67
C CYS A 168 -2.43 -3.68 2.59
N ALA A 169 -1.36 -2.87 2.49
CA ALA A 169 -1.13 -1.66 3.34
C ALA A 169 -0.99 -0.30 2.58
N LEU A 170 -1.94 -0.03 1.63
CA LEU A 170 -2.05 1.23 0.80
C LEU A 170 -1.80 2.58 1.56
N PHE A 171 -1.01 3.44 0.94
CA PHE A 171 -0.65 4.74 1.51
C PHE A 171 -0.38 5.78 0.38
N ILE A 172 -1.35 6.68 0.11
CA ILE A 172 -1.11 7.75 -0.88
C ILE A 172 -1.07 9.18 -0.18
N MET A 173 0.07 9.84 -0.38
CA MET A 173 0.32 11.19 0.14
C MET A 173 0.71 12.16 -1.00
N LYS A 174 0.69 13.49 -0.76
CA LYS A 174 0.95 14.43 -1.86
C LYS A 174 2.12 15.43 -1.72
N GLY A 175 2.49 15.88 -2.93
CA GLY A 175 3.46 16.92 -3.23
C GLY A 175 4.86 16.52 -3.75
N THR A 176 5.52 15.45 -3.18
CA THR A 176 6.91 15.02 -3.62
C THR A 176 7.40 13.74 -2.90
N ALA A 177 8.33 13.00 -3.58
CA ALA A 177 9.01 11.77 -3.05
C ALA A 177 10.16 12.07 -2.00
N ASP A 178 10.63 13.35 -1.92
CA ASP A 178 11.67 13.79 -0.95
C ASP A 178 11.10 14.26 0.43
N ASP A 179 9.77 14.14 0.62
CA ASP A 179 9.06 14.52 1.87
C ASP A 179 8.52 13.31 2.68
N VAL A 180 8.71 12.07 2.15
CA VAL A 180 8.28 10.78 2.79
C VAL A 180 9.44 10.19 3.69
N PRO A 181 9.51 10.50 5.04
CA PRO A 181 10.56 9.96 5.95
C PRO A 181 10.17 8.67 6.69
N MET A 182 11.16 7.79 6.90
CA MET A 182 10.95 6.51 7.60
C MET A 182 12.19 6.10 8.42
N LEU A 183 12.03 6.09 9.75
CA LEU A 183 13.12 5.71 10.68
C LEU A 183 12.61 4.75 11.78
N GLN A 184 13.57 3.98 12.34
CA GLN A 184 13.28 2.99 13.41
C GLN A 184 13.68 3.53 14.82
N PRO A 185 13.13 2.97 15.98
CA PRO A 185 13.49 3.44 17.37
C PRO A 185 14.97 3.22 17.77
N HIS A 186 15.63 4.34 18.13
CA HIS A 186 17.05 4.33 18.51
C HIS A 186 17.29 5.22 19.79
N PRO A 187 18.20 4.81 20.75
CA PRO A 187 18.50 5.60 21.99
C PRO A 187 19.61 6.67 21.80
N GLY A 188 20.26 7.06 22.91
CA GLY A 188 21.35 8.02 22.85
C GLY A 188 21.72 8.60 24.20
N LEU A 189 22.82 8.10 24.78
CA LEU A 189 23.30 8.57 26.10
C LEU A 189 24.72 9.18 26.00
N GLU A 190 24.77 10.52 25.99
CA GLU A 190 26.04 11.26 25.89
C GLU A 190 26.09 12.40 26.93
C2 BGC B . -6.94 -24.98 1.89
C3 BGC B . -6.57 -23.44 2.01
C4 BGC B . -7.44 -22.68 3.13
C5 BGC B . -7.27 -23.47 4.51
C6 BGC B . -8.14 -22.93 5.69
C1 BGC B . -6.93 -25.62 3.31
O1 BGC B . -7.45 -26.92 3.29
O2 BGC B . -6.00 -25.65 1.05
O3 BGC B . -6.81 -22.82 0.75
O4 BGC B . -6.98 -21.28 3.26
O5 BGC B . -7.77 -24.85 4.24
O6 BGC B . -8.76 -23.92 6.50
H2 BGC B . -7.97 -25.08 1.49
H3 BGC B . -5.52 -23.35 2.30
H4 BGC B . -8.50 -22.76 2.84
H5 BGC B . -6.25 -23.69 4.87
H61 BGC B . -8.85 -22.21 5.30
H62 BGC B . -7.47 -22.31 6.31
H1 BGC B . -5.91 -25.68 3.73
HO1 BGC B . -8.21 -26.94 2.70
HO2 BGC B . -5.89 -25.15 0.25
HO3 BGC B . -7.62 -22.32 0.78
HO6 BGC B . -8.14 -24.62 6.68
C1 GLC B . -7.86 -20.25 2.75
C2 GLC B . -7.06 -19.05 2.09
C3 GLC B . -6.31 -18.20 3.23
C4 GLC B . -7.28 -17.80 4.43
C5 GLC B . -7.99 -19.09 5.00
C6 GLC B . -9.10 -18.81 6.07
O2 GLC B . -6.05 -19.57 1.22
O3 GLC B . -5.79 -17.01 2.63
O4 GLC B . -6.51 -17.14 5.45
O5 GLC B . -8.70 -19.68 3.84
O6 GLC B . -10.27 -19.61 5.96
H1 GLC B . -8.54 -20.69 2.01
H2 GLC B . -7.77 -18.40 1.56
H3 GLC B . -5.50 -18.82 3.65
H4 GLC B . -8.05 -17.12 4.01
H5 GLC B . -7.38 -19.94 5.31
H61 GLC B . -9.33 -17.76 6.09
H62 GLC B . -8.62 -18.99 7.06
HO2 GLC B . -5.46 -18.87 0.96
HO3 GLC B . -4.91 -16.86 2.95
HO4 GLC B . -6.68 -16.20 5.42
HO6 GLC B . -10.02 -20.52 5.78
N GLY A 1 10.23 27.58 8.80
CA GLY A 1 9.95 27.08 7.43
C GLY A 1 9.40 25.66 7.43
N ALA A 2 9.89 24.83 6.47
CA ALA A 2 9.47 23.42 6.33
C ALA A 2 10.61 22.42 6.69
N MET A 3 10.28 21.44 7.55
CA MET A 3 11.25 20.42 8.00
C MET A 3 10.62 19.00 8.00
N SER A 4 9.64 18.77 8.89
CA SER A 4 8.96 17.46 9.00
C SER A 4 7.43 17.62 9.09
N GLY A 5 6.73 17.05 8.11
CA GLY A 5 5.27 17.12 8.07
C GLY A 5 4.63 16.09 7.14
N LEU A 6 4.39 14.87 7.68
CA LEU A 6 3.76 13.74 6.94
C LEU A 6 2.20 13.74 7.02
N ALA A 7 1.67 13.90 8.27
CA ALA A 7 0.21 14.00 8.62
C ALA A 7 -0.57 15.19 7.93
N ASP A 8 0.15 16.27 7.55
CA ASP A 8 -0.42 17.47 6.86
C ASP A 8 -0.48 17.31 5.30
N LYS A 9 0.16 16.25 4.75
CA LYS A 9 0.16 16.00 3.28
C LYS A 9 -0.75 14.81 2.86
N VAL A 10 -1.04 13.81 3.77
CA VAL A 10 -1.93 12.62 3.48
C VAL A 10 -3.37 12.99 2.88
N ILE A 11 -3.77 12.25 1.82
CA ILE A 11 -5.08 12.45 1.19
C ILE A 11 -5.96 11.17 1.24
N TRP A 12 -5.32 9.98 1.22
CA TRP A 12 -6.06 8.70 1.24
C TRP A 12 -5.13 7.53 1.69
N ALA A 13 -5.47 6.83 2.81
CA ALA A 13 -4.66 5.65 3.30
C ALA A 13 -5.58 4.50 3.79
N VAL A 14 -5.35 3.26 3.27
CA VAL A 14 -6.21 2.09 3.64
C VAL A 14 -5.39 0.76 3.93
N ASN A 15 -5.68 0.14 5.11
CA ASN A 15 -5.14 -1.19 5.49
C ASN A 15 -6.33 -2.18 5.58
N ALA A 16 -6.46 -3.09 4.58
CA ALA A 16 -7.55 -4.10 4.54
C ALA A 16 -7.26 -5.30 5.50
N GLY A 17 -7.92 -5.23 6.67
CA GLY A 17 -7.74 -6.24 7.70
C GLY A 17 -8.51 -6.02 9.00
N GLY A 18 -8.29 -4.85 9.63
CA GLY A 18 -8.93 -4.55 10.92
C GLY A 18 -9.97 -3.44 10.86
N GLU A 19 -9.71 -2.31 11.56
CA GLU A 19 -10.63 -1.15 11.58
C GLU A 19 -9.94 0.10 12.14
N SER A 20 -9.81 1.16 11.27
CA SER A 20 -9.21 2.52 11.55
C SER A 20 -7.88 2.59 12.37
N HIS A 21 -6.74 2.94 11.72
CA HIS A 21 -5.47 3.06 12.49
C HIS A 21 -4.65 4.31 12.14
N VAL A 22 -4.20 4.99 13.22
CA VAL A 22 -3.34 6.19 13.14
C VAL A 22 -1.89 5.82 13.62
N ASP A 23 -0.93 5.89 12.68
CA ASP A 23 0.49 5.54 12.94
C ASP A 23 1.30 6.73 13.56
N VAL A 24 2.53 6.40 14.07
CA VAL A 24 3.53 7.32 14.80
C VAL A 24 3.79 8.74 14.23
N HIS A 25 3.77 8.91 12.89
CA HIS A 25 3.93 10.24 12.24
C HIS A 25 2.56 10.97 12.11
N GLY A 26 1.49 10.16 12.05
CA GLY A 26 0.11 10.62 11.98
C GLY A 26 -0.63 10.20 10.72
N ILE A 27 -0.49 8.92 10.34
CA ILE A 27 -1.16 8.38 9.12
C ILE A 27 -2.35 7.44 9.53
N HIS A 28 -3.58 7.86 9.16
CA HIS A 28 -4.82 7.13 9.52
C HIS A 28 -5.52 6.40 8.33
N TYR A 29 -5.90 5.12 8.60
CA TYR A 29 -6.64 4.25 7.65
C TYR A 29 -8.17 4.28 7.96
N ARG A 30 -8.98 4.30 6.87
CA ARG A 30 -10.48 4.34 6.90
C ARG A 30 -11.11 2.92 6.93
N LYS A 31 -12.05 2.71 7.88
CA LYS A 31 -12.76 1.42 8.17
C LYS A 31 -13.55 0.72 7.03
N ASP A 32 -13.03 -0.51 6.66
CA ASP A 32 -13.60 -1.49 5.63
C ASP A 32 -14.19 -0.92 4.30
N PRO A 33 -13.41 -0.15 3.48
CA PRO A 33 -13.90 0.42 2.20
C PRO A 33 -13.46 -0.31 0.89
N LEU A 34 -13.80 -1.60 0.74
CA LEU A 34 -13.43 -2.38 -0.46
C LEU A 34 -14.51 -3.43 -0.85
N GLU A 35 -14.74 -4.46 0.00
CA GLU A 35 -15.73 -5.52 -0.30
C GLU A 35 -17.00 -5.41 0.56
N GLY A 36 -18.02 -4.76 -0.04
CA GLY A 36 -19.32 -4.54 0.64
C GLY A 36 -19.46 -3.13 1.25
N ARG A 37 -18.30 -2.54 1.69
CA ARG A 37 -18.19 -1.17 2.32
C ARG A 37 -18.61 -1.08 3.84
N VAL A 38 -19.40 -2.05 4.33
CA VAL A 38 -19.86 -2.08 5.75
C VAL A 38 -19.68 -3.50 6.36
N GLY A 39 -18.83 -3.61 7.39
CA GLY A 39 -18.58 -4.89 8.03
C GLY A 39 -17.91 -4.78 9.40
N ARG A 40 -16.96 -5.70 9.66
CA ARG A 40 -16.22 -5.76 10.94
C ARG A 40 -14.71 -6.08 10.75
N ALA A 41 -14.00 -6.32 11.88
CA ALA A 41 -12.55 -6.65 11.90
C ALA A 41 -12.30 -8.19 11.97
N SER A 42 -11.42 -8.67 11.07
CA SER A 42 -11.05 -10.08 11.00
C SER A 42 -9.55 -10.28 11.20
N ASP A 43 -9.19 -11.22 12.10
CA ASP A 43 -7.78 -11.51 12.41
C ASP A 43 -7.47 -13.03 12.34
N TYR A 44 -6.83 -13.45 11.23
CA TYR A 44 -6.42 -14.85 11.01
C TYR A 44 -4.88 -14.97 11.01
N GLY A 45 -4.30 -14.68 12.20
CA GLY A 45 -2.85 -14.70 12.39
C GLY A 45 -2.36 -13.43 13.08
N MET A 46 -2.68 -13.32 14.39
CA MET A 46 -2.31 -12.14 15.22
C MET A 46 -0.97 -12.29 15.98
N LYS A 47 -0.54 -13.55 16.25
CA LYS A 47 0.72 -13.83 16.96
C LYS A 47 1.82 -14.30 15.97
N LEU A 48 2.27 -13.32 15.17
CA LEU A 48 3.30 -13.47 14.12
C LEU A 48 3.66 -12.04 13.63
N PRO A 49 4.41 -11.23 14.45
CA PRO A 49 4.81 -9.80 14.12
C PRO A 49 5.76 -9.59 12.92
N ILE A 50 5.73 -8.33 12.39
CA ILE A 50 6.58 -7.88 11.28
C ILE A 50 7.92 -7.28 11.88
N LEU A 51 9.06 -7.75 11.36
CA LEU A 51 10.43 -7.36 11.85
C LEU A 51 11.01 -6.02 11.29
N ARG A 52 10.37 -5.41 10.27
CA ARG A 52 10.86 -4.14 9.71
C ARG A 52 10.00 -2.89 10.10
N SER A 53 9.03 -3.05 11.03
CA SER A 53 8.18 -1.94 11.52
C SER A 53 8.08 -1.89 13.08
N ASN A 54 7.28 -0.93 13.59
CA ASN A 54 7.02 -0.71 15.07
C ASN A 54 5.73 -1.48 15.50
N PRO A 55 5.36 -1.63 16.85
CA PRO A 55 4.10 -2.38 17.29
C PRO A 55 2.73 -1.81 16.77
N GLU A 56 2.62 -0.45 16.79
CA GLU A 56 1.40 0.30 16.30
C GLU A 56 1.24 0.18 14.76
N ASP A 57 2.33 0.52 14.02
CA ASP A 57 2.36 0.42 12.56
C ASP A 57 2.57 -1.08 12.05
N GLN A 58 2.73 -2.03 13.03
CA GLN A 58 2.81 -3.51 12.81
C GLN A 58 1.38 -4.04 12.51
N VAL A 59 0.39 -3.48 13.28
CA VAL A 59 -1.10 -3.71 13.06
C VAL A 59 -1.50 -3.12 11.66
N LEU A 60 -0.98 -1.90 11.31
CA LEU A 60 -1.23 -1.30 9.96
C LEU A 60 -0.30 -1.90 8.83
N TYR A 61 0.64 -2.74 9.22
CA TYR A 61 1.57 -3.45 8.29
C TYR A 61 1.47 -5.02 8.44
N GLN A 62 0.33 -5.53 9.01
CA GLN A 62 0.15 -7.01 9.24
C GLN A 62 -1.32 -7.55 9.15
N THR A 63 -2.35 -6.73 9.46
CA THR A 63 -3.80 -7.20 9.49
C THR A 63 -4.45 -7.39 8.06
N GLU A 64 -5.11 -8.56 7.88
CA GLU A 64 -5.79 -8.96 6.60
C GLU A 64 -7.31 -9.28 6.80
N ARG A 65 -8.10 -9.00 5.74
CA ARG A 65 -9.57 -9.24 5.76
C ARG A 65 -9.97 -10.58 5.06
N TYR A 66 -10.14 -10.56 3.71
CA TYR A 66 -10.51 -11.78 2.96
C TYR A 66 -10.04 -11.74 1.48
N ASN A 67 -10.11 -12.89 0.81
CA ASN A 67 -9.69 -13.03 -0.60
C ASN A 67 -10.79 -13.64 -1.51
N GLU A 68 -10.92 -13.09 -2.73
CA GLU A 68 -11.91 -13.57 -3.71
C GLU A 68 -11.29 -13.61 -5.15
N ASP A 69 -11.71 -12.71 -6.07
CA ASP A 69 -11.18 -12.66 -7.46
C ASP A 69 -11.38 -11.27 -8.09
N SER A 70 -10.25 -10.61 -8.51
CA SER A 70 -10.22 -9.24 -9.18
C SER A 70 -10.91 -8.12 -8.35
N PHE A 71 -10.15 -7.47 -7.46
CA PHE A 71 -10.73 -6.43 -6.59
C PHE A 71 -9.72 -5.32 -6.22
N GLY A 72 -10.28 -4.14 -5.87
CA GLY A 72 -9.43 -3.01 -5.50
C GLY A 72 -10.17 -1.78 -4.97
N TYR A 73 -9.39 -0.71 -4.80
CA TYR A 73 -9.88 0.57 -4.23
C TYR A 73 -9.96 1.74 -5.25
N ASP A 74 -10.54 2.87 -4.76
CA ASP A 74 -10.73 4.12 -5.54
C ASP A 74 -10.22 5.36 -4.78
N ILE A 75 -9.45 6.21 -5.49
CA ILE A 75 -8.88 7.47 -4.93
C ILE A 75 -9.33 8.68 -5.83
N PRO A 76 -10.38 9.47 -5.43
CA PRO A 76 -10.82 10.64 -6.23
C PRO A 76 -10.02 11.96 -5.97
N ILE A 77 -9.36 12.46 -7.03
CA ILE A 77 -8.54 13.71 -6.96
C ILE A 77 -8.97 14.72 -8.08
N LYS A 78 -8.62 16.00 -7.85
CA LYS A 78 -8.92 17.10 -8.78
C LYS A 78 -7.77 18.16 -8.81
N GLU A 79 -6.53 17.79 -8.38
CA GLU A 79 -5.41 18.71 -8.38
C GLU A 79 -4.17 18.10 -9.09
N GLU A 80 -3.27 18.98 -9.52
CA GLU A 80 -2.06 18.57 -10.25
C GLU A 80 -0.75 18.92 -9.52
N GLY A 81 0.19 17.97 -9.59
CA GLY A 81 1.50 18.11 -8.98
C GLY A 81 2.24 16.78 -8.88
N GLU A 82 2.69 16.41 -7.66
CA GLU A 82 3.38 15.12 -7.45
C GLU A 82 2.71 14.31 -6.34
N TYR A 83 2.22 13.11 -6.71
CA TYR A 83 1.57 12.19 -5.75
C TYR A 83 2.34 10.87 -5.68
N VAL A 84 2.49 10.31 -4.47
CA VAL A 84 3.28 9.06 -4.30
C VAL A 84 2.40 7.94 -3.69
N LEU A 85 2.43 6.77 -4.38
CA LEU A 85 1.67 5.57 -3.95
C LEU A 85 2.64 4.54 -3.31
N VAL A 86 2.55 4.40 -1.97
CA VAL A 86 3.42 3.46 -1.20
C VAL A 86 2.53 2.39 -0.52
N LEU A 87 2.87 1.10 -0.72
CA LEU A 87 2.08 0.00 -0.12
C LEU A 87 2.95 -1.09 0.53
N LYS A 88 2.41 -1.69 1.64
CA LYS A 88 3.08 -2.82 2.31
C LYS A 88 2.32 -4.13 2.07
N PHE A 89 3.03 -5.10 1.50
CA PHE A 89 2.49 -6.44 1.22
C PHE A 89 3.12 -7.49 2.17
N ALA A 90 2.25 -8.39 2.70
CA ALA A 90 2.65 -9.47 3.66
C ALA A 90 1.82 -10.80 3.40
N GLU A 91 2.38 -11.97 3.84
CA GLU A 91 1.70 -13.29 3.74
C GLU A 91 2.45 -14.35 4.54
N VAL A 92 1.71 -15.06 5.41
CA VAL A 92 2.27 -16.15 6.26
C VAL A 92 1.40 -17.42 6.21
N TYR A 93 1.46 -18.14 5.07
CA TYR A 93 0.68 -19.38 4.86
C TYR A 93 1.28 -20.26 3.72
N PHE A 94 1.59 -19.63 2.56
CA PHE A 94 2.16 -20.34 1.40
C PHE A 94 3.60 -19.86 1.09
N ALA A 95 4.59 -20.79 1.22
CA ALA A 95 6.02 -20.48 0.97
C ALA A 95 6.50 -21.01 -0.41
N GLN A 96 6.52 -20.10 -1.40
CA GLN A 96 6.97 -20.39 -2.78
C GLN A 96 7.39 -19.09 -3.52
N SER A 97 8.17 -19.24 -4.60
CA SER A 97 8.68 -18.08 -5.37
C SER A 97 8.02 -17.90 -6.76
N GLN A 98 8.43 -18.70 -7.77
CA GLN A 98 7.85 -18.61 -9.14
C GLN A 98 6.72 -19.64 -9.35
N GLN A 99 5.61 -19.37 -8.66
CA GLN A 99 4.38 -20.19 -8.66
C GLN A 99 3.19 -19.32 -8.20
N LYS A 100 3.43 -18.45 -7.17
CA LYS A 100 2.40 -17.52 -6.66
C LYS A 100 2.75 -16.09 -7.14
N VAL A 101 2.39 -15.83 -8.41
CA VAL A 101 2.67 -14.53 -9.09
C VAL A 101 1.35 -13.74 -9.34
N PHE A 102 1.34 -12.50 -8.81
CA PHE A 102 0.15 -11.61 -8.89
C PHE A 102 0.31 -10.44 -9.89
N ASP A 103 -0.80 -9.70 -10.14
CA ASP A 103 -0.75 -8.51 -11.02
C ASP A 103 -1.29 -7.28 -10.28
N VAL A 104 -0.58 -6.15 -10.42
CA VAL A 104 -0.94 -4.89 -9.73
C VAL A 104 -0.98 -3.69 -10.77
N ARG A 105 -2.15 -2.99 -10.79
CA ARG A 105 -2.41 -1.87 -11.75
C ARG A 105 -2.80 -0.51 -11.10
N VAL A 106 -2.41 0.63 -11.77
CA VAL A 106 -2.77 2.02 -11.30
C VAL A 106 -3.49 2.88 -12.40
N ASN A 107 -4.81 3.19 -12.16
CA ASN A 107 -5.74 3.98 -13.07
C ASN A 107 -6.02 3.29 -14.44
N GLY A 108 -5.91 1.94 -14.47
CA GLY A 108 -6.08 1.20 -15.70
C GLY A 108 -4.74 0.71 -16.32
N HIS A 109 -3.62 1.29 -15.82
CA HIS A 109 -2.23 1.01 -16.26
C HIS A 109 -1.57 -0.17 -15.49
N THR A 110 -0.37 -0.60 -15.91
CA THR A 110 0.35 -1.69 -15.21
C THR A 110 1.72 -1.26 -14.72
N VAL A 111 2.00 -1.58 -13.45
CA VAL A 111 3.28 -1.20 -12.78
C VAL A 111 4.06 -2.43 -12.23
N VAL A 112 3.42 -3.25 -11.35
CA VAL A 112 4.11 -4.45 -10.80
C VAL A 112 3.31 -5.71 -11.22
N LYS A 113 3.69 -6.26 -12.39
CA LYS A 113 3.07 -7.47 -12.94
C LYS A 113 4.02 -8.66 -12.81
N ASP A 114 3.59 -9.51 -11.89
CA ASP A 114 4.22 -10.77 -11.42
C ASP A 114 4.84 -10.52 -10.03
N LEU A 115 3.95 -10.34 -9.02
CA LEU A 115 4.36 -10.06 -7.65
C LEU A 115 4.53 -11.34 -6.82
N ASP A 116 5.81 -11.73 -6.70
CA ASP A 116 6.25 -12.88 -5.89
C ASP A 116 7.03 -12.35 -4.66
N ILE A 117 6.25 -12.16 -3.56
CA ILE A 117 6.73 -11.60 -2.23
C ILE A 117 7.90 -12.37 -1.52
N PHE A 118 7.96 -13.71 -1.73
CA PHE A 118 9.01 -14.59 -1.15
C PHE A 118 10.40 -14.42 -1.87
N ASP A 119 10.37 -14.29 -3.23
CA ASP A 119 11.58 -14.05 -4.08
C ASP A 119 12.14 -12.59 -3.98
N ARG A 120 11.24 -11.60 -3.64
CA ARG A 120 11.62 -10.18 -3.50
C ARG A 120 12.32 -9.85 -2.15
N VAL A 121 11.67 -10.13 -0.98
CA VAL A 121 12.32 -9.87 0.35
C VAL A 121 12.96 -11.14 1.04
N GLY A 122 12.39 -12.35 0.83
CA GLY A 122 12.94 -13.55 1.46
C GLY A 122 11.90 -14.36 2.23
N HIS A 123 12.11 -14.51 3.55
CA HIS A 123 11.16 -15.25 4.41
C HIS A 123 10.52 -14.32 5.45
N SER A 124 9.20 -14.03 5.22
CA SER A 124 8.33 -13.14 6.06
C SER A 124 8.73 -11.62 5.95
N THR A 125 8.81 -10.89 7.13
CA THR A 125 9.20 -9.41 7.25
C THR A 125 8.24 -8.43 6.49
N ALA A 126 8.75 -7.25 6.03
CA ALA A 126 7.95 -6.25 5.30
C ALA A 126 8.35 -6.08 3.80
N HIS A 127 7.32 -6.13 2.91
CA HIS A 127 7.53 -5.87 1.47
C HIS A 127 6.90 -4.50 1.12
N ASP A 128 7.68 -3.59 0.56
CA ASP A 128 7.18 -2.23 0.25
C ASP A 128 7.69 -1.70 -1.09
N GLU A 129 6.72 -1.23 -1.91
CA GLU A 129 7.03 -0.65 -3.22
C GLU A 129 6.65 0.85 -3.27
N ILE A 130 7.58 1.63 -3.84
CA ILE A 130 7.47 3.10 -3.99
C ILE A 130 7.35 3.47 -5.50
N ILE A 131 6.18 4.01 -5.88
CA ILE A 131 5.90 4.40 -7.28
C ILE A 131 5.43 5.90 -7.37
N PRO A 132 6.34 6.90 -7.70
CA PRO A 132 5.95 8.35 -7.87
C PRO A 132 5.17 8.66 -9.18
N ILE A 133 4.22 9.61 -9.06
CA ILE A 133 3.34 10.03 -10.17
C ILE A 133 3.42 11.57 -10.38
N SER A 134 3.30 11.99 -11.66
CA SER A 134 3.31 13.42 -12.03
C SER A 134 2.13 13.77 -12.97
N ILE A 135 1.20 14.58 -12.44
CA ILE A 135 -0.01 15.04 -13.19
C ILE A 135 0.12 16.58 -13.45
N LYS A 136 0.09 16.97 -14.74
CA LYS A 136 0.20 18.39 -15.16
C LYS A 136 -0.71 18.70 -16.35
N LYS A 137 -1.49 19.82 -16.21
CA LYS A 137 -2.50 20.31 -17.24
C LYS A 137 -3.78 19.41 -17.37
N GLY A 138 -3.90 18.44 -16.45
CA GLY A 138 -4.99 17.46 -16.42
C GLY A 138 -4.60 16.09 -17.03
N LYS A 139 -3.28 15.80 -17.14
CA LYS A 139 -2.82 14.51 -17.70
C LYS A 139 -1.83 13.80 -16.78
N LEU A 140 -1.89 12.46 -16.80
CA LEU A 140 -1.07 11.59 -15.93
C LEU A 140 0.18 11.00 -16.61
N SER A 141 1.27 10.94 -15.83
CA SER A 141 2.55 10.39 -16.27
C SER A 141 3.08 9.36 -15.26
N VAL A 142 3.13 8.09 -15.68
CA VAL A 142 3.60 6.98 -14.81
C VAL A 142 4.84 6.24 -15.46
N GLN A 143 6.07 6.64 -14.99
CA GLN A 143 7.40 6.08 -15.44
C GLN A 143 7.76 6.40 -16.93
N GLY A 144 7.26 5.57 -17.85
CA GLY A 144 7.46 5.75 -19.29
C GLY A 144 6.17 5.65 -20.10
N GLU A 145 5.02 6.00 -19.47
CA GLU A 145 3.70 5.96 -20.11
C GLU A 145 2.92 7.26 -19.83
N VAL A 146 2.46 7.91 -20.91
CA VAL A 146 1.70 9.18 -20.81
C VAL A 146 0.21 9.00 -21.31
N SER A 147 -0.73 9.38 -20.45
CA SER A 147 -2.18 9.30 -20.73
C SER A 147 -2.92 10.47 -20.06
N THR A 148 -4.25 10.53 -20.20
CA THR A 148 -5.04 11.62 -19.58
C THR A 148 -5.81 11.17 -18.28
N PHE A 149 -5.76 12.04 -17.24
CA PHE A 149 -6.43 11.82 -15.92
C PHE A 149 -7.92 12.25 -15.97
N THR A 150 -8.81 11.32 -15.58
CA THR A 150 -10.26 11.62 -15.56
C THR A 150 -10.94 11.20 -14.25
N GLY A 151 -10.99 12.15 -13.28
CA GLY A 151 -11.66 11.96 -11.97
C GLY A 151 -10.95 11.16 -10.87
N LYS A 152 -10.73 9.85 -11.08
CA LYS A 152 -10.15 8.99 -10.05
C LYS A 152 -8.99 8.11 -10.55
N LEU A 153 -8.15 7.71 -9.56
CA LEU A 153 -6.99 6.80 -9.74
C LEU A 153 -7.37 5.43 -9.13
N SER A 154 -7.10 4.31 -9.85
CA SER A 154 -7.53 3.00 -9.31
C SER A 154 -6.40 1.98 -9.07
N VAL A 155 -6.57 1.19 -7.99
CA VAL A 155 -5.61 0.09 -7.64
C VAL A 155 -6.36 -1.24 -7.76
N GLU A 156 -6.15 -1.95 -8.87
CA GLU A 156 -6.81 -3.23 -9.15
C GLU A 156 -5.81 -4.37 -9.29
N PHE A 157 -6.02 -5.43 -8.48
CA PHE A 157 -5.14 -6.61 -8.53
C PHE A 157 -5.90 -7.87 -8.96
N VAL A 158 -5.27 -8.57 -9.91
CA VAL A 158 -5.83 -9.82 -10.53
C VAL A 158 -4.99 -11.07 -10.05
N LYS A 159 -5.70 -12.21 -9.85
CA LYS A 159 -5.10 -13.49 -9.36
C LYS A 159 -4.58 -14.42 -10.50
N GLY A 160 -3.58 -15.24 -10.13
CA GLY A 160 -2.97 -16.21 -11.06
C GLY A 160 -3.40 -17.68 -10.86
N TYR A 161 -3.80 -18.06 -9.61
CA TYR A 161 -4.23 -19.44 -9.31
C TYR A 161 -5.56 -19.49 -8.51
N TYR A 162 -5.49 -19.24 -7.18
CA TYR A 162 -6.68 -19.25 -6.28
C TYR A 162 -6.68 -18.04 -5.32
N ASP A 163 -5.54 -17.82 -4.64
CA ASP A 163 -5.32 -16.71 -3.67
C ASP A 163 -4.68 -15.49 -4.36
N ASN A 164 -5.24 -14.32 -4.03
CA ASN A 164 -4.77 -13.01 -4.51
C ASN A 164 -3.79 -12.41 -3.43
N PRO A 165 -3.34 -11.10 -3.49
CA PRO A 165 -2.48 -10.50 -2.40
C PRO A 165 -3.27 -10.39 -1.07
N LYS A 166 -3.01 -11.38 -0.17
CA LYS A 166 -3.70 -11.57 1.14
C LYS A 166 -3.63 -10.34 2.12
N VAL A 167 -2.41 -9.77 2.36
CA VAL A 167 -2.28 -8.57 3.23
C VAL A 167 -1.88 -7.35 2.35
N CYS A 168 -2.64 -6.25 2.56
CA CYS A 168 -2.48 -4.99 1.82
C CYS A 168 -2.56 -3.77 2.76
N ALA A 169 -1.50 -2.93 2.72
CA ALA A 169 -1.32 -1.73 3.58
C ALA A 169 -1.16 -0.37 2.83
N LEU A 170 -2.10 -0.10 1.87
CA LEU A 170 -2.18 1.16 1.03
C LEU A 170 -1.94 2.50 1.79
N PHE A 171 -1.13 3.37 1.17
CA PHE A 171 -0.78 4.67 1.75
C PHE A 171 -0.43 5.67 0.63
N ILE A 172 -1.38 6.57 0.28
CA ILE A 172 -1.06 7.62 -0.72
C ILE A 172 -0.98 9.05 -0.05
N MET A 173 0.20 9.66 -0.25
CA MET A 173 0.51 10.97 0.30
C MET A 173 0.84 12.02 -0.80
N LYS A 174 0.61 13.30 -0.49
CA LYS A 174 0.75 14.40 -1.43
C LYS A 174 2.00 15.32 -1.28
N GLY A 175 2.37 15.82 -2.47
CA GLY A 175 3.39 16.85 -2.70
C GLY A 175 4.77 16.44 -3.25
N THR A 176 5.39 15.30 -2.83
CA THR A 176 6.74 14.87 -3.36
C THR A 176 7.23 13.54 -2.73
N ALA A 177 8.25 12.92 -3.38
CA ALA A 177 8.92 11.66 -2.93
C ALA A 177 10.05 11.89 -1.84
N ASP A 178 10.52 13.16 -1.70
CA ASP A 178 11.56 13.55 -0.70
C ASP A 178 10.98 13.95 0.71
N ASP A 179 9.65 13.81 0.90
CA ASP A 179 8.96 14.15 2.18
C ASP A 179 8.58 12.92 3.05
N VAL A 180 8.66 11.68 2.48
CA VAL A 180 8.36 10.39 3.20
C VAL A 180 9.57 9.86 4.08
N PRO A 181 9.60 10.08 5.47
CA PRO A 181 10.69 9.56 6.36
C PRO A 181 10.56 8.06 6.72
N MET A 182 11.66 7.32 6.56
CA MET A 182 11.70 5.87 6.87
C MET A 182 13.08 5.47 7.41
N LEU A 183 13.09 4.99 8.67
CA LEU A 183 14.34 4.54 9.34
C LEU A 183 14.20 3.15 10.00
N GLN A 184 15.37 2.56 10.30
CA GLN A 184 15.47 1.24 10.96
C GLN A 184 15.86 1.39 12.45
N PRO A 185 15.58 0.37 13.36
CA PRO A 185 15.93 0.47 14.82
C PRO A 185 17.43 0.48 15.14
N HIS A 186 17.87 1.56 15.80
CA HIS A 186 19.27 1.72 16.16
C HIS A 186 19.41 2.23 17.64
N PRO A 187 20.37 1.67 18.48
CA PRO A 187 20.59 2.09 19.91
C PRO A 187 21.36 3.41 20.15
N GLY A 188 22.10 3.86 19.12
CA GLY A 188 22.92 5.07 19.23
C GLY A 188 22.40 6.27 18.43
N LEU A 189 22.48 6.20 17.09
CA LEU A 189 22.02 7.30 16.21
C LEU A 189 20.85 6.85 15.30
N GLU A 190 19.82 7.72 15.23
CA GLU A 190 18.62 7.47 14.42
C GLU A 190 18.36 8.61 13.42
C2 BGC B . -7.25 -23.29 0.19
C3 BGC B . -7.34 -21.78 0.68
C4 BGC B . -7.69 -21.62 2.24
C5 BGC B . -6.76 -22.60 3.11
C6 BGC B . -7.16 -22.70 4.62
C1 BGC B . -6.43 -24.13 1.20
O1 BGC B . -6.50 -25.50 0.92
O2 BGC B . -6.63 -23.34 -1.10
O3 BGC B . -8.36 -21.13 -0.08
O4 BGC B . -7.48 -20.21 2.66
O5 BGC B . -6.95 -23.96 2.56
O6 BGC B . -7.09 -24.00 5.18
H2 BGC B . -8.26 -23.71 0.16
H3 BGC B . -6.37 -21.29 0.51
H4 BGC B . -8.74 -21.95 2.39
H5 BGC B . -5.67 -22.49 3.02
H61 BGC B . -8.13 -22.24 4.77
H62 BGC B . -6.46 -22.03 5.18
H1 BGC B . -5.36 -23.85 1.20
HO1 BGC B . -7.40 -25.71 0.66
HO2 BGC B . -6.75 -24.22 -1.47
HO3 BGC B . -8.05 -20.26 -0.34
HO6 BGC B . -6.29 -24.44 4.89
C1 GLC B . -8.64 -19.39 2.87
C2 GLC B . -8.37 -17.90 2.40
C3 GLC B . -7.31 -17.21 3.38
C4 GLC B . -7.72 -17.35 4.91
C5 GLC B . -7.96 -18.89 5.27
C6 GLC B . -8.55 -19.16 6.69
O2 GLC B . -7.81 -17.91 1.09
O3 GLC B . -7.22 -15.83 3.04
O4 GLC B . -6.67 -16.80 5.73
O5 GLC B . -9.01 -19.35 4.31
O6 GLC B . -9.55 -20.16 6.77
H1 GLC B . -9.50 -19.81 2.33
H2 GLC B . -9.33 -17.34 2.44
H3 GLC B . -6.33 -17.71 3.24
H4 GLC B . -8.66 -16.81 5.05
H5 GLC B . -7.16 -19.62 5.04
H61 GLC B . -8.89 -18.21 7.12
H62 GLC B . -7.69 -19.43 7.33
HO2 GLC B . -7.08 -18.51 1.06
HO3 GLC B . -7.60 -15.68 2.18
HO4 GLC B . -5.88 -16.69 5.20
HO6 GLC B . -9.65 -20.44 7.67
N GLY A 1 15.15 25.24 3.29
CA GLY A 1 15.76 25.00 4.63
C GLY A 1 15.30 23.68 5.23
N ALA A 2 14.40 23.77 6.25
CA ALA A 2 13.86 22.58 6.95
C ALA A 2 12.34 22.38 6.65
N MET A 3 12.00 21.15 6.23
CA MET A 3 10.61 20.77 5.90
C MET A 3 10.23 19.42 6.54
N SER A 4 9.33 19.49 7.55
CA SER A 4 8.86 18.28 8.26
C SER A 4 7.35 18.31 8.48
N GLY A 5 6.66 17.32 7.88
CA GLY A 5 5.21 17.22 8.01
C GLY A 5 4.59 16.20 7.06
N LEU A 6 4.43 14.95 7.55
CA LEU A 6 3.84 13.83 6.78
C LEU A 6 2.28 13.75 6.90
N ALA A 7 1.77 13.90 8.15
CA ALA A 7 0.31 13.93 8.51
C ALA A 7 -0.52 15.10 7.84
N ASP A 8 0.19 16.21 7.45
CA ASP A 8 -0.41 17.39 6.77
C ASP A 8 -0.51 17.24 5.22
N LYS A 9 0.17 16.22 4.64
CA LYS A 9 0.15 15.97 3.18
C LYS A 9 -0.75 14.75 2.78
N VAL A 10 -1.00 13.76 3.72
CA VAL A 10 -1.91 12.58 3.45
C VAL A 10 -3.37 12.95 2.92
N ILE A 11 -3.80 12.24 1.87
CA ILE A 11 -5.15 12.44 1.28
C ILE A 11 -6.00 11.15 1.32
N TRP A 12 -5.35 9.96 1.28
CA TRP A 12 -6.07 8.66 1.27
C TRP A 12 -5.11 7.49 1.64
N ALA A 13 -5.39 6.79 2.77
CA ALA A 13 -4.55 5.61 3.21
C ALA A 13 -5.44 4.43 3.66
N VAL A 14 -5.15 3.19 3.15
CA VAL A 14 -5.97 1.99 3.49
C VAL A 14 -5.11 0.71 3.78
N ASN A 15 -5.41 0.05 4.94
CA ASN A 15 -4.82 -1.28 5.26
C ASN A 15 -6.01 -2.27 5.35
N ALA A 16 -6.15 -3.13 4.30
CA ALA A 16 -7.23 -4.15 4.24
C ALA A 16 -6.90 -5.40 5.11
N GLY A 17 -7.64 -5.50 6.24
CA GLY A 17 -7.44 -6.59 7.19
C GLY A 17 -8.02 -6.36 8.59
N GLY A 18 -7.82 -5.15 9.16
CA GLY A 18 -8.32 -4.86 10.51
C GLY A 18 -9.40 -3.80 10.55
N GLU A 19 -9.13 -2.70 11.30
CA GLU A 19 -10.07 -1.57 11.44
C GLU A 19 -9.37 -0.32 12.03
N SER A 20 -9.29 0.76 11.19
CA SER A 20 -8.67 2.13 11.50
C SER A 20 -7.32 2.18 12.27
N HIS A 21 -6.21 2.58 11.60
CA HIS A 21 -4.91 2.69 12.34
C HIS A 21 -4.10 3.95 12.02
N VAL A 22 -3.64 4.61 13.11
CA VAL A 22 -2.79 5.81 13.06
C VAL A 22 -1.31 5.41 13.43
N ASP A 23 -0.42 5.54 12.44
CA ASP A 23 1.02 5.17 12.59
C ASP A 23 1.88 6.31 13.21
N VAL A 24 3.12 5.92 13.65
CA VAL A 24 4.17 6.78 14.37
C VAL A 24 4.47 8.22 13.83
N HIS A 25 4.32 8.44 12.51
CA HIS A 25 4.49 9.79 11.90
C HIS A 25 3.14 10.58 11.89
N GLY A 26 2.04 9.80 11.87
CA GLY A 26 0.67 10.31 11.91
C GLY A 26 -0.16 9.97 10.69
N ILE A 27 -0.04 8.71 10.22
CA ILE A 27 -0.79 8.25 9.03
C ILE A 27 -1.94 7.27 9.45
N HIS A 28 -3.19 7.69 9.18
CA HIS A 28 -4.40 6.92 9.55
C HIS A 28 -5.12 6.21 8.37
N TYR A 29 -5.43 4.90 8.57
CA TYR A 29 -6.19 4.06 7.62
C TYR A 29 -7.71 4.11 7.98
N ARG A 30 -8.53 4.24 6.92
CA ARG A 30 -10.01 4.33 7.02
C ARG A 30 -10.73 2.98 6.73
N LYS A 31 -11.22 2.39 7.84
CA LYS A 31 -12.02 1.08 8.00
C LYS A 31 -12.82 0.49 6.78
N ASP A 32 -12.42 -0.76 6.38
CA ASP A 32 -13.06 -1.63 5.28
C ASP A 32 -13.69 -0.94 4.00
N PRO A 33 -12.95 -0.09 3.25
CA PRO A 33 -13.45 0.60 2.05
C PRO A 33 -12.87 0.14 0.66
N LEU A 34 -13.66 -0.61 -0.08
CA LEU A 34 -13.31 -1.07 -1.45
C LEU A 34 -14.42 -0.69 -2.45
N GLU A 35 -15.40 -1.60 -2.65
CA GLU A 35 -16.54 -1.35 -3.56
C GLU A 35 -17.83 -2.09 -3.13
N GLY A 36 -18.32 -1.81 -1.91
CA GLY A 36 -19.54 -2.48 -1.41
C GLY A 36 -19.33 -3.47 -0.24
N ARG A 37 -18.07 -3.63 0.24
CA ARG A 37 -17.73 -4.57 1.32
C ARG A 37 -17.49 -3.85 2.66
N VAL A 38 -18.59 -3.46 3.32
CA VAL A 38 -18.54 -2.75 4.63
C VAL A 38 -19.13 -3.60 5.80
N GLY A 39 -18.26 -3.95 6.77
CA GLY A 39 -18.67 -4.73 7.95
C GLY A 39 -18.14 -6.18 7.98
N ARG A 40 -16.82 -6.38 7.77
CA ARG A 40 -16.21 -7.72 7.79
C ARG A 40 -14.68 -7.63 7.97
N ALA A 41 -14.23 -7.81 9.25
CA ALA A 41 -12.80 -7.77 9.62
C ALA A 41 -12.24 -9.19 9.94
N SER A 42 -11.03 -9.48 9.43
CA SER A 42 -10.38 -10.78 9.65
C SER A 42 -9.00 -10.66 10.32
N ASP A 43 -8.95 -11.06 11.60
CA ASP A 43 -7.70 -11.03 12.39
C ASP A 43 -7.40 -12.44 12.97
N TYR A 44 -6.99 -13.36 12.07
CA TYR A 44 -6.65 -14.74 12.43
C TYR A 44 -5.13 -14.99 12.27
N GLY A 45 -4.36 -14.41 13.21
CA GLY A 45 -2.92 -14.53 13.20
C GLY A 45 -2.20 -13.27 13.67
N MET A 46 -2.42 -12.88 14.95
CA MET A 46 -1.77 -11.69 15.57
C MET A 46 -0.45 -12.03 16.32
N LYS A 47 -0.07 -13.33 16.31
CA LYS A 47 1.13 -13.85 16.98
C LYS A 47 2.30 -14.20 15.99
N LEU A 48 2.28 -13.57 14.80
CA LEU A 48 3.28 -13.74 13.75
C LEU A 48 3.57 -12.36 13.14
N PRO A 49 4.33 -11.46 13.87
CA PRO A 49 4.67 -10.05 13.43
C PRO A 49 5.51 -9.90 12.14
N ILE A 50 5.56 -8.64 11.63
CA ILE A 50 6.31 -8.28 10.44
C ILE A 50 7.73 -7.75 10.86
N LEU A 51 8.78 -8.41 10.32
CA LEU A 51 10.18 -8.05 10.63
C LEU A 51 10.74 -6.98 9.67
N ARG A 52 10.75 -5.76 10.21
CA ARG A 52 11.19 -4.49 9.56
C ARG A 52 10.37 -3.28 10.12
N SER A 53 9.25 -3.57 10.84
CA SER A 53 8.35 -2.56 11.42
C SER A 53 8.31 -2.60 12.98
N ASN A 54 7.48 -1.69 13.56
CA ASN A 54 7.25 -1.57 15.05
C ASN A 54 5.95 -2.37 15.44
N PRO A 55 5.44 -2.40 16.75
CA PRO A 55 4.16 -3.12 17.12
C PRO A 55 2.88 -2.46 16.53
N GLU A 56 2.87 -1.10 16.54
CA GLU A 56 1.77 -0.24 15.99
C GLU A 56 1.64 -0.36 14.45
N ASP A 57 2.78 -0.12 13.76
CA ASP A 57 2.86 -0.22 12.29
C ASP A 57 2.94 -1.71 11.79
N GLN A 58 3.03 -2.69 12.76
CA GLN A 58 2.96 -4.16 12.52
C GLN A 58 1.50 -4.52 12.15
N VAL A 59 0.53 -3.94 12.92
CA VAL A 59 -0.96 -4.06 12.64
C VAL A 59 -1.29 -3.41 11.23
N LEU A 60 -0.64 -2.26 10.89
CA LEU A 60 -0.83 -1.64 9.55
C LEU A 60 0.05 -2.28 8.41
N TYR A 61 0.98 -3.16 8.77
CA TYR A 61 1.85 -3.89 7.82
C TYR A 61 1.77 -5.45 7.99
N GLN A 62 0.67 -5.95 8.59
CA GLN A 62 0.50 -7.43 8.86
C GLN A 62 -0.95 -7.96 8.71
N THR A 63 -1.98 -7.13 8.99
CA THR A 63 -3.44 -7.55 8.94
C THR A 63 -4.00 -7.73 7.48
N GLU A 64 -4.74 -8.87 7.26
CA GLU A 64 -5.28 -9.23 5.93
C GLU A 64 -6.81 -9.43 5.89
N ARG A 65 -7.42 -8.95 4.78
CA ARG A 65 -8.88 -9.05 4.53
C ARG A 65 -9.16 -10.04 3.37
N TYR A 66 -10.27 -10.81 3.51
CA TYR A 66 -10.67 -11.82 2.51
C TYR A 66 -11.92 -11.39 1.71
N ASN A 67 -11.81 -11.50 0.38
CA ASN A 67 -12.93 -11.15 -0.54
C ASN A 67 -13.28 -12.33 -1.48
N GLU A 68 -12.63 -12.42 -2.67
CA GLU A 68 -12.90 -13.51 -3.62
C GLU A 68 -11.78 -13.67 -4.68
N ASP A 69 -11.78 -12.79 -5.71
CA ASP A 69 -10.81 -12.83 -6.85
C ASP A 69 -10.98 -11.56 -7.70
N SER A 70 -9.85 -10.79 -7.88
CA SER A 70 -9.81 -9.48 -8.66
C SER A 70 -10.53 -8.35 -7.91
N PHE A 71 -9.79 -7.67 -7.02
CA PHE A 71 -10.38 -6.60 -6.21
C PHE A 71 -9.44 -5.41 -6.04
N GLY A 72 -10.07 -4.22 -5.90
CA GLY A 72 -9.31 -2.98 -5.75
C GLY A 72 -10.07 -1.81 -5.11
N TYR A 73 -9.37 -0.68 -5.06
CA TYR A 73 -9.88 0.55 -4.43
C TYR A 73 -9.97 1.76 -5.41
N ASP A 74 -10.64 2.82 -4.92
CA ASP A 74 -10.86 4.08 -5.68
C ASP A 74 -10.36 5.33 -4.90
N ILE A 75 -9.58 6.19 -5.57
CA ILE A 75 -9.04 7.44 -4.98
C ILE A 75 -9.46 8.67 -5.85
N PRO A 76 -10.48 9.49 -5.45
CA PRO A 76 -10.87 10.69 -6.22
C PRO A 76 -10.03 11.97 -5.93
N ILE A 77 -9.32 12.47 -6.96
CA ILE A 77 -8.46 13.67 -6.84
C ILE A 77 -8.85 14.75 -7.92
N LYS A 78 -8.46 16.01 -7.61
CA LYS A 78 -8.71 17.17 -8.48
C LYS A 78 -7.56 18.22 -8.39
N GLU A 79 -6.34 17.78 -8.00
CA GLU A 79 -5.17 18.67 -7.90
C GLU A 79 -3.96 18.12 -8.66
N GLU A 80 -3.01 18.99 -8.98
CA GLU A 80 -1.81 18.59 -9.74
C GLU A 80 -0.48 18.84 -9.01
N GLY A 81 0.43 17.89 -9.21
CA GLY A 81 1.76 17.93 -8.63
C GLY A 81 2.43 16.55 -8.60
N GLU A 82 3.11 16.19 -7.48
CA GLU A 82 3.73 14.86 -7.41
C GLU A 82 3.08 14.00 -6.30
N TYR A 83 2.36 12.95 -6.71
CA TYR A 83 1.68 12.04 -5.77
C TYR A 83 2.43 10.73 -5.63
N VAL A 84 2.71 10.34 -4.38
CA VAL A 84 3.49 9.10 -4.11
C VAL A 84 2.58 8.03 -3.48
N LEU A 85 2.48 6.91 -4.20
CA LEU A 85 1.71 5.75 -3.79
C LEU A 85 2.64 4.61 -3.34
N VAL A 86 2.72 4.43 -2.02
CA VAL A 86 3.58 3.41 -1.37
C VAL A 86 2.66 2.34 -0.72
N LEU A 87 2.90 1.08 -1.07
CA LEU A 87 2.11 -0.05 -0.54
C LEU A 87 2.99 -1.16 0.04
N LYS A 88 2.59 -1.66 1.24
CA LYS A 88 3.32 -2.79 1.88
C LYS A 88 2.57 -4.12 1.66
N PHE A 89 3.24 -5.04 0.97
CA PHE A 89 2.67 -6.36 0.68
C PHE A 89 3.33 -7.45 1.56
N ALA A 90 2.48 -8.33 2.15
CA ALA A 90 2.97 -9.42 3.07
C ALA A 90 2.16 -10.76 2.88
N GLU A 91 2.83 -11.91 3.17
CA GLU A 91 2.21 -13.24 3.07
C GLU A 91 2.81 -14.20 4.14
N VAL A 92 1.94 -14.97 4.83
CA VAL A 92 2.40 -15.90 5.87
C VAL A 92 1.49 -17.19 5.96
N TYR A 93 1.82 -18.20 5.11
CA TYR A 93 1.09 -19.50 5.07
C TYR A 93 1.77 -20.50 4.10
N PHE A 94 2.12 -20.05 2.88
CA PHE A 94 2.75 -20.91 1.86
C PHE A 94 4.18 -20.43 1.51
N ALA A 95 5.11 -21.41 1.34
CA ALA A 95 6.52 -21.13 1.01
C ALA A 95 6.87 -21.64 -0.43
N GLN A 96 6.86 -20.69 -1.39
CA GLN A 96 7.17 -20.99 -2.80
C GLN A 96 7.62 -19.74 -3.59
N SER A 97 8.62 -19.94 -4.47
CA SER A 97 9.18 -18.87 -5.33
C SER A 97 9.04 -19.20 -6.83
N GLN A 98 8.51 -18.20 -7.61
CA GLN A 98 8.27 -18.26 -9.11
C GLN A 98 6.95 -19.02 -9.51
N GLN A 99 6.08 -19.32 -8.52
CA GLN A 99 4.79 -20.01 -8.75
C GLN A 99 3.58 -19.13 -8.35
N LYS A 100 3.80 -18.17 -7.40
CA LYS A 100 2.76 -17.24 -6.93
C LYS A 100 3.05 -15.83 -7.50
N VAL A 101 2.68 -15.65 -8.78
CA VAL A 101 2.92 -14.40 -9.53
C VAL A 101 1.57 -13.64 -9.78
N PHE A 102 1.54 -12.37 -9.38
CA PHE A 102 0.33 -11.51 -9.46
C PHE A 102 0.49 -10.25 -10.37
N ASP A 103 -0.62 -9.51 -10.59
CA ASP A 103 -0.57 -8.25 -11.40
C ASP A 103 -1.06 -7.04 -10.57
N VAL A 104 -0.32 -5.91 -10.69
CA VAL A 104 -0.62 -4.66 -9.93
C VAL A 104 -0.79 -3.44 -10.92
N ARG A 105 -1.98 -2.77 -10.83
CA ARG A 105 -2.34 -1.63 -11.70
C ARG A 105 -2.66 -0.31 -10.94
N VAL A 106 -2.31 0.84 -11.59
CA VAL A 106 -2.55 2.23 -11.06
C VAL A 106 -3.24 3.06 -12.21
N ASN A 107 -4.56 3.39 -12.01
CA ASN A 107 -5.47 4.16 -12.95
C ASN A 107 -5.71 3.47 -14.33
N GLY A 108 -5.61 2.13 -14.37
CA GLY A 108 -5.79 1.37 -15.60
C GLY A 108 -4.47 0.84 -16.22
N HIS A 109 -3.32 1.43 -15.82
CA HIS A 109 -1.99 1.08 -16.31
C HIS A 109 -1.29 0.00 -15.45
N THR A 110 -0.35 -0.77 -16.04
CA THR A 110 0.40 -1.81 -15.27
C THR A 110 1.82 -1.35 -14.91
N VAL A 111 2.14 -1.45 -13.63
CA VAL A 111 3.45 -1.03 -13.09
C VAL A 111 4.22 -2.26 -12.54
N VAL A 112 3.57 -3.09 -11.67
CA VAL A 112 4.27 -4.28 -11.12
C VAL A 112 3.52 -5.57 -11.50
N LYS A 113 3.86 -6.12 -12.68
CA LYS A 113 3.30 -7.37 -13.17
C LYS A 113 4.34 -8.50 -13.07
N ASP A 114 3.91 -9.49 -12.27
CA ASP A 114 4.65 -10.72 -11.82
C ASP A 114 5.11 -10.48 -10.37
N LEU A 115 4.13 -10.26 -9.44
CA LEU A 115 4.44 -10.00 -8.02
C LEU A 115 4.55 -11.29 -7.19
N ASP A 116 5.80 -11.73 -7.04
CA ASP A 116 6.18 -12.87 -6.21
C ASP A 116 6.89 -12.33 -4.95
N ILE A 117 6.09 -12.22 -3.85
CA ILE A 117 6.53 -11.64 -2.54
C ILE A 117 7.61 -12.52 -1.77
N PHE A 118 7.58 -13.87 -1.95
CA PHE A 118 8.56 -14.81 -1.30
C PHE A 118 9.97 -14.75 -1.98
N ASP A 119 10.00 -14.66 -3.34
CA ASP A 119 11.24 -14.52 -4.16
C ASP A 119 11.91 -13.10 -4.06
N ARG A 120 11.09 -12.04 -3.76
CA ARG A 120 11.58 -10.65 -3.61
C ARG A 120 12.26 -10.35 -2.23
N VAL A 121 11.53 -10.56 -1.09
CA VAL A 121 12.15 -10.33 0.27
C VAL A 121 12.78 -11.61 0.93
N GLY A 122 12.14 -12.79 0.76
CA GLY A 122 12.68 -14.03 1.35
C GLY A 122 11.64 -14.82 2.14
N HIS A 123 11.86 -14.94 3.47
CA HIS A 123 10.93 -15.66 4.36
C HIS A 123 10.30 -14.69 5.37
N SER A 124 8.97 -14.42 5.16
CA SER A 124 8.14 -13.48 5.98
C SER A 124 8.50 -11.97 5.71
N THR A 125 8.82 -11.18 6.79
CA THR A 125 9.26 -9.71 6.72
C THR A 125 8.24 -8.73 6.02
N ALA A 126 8.71 -7.50 5.67
CA ALA A 126 7.87 -6.48 5.00
C ALA A 126 8.36 -6.17 3.55
N HIS A 127 7.43 -6.24 2.56
CA HIS A 127 7.73 -5.90 1.15
C HIS A 127 7.14 -4.52 0.82
N ASP A 128 7.88 -3.69 0.08
CA ASP A 128 7.43 -2.33 -0.23
C ASP A 128 7.82 -1.84 -1.64
N GLU A 129 6.82 -1.33 -2.36
CA GLU A 129 7.02 -0.74 -3.70
C GLU A 129 6.64 0.76 -3.70
N ILE A 130 7.59 1.58 -4.24
CA ILE A 130 7.47 3.07 -4.32
C ILE A 130 7.20 3.51 -5.78
N ILE A 131 5.97 4.03 -6.01
CA ILE A 131 5.51 4.48 -7.35
C ILE A 131 5.25 6.03 -7.36
N PRO A 132 6.25 6.93 -7.72
CA PRO A 132 6.01 8.40 -7.86
C PRO A 132 5.27 8.80 -9.17
N ILE A 133 4.17 9.53 -9.01
CA ILE A 133 3.29 9.96 -10.12
C ILE A 133 3.34 11.51 -10.30
N SER A 134 3.13 11.95 -11.55
CA SER A 134 3.12 13.39 -11.88
C SER A 134 1.96 13.76 -12.82
N ILE A 135 1.07 14.64 -12.31
CA ILE A 135 -0.09 15.16 -13.05
C ILE A 135 0.07 16.71 -13.20
N LYS A 136 0.00 17.18 -14.46
CA LYS A 136 0.12 18.62 -14.80
C LYS A 136 -0.89 19.02 -15.88
N LYS A 137 -1.74 20.03 -15.54
CA LYS A 137 -2.84 20.58 -16.43
C LYS A 137 -4.02 19.59 -16.70
N GLY A 138 -4.10 18.52 -15.87
CA GLY A 138 -5.12 17.48 -16.00
C GLY A 138 -4.65 16.21 -16.75
N LYS A 139 -3.31 16.02 -16.91
CA LYS A 139 -2.77 14.83 -17.60
C LYS A 139 -1.81 14.03 -16.70
N LEU A 140 -1.83 12.69 -16.85
CA LEU A 140 -1.02 11.79 -16.00
C LEU A 140 0.26 11.22 -16.67
N SER A 141 1.24 10.95 -15.80
CA SER A 141 2.52 10.34 -16.19
C SER A 141 2.94 9.29 -15.13
N VAL A 142 2.89 8.01 -15.52
CA VAL A 142 3.24 6.87 -14.62
C VAL A 142 4.59 6.17 -15.11
N GLN A 143 5.74 6.60 -14.51
CA GLN A 143 7.13 6.08 -14.80
C GLN A 143 7.64 6.44 -16.23
N GLY A 144 7.27 5.61 -17.22
CA GLY A 144 7.64 5.83 -18.62
C GLY A 144 6.43 5.82 -19.58
N GLU A 145 5.22 6.12 -19.03
CA GLU A 145 3.96 6.16 -19.81
C GLU A 145 3.24 7.51 -19.64
N VAL A 146 2.56 7.93 -20.71
CA VAL A 146 1.82 9.20 -20.71
C VAL A 146 0.32 8.99 -21.21
N SER A 147 -0.62 9.44 -20.37
CA SER A 147 -2.06 9.35 -20.65
C SER A 147 -2.81 10.53 -20.01
N THR A 148 -4.15 10.53 -20.11
CA THR A 148 -4.95 11.63 -19.49
C THR A 148 -5.66 11.19 -18.17
N PHE A 149 -5.64 12.09 -17.16
CA PHE A 149 -6.29 11.88 -15.84
C PHE A 149 -7.78 12.29 -15.88
N THR A 150 -8.68 11.34 -15.54
CA THR A 150 -10.13 11.65 -15.55
C THR A 150 -10.84 11.25 -14.21
N GLY A 151 -10.88 12.23 -13.27
CA GLY A 151 -11.58 12.09 -11.97
C GLY A 151 -10.90 11.26 -10.85
N LYS A 152 -10.71 9.96 -11.08
CA LYS A 152 -10.16 9.07 -10.04
C LYS A 152 -8.99 8.18 -10.54
N LEU A 153 -8.20 7.75 -9.52
CA LEU A 153 -7.03 6.83 -9.67
C LEU A 153 -7.42 5.43 -9.16
N SER A 154 -6.96 4.34 -9.83
CA SER A 154 -7.37 2.99 -9.38
C SER A 154 -6.21 2.04 -9.03
N VAL A 155 -6.44 1.23 -8.00
CA VAL A 155 -5.45 0.19 -7.59
C VAL A 155 -6.15 -1.19 -7.69
N GLU A 156 -5.93 -1.87 -8.82
CA GLU A 156 -6.56 -3.17 -9.07
C GLU A 156 -5.55 -4.30 -9.24
N PHE A 157 -5.70 -5.33 -8.40
CA PHE A 157 -4.81 -6.49 -8.49
C PHE A 157 -5.59 -7.76 -8.89
N VAL A 158 -5.00 -8.42 -9.90
CA VAL A 158 -5.55 -9.65 -10.55
C VAL A 158 -4.78 -10.92 -10.07
N LYS A 159 -5.56 -12.02 -9.94
CA LYS A 159 -5.10 -13.36 -9.48
C LYS A 159 -4.48 -14.25 -10.60
N GLY A 160 -3.53 -15.11 -10.20
CA GLY A 160 -2.87 -16.03 -11.14
C GLY A 160 -3.41 -17.47 -11.10
N TYR A 161 -3.41 -18.09 -9.90
CA TYR A 161 -3.92 -19.47 -9.72
C TYR A 161 -4.95 -19.56 -8.57
N TYR A 162 -4.47 -19.73 -7.32
CA TYR A 162 -5.34 -19.81 -6.12
C TYR A 162 -4.76 -18.92 -5.01
N ASP A 163 -5.57 -17.92 -4.53
CA ASP A 163 -5.18 -16.90 -3.48
C ASP A 163 -4.50 -15.69 -4.12
N ASN A 164 -4.91 -14.50 -3.63
CA ASN A 164 -4.37 -13.20 -4.08
C ASN A 164 -3.08 -12.82 -3.24
N PRO A 165 -2.50 -11.54 -3.28
CA PRO A 165 -1.29 -11.17 -2.44
C PRO A 165 -1.47 -11.29 -0.90
N LYS A 166 -2.77 -11.39 -0.48
CA LYS A 166 -3.22 -11.59 0.94
C LYS A 166 -3.23 -10.29 1.80
N VAL A 167 -2.03 -9.69 2.07
CA VAL A 167 -1.93 -8.43 2.88
C VAL A 167 -1.59 -7.23 1.95
N CYS A 168 -2.38 -6.13 2.14
CA CYS A 168 -2.24 -4.88 1.38
C CYS A 168 -2.30 -3.64 2.30
N ALA A 169 -1.21 -2.85 2.28
CA ALA A 169 -1.00 -1.64 3.15
C ALA A 169 -0.92 -0.27 2.40
N LEU A 170 -1.91 0.00 1.49
CA LEU A 170 -2.05 1.28 0.70
C LEU A 170 -1.79 2.61 1.48
N PHE A 171 -0.99 3.48 0.89
CA PHE A 171 -0.64 4.76 1.49
C PHE A 171 -0.36 5.81 0.39
N ILE A 172 -1.34 6.71 0.10
CA ILE A 172 -1.09 7.78 -0.88
C ILE A 172 -1.03 9.19 -0.18
N MET A 173 0.12 9.83 -0.37
CA MET A 173 0.39 11.17 0.18
C MET A 173 0.77 12.18 -0.93
N LYS A 174 0.53 13.48 -0.66
CA LYS A 174 0.70 14.53 -1.64
C LYS A 174 1.95 15.47 -1.55
N GLY A 175 2.34 15.86 -2.77
CA GLY A 175 3.35 16.87 -3.11
C GLY A 175 4.74 16.44 -3.64
N THR A 176 5.42 15.39 -3.08
CA THR A 176 6.80 14.96 -3.56
C THR A 176 7.34 13.71 -2.81
N ALA A 177 8.32 13.01 -3.50
CA ALA A 177 9.04 11.81 -2.97
C ALA A 177 10.15 12.14 -1.90
N ASP A 178 10.55 13.44 -1.78
CA ASP A 178 11.56 13.91 -0.78
C ASP A 178 10.95 14.28 0.62
N ASP A 179 9.61 14.11 0.78
CA ASP A 179 8.89 14.41 2.05
C ASP A 179 8.45 13.13 2.83
N VAL A 180 8.66 11.93 2.25
CA VAL A 180 8.33 10.60 2.88
C VAL A 180 9.55 10.00 3.67
N PRO A 181 9.68 10.25 5.03
CA PRO A 181 10.80 9.70 5.85
C PRO A 181 10.49 8.34 6.52
N MET A 182 11.54 7.53 6.71
CA MET A 182 11.43 6.20 7.33
C MET A 182 12.55 5.96 8.35
N LEU A 183 12.16 5.72 9.61
CA LEU A 183 13.11 5.48 10.71
C LEU A 183 12.76 4.21 11.53
N GLN A 184 13.75 3.75 12.31
CA GLN A 184 13.62 2.57 13.20
C GLN A 184 13.54 3.00 14.70
N PRO A 185 13.03 2.13 15.66
CA PRO A 185 12.93 2.50 17.12
C PRO A 185 14.29 2.67 17.83
N HIS A 186 14.49 3.87 18.39
CA HIS A 186 15.72 4.18 19.09
C HIS A 186 15.43 4.92 20.45
N PRO A 187 16.08 4.51 21.60
CA PRO A 187 15.90 5.17 22.94
C PRO A 187 16.82 6.41 23.16
N GLY A 188 17.07 6.73 24.45
CA GLY A 188 17.95 7.84 24.78
C GLY A 188 17.91 8.21 26.25
N LEU A 189 18.97 7.83 26.99
CA LEU A 189 19.09 8.11 28.43
C LEU A 189 20.31 8.98 28.75
N GLU A 190 20.04 10.25 29.12
CA GLU A 190 21.09 11.22 29.47
C GLU A 190 20.75 11.98 30.76
C2 BGC B . -6.18 -25.48 2.41
C3 BGC B . -5.68 -23.97 2.53
C4 BGC B . -6.42 -23.17 3.70
C5 BGC B . -6.25 -23.99 5.07
C6 BGC B . -7.03 -23.40 6.28
C1 BGC B . -6.14 -26.14 3.82
O1 BGC B . -6.76 -27.39 3.82
O2 BGC B . -5.33 -26.21 1.52
O3 BGC B . -5.93 -23.32 1.29
O4 BGC B . -5.83 -21.81 3.82
O5 BGC B . -6.88 -25.31 4.81
O6 BGC B . -7.72 -24.34 7.10
H2 BGC B . -7.22 -25.49 2.06
H3 BGC B . -4.61 -23.97 2.75
H4 BGC B . -7.49 -23.14 3.46
H5 BGC B . -5.25 -24.31 5.38
H61 BGC B . -7.67 -22.60 5.94
H62 BGC B . -6.27 -22.86 6.90
H1 BGC B . -5.11 -26.28 4.19
HO1 BGC B . -7.55 -27.35 3.28
HO2 BGC B . -5.73 -27.06 1.33
HO3 BGC B . -5.18 -22.78 1.05
HO6 BGC B . -8.52 -24.60 6.66
C1 GLC B . -6.68 -20.68 3.49
C2 GLC B . -5.89 -19.56 2.72
C3 GLC B . -4.86 -18.83 3.70
C4 GLC B . -5.52 -18.38 5.07
C5 GLC B . -6.26 -19.61 5.76
C6 GLC B . -7.10 -19.28 7.02
O2 GLC B . -5.13 -20.15 1.66
O3 GLC B . -4.35 -17.68 3.03
O4 GLC B . -4.52 -17.85 5.94
O5 GLC B . -7.24 -20.09 4.74
O6 GLC B . -8.36 -19.93 7.13
H1 GLC B . -7.54 -21.03 2.90
H2 GLC B . -6.62 -18.82 2.35
H3 GLC B . -4.05 -19.53 3.94
H4 GLC B . -6.28 -17.61 4.83
H5 GLC B . -5.69 -20.55 5.90
H61 GLC B . -7.19 -18.20 7.12
H62 GLC B . -6.47 -19.55 7.90
HO2 GLC B . -4.54 -19.49 1.29
HO3 GLC B . -4.77 -16.90 3.37
HO4 GLC B . -3.65 -18.10 5.60
HO6 GLC B . -8.25 -20.85 6.88
N GLY A 1 17.27 25.45 6.51
CA GLY A 1 15.89 25.18 5.99
C GLY A 1 15.44 23.76 6.25
N ALA A 2 14.60 23.59 7.30
CA ALA A 2 14.05 22.26 7.70
C ALA A 2 12.52 22.16 7.43
N MET A 3 12.11 21.03 6.79
CA MET A 3 10.71 20.78 6.46
C MET A 3 10.26 19.38 6.92
N SER A 4 9.34 19.36 7.90
CA SER A 4 8.80 18.10 8.46
C SER A 4 7.27 18.18 8.64
N GLY A 5 6.55 17.42 7.80
CA GLY A 5 5.10 17.40 7.87
C GLY A 5 4.48 16.36 6.93
N LEU A 6 4.30 15.13 7.44
CA LEU A 6 3.71 14.00 6.67
C LEU A 6 2.15 13.93 6.77
N ALA A 7 1.62 14.09 8.02
CA ALA A 7 0.15 14.14 8.36
C ALA A 7 -0.67 15.30 7.66
N ASP A 8 0.05 16.39 7.26
CA ASP A 8 -0.55 17.56 6.54
C ASP A 8 -0.63 17.37 4.98
N LYS A 9 0.06 16.33 4.44
CA LYS A 9 0.06 16.04 2.99
C LYS A 9 -0.81 14.82 2.60
N VAL A 10 -1.10 13.86 3.56
CA VAL A 10 -1.99 12.65 3.30
C VAL A 10 -3.44 13.00 2.76
N ILE A 11 -3.87 12.22 1.74
CA ILE A 11 -5.22 12.41 1.15
C ILE A 11 -6.05 11.10 1.21
N TRP A 12 -5.39 9.92 1.20
CA TRP A 12 -6.07 8.62 1.21
C TRP A 12 -5.10 7.48 1.62
N ALA A 13 -5.39 6.78 2.75
CA ALA A 13 -4.53 5.64 3.23
C ALA A 13 -5.39 4.48 3.77
N VAL A 14 -5.09 3.24 3.28
CA VAL A 14 -5.83 2.02 3.72
C VAL A 14 -4.82 0.88 4.06
N ASN A 15 -4.93 0.36 5.28
CA ASN A 15 -4.07 -0.77 5.74
C ASN A 15 -4.96 -2.00 5.96
N ALA A 16 -5.16 -2.79 4.87
CA ALA A 16 -6.08 -3.97 4.83
C ALA A 16 -5.60 -5.24 5.61
N GLY A 17 -6.40 -5.52 6.68
CA GLY A 17 -6.20 -6.64 7.59
C GLY A 17 -6.71 -6.40 9.03
N GLY A 18 -6.38 -5.21 9.59
CA GLY A 18 -6.76 -4.82 10.97
C GLY A 18 -8.09 -4.07 11.07
N GLU A 19 -8.04 -2.86 11.67
CA GLU A 19 -9.19 -1.95 11.83
C GLU A 19 -8.67 -0.58 12.32
N SER A 20 -8.78 0.46 11.45
CA SER A 20 -8.35 1.90 11.69
C SER A 20 -6.99 2.12 12.45
N HIS A 21 -5.87 2.37 11.74
CA HIS A 21 -4.57 2.55 12.46
C HIS A 21 -3.82 3.84 12.12
N VAL A 22 -3.40 4.54 13.19
CA VAL A 22 -2.60 5.78 13.10
C VAL A 22 -1.11 5.49 13.50
N ASP A 23 -0.22 5.64 12.49
CA ASP A 23 1.24 5.43 12.67
C ASP A 23 1.97 6.66 13.24
N VAL A 24 3.19 6.39 13.79
CA VAL A 24 4.15 7.36 14.52
C VAL A 24 4.40 8.78 13.89
N HIS A 25 4.21 8.93 12.57
CA HIS A 25 4.33 10.25 11.89
C HIS A 25 2.95 10.99 11.86
N GLY A 26 1.87 10.17 11.83
CA GLY A 26 0.48 10.64 11.85
C GLY A 26 -0.34 10.23 10.63
N ILE A 27 -0.16 8.97 10.18
CA ILE A 27 -0.90 8.43 9.02
C ILE A 27 -1.97 7.39 9.51
N HIS A 28 -3.25 7.61 9.15
CA HIS A 28 -4.35 6.74 9.59
C HIS A 28 -5.05 5.92 8.47
N TYR A 29 -5.19 4.59 8.71
CA TYR A 29 -5.92 3.66 7.80
C TYR A 29 -7.45 3.69 8.11
N ARG A 30 -8.24 3.72 7.01
CA ARG A 30 -9.72 3.77 7.04
C ARG A 30 -10.37 2.36 7.10
N LYS A 31 -10.81 1.99 8.33
CA LYS A 31 -11.50 0.71 8.76
C LYS A 31 -12.42 -0.02 7.72
N ASP A 32 -11.85 -1.09 7.05
CA ASP A 32 -12.55 -1.99 6.04
C ASP A 32 -13.45 -1.29 4.94
N PRO A 33 -12.86 -0.58 3.93
CA PRO A 33 -13.65 0.09 2.87
C PRO A 33 -13.73 -0.64 1.49
N LEU A 34 -13.38 -1.94 1.42
CA LEU A 34 -13.44 -2.70 0.15
C LEU A 34 -13.91 -4.17 0.32
N GLU A 35 -13.15 -4.97 1.11
CA GLU A 35 -13.44 -6.42 1.29
C GLU A 35 -14.39 -6.70 2.48
N GLY A 36 -15.70 -6.60 2.18
CA GLY A 36 -16.76 -6.83 3.16
C GLY A 36 -17.44 -5.54 3.65
N ARG A 37 -16.65 -4.40 3.72
CA ARG A 37 -17.05 -3.01 4.17
C ARG A 37 -17.90 -2.94 5.49
N VAL A 38 -17.35 -3.58 6.55
CA VAL A 38 -17.97 -3.64 7.91
C VAL A 38 -16.88 -3.52 9.03
N GLY A 39 -17.31 -3.57 10.32
CA GLY A 39 -16.38 -3.46 11.45
C GLY A 39 -15.93 -4.80 12.03
N ARG A 40 -14.93 -5.44 11.36
CA ARG A 40 -14.38 -6.74 11.79
C ARG A 40 -12.92 -6.92 11.31
N ALA A 41 -12.06 -7.44 12.22
CA ALA A 41 -10.62 -7.70 11.96
C ALA A 41 -10.35 -9.22 11.70
N SER A 42 -9.52 -9.50 10.68
CA SER A 42 -9.16 -10.87 10.31
C SER A 42 -7.68 -11.14 10.57
N ASP A 43 -7.41 -11.87 11.66
CA ASP A 43 -6.03 -12.22 12.07
C ASP A 43 -5.89 -13.75 12.20
N TYR A 44 -5.49 -14.42 11.09
CA TYR A 44 -5.29 -15.89 11.05
C TYR A 44 -3.82 -16.30 11.30
N GLY A 45 -2.87 -15.50 10.77
CA GLY A 45 -1.43 -15.74 10.98
C GLY A 45 -0.80 -14.62 11.82
N MET A 46 -1.21 -14.58 13.11
CA MET A 46 -0.75 -13.57 14.09
C MET A 46 0.48 -13.98 14.95
N LYS A 47 1.05 -15.19 14.72
CA LYS A 47 2.22 -15.68 15.46
C LYS A 47 3.52 -15.70 14.60
N LEU A 48 3.65 -14.69 13.71
CA LEU A 48 4.80 -14.51 12.81
C LEU A 48 4.94 -13.00 12.52
N PRO A 49 5.41 -12.17 13.52
CA PRO A 49 5.58 -10.67 13.38
C PRO A 49 6.62 -10.17 12.36
N ILE A 50 6.50 -8.87 11.97
CA ILE A 50 7.40 -8.21 11.02
C ILE A 50 8.63 -7.57 11.78
N LEU A 51 9.83 -7.87 11.25
CA LEU A 51 11.13 -7.44 11.83
C LEU A 51 11.70 -6.09 11.33
N ARG A 52 11.13 -5.50 10.25
CA ARG A 52 11.63 -4.21 9.72
C ARG A 52 10.77 -2.97 10.13
N SER A 53 9.80 -3.16 11.05
CA SER A 53 8.93 -2.07 11.54
C SER A 53 8.84 -2.02 13.10
N ASN A 54 7.89 -1.19 13.62
CA ASN A 54 7.63 -1.01 15.10
C ASN A 54 6.47 -1.97 15.55
N PRO A 55 6.00 -2.03 16.86
CA PRO A 55 4.83 -2.90 17.28
C PRO A 55 3.47 -2.39 16.71
N GLU A 56 3.34 -1.04 16.73
CA GLU A 56 2.18 -0.25 16.21
C GLU A 56 2.05 -0.37 14.66
N ASP A 57 3.19 -0.06 14.02
CA ASP A 57 3.36 -0.12 12.56
C ASP A 57 3.63 -1.56 12.02
N GLN A 58 3.59 -2.57 12.96
CA GLN A 58 3.69 -4.01 12.68
C GLN A 58 2.28 -4.53 12.35
N VAL A 59 1.26 -4.03 13.13
CA VAL A 59 -0.23 -4.31 12.92
C VAL A 59 -0.69 -3.74 11.52
N LEU A 60 -0.25 -2.50 11.14
CA LEU A 60 -0.61 -1.94 9.79
C LEU A 60 0.22 -2.60 8.65
N TYR A 61 1.55 -2.80 8.90
CA TYR A 61 2.50 -3.51 7.97
C TYR A 61 2.30 -5.07 7.97
N GLN A 62 1.34 -5.55 8.76
CA GLN A 62 1.01 -6.98 8.87
C GLN A 62 -0.51 -7.20 8.75
N THR A 63 -1.13 -7.92 9.74
CA THR A 63 -2.58 -8.39 9.75
C THR A 63 -2.99 -9.20 8.43
N GLU A 64 -4.25 -9.09 7.90
CA GLU A 64 -4.64 -9.78 6.61
C GLU A 64 -6.14 -9.64 6.26
N ARG A 65 -6.38 -9.08 5.06
CA ARG A 65 -7.73 -8.89 4.49
C ARG A 65 -7.91 -9.71 3.18
N TYR A 66 -8.95 -10.57 3.12
CA TYR A 66 -9.19 -11.43 1.94
C TYR A 66 -10.68 -11.41 1.48
N ASN A 67 -10.89 -11.52 0.15
CA ASN A 67 -12.24 -11.52 -0.45
C ASN A 67 -12.44 -12.71 -1.44
N GLU A 68 -12.08 -12.53 -2.74
CA GLU A 68 -12.27 -13.59 -3.74
C GLU A 68 -11.23 -13.55 -4.89
N ASP A 69 -11.50 -12.76 -5.96
CA ASP A 69 -10.62 -12.68 -7.17
C ASP A 69 -10.91 -11.41 -7.98
N SER A 70 -9.84 -10.58 -8.26
CA SER A 70 -9.92 -9.29 -9.03
C SER A 70 -10.67 -8.18 -8.26
N PHE A 71 -9.94 -7.49 -7.36
CA PHE A 71 -10.56 -6.44 -6.52
C PHE A 71 -9.58 -5.29 -6.20
N GLY A 72 -10.16 -4.10 -5.96
CA GLY A 72 -9.34 -2.92 -5.64
C GLY A 72 -10.09 -1.64 -5.31
N TYR A 73 -9.31 -0.60 -5.02
CA TYR A 73 -9.87 0.69 -4.54
C TYR A 73 -10.00 1.84 -5.57
N ASP A 74 -10.63 2.92 -5.08
CA ASP A 74 -10.90 4.16 -5.82
C ASP A 74 -10.49 5.41 -5.00
N ILE A 75 -9.57 6.21 -5.56
CA ILE A 75 -9.07 7.46 -4.91
C ILE A 75 -9.54 8.70 -5.74
N PRO A 76 -10.50 9.55 -5.25
CA PRO A 76 -10.92 10.76 -5.98
C PRO A 76 -10.02 12.02 -5.73
N ILE A 77 -9.40 12.53 -6.80
CA ILE A 77 -8.48 13.71 -6.72
C ILE A 77 -8.91 14.84 -7.73
N LYS A 78 -8.44 16.06 -7.43
CA LYS A 78 -8.69 17.27 -8.23
C LYS A 78 -7.52 18.30 -8.12
N GLU A 79 -6.29 17.82 -7.75
CA GLU A 79 -5.12 18.69 -7.60
C GLU A 79 -3.91 18.14 -8.38
N GLU A 80 -2.95 19.02 -8.70
CA GLU A 80 -1.75 18.63 -9.46
C GLU A 80 -0.43 18.87 -8.71
N GLY A 81 0.49 17.94 -8.95
CA GLY A 81 1.82 17.98 -8.34
C GLY A 81 2.52 16.62 -8.41
N GLU A 82 3.16 16.19 -7.29
CA GLU A 82 3.81 14.86 -7.29
C GLU A 82 3.19 13.95 -6.22
N TYR A 83 2.41 12.96 -6.68
CA TYR A 83 1.73 12.01 -5.77
C TYR A 83 2.50 10.70 -5.68
N VAL A 84 2.77 10.28 -4.44
CA VAL A 84 3.57 9.05 -4.18
C VAL A 84 2.70 7.94 -3.57
N LEU A 85 2.69 6.77 -4.25
CA LEU A 85 1.94 5.60 -3.79
C LEU A 85 2.92 4.53 -3.26
N VAL A 86 2.92 4.40 -1.92
CA VAL A 86 3.78 3.44 -1.19
C VAL A 86 2.87 2.37 -0.54
N LEU A 87 3.20 1.10 -0.80
CA LEU A 87 2.43 -0.03 -0.23
C LEU A 87 3.33 -1.11 0.36
N LYS A 88 2.89 -1.68 1.49
CA LYS A 88 3.63 -2.79 2.12
C LYS A 88 2.87 -4.12 1.91
N PHE A 89 3.59 -5.07 1.29
CA PHE A 89 3.08 -6.41 1.02
C PHE A 89 3.76 -7.44 1.97
N ALA A 90 2.93 -8.36 2.51
CA ALA A 90 3.39 -9.44 3.43
C ALA A 90 2.84 -10.83 2.98
N GLU A 91 3.61 -11.90 3.34
CA GLU A 91 3.25 -13.30 3.04
C GLU A 91 3.23 -14.16 4.33
N VAL A 92 2.08 -14.80 4.60
CA VAL A 92 1.94 -15.63 5.82
C VAL A 92 1.17 -17.01 5.54
N TYR A 93 1.50 -17.67 4.41
CA TYR A 93 0.88 -18.96 4.03
C TYR A 93 1.70 -19.73 2.97
N PHE A 94 2.21 -19.03 1.93
CA PHE A 94 2.99 -19.67 0.84
C PHE A 94 4.44 -19.18 0.81
N ALA A 95 5.40 -20.14 0.99
CA ALA A 95 6.85 -19.84 0.96
C ALA A 95 7.54 -20.51 -0.27
N GLN A 96 7.51 -19.79 -1.41
CA GLN A 96 8.12 -20.25 -2.67
C GLN A 96 8.41 -19.07 -3.64
N SER A 97 9.31 -19.33 -4.61
CA SER A 97 9.72 -18.31 -5.60
C SER A 97 9.46 -18.77 -7.06
N GLN A 98 8.70 -17.91 -7.80
CA GLN A 98 8.29 -18.11 -9.25
C GLN A 98 7.16 -19.19 -9.41
N GLN A 99 6.04 -18.93 -8.72
CA GLN A 99 4.85 -19.79 -8.71
C GLN A 99 3.62 -18.97 -8.29
N LYS A 100 3.80 -18.09 -7.26
CA LYS A 100 2.74 -17.18 -6.78
C LYS A 100 3.07 -15.75 -7.26
N VAL A 101 2.68 -15.47 -8.52
CA VAL A 101 2.94 -14.19 -9.21
C VAL A 101 1.63 -13.36 -9.40
N PHE A 102 1.65 -12.13 -8.85
CA PHE A 102 0.47 -11.20 -8.85
C PHE A 102 0.60 -10.00 -9.82
N ASP A 103 -0.52 -9.32 -10.10
CA ASP A 103 -0.50 -8.10 -10.97
C ASP A 103 -1.04 -6.87 -10.21
N VAL A 104 -0.33 -5.73 -10.38
CA VAL A 104 -0.64 -4.45 -9.66
C VAL A 104 -0.81 -3.28 -10.72
N ARG A 105 -1.96 -2.55 -10.63
CA ARG A 105 -2.29 -1.43 -11.58
C ARG A 105 -2.67 -0.08 -10.91
N VAL A 106 -2.35 1.06 -11.61
CA VAL A 106 -2.71 2.44 -11.14
C VAL A 106 -3.41 3.29 -12.26
N ASN A 107 -4.74 3.62 -12.02
CA ASN A 107 -5.64 4.41 -12.97
C ASN A 107 -5.92 3.72 -14.34
N GLY A 108 -5.79 2.38 -14.35
CA GLY A 108 -5.94 1.61 -15.57
C GLY A 108 -4.60 1.10 -16.15
N HIS A 109 -3.47 1.71 -15.69
CA HIS A 109 -2.09 1.41 -16.11
C HIS A 109 -1.43 0.25 -15.31
N THR A 110 -0.20 -0.15 -15.70
CA THR A 110 0.52 -1.21 -14.96
C THR A 110 1.84 -0.71 -14.38
N VAL A 111 2.12 -1.17 -13.17
CA VAL A 111 3.33 -0.78 -12.41
C VAL A 111 4.15 -1.99 -11.93
N VAL A 112 3.52 -2.90 -11.14
CA VAL A 112 4.25 -4.09 -10.64
C VAL A 112 3.52 -5.37 -11.09
N LYS A 113 3.91 -5.85 -12.28
CA LYS A 113 3.37 -7.07 -12.89
C LYS A 113 4.34 -8.25 -12.68
N ASP A 114 3.79 -9.25 -11.99
CA ASP A 114 4.45 -10.51 -11.55
C ASP A 114 5.13 -10.33 -10.17
N LEU A 115 4.31 -10.03 -9.13
CA LEU A 115 4.81 -9.83 -7.76
C LEU A 115 4.96 -11.13 -6.96
N ASP A 116 6.23 -11.53 -6.82
CA ASP A 116 6.64 -12.69 -6.01
C ASP A 116 7.41 -12.16 -4.78
N ILE A 117 6.70 -12.06 -3.63
CA ILE A 117 7.22 -11.49 -2.33
C ILE A 117 8.45 -12.26 -1.72
N PHE A 118 8.52 -13.61 -1.92
CA PHE A 118 9.65 -14.46 -1.42
C PHE A 118 10.96 -14.29 -2.26
N ASP A 119 10.82 -14.13 -3.61
CA ASP A 119 11.96 -13.89 -4.55
C ASP A 119 12.54 -12.43 -4.46
N ARG A 120 11.72 -11.43 -4.03
CA ARG A 120 12.15 -10.01 -3.89
C ARG A 120 12.92 -9.74 -2.57
N VAL A 121 12.29 -10.01 -1.38
CA VAL A 121 13.02 -9.81 -0.07
C VAL A 121 13.84 -11.06 0.42
N GLY A 122 13.30 -12.29 0.23
CA GLY A 122 14.02 -13.52 0.65
C GLY A 122 13.41 -14.20 1.88
N HIS A 123 13.48 -13.52 3.03
CA HIS A 123 12.95 -14.00 4.32
C HIS A 123 11.65 -13.25 4.73
N SER A 124 11.00 -13.72 5.83
CA SER A 124 9.73 -13.11 6.33
C SER A 124 9.95 -11.83 7.19
N THR A 125 10.07 -10.69 6.47
CA THR A 125 10.28 -9.34 7.05
C THR A 125 9.27 -8.36 6.39
N ALA A 126 9.72 -7.17 5.89
CA ALA A 126 8.83 -6.21 5.22
C ALA A 126 9.13 -5.98 3.71
N HIS A 127 8.08 -6.08 2.84
CA HIS A 127 8.23 -5.76 1.40
C HIS A 127 7.52 -4.41 1.12
N ASP A 128 8.23 -3.49 0.45
CA ASP A 128 7.68 -2.15 0.17
C ASP A 128 8.12 -1.59 -1.19
N GLU A 129 7.13 -1.15 -1.97
CA GLU A 129 7.36 -0.54 -3.29
C GLU A 129 6.99 0.97 -3.28
N ILE A 130 7.97 1.77 -3.76
CA ILE A 130 7.84 3.25 -3.86
C ILE A 130 7.72 3.67 -5.35
N ILE A 131 6.52 4.15 -5.73
CA ILE A 131 6.25 4.54 -7.13
C ILE A 131 5.72 6.01 -7.24
N PRO A 132 6.57 7.04 -7.64
CA PRO A 132 6.11 8.46 -7.85
C PRO A 132 5.28 8.70 -9.14
N ILE A 133 4.30 9.60 -9.01
CA ILE A 133 3.37 9.99 -10.10
C ILE A 133 3.40 11.55 -10.27
N SER A 134 3.21 12.03 -11.52
CA SER A 134 3.20 13.48 -11.78
C SER A 134 2.02 13.89 -12.69
N ILE A 135 1.13 14.73 -12.12
CA ILE A 135 -0.06 15.28 -12.81
C ILE A 135 0.12 16.83 -12.97
N LYS A 136 -0.03 17.31 -14.22
CA LYS A 136 0.10 18.75 -14.56
C LYS A 136 -0.98 19.16 -15.57
N LYS A 137 -1.80 20.20 -15.19
CA LYS A 137 -2.94 20.77 -16.01
C LYS A 137 -4.16 19.81 -16.22
N GLY A 138 -4.20 18.74 -15.42
CA GLY A 138 -5.25 17.70 -15.50
C GLY A 138 -4.85 16.42 -16.26
N LYS A 139 -3.53 16.22 -16.52
CA LYS A 139 -3.04 15.02 -17.22
C LYS A 139 -2.03 14.22 -16.38
N LEU A 140 -2.06 12.89 -16.52
CA LEU A 140 -1.22 11.98 -15.72
C LEU A 140 0.02 11.45 -16.48
N SER A 141 1.09 11.25 -15.70
CA SER A 141 2.36 10.72 -16.20
C SER A 141 2.89 9.62 -15.25
N VAL A 142 2.88 8.37 -15.74
CA VAL A 142 3.34 7.19 -14.97
C VAL A 142 4.68 6.61 -15.61
N GLN A 143 5.86 7.08 -15.08
CA GLN A 143 7.25 6.66 -15.53
C GLN A 143 7.59 7.13 -16.98
N GLY A 144 7.16 6.32 -17.97
CA GLY A 144 7.36 6.63 -19.39
C GLY A 144 6.09 6.49 -20.26
N GLU A 145 4.90 6.65 -19.62
CA GLU A 145 3.60 6.57 -20.32
C GLU A 145 2.70 7.75 -19.92
N VAL A 146 2.34 8.58 -20.91
CA VAL A 146 1.51 9.78 -20.67
C VAL A 146 0.01 9.58 -21.18
N SER A 147 -0.94 9.96 -20.31
CA SER A 147 -2.38 9.87 -20.59
C SER A 147 -3.14 11.01 -19.86
N THR A 148 -4.47 11.01 -19.94
CA THR A 148 -5.29 12.04 -19.27
C THR A 148 -5.95 11.54 -17.94
N PHE A 149 -5.92 12.41 -16.90
CA PHE A 149 -6.55 12.13 -15.57
C PHE A 149 -8.04 12.54 -15.58
N THR A 150 -8.93 11.58 -15.29
CA THR A 150 -10.38 11.90 -15.27
C THR A 150 -11.09 11.42 -13.95
N GLY A 151 -11.15 12.35 -12.97
CA GLY A 151 -11.83 12.15 -11.68
C GLY A 151 -11.13 11.31 -10.58
N LYS A 152 -10.89 10.02 -10.83
CA LYS A 152 -10.31 9.12 -9.83
C LYS A 152 -9.14 8.25 -10.34
N LEU A 153 -8.33 7.80 -9.35
CA LEU A 153 -7.18 6.89 -9.55
C LEU A 153 -7.54 5.48 -9.05
N SER A 154 -7.11 4.42 -9.75
CA SER A 154 -7.50 3.07 -9.30
C SER A 154 -6.32 2.11 -9.03
N VAL A 155 -6.48 1.30 -7.97
CA VAL A 155 -5.47 0.26 -7.61
C VAL A 155 -6.16 -1.11 -7.75
N GLU A 156 -5.90 -1.80 -8.88
CA GLU A 156 -6.53 -3.09 -9.17
C GLU A 156 -5.51 -4.24 -9.17
N PHE A 157 -5.80 -5.27 -8.38
CA PHE A 157 -4.93 -6.46 -8.29
C PHE A 157 -5.65 -7.69 -8.87
N VAL A 158 -4.96 -8.32 -9.86
CA VAL A 158 -5.47 -9.51 -10.61
C VAL A 158 -4.70 -10.81 -10.20
N LYS A 159 -5.45 -11.93 -10.17
CA LYS A 159 -4.96 -13.29 -9.79
C LYS A 159 -4.15 -14.02 -10.90
N GLY A 160 -3.20 -14.87 -10.45
CA GLY A 160 -2.35 -15.65 -11.36
C GLY A 160 -2.65 -17.16 -11.32
N TYR A 161 -2.64 -17.74 -10.10
CA TYR A 161 -2.91 -19.18 -9.89
C TYR A 161 -3.99 -19.40 -8.80
N TYR A 162 -3.84 -18.75 -7.63
CA TYR A 162 -4.79 -18.88 -6.52
C TYR A 162 -5.10 -17.52 -5.83
N ASP A 163 -4.05 -16.71 -5.53
CA ASP A 163 -4.21 -15.39 -4.86
C ASP A 163 -3.84 -14.20 -5.79
N ASN A 164 -4.33 -13.01 -5.43
CA ASN A 164 -4.09 -11.75 -6.22
C ASN A 164 -3.36 -10.69 -5.38
N PRO A 165 -3.84 -10.33 -4.14
CA PRO A 165 -3.15 -9.36 -3.27
C PRO A 165 -2.37 -9.98 -2.08
N LYS A 166 -3.11 -10.72 -1.21
CA LYS A 166 -2.62 -11.41 0.03
C LYS A 166 -2.69 -10.45 1.26
N VAL A 167 -1.52 -9.92 1.76
CA VAL A 167 -1.56 -8.93 2.88
C VAL A 167 -1.25 -7.52 2.30
N CYS A 168 -2.06 -6.49 2.70
CA CYS A 168 -1.91 -5.16 2.12
C CYS A 168 -1.87 -3.99 3.12
N ALA A 169 -0.94 -3.05 2.85
CA ALA A 169 -0.67 -1.84 3.67
C ALA A 169 -0.63 -0.46 2.87
N LEU A 170 -1.63 -0.22 1.96
CA LEU A 170 -1.80 1.02 1.09
C LEU A 170 -1.59 2.40 1.80
N PHE A 171 -0.87 3.31 1.11
CA PHE A 171 -0.57 4.65 1.63
C PHE A 171 -0.33 5.66 0.48
N ILE A 172 -1.30 6.58 0.20
CA ILE A 172 -1.08 7.64 -0.81
C ILE A 172 -1.04 9.07 -0.17
N MET A 173 0.09 9.75 -0.40
CA MET A 173 0.32 11.11 0.11
C MET A 173 0.68 12.08 -1.05
N LYS A 174 0.63 13.40 -0.80
CA LYS A 174 0.86 14.37 -1.89
C LYS A 174 2.01 15.40 -1.72
N GLY A 175 2.41 15.84 -2.91
CA GLY A 175 3.38 16.90 -3.18
C GLY A 175 4.80 16.52 -3.64
N THR A 176 5.45 15.45 -3.07
CA THR A 176 6.85 15.05 -3.48
C THR A 176 7.34 13.78 -2.75
N ALA A 177 8.37 13.12 -3.38
CA ALA A 177 9.07 11.90 -2.85
C ALA A 177 10.13 12.20 -1.72
N ASP A 178 10.51 13.50 -1.55
CA ASP A 178 11.47 13.96 -0.49
C ASP A 178 10.77 14.30 0.88
N ASP A 179 9.44 14.09 0.97
CA ASP A 179 8.62 14.34 2.18
C ASP A 179 8.24 13.06 2.97
N VAL A 180 8.51 11.86 2.38
CA VAL A 180 8.22 10.52 3.02
C VAL A 180 9.47 9.96 3.81
N PRO A 181 9.63 10.26 5.16
CA PRO A 181 10.76 9.74 5.96
C PRO A 181 10.48 8.44 6.75
N MET A 182 11.53 7.63 6.94
CA MET A 182 11.44 6.35 7.68
C MET A 182 12.59 6.22 8.69
N LEU A 183 12.28 6.49 9.96
CA LEU A 183 13.28 6.42 11.06
C LEU A 183 12.73 5.73 12.33
N GLN A 184 13.65 5.50 13.27
CA GLN A 184 13.35 4.88 14.59
C GLN A 184 13.56 5.91 15.74
N PRO A 185 12.95 5.70 16.97
CA PRO A 185 13.11 6.67 18.12
C PRO A 185 14.51 6.68 18.76
N HIS A 186 15.13 7.87 18.72
CA HIS A 186 16.48 8.10 19.25
C HIS A 186 16.56 9.43 20.07
N PRO A 187 17.37 9.51 21.18
CA PRO A 187 17.53 10.77 22.00
C PRO A 187 18.65 11.71 21.47
N GLY A 188 19.22 12.52 22.38
CA GLY A 188 20.32 13.40 22.00
C GLY A 188 20.70 14.38 23.10
N LEU A 189 21.60 13.94 24.00
CA LEU A 189 22.08 14.77 25.12
C LEU A 189 23.60 15.00 25.06
N GLU A 190 24.00 16.27 24.90
CA GLU A 190 25.42 16.66 24.82
C GLU A 190 25.73 17.82 25.78
C2 BGC B . -6.30 -22.90 -0.45
C3 BGC B . -5.72 -21.55 0.17
C4 BGC B . -6.50 -21.08 1.48
C5 BGC B . -6.56 -22.30 2.53
C6 BGC B . -7.43 -22.05 3.79
C1 BGC B . -6.46 -23.97 0.67
O1 BGC B . -7.16 -25.08 0.22
O2 BGC B . -5.42 -23.39 -1.46
O3 BGC B . -5.80 -20.53 -0.81
O4 BGC B . -5.84 -19.90 2.08
O5 BGC B . -7.23 -23.41 1.81
O6 BGC B . -8.24 -23.13 4.21
H2 BGC B . -7.30 -22.69 -0.86
H3 BGC B . -4.67 -21.73 0.47
H4 BGC B . -7.55 -20.87 1.18
H5 BGC B . -5.61 -22.79 2.81
H61 BGC B . -8.01 -21.14 3.65
H62 BGC B . -6.73 -21.78 4.60
H1 BGC B . -5.49 -24.31 1.06
HO1 BGC B . -7.54 -25.54 0.98
HO2 BGC B . -5.85 -24.09 -1.94
HO3 BGC B . -4.98 -20.02 -0.80
HO6 BGC B . -9.01 -23.20 3.64
C1 GLC B . -6.54 -18.63 2.02
C2 GLC B . -5.57 -17.40 1.79
C3 GLC B . -4.70 -17.14 3.10
C4 GLC B . -5.56 -17.07 4.43
C5 GLC B . -6.48 -18.37 4.54
C6 GLC B . -7.52 -18.35 5.71
O2 GLC B . -4.66 -17.70 0.72
O3 GLC B . -4.01 -15.89 2.93
O4 GLC B . -4.70 -16.96 5.56
O5 GLC B . -7.29 -18.39 3.29
O6 GLC B . -8.80 -18.89 5.40
H1 GLC B . -7.30 -18.68 1.22
H2 GLC B . -6.17 -16.51 1.57
H3 GLC B . -3.97 -17.96 3.22
H4 GLC B . -6.23 -16.19 4.34
H5 GLC B . -5.99 -19.35 4.48
H61 GLC B . -7.59 -17.34 6.11
H62 GLC B . -7.06 -18.93 6.53
HO2 GLC B . -5.12 -17.71 -0.11
HO3 GLC B . -4.02 -15.65 2.01
HO4 GLC B . -4.72 -16.07 5.89
HO6 GLC B . -8.69 -19.69 4.90
N GLY A 1 17.86 24.25 7.25
CA GLY A 1 16.84 23.71 6.31
C GLY A 1 16.19 22.44 6.83
N ALA A 2 15.17 22.60 7.70
CA ALA A 2 14.43 21.46 8.30
C ALA A 2 12.96 21.40 7.78
N MET A 3 12.57 20.20 7.30
CA MET A 3 11.21 19.96 6.77
C MET A 3 10.62 18.64 7.29
N SER A 4 9.59 18.76 8.14
CA SER A 4 8.92 17.58 8.75
C SER A 4 7.40 17.79 8.84
N GLY A 5 6.66 16.94 8.11
CA GLY A 5 5.19 17.00 8.11
C GLY A 5 4.55 15.99 7.17
N LEU A 6 4.30 14.77 7.70
CA LEU A 6 3.67 13.65 6.92
C LEU A 6 2.11 13.65 6.98
N ALA A 7 1.56 13.77 8.23
CA ALA A 7 0.08 13.86 8.53
C ALA A 7 -0.67 15.08 7.88
N ASP A 8 0.09 16.17 7.52
CA ASP A 8 -0.45 17.38 6.86
C ASP A 8 -0.53 17.27 5.30
N LYS A 9 0.13 16.23 4.70
CA LYS A 9 0.11 16.03 3.23
C LYS A 9 -0.74 14.82 2.78
N VAL A 10 -1.07 13.83 3.70
CA VAL A 10 -1.96 12.64 3.36
C VAL A 10 -3.39 13.01 2.78
N ILE A 11 -3.82 12.24 1.76
CA ILE A 11 -5.16 12.43 1.15
C ILE A 11 -6.02 11.15 1.22
N TRP A 12 -5.37 9.95 1.23
CA TRP A 12 -6.10 8.66 1.26
C TRP A 12 -5.16 7.48 1.64
N ALA A 13 -5.46 6.75 2.76
CA ALA A 13 -4.63 5.58 3.21
C ALA A 13 -5.53 4.39 3.70
N VAL A 14 -5.27 3.15 3.19
CA VAL A 14 -6.10 1.95 3.57
C VAL A 14 -5.26 0.64 3.82
N ASN A 15 -5.58 -0.08 4.93
CA ASN A 15 -5.01 -1.42 5.24
C ASN A 15 -6.17 -2.44 5.22
N ALA A 16 -6.24 -3.27 4.15
CA ALA A 16 -7.29 -4.30 3.99
C ALA A 16 -7.01 -5.57 4.87
N GLY A 17 -7.80 -5.68 5.96
CA GLY A 17 -7.65 -6.79 6.91
C GLY A 17 -8.37 -6.62 8.24
N GLY A 18 -8.22 -5.44 8.88
CA GLY A 18 -8.83 -5.17 10.19
C GLY A 18 -9.86 -4.06 10.16
N GLU A 19 -9.62 -2.96 10.94
CA GLU A 19 -10.52 -1.80 10.95
C GLU A 19 -9.89 -0.57 11.66
N SER A 20 -9.71 0.53 10.87
CA SER A 20 -9.15 1.89 11.28
C SER A 20 -7.84 1.92 12.12
N HIS A 21 -6.72 2.42 11.54
CA HIS A 21 -5.47 2.52 12.32
C HIS A 21 -4.60 3.75 11.98
N VAL A 22 -4.08 4.38 13.06
CA VAL A 22 -3.17 5.55 12.95
C VAL A 22 -1.71 5.12 13.26
N ASP A 23 -0.85 5.31 12.26
CA ASP A 23 0.60 5.01 12.33
C ASP A 23 1.38 6.17 13.06
N VAL A 24 2.58 5.82 13.61
CA VAL A 24 3.53 6.71 14.42
C VAL A 24 3.79 8.20 13.96
N HIS A 25 3.67 8.48 12.65
CA HIS A 25 3.83 9.86 12.11
C HIS A 25 2.45 10.59 11.99
N GLY A 26 1.36 9.79 12.05
CA GLY A 26 -0.01 10.26 11.98
C GLY A 26 -0.74 9.91 10.68
N ILE A 27 -0.55 8.66 10.19
CA ILE A 27 -1.20 8.19 8.95
C ILE A 27 -2.35 7.18 9.31
N HIS A 28 -3.59 7.55 8.94
CA HIS A 28 -4.80 6.77 9.29
C HIS A 28 -5.43 5.96 8.14
N TYR A 29 -5.78 4.69 8.47
CA TYR A 29 -6.51 3.77 7.54
C TYR A 29 -8.04 3.83 7.82
N ARG A 30 -8.82 3.85 6.71
CA ARG A 30 -10.30 3.94 6.72
C ARG A 30 -10.99 2.55 6.51
N LYS A 31 -11.56 2.01 7.61
CA LYS A 31 -12.32 0.70 7.75
C LYS A 31 -13.09 0.10 6.53
N ASP A 32 -12.58 -1.09 6.06
CA ASP A 32 -13.15 -1.96 4.93
C ASP A 32 -13.89 -1.25 3.74
N PRO A 33 -13.21 -0.32 3.01
CA PRO A 33 -13.83 0.44 1.89
C PRO A 33 -13.60 -0.14 0.45
N LEU A 34 -13.87 -1.45 0.29
CA LEU A 34 -13.73 -2.13 -1.03
C LEU A 34 -15.03 -2.80 -1.51
N GLU A 35 -15.45 -3.89 -0.81
CA GLU A 35 -16.65 -4.66 -1.21
C GLU A 35 -17.83 -4.48 -0.25
N GLY A 36 -18.73 -3.56 -0.63
CA GLY A 36 -19.93 -3.24 0.16
C GLY A 36 -19.85 -1.92 0.96
N ARG A 37 -18.59 -1.54 1.39
CA ARG A 37 -18.26 -0.29 2.17
C ARG A 37 -18.82 -0.32 3.64
N VAL A 38 -18.31 -1.28 4.43
CA VAL A 38 -18.72 -1.49 5.86
C VAL A 38 -17.49 -1.52 6.83
N GLY A 39 -17.76 -1.70 8.13
CA GLY A 39 -16.69 -1.75 9.13
C GLY A 39 -16.68 -3.02 9.98
N ARG A 40 -15.84 -3.99 9.58
CA ARG A 40 -15.73 -5.30 10.29
C ARG A 40 -14.34 -5.94 10.08
N ALA A 41 -13.77 -6.49 11.19
CA ALA A 41 -12.45 -7.17 11.19
C ALA A 41 -12.61 -8.72 11.22
N SER A 42 -11.79 -9.42 10.40
CA SER A 42 -11.84 -10.89 10.30
C SER A 42 -10.53 -11.54 10.79
N ASP A 43 -9.43 -11.44 9.97
CA ASP A 43 -8.07 -12.00 10.27
C ASP A 43 -7.96 -13.53 10.02
N TYR A 44 -7.40 -13.90 8.86
CA TYR A 44 -7.19 -15.32 8.48
C TYR A 44 -5.69 -15.67 8.56
N GLY A 45 -5.20 -15.69 9.82
CA GLY A 45 -3.80 -15.94 10.12
C GLY A 45 -3.22 -14.82 10.98
N MET A 46 -3.67 -14.74 12.26
CA MET A 46 -3.25 -13.68 13.21
C MET A 46 -2.01 -14.03 14.10
N LYS A 47 -1.41 -15.24 13.91
CA LYS A 47 -0.24 -15.67 14.68
C LYS A 47 1.07 -15.71 13.82
N LEU A 48 1.17 -14.76 12.87
CA LEU A 48 2.31 -14.61 11.96
C LEU A 48 2.67 -13.10 11.87
N PRO A 49 3.31 -12.50 12.95
CA PRO A 49 3.68 -11.05 13.01
C PRO A 49 4.82 -10.60 12.05
N ILE A 50 4.84 -9.26 11.74
CA ILE A 50 5.85 -8.65 10.87
C ILE A 50 7.10 -8.19 11.73
N LEU A 51 8.30 -8.48 11.20
CA LEU A 51 9.61 -8.21 11.86
C LEU A 51 10.26 -6.83 11.60
N ARG A 52 9.89 -6.11 10.52
CA ARG A 52 10.47 -4.77 10.21
C ARG A 52 9.59 -3.57 10.65
N SER A 53 8.63 -3.80 11.56
CA SER A 53 7.74 -2.75 12.09
C SER A 53 7.57 -2.85 13.64
N ASN A 54 6.69 -1.98 14.21
CA ASN A 54 6.37 -1.94 15.68
C ASN A 54 5.11 -2.82 15.97
N PRO A 55 4.55 -2.95 17.24
CA PRO A 55 3.28 -3.74 17.51
C PRO A 55 2.00 -3.08 16.91
N GLU A 56 1.95 -1.73 17.00
CA GLU A 56 0.86 -0.86 16.46
C GLU A 56 0.83 -0.83 14.90
N ASP A 57 2.02 -0.56 14.31
CA ASP A 57 2.21 -0.56 12.85
C ASP A 57 2.35 -2.00 12.25
N GLN A 58 2.41 -3.04 13.15
CA GLN A 58 2.41 -4.49 12.79
C GLN A 58 0.98 -4.89 12.36
N VAL A 59 -0.04 -4.34 13.11
CA VAL A 59 -1.52 -4.49 12.76
C VAL A 59 -1.78 -3.82 11.35
N LEU A 60 -1.19 -2.62 11.10
CA LEU A 60 -1.32 -1.96 9.76
C LEU A 60 -0.34 -2.52 8.66
N TYR A 61 0.57 -3.40 9.04
CA TYR A 61 1.53 -4.06 8.11
C TYR A 61 1.47 -5.63 8.20
N GLN A 62 0.34 -6.18 8.71
CA GLN A 62 0.17 -7.67 8.90
C GLN A 62 -1.26 -8.21 8.63
N THR A 63 -2.31 -7.45 8.99
CA THR A 63 -3.78 -7.88 8.84
C THR A 63 -4.28 -7.99 7.35
N GLU A 64 -4.99 -9.12 7.04
CA GLU A 64 -5.50 -9.40 5.65
C GLU A 64 -7.02 -9.60 5.55
N ARG A 65 -7.57 -9.12 4.41
CA ARG A 65 -9.00 -9.22 4.06
C ARG A 65 -9.22 -10.16 2.84
N TYR A 66 -10.24 -11.02 2.93
CA TYR A 66 -10.56 -12.00 1.85
C TYR A 66 -11.98 -11.78 1.27
N ASN A 67 -12.09 -11.84 -0.07
CA ASN A 67 -13.38 -11.65 -0.77
C ASN A 67 -13.58 -12.67 -1.92
N GLU A 68 -13.08 -12.37 -3.14
CA GLU A 68 -13.26 -13.29 -4.28
C GLU A 68 -12.07 -13.26 -5.29
N ASP A 69 -12.22 -12.55 -6.45
CA ASP A 69 -11.17 -12.49 -7.51
C ASP A 69 -11.33 -11.21 -8.35
N SER A 70 -10.20 -10.44 -8.53
CA SER A 70 -10.16 -9.13 -9.30
C SER A 70 -10.89 -8.02 -8.52
N PHE A 71 -10.18 -7.42 -7.56
CA PHE A 71 -10.78 -6.39 -6.69
C PHE A 71 -9.79 -5.28 -6.31
N GLY A 72 -10.34 -4.09 -6.02
CA GLY A 72 -9.50 -2.95 -5.67
C GLY A 72 -10.19 -1.79 -4.97
N TYR A 73 -9.47 -0.66 -4.98
CA TYR A 73 -9.91 0.58 -4.32
C TYR A 73 -10.00 1.80 -5.28
N ASP A 74 -10.69 2.85 -4.80
CA ASP A 74 -10.91 4.11 -5.54
C ASP A 74 -10.38 5.35 -4.76
N ILE A 75 -9.59 6.18 -5.45
CA ILE A 75 -9.00 7.42 -4.88
C ILE A 75 -9.43 8.65 -5.76
N PRO A 76 -10.43 9.49 -5.33
CA PRO A 76 -10.84 10.68 -6.11
C PRO A 76 -9.97 11.95 -5.84
N ILE A 77 -9.35 12.48 -6.91
CA ILE A 77 -8.48 13.68 -6.84
C ILE A 77 -8.93 14.75 -7.89
N LYS A 78 -8.46 15.99 -7.65
CA LYS A 78 -8.74 17.15 -8.51
C LYS A 78 -7.60 18.22 -8.40
N GLU A 79 -6.39 17.80 -7.97
CA GLU A 79 -5.23 18.70 -7.82
C GLU A 79 -3.99 18.12 -8.52
N GLU A 80 -3.04 18.99 -8.89
CA GLU A 80 -1.83 18.56 -9.60
C GLU A 80 -0.52 18.83 -8.83
N GLY A 81 0.43 17.92 -9.06
CA GLY A 81 1.76 17.98 -8.45
C GLY A 81 2.46 16.62 -8.47
N GLU A 82 3.14 16.22 -7.36
CA GLU A 82 3.79 14.90 -7.35
C GLU A 82 3.16 14.00 -6.27
N TYR A 83 2.36 13.02 -6.72
CA TYR A 83 1.66 12.10 -5.79
C TYR A 83 2.41 10.77 -5.69
N VAL A 84 2.68 10.37 -4.45
CA VAL A 84 3.47 9.13 -4.19
C VAL A 84 2.57 8.01 -3.64
N LEU A 85 2.56 6.89 -4.37
CA LEU A 85 1.79 5.70 -4.01
C LEU A 85 2.72 4.64 -3.40
N VAL A 86 2.61 4.46 -2.08
CA VAL A 86 3.45 3.49 -1.33
C VAL A 86 2.57 2.42 -0.65
N LEU A 87 2.88 1.14 -0.93
CA LEU A 87 2.10 0.02 -0.35
C LEU A 87 2.97 -1.08 0.27
N LYS A 88 2.47 -1.67 1.39
CA LYS A 88 3.18 -2.80 2.04
C LYS A 88 2.50 -4.14 1.75
N PHE A 89 3.25 -5.06 1.12
CA PHE A 89 2.75 -6.41 0.81
C PHE A 89 3.38 -7.44 1.77
N ALA A 90 2.53 -8.34 2.30
CA ALA A 90 2.98 -9.39 3.28
C ALA A 90 2.29 -10.76 3.00
N GLU A 91 2.96 -11.86 3.45
CA GLU A 91 2.48 -13.25 3.29
C GLU A 91 2.16 -13.92 4.67
N VAL A 92 1.55 -15.12 4.63
CA VAL A 92 1.18 -15.86 5.87
C VAL A 92 1.79 -17.30 5.91
N TYR A 93 1.20 -18.25 5.17
CA TYR A 93 1.70 -19.65 5.13
C TYR A 93 1.87 -20.16 3.68
N PHE A 94 2.88 -19.60 2.99
CA PHE A 94 3.19 -19.97 1.59
C PHE A 94 4.70 -19.85 1.31
N ALA A 95 5.38 -21.01 1.14
CA ALA A 95 6.83 -21.05 0.85
C ALA A 95 7.11 -21.49 -0.62
N GLN A 96 7.12 -20.47 -1.50
CA GLN A 96 7.36 -20.63 -2.95
C GLN A 96 7.58 -19.25 -3.62
N SER A 97 8.29 -19.24 -4.76
CA SER A 97 8.61 -17.98 -5.46
C SER A 97 8.04 -17.88 -6.89
N GLN A 98 8.54 -18.70 -7.84
CA GLN A 98 8.05 -18.68 -9.24
C GLN A 98 7.02 -19.81 -9.50
N GLN A 99 5.85 -19.65 -8.87
CA GLN A 99 4.71 -20.58 -8.94
C GLN A 99 3.41 -19.81 -8.65
N LYS A 100 3.43 -18.95 -7.59
CA LYS A 100 2.28 -18.10 -7.23
C LYS A 100 2.66 -16.63 -7.46
N VAL A 101 2.44 -16.18 -8.70
CA VAL A 101 2.77 -14.80 -9.15
C VAL A 101 1.50 -13.95 -9.40
N PHE A 102 1.50 -12.74 -8.83
CA PHE A 102 0.34 -11.80 -8.87
C PHE A 102 0.50 -10.63 -9.88
N ASP A 103 -0.64 -9.92 -10.15
CA ASP A 103 -0.64 -8.74 -11.06
C ASP A 103 -1.17 -7.49 -10.33
N VAL A 104 -0.48 -6.35 -10.56
CA VAL A 104 -0.81 -5.06 -9.88
C VAL A 104 -0.82 -3.86 -10.93
N ARG A 105 -1.93 -3.07 -10.90
CA ARG A 105 -2.11 -1.90 -11.81
C ARG A 105 -2.62 -0.61 -11.10
N VAL A 106 -2.10 0.55 -11.62
CA VAL A 106 -2.44 1.93 -11.12
C VAL A 106 -3.18 2.81 -12.21
N ASN A 107 -4.51 3.01 -11.99
CA ASN A 107 -5.48 3.80 -12.89
C ASN A 107 -5.66 3.18 -14.32
N GLY A 108 -5.46 1.88 -14.41
CA GLY A 108 -5.55 1.18 -15.68
C GLY A 108 -4.18 0.72 -16.23
N HIS A 109 -3.08 1.37 -15.73
CA HIS A 109 -1.70 1.11 -16.12
C HIS A 109 -1.03 -0.05 -15.35
N THR A 110 -0.26 -0.93 -16.03
CA THR A 110 0.42 -2.05 -15.34
C THR A 110 1.88 -1.72 -14.96
N VAL A 111 2.20 -1.96 -13.69
CA VAL A 111 3.54 -1.66 -13.13
C VAL A 111 4.27 -2.93 -12.59
N VAL A 112 3.60 -3.73 -11.72
CA VAL A 112 4.25 -4.96 -11.16
C VAL A 112 3.37 -6.19 -11.52
N LYS A 113 3.65 -6.79 -12.71
CA LYS A 113 2.92 -7.99 -13.16
C LYS A 113 3.81 -9.24 -13.15
N ASP A 114 3.98 -9.67 -11.93
CA ASP A 114 4.75 -10.85 -11.45
C ASP A 114 5.21 -10.56 -9.99
N LEU A 115 4.24 -10.49 -9.06
CA LEU A 115 4.55 -10.20 -7.66
C LEU A 115 4.71 -11.47 -6.81
N ASP A 116 5.98 -11.79 -6.58
CA ASP A 116 6.42 -12.91 -5.73
C ASP A 116 7.07 -12.32 -4.47
N ILE A 117 6.30 -12.27 -3.35
CA ILE A 117 6.74 -11.67 -2.04
C ILE A 117 7.89 -12.47 -1.32
N PHE A 118 8.05 -13.79 -1.64
CA PHE A 118 9.12 -14.66 -1.08
C PHE A 118 10.51 -14.40 -1.75
N ASP A 119 10.53 -14.24 -3.11
CA ASP A 119 11.76 -13.93 -3.90
C ASP A 119 12.25 -12.44 -3.76
N ARG A 120 11.30 -11.50 -3.47
CA ARG A 120 11.61 -10.06 -3.30
C ARG A 120 12.19 -9.70 -1.89
N VAL A 121 11.51 -10.09 -0.79
CA VAL A 121 12.01 -9.80 0.58
C VAL A 121 12.68 -11.06 1.31
N GLY A 122 12.16 -12.30 1.10
CA GLY A 122 12.73 -13.49 1.74
C GLY A 122 11.68 -14.37 2.41
N HIS A 123 11.82 -14.59 3.73
CA HIS A 123 10.85 -15.40 4.50
C HIS A 123 10.08 -14.53 5.51
N SER A 124 8.78 -14.30 5.19
CA SER A 124 7.83 -13.45 5.99
C SER A 124 8.15 -11.92 5.85
N THR A 125 8.44 -11.21 6.99
CA THR A 125 8.85 -9.73 7.06
C THR A 125 7.91 -8.70 6.30
N ALA A 126 8.38 -7.44 6.09
CA ALA A 126 7.61 -6.39 5.39
C ALA A 126 8.18 -6.05 3.97
N HIS A 127 7.29 -6.10 2.94
CA HIS A 127 7.64 -5.75 1.54
C HIS A 127 7.04 -4.36 1.19
N ASP A 128 7.79 -3.53 0.45
CA ASP A 128 7.33 -2.19 0.11
C ASP A 128 7.78 -1.74 -1.30
N GLU A 129 6.79 -1.29 -2.11
CA GLU A 129 7.05 -0.77 -3.45
C GLU A 129 6.70 0.73 -3.56
N ILE A 130 7.62 1.46 -4.24
CA ILE A 130 7.53 2.93 -4.45
C ILE A 130 7.22 3.25 -5.95
N ILE A 131 6.07 3.91 -6.16
CA ILE A 131 5.61 4.31 -7.51
C ILE A 131 5.25 5.83 -7.52
N PRO A 132 6.23 6.79 -7.80
CA PRO A 132 5.94 8.26 -7.90
C PRO A 132 5.20 8.67 -9.19
N ILE A 133 4.23 9.59 -9.02
CA ILE A 133 3.37 10.07 -10.12
C ILE A 133 3.50 11.63 -10.28
N SER A 134 3.29 12.08 -11.52
CA SER A 134 3.32 13.51 -11.84
C SER A 134 2.13 13.89 -12.76
N ILE A 135 1.18 14.64 -12.17
CA ILE A 135 -0.03 15.12 -12.88
C ILE A 135 0.09 16.67 -13.08
N LYS A 136 -0.03 17.09 -14.35
CA LYS A 136 0.06 18.51 -14.75
C LYS A 136 -0.95 18.83 -15.85
N LYS A 137 -1.80 19.87 -15.59
CA LYS A 137 -2.90 20.36 -16.52
C LYS A 137 -4.08 19.33 -16.72
N GLY A 138 -4.16 18.33 -15.82
CA GLY A 138 -5.17 17.26 -15.89
C GLY A 138 -4.69 15.95 -16.56
N LYS A 139 -3.34 15.76 -16.68
CA LYS A 139 -2.78 14.54 -17.29
C LYS A 139 -1.85 13.76 -16.33
N LEU A 140 -1.94 12.42 -16.42
CA LEU A 140 -1.16 11.52 -15.55
C LEU A 140 0.08 10.92 -16.24
N SER A 141 1.21 10.98 -15.53
CA SER A 141 2.48 10.43 -16.02
C SER A 141 3.05 9.39 -15.03
N VAL A 142 3.07 8.12 -15.48
CA VAL A 142 3.58 6.99 -14.68
C VAL A 142 4.96 6.46 -15.28
N GLN A 143 6.10 7.00 -14.75
CA GLN A 143 7.52 6.65 -15.18
C GLN A 143 7.85 7.05 -16.65
N GLY A 144 7.51 6.16 -17.60
CA GLY A 144 7.71 6.40 -19.03
C GLY A 144 6.44 6.18 -19.87
N GLU A 145 5.25 6.41 -19.25
CA GLU A 145 3.93 6.25 -19.91
C GLU A 145 3.04 7.46 -19.62
N VAL A 146 2.63 8.17 -20.68
CA VAL A 146 1.77 9.37 -20.55
C VAL A 146 0.28 9.10 -21.03
N SER A 147 -0.67 9.55 -20.20
CA SER A 147 -2.12 9.40 -20.45
C SER A 147 -2.90 10.53 -19.79
N THR A 148 -4.25 10.49 -19.89
CA THR A 148 -5.11 11.52 -19.26
C THR A 148 -5.76 11.06 -17.93
N PHE A 149 -5.76 11.98 -16.92
CA PHE A 149 -6.39 11.74 -15.59
C PHE A 149 -7.88 12.13 -15.63
N THR A 150 -8.77 11.16 -15.34
CA THR A 150 -10.22 11.45 -15.38
C THR A 150 -10.96 11.08 -14.04
N GLY A 151 -11.03 12.08 -13.12
CA GLY A 151 -11.73 11.97 -11.83
C GLY A 151 -11.05 11.18 -10.69
N LYS A 152 -10.82 9.87 -10.90
CA LYS A 152 -10.25 9.00 -9.87
C LYS A 152 -9.10 8.11 -10.39
N LEU A 153 -8.29 7.64 -9.41
CA LEU A 153 -7.15 6.72 -9.62
C LEU A 153 -7.55 5.32 -9.11
N SER A 154 -7.27 4.24 -9.87
CA SER A 154 -7.72 2.91 -9.41
C SER A 154 -6.59 1.88 -9.23
N VAL A 155 -6.50 1.33 -8.00
CA VAL A 155 -5.46 0.31 -7.70
C VAL A 155 -6.14 -1.06 -7.49
N GLU A 156 -6.06 -1.92 -8.51
CA GLU A 156 -6.67 -3.24 -8.42
C GLU A 156 -5.68 -4.34 -8.85
N PHE A 157 -5.88 -5.52 -8.24
CA PHE A 157 -5.03 -6.68 -8.49
C PHE A 157 -5.82 -7.86 -9.07
N VAL A 158 -5.13 -8.54 -10.01
CA VAL A 158 -5.66 -9.72 -10.77
C VAL A 158 -4.95 -11.04 -10.30
N LYS A 159 -5.75 -12.13 -10.32
CA LYS A 159 -5.35 -13.51 -9.89
C LYS A 159 -4.34 -14.25 -10.83
N GLY A 160 -3.53 -15.12 -10.21
CA GLY A 160 -2.54 -15.94 -10.94
C GLY A 160 -2.90 -17.43 -10.95
N TYR A 161 -3.08 -18.01 -9.74
CA TYR A 161 -3.46 -19.43 -9.56
C TYR A 161 -4.64 -19.56 -8.56
N TYR A 162 -4.45 -19.03 -7.33
CA TYR A 162 -5.48 -19.06 -6.28
C TYR A 162 -5.69 -17.67 -5.60
N ASP A 163 -4.57 -16.95 -5.32
CA ASP A 163 -4.60 -15.62 -4.69
C ASP A 163 -4.14 -14.49 -5.65
N ASN A 164 -4.61 -13.26 -5.37
CA ASN A 164 -4.27 -12.06 -6.18
C ASN A 164 -3.51 -11.03 -5.32
N PRO A 165 -4.01 -10.69 -4.08
CA PRO A 165 -3.30 -9.75 -3.17
C PRO A 165 -2.60 -10.40 -1.94
N LYS A 166 -3.46 -10.90 -0.99
CA LYS A 166 -3.09 -11.52 0.31
C LYS A 166 -3.09 -10.43 1.43
N VAL A 167 -1.93 -9.78 1.74
CA VAL A 167 -1.92 -8.64 2.71
C VAL A 167 -1.56 -7.33 1.93
N CYS A 168 -2.38 -6.27 2.17
CA CYS A 168 -2.18 -4.97 1.48
C CYS A 168 -2.32 -3.77 2.45
N ALA A 169 -1.28 -2.91 2.44
CA ALA A 169 -1.14 -1.71 3.31
C ALA A 169 -1.05 -0.33 2.58
N LEU A 170 -2.01 -0.08 1.63
CA LEU A 170 -2.15 1.19 0.81
C LEU A 170 -1.92 2.52 1.59
N PHE A 171 -1.11 3.39 1.01
CA PHE A 171 -0.77 4.68 1.61
C PHE A 171 -0.44 5.71 0.50
N ILE A 172 -1.40 6.60 0.17
CA ILE A 172 -1.11 7.66 -0.81
C ILE A 172 -1.06 9.09 -0.14
N MET A 173 0.10 9.72 -0.33
CA MET A 173 0.38 11.07 0.19
C MET A 173 0.78 12.03 -0.96
N LYS A 174 0.74 13.36 -0.72
CA LYS A 174 1.00 14.32 -1.80
C LYS A 174 2.15 15.33 -1.63
N GLY A 175 2.53 15.80 -2.82
CA GLY A 175 3.50 16.86 -3.10
C GLY A 175 4.90 16.47 -3.63
N THR A 176 5.56 15.38 -3.09
CA THR A 176 6.93 14.95 -3.54
C THR A 176 7.42 13.66 -2.82
N ALA A 177 8.33 12.89 -3.51
CA ALA A 177 8.96 11.63 -2.99
C ALA A 177 10.16 11.87 -1.99
N ASP A 178 10.66 13.13 -1.89
CA ASP A 178 11.76 13.50 -0.95
C ASP A 178 11.28 13.94 0.48
N ASP A 179 9.95 13.85 0.74
CA ASP A 179 9.36 14.24 2.05
C ASP A 179 8.89 13.04 2.93
N VAL A 180 8.82 11.81 2.36
CA VAL A 180 8.42 10.54 3.09
C VAL A 180 9.58 9.97 4.01
N PRO A 181 9.58 10.19 5.39
CA PRO A 181 10.63 9.65 6.32
C PRO A 181 10.41 8.18 6.73
N MET A 182 11.51 7.43 6.86
CA MET A 182 11.48 6.02 7.26
C MET A 182 12.70 5.65 8.12
N LEU A 183 12.45 5.34 9.40
CA LEU A 183 13.51 4.97 10.36
C LEU A 183 13.15 3.72 11.20
N GLN A 184 14.18 3.19 11.88
CA GLN A 184 14.06 2.01 12.77
C GLN A 184 14.25 2.42 14.26
N PRO A 185 13.76 1.59 15.27
CA PRO A 185 13.90 1.93 16.74
C PRO A 185 15.35 1.94 17.28
N HIS A 186 15.73 3.09 17.84
CA HIS A 186 17.07 3.28 18.39
C HIS A 186 17.02 3.96 19.81
N PRO A 187 17.80 3.46 20.84
CA PRO A 187 17.81 4.05 22.24
C PRO A 187 18.61 5.36 22.42
N GLY A 188 19.58 5.62 21.54
CA GLY A 188 20.43 6.81 21.64
C GLY A 188 20.42 7.70 20.39
N LEU A 189 21.60 8.26 20.06
CA LEU A 189 21.76 9.15 18.90
C LEU A 189 22.76 8.58 17.88
N GLU A 190 22.26 8.26 16.67
CA GLU A 190 23.09 7.71 15.59
C GLU A 190 22.60 8.23 14.22
C2 BGC B . -4.48 -24.27 0.74
C3 BGC B . -4.56 -22.69 0.79
C4 BGC B . -5.66 -22.14 1.83
C5 BGC B . -5.45 -22.86 3.25
C6 BGC B . -6.55 -22.55 4.32
C1 BGC B . -4.43 -24.84 2.19
O1 BGC B . -4.53 -26.22 2.21
O2 BGC B . -3.33 -24.69 0.00
O3 BGC B . -4.89 -22.22 -0.51
O4 BGC B . -5.54 -20.66 1.97
O5 BGC B . -5.55 -24.31 2.99
O6 BGC B . -7.01 -23.68 5.07
H2 BGC B . -5.41 -24.66 0.28
H3 BGC B . -3.58 -22.31 1.12
H4 BGC B . -6.65 -22.44 1.46
H5 BGC B . -4.46 -22.81 3.73
H61 BGC B . -7.37 -22.02 3.83
H62 BGC B . -6.13 -21.79 5.00
H1 BGC B . -3.49 -24.57 2.70
HO1 BGC B . -5.18 -26.50 1.57
HO2 BGC B . -2.55 -24.50 0.52
HO3 BGC B . -4.35 -21.46 -0.71
HO6 BGC B . -6.26 -24.20 5.34
C1 GLC B . -6.52 -19.85 1.29
C2 GLC B . -5.89 -18.50 0.75
C3 GLC B . -5.57 -17.52 1.96
C4 GLC B . -6.80 -17.35 2.96
C5 GLC B . -7.31 -18.77 3.44
C6 GLC B . -8.63 -18.76 4.28
O2 GLC B . -4.65 -18.78 0.09
O3 GLC B . -5.22 -16.24 1.44
O4 GLC B . -6.39 -16.56 4.09
O5 GLC B . -7.66 -19.50 2.19
O6 GLC B . -9.56 -19.79 3.99
H1 GLC B . -6.95 -20.43 0.46
H2 GLC B . -6.63 -18.02 0.08
H3 GLC B . -4.73 -17.94 2.54
H4 GLC B . -7.60 -16.86 2.40
H5 GLC B . -6.59 -19.48 3.88
H61 GLC B . -9.08 -17.77 4.23
H62 GLC B . -8.32 -18.83 5.34
HO2 GLC B . -4.20 -17.95 -0.10
HO3 GLC B . -4.46 -15.90 1.91
HO4 GLC B . -6.71 -16.97 4.89
HO6 GLC B . -10.02 -19.58 3.17
N GLY A 1 6.21 22.87 3.01
CA GLY A 1 7.02 22.13 4.02
C GLY A 1 8.35 22.78 4.31
N ALA A 2 8.70 22.88 5.62
CA ALA A 2 9.97 23.51 6.07
C ALA A 2 10.98 22.47 6.67
N MET A 3 10.48 21.50 7.50
CA MET A 3 11.35 20.48 8.13
C MET A 3 10.72 19.07 8.01
N SER A 4 9.67 18.80 8.81
CA SER A 4 8.98 17.50 8.80
C SER A 4 7.45 17.66 8.93
N GLY A 5 6.73 17.22 7.90
CA GLY A 5 5.27 17.31 7.88
C GLY A 5 4.62 16.28 6.97
N LEU A 6 4.43 15.06 7.49
CA LEU A 6 3.81 13.92 6.75
C LEU A 6 2.25 13.89 6.86
N ALA A 7 1.73 14.04 8.10
CA ALA A 7 0.26 14.11 8.45
C ALA A 7 -0.55 15.28 7.74
N ASP A 8 0.17 16.36 7.31
CA ASP A 8 -0.42 17.53 6.60
C ASP A 8 -0.51 17.33 5.04
N LYS A 9 0.18 16.29 4.50
CA LYS A 9 0.17 16.00 3.05
C LYS A 9 -0.73 14.78 2.66
N VAL A 10 -1.03 13.84 3.63
CA VAL A 10 -1.94 12.65 3.37
C VAL A 10 -3.38 13.01 2.80
N ILE A 11 -3.81 12.24 1.78
CA ILE A 11 -5.15 12.45 1.16
C ILE A 11 -6.02 11.16 1.20
N TRP A 12 -5.37 9.97 1.16
CA TRP A 12 -6.10 8.69 1.15
C TRP A 12 -5.17 7.52 1.58
N ALA A 13 -5.49 6.84 2.70
CA ALA A 13 -4.69 5.68 3.19
C ALA A 13 -5.61 4.54 3.70
N VAL A 14 -5.24 3.26 3.43
CA VAL A 14 -6.04 2.11 3.92
C VAL A 14 -5.16 0.86 4.33
N ASN A 15 -5.53 0.32 5.52
CA ASN A 15 -4.90 -0.89 6.09
C ASN A 15 -5.82 -2.13 5.85
N ALA A 16 -5.58 -2.82 4.70
CA ALA A 16 -6.38 -4.00 4.28
C ALA A 16 -5.94 -5.33 4.98
N GLY A 17 -6.79 -5.66 5.96
CA GLY A 17 -6.63 -6.82 6.83
C GLY A 17 -7.50 -6.70 8.07
N GLY A 18 -7.38 -5.54 8.73
CA GLY A 18 -8.15 -5.22 9.91
C GLY A 18 -9.10 -4.06 9.65
N GLU A 19 -9.03 -2.99 10.47
CA GLU A 19 -9.88 -1.82 10.25
C GLU A 19 -9.43 -0.61 11.14
N SER A 20 -9.01 0.50 10.47
CA SER A 20 -8.62 1.81 11.12
C SER A 20 -7.38 1.77 12.07
N HIS A 21 -6.31 2.49 11.69
CA HIS A 21 -5.08 2.56 12.53
C HIS A 21 -4.22 3.78 12.17
N VAL A 22 -3.66 4.42 13.21
CA VAL A 22 -2.74 5.58 13.04
C VAL A 22 -1.28 5.16 13.28
N ASP A 23 -0.43 5.39 12.25
CA ASP A 23 1.03 5.07 12.36
C ASP A 23 1.81 6.26 13.02
N VAL A 24 2.99 5.93 13.62
CA VAL A 24 3.92 6.88 14.43
C VAL A 24 4.26 8.31 13.87
N HIS A 25 4.04 8.57 12.57
CA HIS A 25 4.25 9.92 11.98
C HIS A 25 2.91 10.73 11.93
N GLY A 26 1.78 9.99 12.00
CA GLY A 26 0.43 10.55 11.99
C GLY A 26 -0.38 10.23 10.74
N ILE A 27 -0.24 8.99 10.23
CA ILE A 27 -0.98 8.54 9.02
C ILE A 27 -2.13 7.57 9.47
N HIS A 28 -3.38 7.93 9.13
CA HIS A 28 -4.56 7.14 9.50
C HIS A 28 -5.09 6.29 8.32
N TYR A 29 -5.21 4.96 8.57
CA TYR A 29 -5.70 3.99 7.58
C TYR A 29 -7.21 3.72 7.79
N ARG A 30 -7.96 3.65 6.66
CA ARG A 30 -9.45 3.49 6.65
C ARG A 30 -10.02 2.10 7.06
N LYS A 31 -11.30 2.15 7.44
CA LYS A 31 -12.09 1.02 7.94
C LYS A 31 -12.94 0.26 6.88
N ASP A 32 -12.33 -0.77 6.18
CA ASP A 32 -13.00 -1.65 5.13
C ASP A 32 -13.80 -0.90 4.00
N PRO A 33 -13.12 -0.31 2.97
CA PRO A 33 -13.79 0.47 1.90
C PRO A 33 -14.26 -0.27 0.60
N LEU A 34 -14.13 -1.61 0.51
CA LEU A 34 -14.58 -2.30 -0.73
C LEU A 34 -15.42 -3.60 -0.53
N GLU A 35 -15.18 -4.42 0.54
CA GLU A 35 -15.99 -5.68 0.75
C GLU A 35 -17.26 -5.46 1.61
N GLY A 36 -18.21 -4.68 1.05
CA GLY A 36 -19.48 -4.34 1.75
C GLY A 36 -19.48 -2.94 2.41
N ARG A 37 -18.24 -2.39 2.66
CA ARG A 37 -17.95 -1.05 3.30
C ARG A 37 -18.57 -0.87 4.72
N VAL A 38 -18.21 -1.82 5.61
CA VAL A 38 -18.67 -1.88 7.04
C VAL A 38 -17.48 -2.23 7.98
N GLY A 39 -17.74 -2.33 9.31
CA GLY A 39 -16.69 -2.64 10.30
C GLY A 39 -16.50 -4.14 10.57
N ARG A 40 -15.55 -4.77 9.82
CA ARG A 40 -15.22 -6.20 9.95
C ARG A 40 -13.71 -6.44 9.78
N ALA A 41 -13.07 -6.97 10.85
CA ALA A 41 -11.61 -7.29 10.87
C ALA A 41 -11.36 -8.82 10.85
N SER A 42 -10.36 -9.24 10.05
CA SER A 42 -9.99 -10.66 9.92
C SER A 42 -8.48 -10.89 10.19
N ASP A 43 -8.20 -11.94 10.96
CA ASP A 43 -6.83 -12.32 11.32
C ASP A 43 -6.58 -13.82 11.09
N TYR A 44 -7.27 -14.71 11.90
CA TYR A 44 -7.16 -16.22 11.87
C TYR A 44 -5.90 -16.72 12.63
N GLY A 45 -4.71 -16.43 12.06
CA GLY A 45 -3.44 -16.76 12.68
C GLY A 45 -2.69 -15.49 13.08
N MET A 46 -2.92 -15.04 14.33
CA MET A 46 -2.33 -13.79 14.86
C MET A 46 -0.92 -13.92 15.51
N LYS A 47 -0.33 -15.13 15.50
CA LYS A 47 1.02 -15.37 16.07
C LYS A 47 2.12 -15.54 14.97
N LEU A 48 1.99 -14.72 13.91
CA LEU A 48 2.91 -14.66 12.78
C LEU A 48 3.22 -13.17 12.49
N PRO A 49 4.10 -12.51 13.32
CA PRO A 49 4.41 -11.05 13.18
C PRO A 49 5.45 -10.65 12.11
N ILE A 50 5.44 -9.35 11.75
CA ILE A 50 6.38 -8.76 10.77
C ILE A 50 7.71 -8.29 11.50
N LEU A 51 8.85 -8.63 10.88
CA LEU A 51 10.21 -8.36 11.42
C LEU A 51 10.85 -7.00 11.01
N ARG A 52 10.36 -6.36 9.94
CA ARG A 52 10.94 -5.06 9.48
C ARG A 52 10.08 -3.81 9.84
N SER A 53 9.27 -3.89 10.92
CA SER A 53 8.44 -2.75 11.37
C SER A 53 8.41 -2.60 12.93
N ASN A 54 7.43 -1.79 13.39
CA ASN A 54 7.12 -1.48 14.81
C ASN A 54 6.09 -2.53 15.39
N PRO A 55 5.77 -2.56 16.73
CA PRO A 55 4.72 -3.51 17.29
C PRO A 55 3.25 -3.13 16.91
N GLU A 56 2.97 -1.80 17.01
CA GLU A 56 1.66 -1.18 16.69
C GLU A 56 1.42 -1.05 15.15
N ASP A 57 2.51 -0.64 14.46
CA ASP A 57 2.52 -0.51 12.99
C ASP A 57 2.86 -1.87 12.28
N GLN A 58 3.01 -2.95 13.13
CA GLN A 58 3.16 -4.38 12.73
C GLN A 58 1.74 -4.92 12.50
N VAL A 59 0.79 -4.49 13.40
CA VAL A 59 -0.71 -4.75 13.30
C VAL A 59 -1.25 -4.22 11.92
N LEU A 60 -0.85 -2.98 11.53
CA LEU A 60 -1.23 -2.42 10.20
C LEU A 60 -0.46 -3.12 8.99
N TYR A 61 0.85 -3.42 9.19
CA TYR A 61 1.74 -4.11 8.19
C TYR A 61 1.77 -5.69 8.30
N GLN A 62 0.75 -6.29 8.94
CA GLN A 62 0.65 -7.78 9.16
C GLN A 62 -0.75 -8.41 8.88
N THR A 63 -1.84 -7.74 9.32
CA THR A 63 -3.28 -8.25 9.18
C THR A 63 -3.79 -8.43 7.69
N GLU A 64 -4.51 -9.55 7.42
CA GLU A 64 -5.00 -9.90 6.05
C GLU A 64 -6.55 -9.90 5.89
N ARG A 65 -7.00 -9.47 4.68
CA ARG A 65 -8.44 -9.42 4.31
C ARG A 65 -8.76 -10.43 3.16
N TYR A 66 -10.04 -10.83 3.04
CA TYR A 66 -10.48 -11.80 2.02
C TYR A 66 -11.73 -11.31 1.23
N ASN A 67 -11.73 -11.57 -0.10
CA ASN A 67 -12.85 -11.17 -0.98
C ASN A 67 -13.23 -12.32 -1.96
N GLU A 68 -12.68 -12.31 -3.21
CA GLU A 68 -12.99 -13.35 -4.21
C GLU A 68 -11.92 -13.42 -5.33
N ASP A 69 -12.13 -12.68 -6.46
CA ASP A 69 -11.21 -12.68 -7.63
C ASP A 69 -11.34 -11.36 -8.42
N SER A 70 -10.20 -10.63 -8.62
CA SER A 70 -10.12 -9.32 -9.35
C SER A 70 -10.81 -8.19 -8.57
N PHE A 71 -10.07 -7.52 -7.66
CA PHE A 71 -10.67 -6.47 -6.81
C PHE A 71 -9.69 -5.36 -6.43
N GLY A 72 -10.23 -4.22 -5.95
CA GLY A 72 -9.37 -3.10 -5.58
C GLY A 72 -10.04 -1.92 -4.90
N TYR A 73 -9.39 -0.74 -5.04
CA TYR A 73 -9.83 0.51 -4.39
C TYR A 73 -9.94 1.71 -5.36
N ASP A 74 -10.58 2.80 -4.82
CA ASP A 74 -10.80 4.07 -5.56
C ASP A 74 -10.26 5.30 -4.79
N ILE A 75 -9.54 6.19 -5.51
CA ILE A 75 -8.96 7.43 -4.93
C ILE A 75 -9.42 8.67 -5.78
N PRO A 76 -10.45 9.46 -5.34
CA PRO A 76 -10.89 10.67 -6.06
C PRO A 76 -10.07 11.97 -5.75
N ILE A 77 -9.40 12.50 -6.79
CA ILE A 77 -8.56 13.73 -6.68
C ILE A 77 -8.97 14.80 -7.74
N LYS A 78 -8.57 16.05 -7.46
CA LYS A 78 -8.81 17.21 -8.33
C LYS A 78 -7.66 18.27 -8.20
N GLU A 79 -6.45 17.83 -7.77
CA GLU A 79 -5.28 18.72 -7.62
C GLU A 79 -4.06 18.15 -8.34
N GLU A 80 -3.09 19.02 -8.65
CA GLU A 80 -1.88 18.61 -9.39
C GLU A 80 -0.56 18.85 -8.64
N GLY A 81 0.37 17.91 -8.86
CA GLY A 81 1.70 17.96 -8.27
C GLY A 81 2.40 16.60 -8.31
N GLU A 82 3.12 16.20 -7.22
CA GLU A 82 3.77 14.89 -7.20
C GLU A 82 3.14 13.96 -6.16
N TYR A 83 2.34 12.98 -6.64
CA TYR A 83 1.65 12.02 -5.74
C TYR A 83 2.41 10.69 -5.66
N VAL A 84 2.69 10.25 -4.44
CA VAL A 84 3.49 9.01 -4.21
C VAL A 84 2.60 7.91 -3.56
N LEU A 85 2.57 6.75 -4.25
CA LEU A 85 1.80 5.59 -3.78
C LEU A 85 2.76 4.48 -3.27
N VAL A 86 2.78 4.35 -1.93
CA VAL A 86 3.61 3.35 -1.22
C VAL A 86 2.66 2.34 -0.51
N LEU A 87 2.87 1.06 -0.78
CA LEU A 87 2.03 0.01 -0.17
C LEU A 87 2.86 -1.18 0.34
N LYS A 88 2.47 -1.70 1.53
CA LYS A 88 3.18 -2.85 2.15
C LYS A 88 2.52 -4.20 1.83
N PHE A 89 3.32 -5.07 1.19
CA PHE A 89 2.88 -6.42 0.83
C PHE A 89 3.54 -7.46 1.75
N ALA A 90 2.73 -8.39 2.29
CA ALA A 90 3.23 -9.45 3.20
C ALA A 90 2.61 -10.84 2.86
N GLU A 91 3.40 -11.91 3.15
CA GLU A 91 3.00 -13.32 2.91
C GLU A 91 2.94 -14.13 4.22
N VAL A 92 1.94 -15.01 4.30
CA VAL A 92 1.73 -15.89 5.50
C VAL A 92 1.58 -17.40 5.13
N TYR A 93 0.75 -17.70 4.10
CA TYR A 93 0.51 -19.08 3.65
C TYR A 93 0.90 -19.29 2.17
N PHE A 94 1.56 -20.46 1.89
CA PHE A 94 2.04 -20.90 0.54
C PHE A 94 3.46 -20.41 0.26
N ALA A 95 4.45 -21.35 0.36
CA ALA A 95 5.88 -21.03 0.14
C ALA A 95 6.34 -21.38 -1.32
N GLN A 96 6.13 -20.40 -2.20
CA GLN A 96 6.49 -20.51 -3.64
C GLN A 96 6.95 -19.16 -4.21
N SER A 97 7.73 -19.21 -5.31
CA SER A 97 8.28 -18.00 -5.95
C SER A 97 7.73 -17.75 -7.37
N GLN A 98 8.20 -18.53 -8.39
CA GLN A 98 7.75 -18.35 -9.79
C GLN A 98 6.66 -19.38 -10.18
N GLN A 99 5.52 -19.25 -9.48
CA GLN A 99 4.31 -20.09 -9.65
C GLN A 99 3.08 -19.27 -9.25
N LYS A 100 3.19 -18.48 -8.15
CA LYS A 100 2.14 -17.58 -7.68
C LYS A 100 2.55 -16.11 -7.96
N VAL A 101 2.37 -15.71 -9.22
CA VAL A 101 2.75 -14.36 -9.73
C VAL A 101 1.48 -13.52 -10.03
N PHE A 102 1.39 -12.36 -9.34
CA PHE A 102 0.21 -11.46 -9.40
C PHE A 102 0.40 -10.21 -10.29
N ASP A 103 -0.70 -9.46 -10.54
CA ASP A 103 -0.62 -8.22 -11.34
C ASP A 103 -1.15 -7.01 -10.54
N VAL A 104 -0.42 -5.88 -10.63
CA VAL A 104 -0.77 -4.65 -9.88
C VAL A 104 -0.81 -3.41 -10.89
N ARG A 105 -1.98 -2.70 -10.87
CA ARG A 105 -2.25 -1.55 -11.78
C ARG A 105 -2.66 -0.22 -11.08
N VAL A 106 -2.33 0.93 -11.75
CA VAL A 106 -2.70 2.31 -11.26
C VAL A 106 -3.45 3.16 -12.36
N ASN A 107 -4.78 3.43 -12.12
CA ASN A 107 -5.73 4.19 -13.04
C ASN A 107 -5.99 3.52 -14.42
N GLY A 108 -5.84 2.18 -14.47
CA GLY A 108 -5.99 1.44 -15.71
C GLY A 108 -4.63 1.01 -16.34
N HIS A 109 -3.53 1.59 -15.81
CA HIS A 109 -2.14 1.36 -16.25
C HIS A 109 -1.44 0.18 -15.52
N THR A 110 -0.30 -0.30 -16.06
CA THR A 110 0.45 -1.40 -15.40
C THR A 110 1.82 -0.94 -14.87
N VAL A 111 2.12 -1.35 -13.64
CA VAL A 111 3.38 -0.97 -12.96
C VAL A 111 4.18 -2.19 -12.44
N VAL A 112 3.58 -3.02 -11.56
CA VAL A 112 4.26 -4.23 -11.03
C VAL A 112 3.45 -5.46 -11.46
N LYS A 113 3.78 -5.99 -12.66
CA LYS A 113 3.12 -7.16 -13.21
C LYS A 113 4.02 -8.40 -13.18
N ASP A 114 3.71 -9.18 -12.15
CA ASP A 114 4.32 -10.47 -11.71
C ASP A 114 4.92 -10.27 -10.31
N LEU A 115 4.00 -10.17 -9.31
CA LEU A 115 4.41 -9.95 -7.91
C LEU A 115 4.52 -11.24 -7.13
N ASP A 116 5.78 -11.60 -6.91
CA ASP A 116 6.19 -12.76 -6.09
C ASP A 116 6.89 -12.24 -4.82
N ILE A 117 6.12 -12.19 -3.70
CA ILE A 117 6.62 -11.65 -2.38
C ILE A 117 7.72 -12.56 -1.69
N PHE A 118 7.74 -13.88 -2.03
CA PHE A 118 8.74 -14.86 -1.50
C PHE A 118 10.15 -14.68 -2.19
N ASP A 119 10.15 -14.46 -3.54
CA ASP A 119 11.38 -14.20 -4.35
C ASP A 119 11.98 -12.75 -4.15
N ARG A 120 11.11 -11.77 -3.76
CA ARG A 120 11.52 -10.36 -3.51
C ARG A 120 12.23 -10.15 -2.14
N VAL A 121 11.56 -10.50 -1.01
CA VAL A 121 12.20 -10.36 0.36
C VAL A 121 12.81 -11.68 0.94
N GLY A 122 12.21 -12.86 0.63
CA GLY A 122 12.73 -14.14 1.15
C GLY A 122 11.66 -14.97 1.87
N HIS A 123 11.85 -15.17 3.19
CA HIS A 123 10.89 -15.93 4.01
C HIS A 123 10.25 -15.01 5.07
N SER A 124 8.94 -14.69 4.84
CA SER A 124 8.09 -13.80 5.71
C SER A 124 8.50 -12.29 5.58
N THR A 125 8.71 -11.58 6.73
CA THR A 125 9.14 -10.11 6.83
C THR A 125 8.19 -9.08 6.11
N ALA A 126 8.69 -7.84 5.83
CA ALA A 126 7.90 -6.78 5.16
C ALA A 126 8.44 -6.41 3.74
N HIS A 127 7.51 -6.28 2.76
CA HIS A 127 7.84 -5.87 1.37
C HIS A 127 7.29 -4.43 1.13
N ASP A 128 8.02 -3.64 0.33
CA ASP A 128 7.63 -2.23 0.08
C ASP A 128 7.83 -1.79 -1.39
N GLU A 129 6.73 -1.30 -1.99
CA GLU A 129 6.74 -0.78 -3.36
C GLU A 129 6.49 0.75 -3.40
N ILE A 130 7.49 1.47 -3.95
CA ILE A 130 7.47 2.95 -4.08
C ILE A 130 7.33 3.36 -5.57
N ILE A 131 6.22 4.02 -5.90
CA ILE A 131 5.95 4.47 -7.29
C ILE A 131 5.49 5.97 -7.34
N PRO A 132 6.40 6.96 -7.70
CA PRO A 132 6.01 8.41 -7.86
C PRO A 132 5.22 8.73 -9.15
N ILE A 133 4.24 9.64 -9.01
CA ILE A 133 3.34 10.06 -10.11
C ILE A 133 3.41 11.61 -10.29
N SER A 134 3.27 12.06 -11.55
CA SER A 134 3.29 13.50 -11.88
C SER A 134 2.08 13.92 -12.74
N ILE A 135 1.18 14.70 -12.11
CA ILE A 135 -0.03 15.24 -12.77
C ILE A 135 0.10 16.79 -12.89
N LYS A 136 -0.03 17.29 -14.14
CA LYS A 136 0.07 18.73 -14.45
C LYS A 136 -0.96 19.14 -15.51
N LYS A 137 -1.80 20.16 -15.15
CA LYS A 137 -2.91 20.74 -16.00
C LYS A 137 -4.09 19.75 -16.32
N GLY A 138 -4.17 18.65 -15.54
CA GLY A 138 -5.19 17.61 -15.72
C GLY A 138 -4.72 16.37 -16.52
N LYS A 139 -3.37 16.14 -16.58
CA LYS A 139 -2.80 14.99 -17.31
C LYS A 139 -1.81 14.20 -16.44
N LEU A 140 -1.91 12.87 -16.54
CA LEU A 140 -1.11 11.93 -15.72
C LEU A 140 0.12 11.35 -16.46
N SER A 141 1.22 11.21 -15.71
CA SER A 141 2.48 10.65 -16.22
C SER A 141 3.03 9.60 -15.23
N VAL A 142 3.07 8.34 -15.68
CA VAL A 142 3.57 7.22 -14.84
C VAL A 142 4.83 6.52 -15.52
N GLN A 143 6.05 6.95 -15.08
CA GLN A 143 7.39 6.44 -15.55
C GLN A 143 7.72 6.78 -17.03
N GLY A 144 7.24 5.92 -17.96
CA GLY A 144 7.42 6.13 -19.39
C GLY A 144 6.10 6.01 -20.20
N GLU A 145 4.96 6.32 -19.54
CA GLU A 145 3.63 6.25 -20.16
C GLU A 145 2.81 7.52 -19.82
N VAL A 146 2.28 8.18 -20.86
CA VAL A 146 1.48 9.42 -20.68
C VAL A 146 -0.04 9.20 -21.09
N SER A 147 -0.95 9.79 -20.30
CA SER A 147 -2.40 9.69 -20.52
C SER A 147 -3.13 10.84 -19.81
N THR A 148 -4.46 10.94 -19.97
CA THR A 148 -5.21 12.03 -19.31
C THR A 148 -5.97 11.56 -18.03
N PHE A 149 -5.90 12.40 -16.97
CA PHE A 149 -6.56 12.13 -15.65
C PHE A 149 -8.06 12.55 -15.66
N THR A 150 -8.94 11.61 -15.32
CA THR A 150 -10.38 11.90 -15.29
C THR A 150 -11.06 11.43 -13.97
N GLY A 151 -11.11 12.36 -12.98
CA GLY A 151 -11.77 12.13 -11.67
C GLY A 151 -11.06 11.29 -10.60
N LYS A 152 -10.86 9.98 -10.87
CA LYS A 152 -10.27 9.07 -9.87
C LYS A 152 -9.12 8.19 -10.42
N LEU A 153 -8.28 7.76 -9.46
CA LEU A 153 -7.13 6.86 -9.68
C LEU A 153 -7.46 5.45 -9.11
N SER A 154 -7.11 4.36 -9.82
CA SER A 154 -7.49 3.02 -9.33
C SER A 154 -6.32 2.06 -9.06
N VAL A 155 -6.46 1.25 -8.00
CA VAL A 155 -5.45 0.20 -7.66
C VAL A 155 -6.16 -1.17 -7.79
N GLU A 156 -5.95 -1.84 -8.93
CA GLU A 156 -6.61 -3.11 -9.21
C GLU A 156 -5.61 -4.26 -9.37
N PHE A 157 -5.78 -5.30 -8.54
CA PHE A 157 -4.92 -6.48 -8.62
C PHE A 157 -5.69 -7.73 -9.07
N VAL A 158 -5.01 -8.44 -9.99
CA VAL A 158 -5.54 -9.68 -10.63
C VAL A 158 -4.83 -10.94 -10.01
N LYS A 159 -5.63 -12.04 -9.91
CA LYS A 159 -5.26 -13.37 -9.33
C LYS A 159 -4.06 -14.11 -9.99
N GLY A 160 -3.35 -14.93 -9.18
CA GLY A 160 -2.19 -15.70 -9.66
C GLY A 160 -2.44 -17.22 -9.71
N TYR A 161 -2.66 -17.85 -8.54
CA TYR A 161 -2.91 -19.30 -8.45
C TYR A 161 -4.17 -19.62 -7.60
N TYR A 162 -4.12 -19.29 -6.28
CA TYR A 162 -5.25 -19.54 -5.35
C TYR A 162 -5.76 -18.22 -4.71
N ASP A 163 -4.82 -17.38 -4.22
CA ASP A 163 -5.15 -16.07 -3.59
C ASP A 163 -4.90 -14.89 -4.58
N ASN A 164 -5.21 -13.64 -4.16
CA ASN A 164 -5.00 -12.47 -5.04
C ASN A 164 -3.91 -11.51 -4.44
N PRO A 165 -4.18 -10.52 -3.50
CA PRO A 165 -3.09 -9.69 -2.90
C PRO A 165 -2.45 -10.31 -1.62
N LYS A 166 -3.34 -10.95 -0.80
CA LYS A 166 -3.03 -11.59 0.51
C LYS A 166 -2.96 -10.53 1.65
N VAL A 167 -1.76 -9.91 1.91
CA VAL A 167 -1.70 -8.80 2.92
C VAL A 167 -1.38 -7.48 2.17
N CYS A 168 -2.19 -6.43 2.50
CA CYS A 168 -2.05 -5.12 1.86
C CYS A 168 -2.18 -3.97 2.88
N ALA A 169 -1.22 -3.01 2.80
CA ALA A 169 -1.10 -1.84 3.71
C ALA A 169 -0.96 -0.44 2.99
N LEU A 170 -1.90 -0.16 2.03
CA LEU A 170 -2.00 1.10 1.18
C LEU A 170 -1.73 2.47 1.87
N PHE A 171 -0.99 3.34 1.17
CA PHE A 171 -0.64 4.67 1.68
C PHE A 171 -0.39 5.67 0.52
N ILE A 172 -1.34 6.60 0.23
CA ILE A 172 -1.08 7.64 -0.79
C ILE A 172 -1.03 9.08 -0.14
N MET A 173 0.12 9.73 -0.35
CA MET A 173 0.36 11.09 0.16
C MET A 173 0.72 12.06 -0.98
N LYS A 174 0.68 13.38 -0.72
CA LYS A 174 0.92 14.35 -1.81
C LYS A 174 2.08 15.36 -1.65
N GLY A 175 2.46 15.82 -2.84
CA GLY A 175 3.44 16.87 -3.10
C GLY A 175 4.85 16.49 -3.59
N THR A 176 5.50 15.40 -3.03
CA THR A 176 6.89 14.99 -3.44
C THR A 176 7.36 13.68 -2.75
N ALA A 177 8.37 13.01 -3.40
CA ALA A 177 9.02 11.76 -2.90
C ALA A 177 10.14 12.01 -1.81
N ASP A 178 10.55 13.30 -1.62
CA ASP A 178 11.57 13.70 -0.61
C ASP A 178 10.97 14.02 0.81
N ASP A 179 9.64 13.81 0.98
CA ASP A 179 8.92 14.05 2.26
C ASP A 179 8.61 12.74 3.05
N VAL A 180 8.62 11.56 2.35
CA VAL A 180 8.38 10.23 2.95
C VAL A 180 9.69 9.61 3.58
N PRO A 181 9.57 8.72 4.63
CA PRO A 181 10.73 8.03 5.32
C PRO A 181 11.60 7.11 4.42
N MET A 182 12.90 7.46 4.29
CA MET A 182 13.85 6.70 3.46
C MET A 182 15.25 6.71 4.08
N LEU A 183 15.75 5.50 4.42
CA LEU A 183 17.10 5.34 5.01
C LEU A 183 17.92 4.25 4.31
N GLN A 184 19.25 4.34 4.49
CA GLN A 184 20.23 3.38 3.93
C GLN A 184 20.78 2.43 5.03
N PRO A 185 21.42 1.24 4.69
CA PRO A 185 21.99 0.29 5.72
C PRO A 185 23.17 0.87 6.52
N HIS A 186 23.00 0.89 7.85
CA HIS A 186 24.03 1.42 8.75
C HIS A 186 24.24 0.49 9.98
N PRO A 187 25.54 0.18 10.39
CA PRO A 187 25.85 -0.71 11.57
C PRO A 187 25.66 -0.07 12.98
N GLY A 188 25.85 1.25 13.07
CA GLY A 188 25.73 1.96 14.35
C GLY A 188 24.93 3.25 14.28
N LEU A 189 23.86 3.30 15.09
CA LEU A 189 22.97 4.47 15.16
C LEU A 189 22.94 5.08 16.58
N GLU A 190 23.50 6.30 16.70
CA GLU A 190 23.57 7.02 17.97
C GLU A 190 23.14 8.49 17.81
C2 BGC B . -6.80 -24.79 1.59
C3 BGC B . -6.32 -23.29 1.71
C4 BGC B . -6.75 -22.59 3.08
C5 BGC B . -6.23 -23.49 4.30
C6 BGC B . -6.70 -23.03 5.72
C1 BGC B . -6.41 -25.56 2.91
O1 BGC B . -6.99 -26.82 2.95
O2 BGC B . -6.20 -25.43 0.46
O3 BGC B . -6.88 -22.55 0.63
O4 BGC B . -6.17 -21.22 3.15
O5 BGC B . -6.88 -24.83 4.10
O6 BGC B . -7.10 -24.07 6.60
H2 BGC B . -7.91 -24.81 1.52
H3 BGC B . -5.23 -23.27 1.66
H4 BGC B . -7.85 -22.59 3.12
H5 BGC B . -5.17 -23.79 4.33
H61 BGC B . -7.46 -22.26 5.61
H62 BGC B . -5.84 -22.48 6.15
H1 BGC B . -5.31 -25.69 2.98
HO1 BGC B . -7.89 -26.76 2.62
HO2 BGC B . -6.31 -24.87 -0.30
HO3 BGC B . -6.21 -21.98 0.25
HO6 BGC B . -7.98 -24.37 6.37
C1 GLC B . -7.08 -20.10 3.13
C2 GLC B . -6.53 -18.89 2.27
C3 GLC B . -5.29 -18.22 3.02
C4 GLC B . -5.59 -17.89 4.54
C5 GLC B . -6.14 -19.18 5.29
C6 GLC B . -6.66 -18.94 6.75
O2 GLC B . -6.06 -19.37 1.01
O3 GLC B . -4.95 -17.01 2.34
O4 GLC B . -4.40 -17.41 5.18
O5 GLC B . -7.34 -19.60 4.50
O6 GLC B . -7.84 -19.65 7.09
H1 GLC B . -8.05 -20.43 2.73
H2 GLC B . -7.34 -18.14 2.16
H3 GLC B . -4.44 -18.93 2.99
H4 GLC B . -6.38 -17.12 4.56
H5 GLC B . -5.54 -20.10 5.25
H61 GLC B . -6.76 -17.87 6.92
H62 GLC B . -5.84 -19.24 7.43
HO2 GLC B . -5.59 -18.66 0.56
HO3 GLC B . -5.36 -17.01 1.47
HO4 GLC B . -4.30 -17.84 6.03
HO6 GLC B . -8.60 -19.21 6.70
N GLY A 1 14.82 18.23 11.14
CA GLY A 1 15.93 18.87 10.39
C GLY A 1 15.47 20.11 9.62
N ALA A 2 15.14 19.91 8.33
CA ALA A 2 14.67 21.01 7.44
C ALA A 2 13.16 20.88 7.05
N MET A 3 12.66 19.64 6.78
CA MET A 3 11.26 19.42 6.40
C MET A 3 10.64 18.26 7.20
N SER A 4 9.63 18.59 8.03
CA SER A 4 8.93 17.60 8.86
C SER A 4 7.42 17.84 8.87
N GLY A 5 6.68 16.97 8.15
CA GLY A 5 5.23 17.09 8.07
C GLY A 5 4.61 16.09 7.10
N LEU A 6 4.41 14.84 7.57
CA LEU A 6 3.81 13.74 6.77
C LEU A 6 2.25 13.68 6.87
N ALA A 7 1.72 13.80 8.13
CA ALA A 7 0.26 13.84 8.48
C ALA A 7 -0.56 15.03 7.83
N ASP A 8 0.15 16.13 7.45
CA ASP A 8 -0.45 17.32 6.80
C ASP A 8 -0.54 17.20 5.24
N LYS A 9 0.14 16.19 4.64
CA LYS A 9 0.13 15.97 3.18
C LYS A 9 -0.73 14.74 2.75
N VAL A 10 -1.05 13.76 3.68
CA VAL A 10 -1.94 12.57 3.38
C VAL A 10 -3.39 12.94 2.85
N ILE A 11 -3.82 12.24 1.79
CA ILE A 11 -5.18 12.45 1.20
C ILE A 11 -6.04 11.17 1.26
N TRP A 12 -5.40 9.98 1.21
CA TRP A 12 -6.13 8.70 1.22
C TRP A 12 -5.20 7.53 1.63
N ALA A 13 -5.48 6.88 2.79
CA ALA A 13 -4.66 5.72 3.26
C ALA A 13 -5.57 4.56 3.74
N VAL A 14 -5.39 3.37 3.11
CA VAL A 14 -6.18 2.16 3.46
C VAL A 14 -5.23 0.96 3.66
N ASN A 15 -5.23 0.46 4.89
CA ASN A 15 -4.39 -0.69 5.26
C ASN A 15 -5.29 -1.88 5.61
N ALA A 16 -5.63 -2.65 4.53
CA ALA A 16 -6.57 -3.79 4.59
C ALA A 16 -6.04 -5.08 5.30
N GLY A 17 -6.81 -5.41 6.36
CA GLY A 17 -6.55 -6.58 7.20
C GLY A 17 -7.04 -6.46 8.66
N GLY A 18 -7.46 -5.25 9.09
CA GLY A 18 -7.91 -5.03 10.46
C GLY A 18 -9.03 -4.00 10.55
N GLU A 19 -8.78 -2.90 11.28
CA GLU A 19 -9.74 -1.79 11.42
C GLU A 19 -9.07 -0.58 12.10
N SER A 20 -9.02 0.55 11.32
CA SER A 20 -8.48 1.91 11.68
C SER A 20 -7.12 1.97 12.48
N HIS A 21 -5.98 2.24 11.81
CA HIS A 21 -4.69 2.34 12.59
C HIS A 21 -3.83 3.57 12.26
N VAL A 22 -3.32 4.19 13.34
CA VAL A 22 -2.44 5.37 13.25
C VAL A 22 -0.95 4.97 13.50
N ASP A 23 -0.14 5.21 12.45
CA ASP A 23 1.31 4.96 12.42
C ASP A 23 2.08 6.16 13.05
N VAL A 24 3.29 5.85 13.61
CA VAL A 24 4.26 6.80 14.36
C VAL A 24 4.49 8.25 13.80
N HIS A 25 4.36 8.45 12.48
CA HIS A 25 4.49 9.80 11.85
C HIS A 25 3.12 10.56 11.84
N GLY A 26 2.02 9.75 11.85
CA GLY A 26 0.66 10.25 11.89
C GLY A 26 -0.18 9.85 10.68
N ILE A 27 0.00 8.60 10.19
CA ILE A 27 -0.75 8.09 9.02
C ILE A 27 -1.81 7.04 9.50
N HIS A 28 -3.11 7.39 9.33
CA HIS A 28 -4.23 6.55 9.77
C HIS A 28 -5.02 5.84 8.63
N TYR A 29 -5.27 4.52 8.83
CA TYR A 29 -6.11 3.69 7.92
C TYR A 29 -7.61 3.75 8.38
N ARG A 30 -8.52 3.68 7.37
CA ARG A 30 -10.02 3.77 7.52
C ARG A 30 -10.72 2.69 8.42
N LYS A 31 -11.46 1.74 7.80
CA LYS A 31 -12.22 0.69 8.51
C LYS A 31 -12.89 -0.33 7.54
N ASP A 32 -12.06 -1.20 6.89
CA ASP A 32 -12.52 -2.33 5.99
C ASP A 32 -13.25 -1.96 4.64
N PRO A 33 -12.75 -0.99 3.80
CA PRO A 33 -13.36 -0.64 2.50
C PRO A 33 -12.58 -1.15 1.25
N LEU A 34 -13.29 -1.21 0.13
CA LEU A 34 -12.75 -1.64 -1.18
C LEU A 34 -13.73 -1.25 -2.31
N GLU A 35 -14.72 -2.13 -2.60
CA GLU A 35 -15.73 -1.86 -3.66
C GLU A 35 -17.15 -2.34 -3.25
N GLY A 36 -17.69 -1.79 -2.15
CA GLY A 36 -19.05 -2.17 -1.69
C GLY A 36 -19.10 -3.25 -0.58
N ARG A 37 -17.92 -3.74 -0.11
CA ARG A 37 -17.83 -4.78 0.92
C ARG A 37 -17.30 -4.21 2.25
N VAL A 38 -18.24 -3.72 3.06
CA VAL A 38 -17.95 -3.15 4.41
C VAL A 38 -18.55 -4.05 5.54
N GLY A 39 -17.67 -4.61 6.37
CA GLY A 39 -18.11 -5.48 7.45
C GLY A 39 -17.06 -5.73 8.53
N ARG A 40 -16.44 -6.92 8.50
CA ARG A 40 -15.42 -7.31 9.50
C ARG A 40 -14.03 -7.64 8.88
N ALA A 41 -13.05 -7.94 9.77
CA ALA A 41 -11.66 -8.29 9.41
C ALA A 41 -11.40 -9.82 9.37
N SER A 42 -10.50 -10.26 8.46
CA SER A 42 -10.15 -11.68 8.32
C SER A 42 -8.69 -11.95 8.73
N ASP A 43 -8.48 -12.16 10.04
CA ASP A 43 -7.15 -12.43 10.62
C ASP A 43 -7.00 -13.93 11.00
N TYR A 44 -6.66 -14.76 10.00
CA TYR A 44 -6.46 -16.21 10.18
C TYR A 44 -4.95 -16.55 10.17
N GLY A 45 -4.33 -16.33 11.34
CA GLY A 45 -2.90 -16.52 11.53
C GLY A 45 -2.27 -15.25 12.08
N MET A 46 -2.59 -14.92 13.35
CA MET A 46 -2.12 -13.69 14.02
C MET A 46 -0.80 -13.82 14.84
N LYS A 47 -0.19 -15.02 14.84
CA LYS A 47 1.08 -15.25 15.56
C LYS A 47 2.23 -15.53 14.55
N LEU A 48 2.57 -14.49 13.79
CA LEU A 48 3.63 -14.49 12.77
C LEU A 48 3.97 -13.02 12.45
N PRO A 49 4.66 -12.30 13.40
CA PRO A 49 5.01 -10.85 13.24
C PRO A 49 6.04 -10.49 12.13
N ILE A 50 6.00 -9.20 11.70
CA ILE A 50 6.90 -8.63 10.70
C ILE A 50 8.19 -8.06 11.42
N LEU A 51 9.36 -8.48 10.94
CA LEU A 51 10.69 -8.12 11.51
C LEU A 51 11.30 -6.78 11.00
N ARG A 52 10.74 -6.18 9.93
CA ARG A 52 11.25 -4.90 9.38
C ARG A 52 10.37 -3.66 9.77
N SER A 53 9.60 -3.77 10.87
CA SER A 53 8.74 -2.68 11.36
C SER A 53 8.70 -2.62 12.92
N ASN A 54 7.68 -1.90 13.45
CA ASN A 54 7.42 -1.71 14.91
C ASN A 54 6.36 -2.75 15.43
N PRO A 55 5.96 -2.76 16.77
CA PRO A 55 4.85 -3.66 17.29
C PRO A 55 3.45 -3.19 16.80
N GLU A 56 3.25 -1.85 16.93
CA GLU A 56 2.02 -1.10 16.50
C GLU A 56 1.91 -1.04 14.93
N ASP A 57 3.07 -0.76 14.29
CA ASP A 57 3.17 -0.73 12.83
C ASP A 57 3.41 -2.17 12.21
N GLN A 58 3.46 -3.22 13.12
CA GLN A 58 3.51 -4.67 12.77
C GLN A 58 2.08 -5.08 12.36
N VAL A 59 1.08 -4.58 13.17
CA VAL A 59 -0.39 -4.75 12.89
C VAL A 59 -0.75 -4.06 11.51
N LEU A 60 -0.22 -2.83 11.26
CA LEU A 60 -0.41 -2.14 9.94
C LEU A 60 0.33 -2.82 8.72
N TYR A 61 1.48 -3.48 9.00
CA TYR A 61 2.30 -4.19 7.97
C TYR A 61 2.19 -5.77 8.02
N GLN A 62 1.16 -6.30 8.73
CA GLN A 62 0.98 -7.79 8.90
C GLN A 62 -0.48 -8.31 8.75
N THR A 63 -1.49 -7.46 8.97
CA THR A 63 -2.95 -7.87 8.88
C THR A 63 -3.50 -7.91 7.39
N GLU A 64 -4.27 -8.98 7.05
CA GLU A 64 -4.81 -9.21 5.66
C GLU A 64 -6.36 -9.22 5.53
N ARG A 65 -6.83 -8.69 4.38
CA ARG A 65 -8.26 -8.68 4.01
C ARG A 65 -8.44 -9.23 2.58
N TYR A 66 -8.96 -10.47 2.48
CA TYR A 66 -9.19 -11.12 1.17
C TYR A 66 -10.67 -11.47 0.93
N ASN A 67 -11.13 -11.28 -0.32
CA ASN A 67 -12.53 -11.53 -0.72
C ASN A 67 -12.68 -12.70 -1.72
N GLU A 68 -12.36 -12.48 -3.01
CA GLU A 68 -12.50 -13.53 -4.03
C GLU A 68 -11.35 -13.50 -5.09
N ASP A 69 -11.55 -12.77 -6.22
CA ASP A 69 -10.58 -12.71 -7.35
C ASP A 69 -10.82 -11.46 -8.21
N SER A 70 -9.76 -10.62 -8.41
CA SER A 70 -9.80 -9.34 -9.21
C SER A 70 -10.55 -8.23 -8.44
N PHE A 71 -9.83 -7.55 -7.54
CA PHE A 71 -10.44 -6.52 -6.68
C PHE A 71 -9.47 -5.37 -6.34
N GLY A 72 -10.06 -4.19 -6.08
CA GLY A 72 -9.26 -3.02 -5.75
C GLY A 72 -10.02 -1.85 -5.14
N TYR A 73 -9.30 -0.72 -5.00
CA TYR A 73 -9.82 0.50 -4.38
C TYR A 73 -9.94 1.72 -5.34
N ASP A 74 -10.57 2.79 -4.81
CA ASP A 74 -10.81 4.06 -5.54
C ASP A 74 -10.26 5.30 -4.78
N ILE A 75 -9.53 6.17 -5.50
CA ILE A 75 -8.95 7.41 -4.94
C ILE A 75 -9.41 8.64 -5.79
N PRO A 76 -10.41 9.46 -5.35
CA PRO A 76 -10.84 10.66 -6.10
C PRO A 76 -9.99 11.94 -5.83
N ILE A 77 -9.36 12.48 -6.89
CA ILE A 77 -8.50 13.70 -6.81
C ILE A 77 -8.94 14.77 -7.87
N LYS A 78 -8.49 16.01 -7.64
CA LYS A 78 -8.76 17.17 -8.50
C LYS A 78 -7.60 18.22 -8.45
N GLU A 79 -6.38 17.80 -8.01
CA GLU A 79 -5.22 18.69 -7.91
C GLU A 79 -3.98 18.09 -8.59
N GLU A 80 -3.01 18.95 -8.93
CA GLU A 80 -1.79 18.53 -9.62
C GLU A 80 -0.48 18.77 -8.83
N GLY A 81 0.47 17.87 -9.05
CA GLY A 81 1.79 17.92 -8.42
C GLY A 81 2.49 16.57 -8.44
N GLU A 82 3.18 16.18 -7.34
CA GLU A 82 3.83 14.86 -7.30
C GLU A 82 3.19 13.97 -6.23
N TYR A 83 2.37 13.00 -6.68
CA TYR A 83 1.66 12.07 -5.77
C TYR A 83 2.41 10.74 -5.67
N VAL A 84 2.67 10.32 -4.43
CA VAL A 84 3.46 9.08 -4.18
C VAL A 84 2.56 7.99 -3.54
N LEU A 85 2.51 6.83 -4.22
CA LEU A 85 1.75 5.67 -3.76
C LEU A 85 2.69 4.56 -3.28
N VAL A 86 2.76 4.42 -1.96
CA VAL A 86 3.60 3.42 -1.26
C VAL A 86 2.66 2.40 -0.57
N LEU A 87 2.85 1.12 -0.88
CA LEU A 87 2.04 0.06 -0.28
C LEU A 87 2.89 -1.14 0.17
N LYS A 88 2.58 -1.64 1.39
CA LYS A 88 3.33 -2.79 1.97
C LYS A 88 2.60 -4.11 1.72
N PHE A 89 3.31 -5.02 1.05
CA PHE A 89 2.79 -6.36 0.76
C PHE A 89 3.50 -7.40 1.64
N ALA A 90 2.73 -8.33 2.25
CA ALA A 90 3.31 -9.38 3.16
C ALA A 90 2.65 -10.78 2.94
N GLU A 91 3.45 -11.85 3.24
CA GLU A 91 3.03 -13.27 3.12
C GLU A 91 2.60 -13.88 4.49
N VAL A 92 1.77 -14.95 4.46
CA VAL A 92 1.29 -15.57 5.71
C VAL A 92 1.13 -17.15 5.64
N TYR A 93 0.65 -17.71 4.50
CA TYR A 93 0.43 -19.19 4.40
C TYR A 93 1.04 -19.85 3.13
N PHE A 94 1.67 -19.10 2.21
CA PHE A 94 2.25 -19.70 0.98
C PHE A 94 3.72 -19.29 0.78
N ALA A 95 4.62 -20.30 0.86
CA ALA A 95 6.07 -20.12 0.68
C ALA A 95 6.56 -20.79 -0.64
N GLN A 96 6.58 -19.99 -1.71
CA GLN A 96 7.02 -20.45 -3.06
C GLN A 96 7.60 -19.29 -3.91
N SER A 97 8.55 -19.64 -4.79
CA SER A 97 9.21 -18.65 -5.68
C SER A 97 9.08 -19.01 -7.16
N GLN A 98 8.40 -18.10 -7.91
CA GLN A 98 8.10 -18.20 -9.37
C GLN A 98 7.03 -19.28 -9.72
N GLN A 99 5.87 -19.14 -9.07
CA GLN A 99 4.72 -20.04 -9.19
C GLN A 99 3.42 -19.27 -8.84
N LYS A 100 3.50 -18.41 -7.79
CA LYS A 100 2.37 -17.56 -7.36
C LYS A 100 2.69 -16.10 -7.75
N VAL A 101 2.45 -15.79 -9.03
CA VAL A 101 2.73 -14.46 -9.64
C VAL A 101 1.43 -13.68 -9.92
N PHE A 102 1.40 -12.42 -9.45
CA PHE A 102 0.21 -11.53 -9.55
C PHE A 102 0.41 -10.28 -10.42
N ASP A 103 -0.71 -9.54 -10.67
CA ASP A 103 -0.64 -8.28 -11.45
C ASP A 103 -1.10 -7.07 -10.61
N VAL A 104 -0.34 -5.97 -10.72
CA VAL A 104 -0.57 -4.71 -9.95
C VAL A 104 -0.64 -3.48 -10.92
N ARG A 105 -1.78 -2.74 -10.85
CA ARG A 105 -2.04 -1.55 -11.70
C ARG A 105 -2.50 -0.27 -10.93
N VAL A 106 -2.12 0.91 -11.50
CA VAL A 106 -2.51 2.26 -10.98
C VAL A 106 -3.17 3.14 -12.09
N ASN A 107 -4.53 3.35 -11.95
CA ASN A 107 -5.43 4.12 -12.91
C ASN A 107 -5.55 3.46 -14.32
N GLY A 108 -5.36 2.12 -14.36
CA GLY A 108 -5.38 1.40 -15.61
C GLY A 108 -3.98 0.98 -16.13
N HIS A 109 -2.92 1.58 -15.54
CA HIS A 109 -1.51 1.37 -15.88
C HIS A 109 -0.83 0.21 -15.10
N THR A 110 -0.12 -0.71 -15.78
CA THR A 110 0.57 -1.82 -15.05
C THR A 110 2.06 -1.54 -14.82
N VAL A 111 2.45 -1.65 -13.55
CA VAL A 111 3.85 -1.41 -13.09
C VAL A 111 4.50 -2.74 -12.62
N VAL A 112 3.78 -3.53 -11.77
CA VAL A 112 4.35 -4.80 -11.27
C VAL A 112 3.44 -5.98 -11.71
N LYS A 113 3.73 -6.53 -12.92
CA LYS A 113 2.97 -7.68 -13.44
C LYS A 113 3.82 -8.96 -13.43
N ASP A 114 3.99 -9.41 -12.20
CA ASP A 114 4.75 -10.61 -11.76
C ASP A 114 5.10 -10.45 -10.25
N LEU A 115 4.07 -10.33 -9.37
CA LEU A 115 4.32 -10.15 -7.95
C LEU A 115 4.37 -11.47 -7.15
N ASP A 116 5.61 -11.84 -6.86
CA ASP A 116 5.95 -13.00 -6.03
C ASP A 116 6.72 -12.44 -4.81
N ILE A 117 6.02 -12.36 -3.65
CA ILE A 117 6.58 -11.76 -2.38
C ILE A 117 7.75 -12.61 -1.72
N PHE A 118 7.78 -13.95 -1.95
CA PHE A 118 8.84 -14.86 -1.43
C PHE A 118 10.17 -14.75 -2.24
N ASP A 119 10.05 -14.58 -3.59
CA ASP A 119 11.19 -14.39 -4.54
C ASP A 119 11.83 -12.94 -4.45
N ARG A 120 11.02 -11.93 -4.02
CA ARG A 120 11.48 -10.51 -3.87
C ARG A 120 12.26 -10.25 -2.56
N VAL A 121 11.65 -10.51 -1.37
CA VAL A 121 12.38 -10.33 -0.06
C VAL A 121 13.15 -11.60 0.45
N GLY A 122 12.59 -12.82 0.23
CA GLY A 122 13.25 -14.06 0.66
C GLY A 122 12.57 -14.76 1.84
N HIS A 123 12.72 -14.16 3.04
CA HIS A 123 12.14 -14.65 4.30
C HIS A 123 10.89 -13.83 4.71
N SER A 124 10.20 -14.25 5.81
CA SER A 124 8.97 -13.57 6.34
C SER A 124 9.26 -12.19 7.01
N THR A 125 9.26 -11.16 6.14
CA THR A 125 9.54 -9.74 6.51
C THR A 125 8.56 -8.78 5.75
N ALA A 126 8.90 -7.47 5.67
CA ALA A 126 8.06 -6.48 4.96
C ALA A 126 8.56 -6.16 3.52
N HIS A 127 7.62 -6.21 2.53
CA HIS A 127 7.91 -5.87 1.11
C HIS A 127 7.34 -4.47 0.78
N ASP A 128 8.08 -3.69 -0.01
CA ASP A 128 7.65 -2.31 -0.32
C ASP A 128 7.76 -1.94 -1.82
N GLU A 129 6.61 -1.49 -2.36
CA GLU A 129 6.53 -1.01 -3.74
C GLU A 129 6.26 0.52 -3.78
N ILE A 130 7.23 1.25 -4.38
CA ILE A 130 7.21 2.72 -4.50
C ILE A 130 6.97 3.17 -5.97
N ILE A 131 5.87 3.93 -6.18
CA ILE A 131 5.52 4.44 -7.51
C ILE A 131 5.23 5.99 -7.47
N PRO A 132 6.23 6.90 -7.79
CA PRO A 132 5.98 8.39 -7.88
C PRO A 132 5.23 8.78 -9.17
N ILE A 133 4.19 9.60 -9.00
CA ILE A 133 3.31 10.05 -10.10
C ILE A 133 3.41 11.60 -10.32
N SER A 134 3.27 12.01 -11.59
CA SER A 134 3.32 13.42 -11.97
C SER A 134 2.11 13.81 -12.84
N ILE A 135 1.21 14.62 -12.24
CA ILE A 135 0.00 15.13 -12.91
C ILE A 135 0.15 16.68 -13.10
N LYS A 136 0.05 17.11 -14.37
CA LYS A 136 0.18 18.54 -14.74
C LYS A 136 -0.88 18.92 -15.80
N LYS A 137 -1.68 19.97 -15.48
CA LYS A 137 -2.80 20.52 -16.34
C LYS A 137 -4.01 19.54 -16.53
N GLY A 138 -4.10 18.52 -15.64
CA GLY A 138 -5.16 17.49 -15.71
C GLY A 138 -4.74 16.18 -16.38
N LYS A 139 -3.41 15.95 -16.61
CA LYS A 139 -2.94 14.70 -17.25
C LYS A 139 -1.94 13.92 -16.38
N LEU A 140 -1.98 12.58 -16.48
CA LEU A 140 -1.16 11.67 -15.65
C LEU A 140 0.07 11.08 -16.39
N SER A 141 1.17 10.93 -15.63
CA SER A 141 2.41 10.36 -16.14
C SER A 141 3.02 9.36 -15.13
N VAL A 142 3.07 8.07 -15.52
CA VAL A 142 3.62 7.01 -14.66
C VAL A 142 4.90 6.36 -15.33
N GLN A 143 6.11 6.73 -14.80
CA GLN A 143 7.47 6.24 -15.25
C GLN A 143 7.85 6.71 -16.69
N GLY A 144 7.39 5.97 -17.71
CA GLY A 144 7.63 6.29 -19.11
C GLY A 144 6.38 6.13 -19.99
N GLU A 145 5.18 6.36 -19.40
CA GLU A 145 3.89 6.25 -20.09
C GLU A 145 3.00 7.46 -19.76
N VAL A 146 2.50 8.15 -20.81
CA VAL A 146 1.66 9.35 -20.64
C VAL A 146 0.16 9.10 -21.10
N SER A 147 -0.77 9.53 -20.24
CA SER A 147 -2.22 9.42 -20.48
C SER A 147 -2.94 10.59 -19.76
N THR A 148 -4.28 10.66 -19.88
CA THR A 148 -5.03 11.73 -19.21
C THR A 148 -5.80 11.25 -17.92
N PHE A 149 -5.76 12.11 -16.87
CA PHE A 149 -6.44 11.86 -15.56
C PHE A 149 -7.93 12.27 -15.62
N THR A 150 -8.82 11.31 -15.33
CA THR A 150 -10.28 11.59 -15.36
C THR A 150 -10.99 11.18 -14.04
N GLY A 151 -11.07 12.14 -13.09
CA GLY A 151 -11.76 11.96 -11.80
C GLY A 151 -11.05 11.16 -10.69
N LYS A 152 -10.82 9.86 -10.91
CA LYS A 152 -10.22 8.99 -9.89
C LYS A 152 -9.05 8.10 -10.40
N LEU A 153 -8.22 7.69 -9.42
CA LEU A 153 -7.06 6.77 -9.61
C LEU A 153 -7.43 5.38 -9.07
N SER A 154 -7.04 4.29 -9.77
CA SER A 154 -7.43 2.95 -9.29
C SER A 154 -6.28 1.99 -8.99
N VAL A 155 -6.45 1.19 -7.93
CA VAL A 155 -5.46 0.13 -7.55
C VAL A 155 -6.14 -1.24 -7.74
N GLU A 156 -5.87 -1.86 -8.90
CA GLU A 156 -6.47 -3.14 -9.27
C GLU A 156 -5.48 -4.30 -9.32
N PHE A 157 -5.81 -5.39 -8.61
CA PHE A 157 -4.95 -6.59 -8.61
C PHE A 157 -5.68 -7.77 -9.28
N VAL A 158 -5.00 -8.35 -10.29
CA VAL A 158 -5.55 -9.49 -11.09
C VAL A 158 -4.94 -10.85 -10.61
N LYS A 159 -5.80 -11.89 -10.66
CA LYS A 159 -5.53 -13.29 -10.21
C LYS A 159 -4.56 -14.13 -11.09
N GLY A 160 -3.86 -15.06 -10.42
CA GLY A 160 -2.93 -15.98 -11.08
C GLY A 160 -3.37 -17.45 -10.98
N TYR A 161 -3.76 -17.89 -9.75
CA TYR A 161 -4.22 -19.27 -9.51
C TYR A 161 -5.55 -19.30 -8.69
N TYR A 162 -5.45 -19.08 -7.35
CA TYR A 162 -6.63 -19.07 -6.45
C TYR A 162 -6.55 -17.92 -5.42
N ASP A 163 -5.41 -17.85 -4.68
CA ASP A 163 -5.13 -16.79 -3.66
C ASP A 163 -4.39 -15.62 -4.29
N ASN A 164 -5.04 -14.45 -4.22
CA ASN A 164 -4.52 -13.15 -4.73
C ASN A 164 -3.51 -12.51 -3.71
N PRO A 165 -3.02 -11.21 -3.85
CA PRO A 165 -2.11 -10.58 -2.83
C PRO A 165 -2.80 -10.45 -1.44
N LYS A 166 -2.36 -11.36 -0.52
CA LYS A 166 -2.93 -11.55 0.85
C LYS A 166 -2.88 -10.30 1.79
N VAL A 167 -1.68 -9.79 2.17
CA VAL A 167 -1.59 -8.59 3.07
C VAL A 167 -1.40 -7.31 2.22
N CYS A 168 -2.24 -6.28 2.54
CA CYS A 168 -2.22 -5.02 1.81
C CYS A 168 -2.24 -3.80 2.76
N ALA A 169 -1.20 -2.95 2.61
CA ALA A 169 -0.96 -1.75 3.46
C ALA A 169 -0.92 -0.36 2.69
N LEU A 170 -1.94 -0.11 1.79
CA LEU A 170 -2.11 1.16 0.96
C LEU A 170 -1.88 2.51 1.69
N PHE A 171 -1.07 3.38 1.06
CA PHE A 171 -0.75 4.70 1.60
C PHE A 171 -0.44 5.71 0.47
N ILE A 172 -1.39 6.65 0.18
CA ILE A 172 -1.11 7.70 -0.83
C ILE A 172 -1.05 9.12 -0.16
N MET A 173 0.11 9.76 -0.36
CA MET A 173 0.38 11.11 0.16
C MET A 173 0.74 12.08 -0.99
N LYS A 174 0.74 13.40 -0.74
CA LYS A 174 0.98 14.35 -1.83
C LYS A 174 2.16 15.35 -1.67
N GLY A 175 2.54 15.81 -2.87
CA GLY A 175 3.53 16.87 -3.14
C GLY A 175 4.93 16.46 -3.66
N THR A 176 5.57 15.36 -3.12
CA THR A 176 6.97 14.94 -3.55
C THR A 176 7.46 13.64 -2.87
N ALA A 177 8.40 12.92 -3.57
CA ALA A 177 9.05 11.66 -3.07
C ALA A 177 10.24 11.91 -2.06
N ASP A 178 10.74 13.18 -1.98
CA ASP A 178 11.84 13.58 -1.05
C ASP A 178 11.34 14.02 0.38
N ASP A 179 10.01 13.93 0.63
CA ASP A 179 9.38 14.30 1.93
C ASP A 179 8.85 13.08 2.74
N VAL A 180 8.89 11.85 2.14
CA VAL A 180 8.44 10.57 2.79
C VAL A 180 9.62 9.88 3.60
N PRO A 181 9.76 10.14 4.95
CA PRO A 181 10.83 9.51 5.77
C PRO A 181 10.40 8.22 6.53
N MET A 182 11.36 7.28 6.67
CA MET A 182 11.12 6.00 7.38
C MET A 182 12.29 5.63 8.29
N LEU A 183 12.04 5.67 9.61
CA LEU A 183 13.07 5.33 10.63
C LEU A 183 12.49 4.51 11.81
N GLN A 184 13.41 3.85 12.52
CA GLN A 184 13.08 3.02 13.71
C GLN A 184 13.62 3.67 15.01
N PRO A 185 13.10 3.30 16.26
CA PRO A 185 13.60 3.89 17.56
C PRO A 185 15.08 3.58 17.90
N HIS A 186 15.87 4.66 18.03
CA HIS A 186 17.31 4.56 18.33
C HIS A 186 17.74 5.61 19.41
N PRO A 187 18.68 5.26 20.38
CA PRO A 187 19.14 6.21 21.45
C PRO A 187 20.19 7.28 21.02
N GLY A 188 21.01 6.92 20.01
CA GLY A 188 22.07 7.82 19.54
C GLY A 188 22.15 7.92 18.01
N LEU A 189 23.41 7.99 17.51
CA LEU A 189 23.67 8.09 16.06
C LEU A 189 24.47 6.88 15.52
N GLU A 190 23.85 6.09 14.64
CA GLU A 190 24.48 4.91 14.03
C GLU A 190 24.06 4.77 12.56
C2 BGC B . -6.19 -24.75 0.20
C3 BGC B . -5.84 -23.36 0.89
C4 BGC B . -6.54 -23.17 2.31
C5 BGC B . -6.20 -24.43 3.23
C6 BGC B . -6.95 -24.47 4.59
C1 BGC B . -5.96 -25.90 1.24
O1 BGC B . -6.43 -27.11 0.75
O2 BGC B . -5.36 -24.96 -0.94
O3 BGC B . -6.26 -22.31 0.02
O4 BGC B . -6.06 -21.92 2.94
O5 BGC B . -6.70 -25.62 2.48
O6 BGC B . -7.45 -25.74 5.00
H2 BGC B . -7.26 -24.76 -0.07
H3 BGC B . -4.75 -23.31 1.05
H4 BGC B . -7.63 -23.17 2.14
H5 BGC B . -5.15 -24.71 3.38
H61 BGC B . -7.74 -23.72 4.61
H62 BGC B . -6.23 -24.10 5.36
H1 BGC B . -4.89 -26.03 1.48
HO1 BGC B . -7.27 -26.97 0.30
HO2 BGC B . -5.38 -24.18 -1.49
HO3 BGC B . -6.40 -22.66 -0.86
HO6 BGC B . -8.24 -25.95 4.51
C1 GLC B . -7.00 -20.82 3.05
C2 GLC B . -6.31 -19.42 2.80
C3 GLC B . -5.34 -19.06 4.03
C4 GLC B . -6.05 -19.23 5.45
C5 GLC B . -6.69 -20.69 5.56
C6 GLC B . -7.57 -20.94 6.82
O2 GLC B . -5.50 -19.50 1.63
O3 GLC B . -4.93 -17.70 3.88
O4 GLC B . -5.09 -19.01 6.49
O5 GLC B . -7.62 -20.79 4.40
O6 GLC B . -8.74 -21.70 6.61
H1 GLC B . -7.82 -20.96 2.33
H2 GLC B . -7.09 -18.64 2.72
H3 GLC B . -4.48 -19.73 4.00
H4 GLC B . -6.87 -18.49 5.49
H5 GLC B . -6.03 -21.55 5.37
H61 GLC B . -7.78 -19.98 7.30
H62 GLC B . -6.91 -21.45 7.56
HO2 GLC B . -4.95 -18.71 1.57
HO3 GLC B . -5.09 -17.41 2.98
HO4 GLC B . -5.24 -18.15 6.88
HO6 GLC B . -9.40 -21.16 6.20
N GLY A 1 16.40 10.10 9.09
CA GLY A 1 16.48 11.58 9.22
C GLY A 1 15.35 12.29 8.51
N ALA A 2 15.39 13.68 8.53
CA ALA A 2 14.40 14.66 7.92
C ALA A 2 12.94 14.57 8.51
N MET A 3 12.50 15.69 9.12
CA MET A 3 11.16 15.78 9.72
C MET A 3 10.54 17.17 9.47
N SER A 4 9.43 17.20 8.71
CA SER A 4 8.72 18.44 8.39
C SER A 4 7.20 18.35 8.65
N GLY A 5 6.50 17.49 7.87
CA GLY A 5 5.06 17.33 8.03
C GLY A 5 4.46 16.33 7.05
N LEU A 6 4.30 15.07 7.51
CA LEU A 6 3.71 13.97 6.69
C LEU A 6 2.15 13.90 6.80
N ALA A 7 1.63 14.07 8.05
CA ALA A 7 0.17 14.13 8.41
C ALA A 7 -0.63 15.30 7.70
N ASP A 8 0.08 16.39 7.28
CA ASP A 8 -0.50 17.56 6.58
C ASP A 8 -0.58 17.36 5.02
N LYS A 9 0.09 16.31 4.48
CA LYS A 9 0.09 16.02 3.03
C LYS A 9 -0.80 14.81 2.64
N VAL A 10 -1.10 13.85 3.59
CA VAL A 10 -1.99 12.65 3.34
C VAL A 10 -3.45 12.99 2.77
N ILE A 11 -3.88 12.20 1.78
CA ILE A 11 -5.22 12.37 1.18
C ILE A 11 -6.06 11.07 1.23
N TRP A 12 -5.40 9.88 1.24
CA TRP A 12 -6.10 8.59 1.25
C TRP A 12 -5.16 7.41 1.67
N ALA A 13 -5.47 6.71 2.80
CA ALA A 13 -4.65 5.52 3.28
C ALA A 13 -5.54 4.36 3.77
N VAL A 14 -5.25 3.10 3.31
CA VAL A 14 -6.06 1.89 3.70
C VAL A 14 -5.17 0.61 3.98
N ASN A 15 -5.43 -0.05 5.15
CA ASN A 15 -4.82 -1.37 5.47
C ASN A 15 -5.98 -2.39 5.56
N ALA A 16 -6.08 -3.26 4.54
CA ALA A 16 -7.14 -4.30 4.48
C ALA A 16 -6.80 -5.52 5.39
N GLY A 17 -7.53 -5.58 6.53
CA GLY A 17 -7.35 -6.64 7.52
C GLY A 17 -8.06 -6.40 8.86
N GLY A 18 -7.65 -5.32 9.57
CA GLY A 18 -8.24 -5.00 10.90
C GLY A 18 -9.39 -3.98 10.86
N GLU A 19 -9.18 -2.80 11.49
CA GLU A 19 -10.17 -1.72 11.55
C GLU A 19 -9.52 -0.45 12.13
N SER A 20 -9.40 0.61 11.27
CA SER A 20 -8.82 1.98 11.59
C SER A 20 -7.47 2.05 12.37
N HIS A 21 -6.37 2.52 11.71
CA HIS A 21 -5.08 2.65 12.45
C HIS A 21 -4.33 3.96 12.17
N VAL A 22 -3.81 4.54 13.28
CA VAL A 22 -3.00 5.79 13.27
C VAL A 22 -1.51 5.36 13.51
N ASP A 23 -0.68 5.47 12.45
CA ASP A 23 0.76 5.11 12.53
C ASP A 23 1.65 6.31 13.01
N VAL A 24 2.87 5.97 13.51
CA VAL A 24 3.91 6.91 14.17
C VAL A 24 4.19 8.33 13.54
N HIS A 25 3.97 8.51 12.24
CA HIS A 25 4.17 9.83 11.59
C HIS A 25 2.84 10.67 11.53
N GLY A 26 1.70 10.01 11.86
CA GLY A 26 0.37 10.61 11.86
C GLY A 26 -0.47 10.29 10.64
N ILE A 27 -0.36 9.04 10.17
CA ILE A 27 -1.10 8.54 9.00
C ILE A 27 -2.25 7.59 9.49
N HIS A 28 -3.45 7.76 8.93
CA HIS A 28 -4.60 6.98 9.38
C HIS A 28 -5.30 6.15 8.28
N TYR A 29 -5.56 4.86 8.60
CA TYR A 29 -6.32 3.93 7.71
C TYR A 29 -7.83 3.94 8.08
N ARG A 30 -8.69 3.98 7.04
CA ARG A 30 -10.17 4.01 7.18
C ARG A 30 -10.84 2.62 6.97
N LYS A 31 -11.25 2.03 8.12
CA LYS A 31 -11.96 0.69 8.32
C LYS A 31 -13.01 0.24 7.27
N ASP A 32 -12.71 -0.97 6.70
CA ASP A 32 -13.57 -1.73 5.67
C ASP A 32 -14.27 -0.87 4.56
N PRO A 33 -13.51 -0.19 3.66
CA PRO A 33 -14.09 0.67 2.59
C PRO A 33 -14.41 0.01 1.22
N LEU A 34 -14.02 -1.27 0.98
CA LEU A 34 -14.32 -1.93 -0.33
C LEU A 34 -14.74 -3.43 -0.25
N GLU A 35 -14.31 -4.20 0.79
CA GLU A 35 -14.67 -5.63 0.92
C GLU A 35 -15.85 -5.87 1.90
N GLY A 36 -17.06 -5.53 1.43
CA GLY A 36 -18.29 -5.67 2.24
C GLY A 36 -18.84 -4.34 2.79
N ARG A 37 -17.92 -3.34 3.05
CA ARG A 37 -18.19 -1.95 3.60
C ARG A 37 -19.07 -1.90 4.90
N VAL A 38 -18.60 -2.63 5.92
CA VAL A 38 -19.26 -2.74 7.27
C VAL A 38 -18.20 -2.74 8.41
N GLY A 39 -18.64 -2.82 9.68
CA GLY A 39 -17.72 -2.82 10.83
C GLY A 39 -17.34 -4.22 11.35
N ARG A 40 -16.36 -4.85 10.67
CA ARG A 40 -15.88 -6.21 11.02
C ARG A 40 -14.38 -6.40 10.71
N ALA A 41 -13.65 -7.00 11.70
CA ALA A 41 -12.19 -7.29 11.59
C ALA A 41 -11.94 -8.82 11.43
N SER A 42 -11.08 -9.17 10.45
CA SER A 42 -10.73 -10.57 10.17
C SER A 42 -9.24 -10.83 10.41
N ASP A 43 -8.96 -11.56 11.51
CA ASP A 43 -7.57 -11.89 11.88
C ASP A 43 -7.44 -13.37 12.29
N TYR A 44 -6.76 -14.15 11.42
CA TYR A 44 -6.50 -15.58 11.65
C TYR A 44 -5.04 -15.86 12.06
N GLY A 45 -4.10 -15.05 11.52
CA GLY A 45 -2.68 -15.15 11.85
C GLY A 45 -2.19 -13.89 12.58
N MET A 46 -2.56 -13.79 13.88
CA MET A 46 -2.22 -12.64 14.75
C MET A 46 -0.90 -12.81 15.55
N LYS A 47 -0.43 -14.06 15.72
CA LYS A 47 0.81 -14.34 16.47
C LYS A 47 2.02 -14.68 15.53
N LEU A 48 2.04 -14.01 14.36
CA LEU A 48 3.08 -14.13 13.32
C LEU A 48 3.43 -12.68 12.90
N PRO A 49 4.15 -11.89 13.77
CA PRO A 49 4.51 -10.43 13.50
C PRO A 49 5.52 -10.15 12.38
N ILE A 50 5.47 -8.88 11.88
CA ILE A 50 6.38 -8.37 10.84
C ILE A 50 7.68 -7.81 11.56
N LEU A 51 8.86 -8.33 11.13
CA LEU A 51 10.20 -8.00 11.72
C LEU A 51 10.86 -6.67 11.25
N ARG A 52 10.34 -6.04 10.18
CA ARG A 52 10.89 -4.77 9.66
C ARG A 52 10.06 -3.50 10.06
N SER A 53 9.17 -3.63 11.08
CA SER A 53 8.34 -2.51 11.55
C SER A 53 8.26 -2.44 13.11
N ASN A 54 7.26 -1.66 13.59
CA ASN A 54 6.97 -1.44 15.03
C ASN A 54 5.84 -2.40 15.55
N PRO A 55 5.38 -2.35 16.87
CA PRO A 55 4.22 -3.19 17.38
C PRO A 55 2.85 -2.67 16.85
N GLU A 56 2.68 -1.33 16.94
CA GLU A 56 1.49 -0.56 16.47
C GLU A 56 1.40 -0.53 14.92
N ASP A 57 2.56 -0.22 14.28
CA ASP A 57 2.71 -0.20 12.81
C ASP A 57 2.83 -1.67 12.22
N GLN A 58 2.97 -2.70 13.14
CA GLN A 58 2.96 -4.17 12.82
C GLN A 58 1.51 -4.56 12.43
N VAL A 59 0.53 -4.02 13.22
CA VAL A 59 -0.97 -4.14 12.95
C VAL A 59 -1.32 -3.53 11.53
N LEU A 60 -0.71 -2.35 11.21
CA LEU A 60 -0.91 -1.72 9.87
C LEU A 60 0.00 -2.35 8.73
N TYR A 61 0.93 -3.21 9.09
CA TYR A 61 1.83 -3.92 8.13
C TYR A 61 1.79 -5.49 8.29
N GLN A 62 0.68 -6.02 8.86
CA GLN A 62 0.53 -7.50 9.13
C GLN A 62 -0.91 -8.06 8.93
N THR A 63 -1.94 -7.29 9.32
CA THR A 63 -3.42 -7.71 9.24
C THR A 63 -3.98 -7.87 7.78
N GLU A 64 -4.71 -8.99 7.50
CA GLU A 64 -5.27 -9.30 6.15
C GLU A 64 -6.80 -9.51 6.08
N ARG A 65 -7.37 -9.00 4.97
CA ARG A 65 -8.81 -9.09 4.65
C ARG A 65 -9.02 -9.74 3.27
N TYR A 66 -9.75 -10.86 3.22
CA TYR A 66 -10.02 -11.58 1.95
C TYR A 66 -11.52 -11.85 1.75
N ASN A 67 -12.00 -11.64 0.51
CA ASN A 67 -13.43 -11.83 0.17
C ASN A 67 -13.67 -12.85 -0.96
N GLU A 68 -13.32 -12.50 -2.23
CA GLU A 68 -13.57 -13.43 -3.35
C GLU A 68 -12.37 -13.55 -4.34
N ASP A 69 -12.29 -12.66 -5.36
CA ASP A 69 -11.26 -12.71 -6.42
C ASP A 69 -11.36 -11.46 -7.32
N SER A 70 -10.23 -10.71 -7.46
CA SER A 70 -10.14 -9.44 -8.28
C SER A 70 -10.88 -8.26 -7.61
N PHE A 71 -10.19 -7.59 -6.69
CA PHE A 71 -10.79 -6.47 -5.95
C PHE A 71 -9.85 -5.26 -5.85
N GLY A 72 -10.45 -4.06 -5.96
CA GLY A 72 -9.68 -2.81 -5.95
C GLY A 72 -10.30 -1.66 -5.18
N TYR A 73 -9.52 -0.57 -5.13
CA TYR A 73 -9.89 0.65 -4.40
C TYR A 73 -10.00 1.90 -5.32
N ASP A 74 -10.68 2.93 -4.77
CA ASP A 74 -10.91 4.21 -5.49
C ASP A 74 -10.34 5.43 -4.72
N ILE A 75 -9.56 6.26 -5.44
CA ILE A 75 -8.95 7.50 -4.88
C ILE A 75 -9.40 8.72 -5.75
N PRO A 76 -10.40 9.55 -5.30
CA PRO A 76 -10.82 10.75 -6.06
C PRO A 76 -9.95 12.02 -5.81
N ILE A 77 -9.33 12.53 -6.90
CA ILE A 77 -8.45 13.73 -6.82
C ILE A 77 -8.91 14.83 -7.85
N LYS A 78 -8.46 16.07 -7.58
CA LYS A 78 -8.75 17.25 -8.42
C LYS A 78 -7.57 18.27 -8.39
N GLU A 79 -6.35 17.83 -8.02
CA GLU A 79 -5.17 18.71 -7.95
C GLU A 79 -3.97 18.10 -8.70
N GLU A 80 -3.00 18.95 -9.06
CA GLU A 80 -1.80 18.52 -9.79
C GLU A 80 -0.48 18.76 -9.03
N GLY A 81 0.45 17.83 -9.22
CA GLY A 81 1.77 17.89 -8.58
C GLY A 81 2.47 16.54 -8.57
N GLU A 82 3.14 16.17 -7.43
CA GLU A 82 3.80 14.87 -7.36
C GLU A 82 3.14 13.97 -6.30
N TYR A 83 2.37 12.97 -6.74
CA TYR A 83 1.66 12.05 -5.81
C TYR A 83 2.43 10.74 -5.68
N VAL A 84 2.71 10.36 -4.43
CA VAL A 84 3.51 9.14 -4.14
C VAL A 84 2.63 8.04 -3.53
N LEU A 85 2.62 6.89 -4.25
CA LEU A 85 1.87 5.70 -3.85
C LEU A 85 2.83 4.66 -3.23
N VAL A 86 2.73 4.49 -1.89
CA VAL A 86 3.56 3.52 -1.13
C VAL A 86 2.65 2.43 -0.52
N LEU A 87 2.97 1.16 -0.81
CA LEU A 87 2.17 0.03 -0.27
C LEU A 87 3.05 -1.10 0.31
N LYS A 88 2.57 -1.68 1.44
CA LYS A 88 3.30 -2.81 2.09
C LYS A 88 2.57 -4.15 1.85
N PHE A 89 3.26 -5.08 1.19
CA PHE A 89 2.72 -6.42 0.91
C PHE A 89 3.40 -7.48 1.81
N ALA A 90 2.57 -8.39 2.39
CA ALA A 90 3.06 -9.46 3.30
C ALA A 90 2.35 -10.82 3.03
N GLU A 91 3.11 -11.95 3.21
CA GLU A 91 2.59 -13.31 3.00
C GLU A 91 3.03 -14.24 4.14
N VAL A 92 2.06 -14.84 4.86
CA VAL A 92 2.35 -15.77 6.00
C VAL A 92 1.44 -17.03 6.01
N TYR A 93 1.72 -18.00 5.12
CA TYR A 93 0.96 -19.27 5.04
C TYR A 93 1.60 -20.30 4.08
N PHE A 94 1.89 -19.89 2.82
CA PHE A 94 2.48 -20.79 1.81
C PHE A 94 3.89 -20.35 1.38
N ALA A 95 4.78 -21.35 1.15
CA ALA A 95 6.19 -21.10 0.72
C ALA A 95 6.41 -21.53 -0.76
N GLN A 96 6.42 -20.52 -1.65
CA GLN A 96 6.63 -20.69 -3.11
C GLN A 96 6.99 -19.35 -3.78
N SER A 97 7.78 -19.42 -4.89
CA SER A 97 8.23 -18.22 -5.61
C SER A 97 7.60 -18.04 -7.00
N GLN A 98 8.04 -18.83 -8.00
CA GLN A 98 7.49 -18.75 -9.39
C GLN A 98 6.35 -19.79 -9.61
N GLN A 99 5.22 -19.50 -8.93
CA GLN A 99 4.01 -20.33 -8.94
C GLN A 99 2.78 -19.45 -8.58
N LYS A 100 2.97 -18.55 -7.57
CA LYS A 100 1.92 -17.61 -7.16
C LYS A 100 2.34 -16.18 -7.57
N VAL A 101 2.07 -15.87 -8.84
CA VAL A 101 2.42 -14.56 -9.46
C VAL A 101 1.13 -13.74 -9.73
N PHE A 102 1.09 -12.54 -9.12
CA PHE A 102 -0.09 -11.65 -9.19
C PHE A 102 0.08 -10.40 -10.10
N ASP A 103 -1.03 -9.64 -10.27
CA ASP A 103 -1.01 -8.41 -11.09
C ASP A 103 -1.54 -7.20 -10.27
N VAL A 104 -0.82 -6.07 -10.43
CA VAL A 104 -1.09 -4.81 -9.73
C VAL A 104 -1.18 -3.62 -10.78
N ARG A 105 -2.33 -2.90 -10.74
CA ARG A 105 -2.64 -1.79 -11.67
C ARG A 105 -2.87 -0.41 -11.02
N VAL A 106 -2.39 0.65 -11.73
CA VAL A 106 -2.59 2.07 -11.29
C VAL A 106 -3.36 2.93 -12.36
N ASN A 107 -4.70 3.13 -12.12
CA ASN A 107 -5.67 3.91 -13.00
C ASN A 107 -5.92 3.28 -14.40
N GLY A 108 -5.80 1.96 -14.46
CA GLY A 108 -5.97 1.24 -15.72
C GLY A 108 -4.64 0.69 -16.30
N HIS A 109 -3.51 1.25 -15.80
CA HIS A 109 -2.13 0.90 -16.18
C HIS A 109 -1.55 -0.28 -15.37
N THR A 110 -0.47 -0.93 -15.85
CA THR A 110 0.18 -2.01 -15.04
C THR A 110 1.63 -1.66 -14.72
N VAL A 111 1.92 -1.79 -13.44
CA VAL A 111 3.25 -1.49 -12.90
C VAL A 111 4.00 -2.74 -12.38
N VAL A 112 3.31 -3.60 -11.58
CA VAL A 112 3.94 -4.83 -11.07
C VAL A 112 3.06 -6.03 -11.47
N LYS A 113 3.33 -6.60 -12.68
CA LYS A 113 2.56 -7.75 -13.17
C LYS A 113 3.40 -9.03 -13.21
N ASP A 114 3.56 -9.52 -12.00
CA ASP A 114 4.28 -10.75 -11.57
C ASP A 114 4.73 -10.56 -10.09
N LEU A 115 3.74 -10.44 -9.17
CA LEU A 115 4.05 -10.22 -7.75
C LEU A 115 4.17 -11.52 -6.94
N ASP A 116 5.44 -11.90 -6.76
CA ASP A 116 5.84 -13.06 -5.94
C ASP A 116 6.60 -12.53 -4.70
N ILE A 117 5.84 -12.36 -3.58
CA ILE A 117 6.34 -11.78 -2.28
C ILE A 117 7.47 -12.63 -1.56
N PHE A 118 7.50 -13.98 -1.82
CA PHE A 118 8.53 -14.90 -1.24
C PHE A 118 9.93 -14.73 -1.97
N ASP A 119 9.90 -14.53 -3.32
CA ASP A 119 11.11 -14.30 -4.17
C ASP A 119 11.70 -12.85 -4.02
N ARG A 120 10.84 -11.85 -3.64
CA ARG A 120 11.25 -10.44 -3.44
C ARG A 120 11.98 -10.18 -2.09
N VAL A 121 11.35 -10.55 -0.94
CA VAL A 121 12.01 -10.37 0.40
C VAL A 121 12.68 -11.66 0.98
N GLY A 122 12.08 -12.85 0.78
CA GLY A 122 12.66 -14.10 1.30
C GLY A 122 11.69 -14.91 2.14
N HIS A 123 11.94 -14.96 3.46
CA HIS A 123 11.07 -15.69 4.42
C HIS A 123 10.39 -14.70 5.39
N SER A 124 9.06 -14.50 5.18
CA SER A 124 8.19 -13.57 5.99
C SER A 124 8.53 -12.06 5.72
N THR A 125 8.72 -11.24 6.82
CA THR A 125 9.10 -9.76 6.80
C THR A 125 8.15 -8.80 5.99
N ALA A 126 8.55 -7.50 5.87
CA ALA A 126 7.79 -6.46 5.15
C ALA A 126 8.32 -6.18 3.70
N HIS A 127 7.39 -6.24 2.72
CA HIS A 127 7.71 -5.93 1.30
C HIS A 127 7.20 -4.50 0.95
N ASP A 128 8.00 -3.75 0.19
CA ASP A 128 7.63 -2.36 -0.14
C ASP A 128 7.88 -1.96 -1.61
N GLU A 129 6.82 -1.46 -2.25
CA GLU A 129 6.91 -0.96 -3.63
C GLU A 129 6.51 0.54 -3.68
N ILE A 130 7.44 1.34 -4.28
CA ILE A 130 7.30 2.81 -4.43
C ILE A 130 7.06 3.20 -5.91
N ILE A 131 5.97 3.96 -6.13
CA ILE A 131 5.58 4.42 -7.48
C ILE A 131 5.26 5.96 -7.47
N PRO A 132 6.26 6.88 -7.77
CA PRO A 132 5.99 8.36 -7.88
C PRO A 132 5.27 8.76 -9.18
N ILE A 133 4.22 9.58 -9.05
CA ILE A 133 3.37 10.02 -10.17
C ILE A 133 3.45 11.56 -10.38
N SER A 134 3.27 11.99 -11.64
CA SER A 134 3.29 13.41 -12.00
C SER A 134 2.09 13.80 -12.90
N ILE A 135 1.16 14.58 -12.31
CA ILE A 135 -0.05 15.07 -13.03
C ILE A 135 0.11 16.61 -13.24
N LYS A 136 0.00 17.04 -14.52
CA LYS A 136 0.12 18.45 -14.92
C LYS A 136 -0.92 18.81 -15.98
N LYS A 137 -1.72 19.89 -15.70
CA LYS A 137 -2.82 20.42 -16.59
C LYS A 137 -4.05 19.44 -16.76
N GLY A 138 -4.16 18.44 -15.86
CA GLY A 138 -5.22 17.42 -15.91
C GLY A 138 -4.81 16.09 -16.58
N LYS A 139 -3.48 15.84 -16.78
CA LYS A 139 -3.01 14.60 -17.41
C LYS A 139 -2.01 13.84 -16.52
N LEU A 140 -2.04 12.50 -16.62
CA LEU A 140 -1.21 11.61 -15.79
C LEU A 140 0.05 11.05 -16.51
N SER A 141 1.16 11.02 -15.77
CA SER A 141 2.44 10.50 -16.27
C SER A 141 2.99 9.43 -15.29
N VAL A 142 3.08 8.19 -15.77
CA VAL A 142 3.56 7.06 -14.96
C VAL A 142 4.86 6.39 -15.61
N GLN A 143 6.07 6.85 -15.16
CA GLN A 143 7.42 6.37 -15.63
C GLN A 143 7.72 6.66 -17.14
N GLY A 144 7.26 5.77 -18.02
CA GLY A 144 7.44 5.93 -19.47
C GLY A 144 6.13 5.75 -20.28
N GLU A 145 4.96 6.02 -19.65
CA GLU A 145 3.65 5.90 -20.29
C GLU A 145 2.76 7.09 -19.90
N VAL A 146 2.37 7.91 -20.89
CA VAL A 146 1.54 9.11 -20.67
C VAL A 146 0.05 8.91 -21.15
N SER A 147 -0.89 9.32 -20.27
CA SER A 147 -2.33 9.24 -20.52
C SER A 147 -3.04 10.42 -19.82
N THR A 148 -4.37 10.49 -19.94
CA THR A 148 -5.12 11.59 -19.28
C THR A 148 -5.88 11.13 -17.98
N PHE A 149 -5.83 12.01 -16.94
CA PHE A 149 -6.51 11.78 -15.62
C PHE A 149 -8.00 12.18 -15.68
N THR A 150 -8.89 11.23 -15.36
CA THR A 150 -10.35 11.51 -15.38
C THR A 150 -11.04 11.16 -14.04
N GLY A 151 -11.11 12.18 -13.14
CA GLY A 151 -11.80 12.07 -11.83
C GLY A 151 -11.09 11.29 -10.69
N LYS A 152 -10.90 9.97 -10.89
CA LYS A 152 -10.30 9.11 -9.86
C LYS A 152 -9.14 8.24 -10.39
N LEU A 153 -8.34 7.73 -9.43
CA LEU A 153 -7.19 6.81 -9.66
C LEU A 153 -7.54 5.42 -9.09
N SER A 154 -7.21 4.32 -9.81
CA SER A 154 -7.57 2.99 -9.29
C SER A 154 -6.36 2.07 -8.98
N VAL A 155 -6.48 1.31 -7.89
CA VAL A 155 -5.43 0.31 -7.51
C VAL A 155 -6.17 -1.06 -7.46
N GLU A 156 -6.06 -1.80 -8.58
CA GLU A 156 -6.76 -3.08 -8.73
C GLU A 156 -5.80 -4.28 -8.80
N PHE A 157 -6.02 -5.27 -7.91
CA PHE A 157 -5.17 -6.47 -7.92
C PHE A 157 -5.96 -7.72 -8.37
N VAL A 158 -5.35 -8.39 -9.36
CA VAL A 158 -5.89 -9.62 -10.01
C VAL A 158 -5.18 -10.90 -9.45
N LYS A 159 -5.99 -11.97 -9.35
CA LYS A 159 -5.59 -13.29 -8.80
C LYS A 159 -4.79 -14.20 -9.77
N GLY A 160 -3.92 -15.03 -9.17
CA GLY A 160 -3.11 -16.00 -9.91
C GLY A 160 -3.63 -17.46 -9.78
N TYR A 161 -4.17 -17.79 -8.59
CA TYR A 161 -4.74 -19.12 -8.31
C TYR A 161 -6.15 -18.99 -7.67
N TYR A 162 -6.21 -18.78 -6.32
CA TYR A 162 -7.48 -18.62 -5.59
C TYR A 162 -7.22 -18.17 -4.12
N ASP A 163 -6.64 -16.95 -3.96
CA ASP A 163 -6.29 -16.38 -2.63
C ASP A 163 -5.96 -14.89 -2.69
N ASN A 164 -5.20 -14.44 -3.76
CA ASN A 164 -4.75 -13.01 -3.95
C ASN A 164 -3.42 -12.75 -3.16
N PRO A 165 -2.79 -11.49 -3.13
CA PRO A 165 -1.52 -11.22 -2.36
C PRO A 165 -1.60 -11.35 -0.81
N LYS A 166 -2.85 -11.49 -0.29
CA LYS A 166 -3.20 -11.67 1.17
C LYS A 166 -3.19 -10.35 1.99
N VAL A 167 -1.98 -9.80 2.30
CA VAL A 167 -1.87 -8.54 3.11
C VAL A 167 -1.53 -7.33 2.17
N CYS A 168 -2.31 -6.24 2.37
CA CYS A 168 -2.18 -4.99 1.60
C CYS A 168 -2.27 -3.75 2.52
N ALA A 169 -1.20 -2.93 2.50
CA ALA A 169 -1.03 -1.73 3.37
C ALA A 169 -0.98 -0.34 2.62
N LEU A 170 -1.97 -0.12 1.72
CA LEU A 170 -2.16 1.16 0.92
C LEU A 170 -1.91 2.50 1.67
N PHE A 171 -1.09 3.36 1.08
CA PHE A 171 -0.75 4.65 1.66
C PHE A 171 -0.43 5.68 0.54
N ILE A 172 -1.37 6.60 0.25
CA ILE A 172 -1.09 7.65 -0.75
C ILE A 172 -1.05 9.09 -0.10
N MET A 173 0.10 9.74 -0.30
CA MET A 173 0.35 11.10 0.18
C MET A 173 0.74 12.05 -0.98
N LYS A 174 0.68 13.38 -0.76
CA LYS A 174 0.93 14.32 -1.86
C LYS A 174 2.08 15.36 -1.70
N GLY A 175 2.46 15.81 -2.89
CA GLY A 175 3.43 16.88 -3.17
C GLY A 175 4.83 16.50 -3.68
N THR A 176 5.51 15.43 -3.11
CA THR A 176 6.90 15.02 -3.55
C THR A 176 7.41 13.76 -2.81
N ALA A 177 8.34 13.01 -3.49
CA ALA A 177 9.01 11.78 -2.96
C ALA A 177 10.16 12.06 -1.89
N ASP A 178 10.59 13.34 -1.76
CA ASP A 178 11.62 13.77 -0.77
C ASP A 178 11.05 14.14 0.65
N ASP A 179 9.72 13.97 0.84
CA ASP A 179 9.02 14.28 2.12
C ASP A 179 8.60 13.01 2.92
N VAL A 180 8.71 11.80 2.29
CA VAL A 180 8.38 10.48 2.94
C VAL A 180 9.63 9.84 3.67
N PRO A 181 9.83 10.06 5.02
CA PRO A 181 10.98 9.49 5.77
C PRO A 181 10.68 8.15 6.50
N MET A 182 11.76 7.42 6.85
CA MET A 182 11.66 6.13 7.56
C MET A 182 12.61 6.09 8.77
N LEU A 183 12.03 5.93 9.97
CA LEU A 183 12.80 5.87 11.22
C LEU A 183 12.47 4.62 12.07
N GLN A 184 13.38 4.33 13.01
CA GLN A 184 13.26 3.19 13.95
C GLN A 184 12.84 3.69 15.37
N PRO A 185 12.24 2.82 16.26
CA PRO A 185 11.80 3.25 17.64
C PRO A 185 12.95 3.63 18.61
N HIS A 186 12.89 4.88 19.08
CA HIS A 186 13.89 5.40 20.01
C HIS A 186 13.22 6.20 21.17
N PRO A 187 13.66 6.01 22.47
CA PRO A 187 13.08 6.74 23.67
C PRO A 187 13.53 8.21 23.89
N GLY A 188 14.67 8.59 23.27
CA GLY A 188 15.22 9.93 23.43
C GLY A 188 15.18 10.82 22.18
N LEU A 189 15.97 10.45 21.15
CA LEU A 189 16.05 11.23 19.89
C LEU A 189 15.54 10.42 18.68
N GLU A 190 14.65 11.06 17.89
CA GLU A 190 14.06 10.45 16.68
C GLU A 190 14.32 11.30 15.44
C2 BGC B . -6.67 -24.90 2.86
C3 BGC B . -6.07 -23.44 2.97
C4 BGC B . -6.73 -22.57 4.14
C5 BGC B . -6.62 -23.39 5.51
C6 BGC B . -7.34 -22.74 6.73
C1 BGC B . -6.68 -25.55 4.28
O1 BGC B . -7.38 -26.76 4.28
O2 BGC B . -5.88 -25.69 1.97
O3 BGC B . -6.27 -22.77 1.72
O4 BGC B . -6.06 -21.26 4.25
O5 BGC B . -7.34 -24.67 5.26
O6 BGC B . -8.10 -23.62 7.54
H2 BGC B . -7.71 -24.83 2.52
H3 BGC B . -4.99 -23.51 3.20
H4 BGC B . -7.80 -22.48 3.90
H5 BGC B . -5.64 -23.78 5.82
H61 BGC B . -7.93 -21.88 6.38
H62 BGC B . -6.55 -22.26 7.34
H1 BGC B . -5.66 -25.76 4.64
HO1 BGC B . -7.65 -26.96 5.18
HO2 BGC B . -5.74 -25.20 1.16
HO3 BGC B . -5.47 -22.29 1.49
HO6 BGC B . -8.28 -23.20 8.38
C1 GLC B . -6.82 -20.08 3.85
C2 GLC B . -5.91 -18.99 3.14
C3 GLC B . -4.96 -18.29 4.21
C4 GLC B . -5.73 -17.80 5.52
C5 GLC B . -6.58 -19.00 6.13
C6 GLC B . -7.52 -18.63 7.30
O2 GLC B . -5.06 -19.63 2.18
O3 GLC B . -4.33 -17.17 3.59
O4 GLC B . -4.79 -17.30 6.47
O5 GLC B . -7.47 -19.45 5.03
O6 GLC B . -8.80 -19.26 7.31
H1 GLC B . -7.64 -20.40 3.18
H2 GLC B . -6.56 -18.23 2.69
H3 GLC B . -4.20 -19.01 4.53
H4 GLC B . -6.44 -17.02 5.19
H5 GLC B . -6.05 -19.95 6.35
H61 GLC B . -7.60 -17.54 7.37
H62 GLC B . -6.97 -18.89 8.24
HO2 GLC B . -5.60 -19.92 1.44
HO3 GLC B . -4.42 -17.24 2.64
HO4 GLC B . -4.83 -16.34 6.48
HO6 GLC B . -9.19 -19.18 8.17
N GLY A 1 5.05 18.24 22.86
CA GLY A 1 5.41 17.33 21.75
C GLY A 1 4.57 17.55 20.52
N ALA A 2 4.98 18.52 19.66
CA ALA A 2 4.26 18.87 18.41
C ALA A 2 5.08 18.49 17.15
N MET A 3 4.46 17.70 16.26
CA MET A 3 5.09 17.24 15.00
C MET A 3 4.08 17.29 13.83
N SER A 4 4.37 18.16 12.85
CA SER A 4 3.52 18.33 11.66
C SER A 4 4.35 18.36 10.36
N GLY A 5 4.10 17.38 9.48
CA GLY A 5 4.81 17.30 8.20
C GLY A 5 4.27 16.24 7.26
N LEU A 6 4.14 14.99 7.75
CA LEU A 6 3.61 13.84 6.96
C LEU A 6 2.04 13.76 6.98
N ALA A 7 1.47 13.96 8.21
CA ALA A 7 -0.01 14.02 8.49
C ALA A 7 -0.75 15.22 7.77
N ASP A 8 0.01 16.30 7.38
CA ASP A 8 -0.53 17.49 6.67
C ASP A 8 -0.56 17.31 5.11
N LYS A 9 0.12 16.25 4.58
CA LYS A 9 0.14 15.97 3.12
C LYS A 9 -0.75 14.77 2.70
N VAL A 10 -1.08 13.80 3.65
CA VAL A 10 -1.98 12.62 3.37
C VAL A 10 -3.42 13.00 2.80
N ILE A 11 -3.84 12.24 1.76
CA ILE A 11 -5.18 12.44 1.15
C ILE A 11 -6.03 11.15 1.20
N TRP A 12 -5.37 9.96 1.18
CA TRP A 12 -6.07 8.67 1.19
C TRP A 12 -5.12 7.50 1.58
N ALA A 13 -5.39 6.81 2.71
CA ALA A 13 -4.56 5.64 3.16
C ALA A 13 -5.48 4.48 3.62
N VAL A 14 -5.25 3.25 3.08
CA VAL A 14 -6.12 2.08 3.40
C VAL A 14 -5.31 0.76 3.65
N ASN A 15 -5.68 0.05 4.75
CA ASN A 15 -5.14 -1.30 5.04
C ASN A 15 -6.35 -2.27 5.06
N ALA A 16 -6.41 -3.17 4.05
CA ALA A 16 -7.50 -4.17 3.91
C ALA A 16 -7.25 -5.41 4.81
N GLY A 17 -7.98 -5.39 5.94
CA GLY A 17 -7.87 -6.45 6.95
C GLY A 17 -8.56 -6.20 8.27
N GLY A 18 -8.62 -4.93 8.70
CA GLY A 18 -9.22 -4.62 9.99
C GLY A 18 -10.16 -3.42 9.99
N GLU A 19 -9.92 -2.48 10.91
CA GLU A 19 -10.75 -1.27 11.03
C GLU A 19 -9.94 -0.10 11.58
N SER A 20 -9.80 0.94 10.72
CA SER A 20 -9.11 2.28 10.95
C SER A 20 -7.87 2.36 11.94
N HIS A 21 -6.66 2.72 11.42
CA HIS A 21 -5.47 2.88 12.30
C HIS A 21 -4.61 4.10 11.94
N VAL A 22 -4.16 4.79 13.00
CA VAL A 22 -3.26 5.97 12.89
C VAL A 22 -1.84 5.60 13.35
N ASP A 23 -0.88 5.69 12.42
CA ASP A 23 0.55 5.38 12.72
C ASP A 23 1.30 6.60 13.36
N VAL A 24 2.51 6.32 13.93
CA VAL A 24 3.43 7.29 14.69
C VAL A 24 3.66 8.73 14.12
N HIS A 25 3.58 8.91 12.78
CA HIS A 25 3.73 10.25 12.15
C HIS A 25 2.35 10.94 11.94
N GLY A 26 1.26 10.13 12.07
CA GLY A 26 -0.12 10.58 11.93
C GLY A 26 -0.79 10.16 10.63
N ILE A 27 -0.58 8.90 10.22
CA ILE A 27 -1.19 8.36 8.96
C ILE A 27 -2.36 7.39 9.33
N HIS A 28 -3.57 7.73 8.86
CA HIS A 28 -4.80 6.98 9.16
C HIS A 28 -5.32 6.10 8.00
N TYR A 29 -5.56 4.81 8.32
CA TYR A 29 -6.14 3.83 7.37
C TYR A 29 -7.66 3.67 7.58
N ARG A 30 -8.42 3.39 6.49
CA ARG A 30 -9.89 3.24 6.58
C ARG A 30 -10.37 1.77 6.70
N LYS A 31 -11.65 1.65 7.03
CA LYS A 31 -12.34 0.37 7.33
C LYS A 31 -12.88 -0.42 6.11
N ASP A 32 -12.08 -1.47 5.72
CA ASP A 32 -12.35 -2.49 4.59
C ASP A 32 -13.22 -2.00 3.36
N PRO A 33 -12.84 -0.91 2.65
CA PRO A 33 -13.67 -0.31 1.57
C PRO A 33 -13.40 -0.73 0.07
N LEU A 34 -13.97 -1.88 -0.32
CA LEU A 34 -13.93 -2.37 -1.73
C LEU A 34 -15.17 -3.25 -2.00
N GLU A 35 -15.11 -4.54 -1.58
CA GLU A 35 -16.22 -5.49 -1.77
C GLU A 35 -16.27 -6.49 -0.61
N GLY A 36 -17.39 -6.46 0.15
CA GLY A 36 -17.53 -7.34 1.32
C GLY A 36 -17.51 -6.59 2.67
N ARG A 37 -17.49 -5.22 2.61
CA ARG A 37 -17.41 -4.29 3.77
C ARG A 37 -18.70 -4.19 4.67
N VAL A 38 -19.05 -5.31 5.29
CA VAL A 38 -20.20 -5.42 6.23
C VAL A 38 -19.85 -6.39 7.40
N GLY A 39 -19.80 -5.84 8.62
CA GLY A 39 -19.47 -6.65 9.79
C GLY A 39 -18.44 -5.99 10.72
N ARG A 40 -17.23 -6.58 10.77
CA ARG A 40 -16.14 -6.08 11.64
C ARG A 40 -14.73 -6.41 11.06
N ALA A 41 -13.74 -6.67 11.97
CA ALA A 41 -12.34 -7.01 11.61
C ALA A 41 -12.08 -8.54 11.63
N SER A 42 -11.35 -9.03 10.62
CA SER A 42 -10.99 -10.44 10.48
C SER A 42 -9.46 -10.64 10.52
N ASP A 43 -9.00 -11.57 11.36
CA ASP A 43 -7.55 -11.84 11.50
C ASP A 43 -7.22 -13.35 11.43
N TYR A 44 -6.56 -13.75 10.32
CA TYR A 44 -6.13 -15.14 10.09
C TYR A 44 -4.59 -15.23 10.07
N GLY A 45 -4.00 -15.05 11.26
CA GLY A 45 -2.55 -15.05 11.44
C GLY A 45 -2.07 -13.78 12.15
N MET A 46 -2.41 -13.67 13.45
CA MET A 46 -2.07 -12.51 14.30
C MET A 46 -0.75 -12.64 15.09
N LYS A 47 -0.31 -13.89 15.36
CA LYS A 47 0.94 -14.17 16.10
C LYS A 47 2.11 -14.53 15.15
N LEU A 48 2.51 -13.53 14.35
CA LEU A 48 3.60 -13.61 13.37
C LEU A 48 3.98 -12.16 12.98
N PRO A 49 4.67 -11.39 13.90
CA PRO A 49 5.07 -9.94 13.69
C PRO A 49 6.02 -9.64 12.51
N ILE A 50 5.94 -8.37 12.03
CA ILE A 50 6.79 -7.84 10.95
C ILE A 50 8.05 -7.14 11.59
N LEU A 51 9.25 -7.52 11.07
CA LEU A 51 10.57 -7.03 11.58
C LEU A 51 11.08 -5.69 11.00
N ARG A 52 10.44 -5.14 9.94
CA ARG A 52 10.87 -3.86 9.35
C ARG A 52 9.97 -2.64 9.72
N SER A 53 9.02 -2.82 10.67
CA SER A 53 8.13 -1.74 11.12
C SER A 53 8.03 -1.68 12.69
N ASN A 54 7.02 -0.94 13.19
CA ASN A 54 6.72 -0.76 14.64
C ASN A 54 5.64 -1.79 15.14
N PRO A 55 5.22 -1.82 16.47
CA PRO A 55 4.10 -2.72 16.97
C PRO A 55 2.70 -2.25 16.49
N GLU A 56 2.49 -0.92 16.60
CA GLU A 56 1.25 -0.20 16.16
C GLU A 56 1.13 -0.14 14.61
N ASP A 57 2.26 0.24 13.95
CA ASP A 57 2.35 0.29 12.49
C ASP A 57 2.55 -1.17 11.87
N GLN A 58 2.73 -2.21 12.77
CA GLN A 58 2.79 -3.67 12.45
C GLN A 58 1.37 -4.16 12.08
N VAL A 59 0.36 -3.62 12.84
CA VAL A 59 -1.12 -3.81 12.58
C VAL A 59 -1.49 -3.11 11.20
N LEU A 60 -0.93 -1.89 10.92
CA LEU A 60 -1.12 -1.22 9.58
C LEU A 60 -0.24 -1.87 8.44
N TYR A 61 0.68 -2.77 8.82
CA TYR A 61 1.60 -3.50 7.90
C TYR A 61 1.45 -5.07 8.00
N GLN A 62 0.34 -5.59 8.58
CA GLN A 62 0.14 -7.08 8.75
C GLN A 62 -1.34 -7.59 8.64
N THR A 63 -2.37 -6.75 8.84
CA THR A 63 -3.81 -7.21 8.84
C THR A 63 -4.46 -7.43 7.43
N GLU A 64 -5.05 -8.65 7.23
CA GLU A 64 -5.74 -9.08 5.96
C GLU A 64 -7.21 -9.50 6.22
N ARG A 65 -8.09 -9.28 5.22
CA ARG A 65 -9.54 -9.64 5.34
C ARG A 65 -9.90 -10.94 4.56
N TYR A 66 -10.36 -10.82 3.31
CA TYR A 66 -10.74 -11.99 2.49
C TYR A 66 -10.36 -11.83 1.00
N ASN A 67 -10.22 -12.97 0.31
CA ASN A 67 -9.85 -12.98 -1.12
C ASN A 67 -10.88 -13.70 -2.02
N GLU A 68 -11.11 -13.13 -3.22
CA GLU A 68 -12.04 -13.69 -4.21
C GLU A 68 -11.39 -13.68 -5.63
N ASP A 69 -11.80 -12.73 -6.52
CA ASP A 69 -11.25 -12.63 -7.90
C ASP A 69 -11.58 -11.26 -8.51
N SER A 70 -10.51 -10.48 -8.92
CA SER A 70 -10.61 -9.11 -9.55
C SER A 70 -11.25 -8.04 -8.62
N PHE A 71 -10.43 -7.41 -7.78
CA PHE A 71 -10.93 -6.40 -6.81
C PHE A 71 -9.89 -5.32 -6.48
N GLY A 72 -10.42 -4.15 -6.08
CA GLY A 72 -9.55 -3.03 -5.72
C GLY A 72 -10.27 -1.82 -5.12
N TYR A 73 -9.48 -0.75 -4.96
CA TYR A 73 -9.96 0.52 -4.35
C TYR A 73 -10.03 1.71 -5.35
N ASP A 74 -10.62 2.82 -4.84
CA ASP A 74 -10.81 4.08 -5.59
C ASP A 74 -10.29 5.31 -4.80
N ILE A 75 -9.54 6.18 -5.51
CA ILE A 75 -8.96 7.43 -4.92
C ILE A 75 -9.40 8.66 -5.78
N PRO A 76 -10.41 9.48 -5.34
CA PRO A 76 -10.83 10.68 -6.09
C PRO A 76 -9.98 11.96 -5.79
N ILE A 77 -9.36 12.51 -6.85
CA ILE A 77 -8.49 13.72 -6.74
C ILE A 77 -8.95 14.83 -7.75
N LYS A 78 -8.50 16.06 -7.46
CA LYS A 78 -8.79 17.26 -8.27
C LYS A 78 -7.63 18.29 -8.21
N GLU A 79 -6.39 17.85 -7.80
CA GLU A 79 -5.23 18.74 -7.70
C GLU A 79 -4.00 18.14 -8.43
N GLU A 80 -3.04 19.02 -8.77
CA GLU A 80 -1.84 18.59 -9.50
C GLU A 80 -0.52 18.84 -8.76
N GLY A 81 0.43 17.93 -9.00
CA GLY A 81 1.76 17.99 -8.41
C GLY A 81 2.47 16.64 -8.43
N GLU A 82 3.15 16.25 -7.32
CA GLU A 82 3.82 14.93 -7.28
C GLU A 82 3.17 14.02 -6.22
N TYR A 83 2.38 13.02 -6.67
CA TYR A 83 1.69 12.10 -5.76
C TYR A 83 2.45 10.77 -5.64
N VAL A 84 2.67 10.35 -4.39
CA VAL A 84 3.46 9.11 -4.13
C VAL A 84 2.56 8.01 -3.50
N LEU A 85 2.52 6.86 -4.20
CA LEU A 85 1.74 5.71 -3.78
C LEU A 85 2.68 4.56 -3.32
N VAL A 86 2.73 4.39 -1.99
CA VAL A 86 3.58 3.35 -1.33
C VAL A 86 2.65 2.27 -0.70
N LEU A 87 2.95 1.00 -1.00
CA LEU A 87 2.14 -0.12 -0.47
C LEU A 87 3.00 -1.23 0.15
N LYS A 88 2.50 -1.77 1.28
CA LYS A 88 3.17 -2.91 1.97
C LYS A 88 2.38 -4.21 1.73
N PHE A 89 3.06 -5.16 1.08
CA PHE A 89 2.49 -6.48 0.79
C PHE A 89 3.15 -7.54 1.72
N ALA A 90 2.31 -8.41 2.31
CA ALA A 90 2.78 -9.48 3.26
C ALA A 90 2.14 -10.87 2.93
N GLU A 91 2.91 -11.96 3.17
CA GLU A 91 2.45 -13.34 2.95
C GLU A 91 2.94 -14.26 4.08
N VAL A 92 1.99 -14.71 4.93
CA VAL A 92 2.29 -15.61 6.08
C VAL A 92 1.29 -16.80 6.15
N TYR A 93 1.39 -17.71 5.18
CA TYR A 93 0.51 -18.91 5.10
C TYR A 93 1.09 -19.99 4.17
N PHE A 94 1.45 -19.62 2.92
CA PHE A 94 2.01 -20.54 1.92
C PHE A 94 3.42 -20.11 1.49
N ALA A 95 4.38 -21.07 1.52
CA ALA A 95 5.79 -20.82 1.14
C ALA A 95 6.12 -21.39 -0.27
N GLN A 96 6.23 -20.47 -1.25
CA GLN A 96 6.54 -20.84 -2.65
C GLN A 96 7.03 -19.62 -3.47
N SER A 97 7.98 -19.88 -4.40
CA SER A 97 8.56 -18.84 -5.28
C SER A 97 8.43 -19.21 -6.77
N GLN A 98 7.79 -18.28 -7.55
CA GLN A 98 7.51 -18.41 -9.03
C GLN A 98 6.41 -19.46 -9.34
N GLN A 99 5.25 -19.26 -8.69
CA GLN A 99 4.06 -20.13 -8.81
C GLN A 99 2.79 -19.31 -8.52
N LYS A 100 2.86 -18.43 -7.50
CA LYS A 100 1.76 -17.53 -7.13
C LYS A 100 2.13 -16.09 -7.53
N VAL A 101 1.93 -15.82 -8.83
CA VAL A 101 2.27 -14.51 -9.47
C VAL A 101 0.99 -13.70 -9.82
N PHE A 102 0.92 -12.49 -9.25
CA PHE A 102 -0.26 -11.60 -9.38
C PHE A 102 -0.05 -10.34 -10.25
N ASP A 103 -1.15 -9.66 -10.63
CA ASP A 103 -1.06 -8.42 -11.44
C ASP A 103 -1.60 -7.21 -10.65
N VAL A 104 -0.85 -6.10 -10.71
CA VAL A 104 -1.19 -4.86 -9.96
C VAL A 104 -1.14 -3.61 -10.94
N ARG A 105 -2.26 -2.84 -10.95
CA ARG A 105 -2.45 -1.65 -11.85
C ARG A 105 -2.82 -0.32 -11.14
N VAL A 106 -2.42 0.83 -11.78
CA VAL A 106 -2.74 2.21 -11.27
C VAL A 106 -3.43 3.12 -12.35
N ASN A 107 -4.76 3.43 -12.15
CA ASN A 107 -5.65 4.26 -13.05
C ASN A 107 -5.85 3.67 -14.48
N GLY A 108 -5.73 2.33 -14.60
CA GLY A 108 -5.84 1.69 -15.88
C GLY A 108 -4.49 1.15 -16.42
N HIS A 109 -3.37 1.74 -15.91
CA HIS A 109 -1.97 1.41 -16.26
C HIS A 109 -1.42 0.15 -15.54
N THR A 110 -0.34 -0.44 -16.09
CA THR A 110 0.29 -1.62 -15.44
C THR A 110 1.68 -1.27 -14.89
N VAL A 111 1.93 -1.67 -13.64
CA VAL A 111 3.20 -1.37 -12.95
C VAL A 111 3.93 -2.64 -12.45
N VAL A 112 3.29 -3.41 -11.54
CA VAL A 112 3.92 -4.65 -11.00
C VAL A 112 3.08 -5.86 -11.44
N LYS A 113 3.42 -6.39 -12.63
CA LYS A 113 2.73 -7.54 -13.20
C LYS A 113 3.60 -8.79 -13.15
N ASP A 114 3.29 -9.53 -12.09
CA ASP A 114 3.90 -10.81 -11.61
C ASP A 114 4.45 -10.59 -10.20
N LEU A 115 3.52 -10.51 -9.21
CA LEU A 115 3.87 -10.26 -7.82
C LEU A 115 3.96 -11.53 -6.97
N ASP A 116 5.20 -11.92 -6.70
CA ASP A 116 5.54 -13.05 -5.84
C ASP A 116 6.31 -12.49 -4.63
N ILE A 117 5.60 -12.37 -3.48
CA ILE A 117 6.11 -11.79 -2.20
C ILE A 117 7.28 -12.62 -1.52
N PHE A 118 7.29 -13.98 -1.70
CA PHE A 118 8.33 -14.88 -1.15
C PHE A 118 9.68 -14.80 -1.95
N ASP A 119 9.59 -14.70 -3.31
CA ASP A 119 10.77 -14.55 -4.23
C ASP A 119 11.39 -13.09 -4.20
N ARG A 120 10.57 -12.06 -3.85
CA ARG A 120 11.02 -10.65 -3.76
C ARG A 120 11.83 -10.32 -2.47
N VAL A 121 11.23 -10.56 -1.26
CA VAL A 121 11.97 -10.30 0.03
C VAL A 121 12.65 -11.56 0.66
N GLY A 122 12.04 -12.76 0.53
CA GLY A 122 12.60 -13.98 1.10
C GLY A 122 11.63 -14.73 2.02
N HIS A 123 11.95 -14.78 3.31
CA HIS A 123 11.09 -15.44 4.31
C HIS A 123 10.56 -14.41 5.32
N SER A 124 9.24 -14.09 5.19
CA SER A 124 8.49 -13.11 6.05
C SER A 124 8.93 -11.61 5.82
N THR A 125 8.96 -10.78 6.93
CA THR A 125 9.38 -9.31 6.94
C THR A 125 8.40 -8.37 6.15
N ALA A 126 8.89 -7.16 5.73
CA ALA A 126 8.04 -6.20 4.98
C ALA A 126 8.41 -6.05 3.48
N HIS A 127 7.39 -6.18 2.58
CA HIS A 127 7.56 -5.94 1.13
C HIS A 127 6.94 -4.57 0.78
N ASP A 128 7.73 -3.67 0.21
CA ASP A 128 7.24 -2.31 -0.10
C ASP A 128 7.74 -1.77 -1.44
N GLU A 129 6.77 -1.33 -2.27
CA GLU A 129 7.09 -0.72 -3.57
C GLU A 129 6.68 0.78 -3.61
N ILE A 130 7.60 1.59 -4.14
CA ILE A 130 7.46 3.07 -4.26
C ILE A 130 7.19 3.47 -5.74
N ILE A 131 5.95 3.94 -6.00
CA ILE A 131 5.51 4.35 -7.35
C ILE A 131 5.20 5.90 -7.39
N PRO A 132 6.19 6.80 -7.74
CA PRO A 132 5.94 8.28 -7.89
C PRO A 132 5.15 8.65 -9.16
N ILE A 133 4.19 9.59 -9.01
CA ILE A 133 3.29 10.04 -10.10
C ILE A 133 3.39 11.59 -10.29
N SER A 134 3.17 12.04 -11.55
CA SER A 134 3.20 13.46 -11.88
C SER A 134 1.99 13.87 -12.77
N ILE A 135 1.09 14.68 -12.18
CA ILE A 135 -0.11 15.20 -12.86
C ILE A 135 0.04 16.75 -13.03
N LYS A 136 -0.08 17.21 -14.31
CA LYS A 136 0.04 18.65 -14.65
C LYS A 136 -0.96 19.03 -15.74
N LYS A 137 -1.76 20.09 -15.44
CA LYS A 137 -2.85 20.66 -16.34
C LYS A 137 -4.08 19.70 -16.52
N GLY A 138 -4.18 18.67 -15.65
CA GLY A 138 -5.25 17.67 -15.70
C GLY A 138 -4.85 16.35 -16.40
N LYS A 139 -3.52 16.10 -16.61
CA LYS A 139 -3.07 14.86 -17.27
C LYS A 139 -2.09 14.05 -16.39
N LEU A 140 -2.13 12.71 -16.53
CA LEU A 140 -1.31 11.80 -15.70
C LEU A 140 -0.07 11.22 -16.43
N SER A 141 1.02 11.11 -15.66
CA SER A 141 2.27 10.55 -16.15
C SER A 141 2.84 9.54 -15.13
N VAL A 142 2.83 8.25 -15.50
CA VAL A 142 3.36 7.20 -14.60
C VAL A 142 4.76 6.68 -15.15
N GLN A 143 5.86 7.36 -14.67
CA GLN A 143 7.31 7.06 -15.03
C GLN A 143 7.66 7.17 -16.55
N GLY A 144 7.35 6.11 -17.31
CA GLY A 144 7.57 6.09 -18.77
C GLY A 144 6.29 5.93 -19.60
N GLU A 145 5.13 6.36 -19.05
CA GLU A 145 3.82 6.28 -19.74
C GLU A 145 3.03 7.61 -19.58
N VAL A 146 2.34 8.02 -20.65
CA VAL A 146 1.57 9.29 -20.64
C VAL A 146 0.06 9.05 -21.07
N SER A 147 -0.86 9.60 -20.24
CA SER A 147 -2.32 9.51 -20.48
C SER A 147 -3.01 10.70 -19.78
N THR A 148 -4.35 10.78 -19.88
CA THR A 148 -5.10 11.87 -19.21
C THR A 148 -5.86 11.41 -17.91
N PHE A 149 -5.81 12.27 -16.87
CA PHE A 149 -6.50 12.03 -15.55
C PHE A 149 -7.99 12.44 -15.62
N THR A 150 -8.88 11.47 -15.33
CA THR A 150 -10.34 11.76 -15.34
C THR A 150 -11.04 11.32 -14.04
N GLY A 151 -11.10 12.27 -13.07
CA GLY A 151 -11.79 12.07 -11.77
C GLY A 151 -11.08 11.24 -10.67
N LYS A 152 -10.87 9.94 -10.92
CA LYS A 152 -10.27 9.06 -9.91
C LYS A 152 -9.11 8.18 -10.44
N LEU A 153 -8.26 7.78 -9.47
CA LEU A 153 -7.10 6.86 -9.67
C LEU A 153 -7.48 5.46 -9.15
N SER A 154 -7.18 4.39 -9.89
CA SER A 154 -7.60 3.06 -9.44
C SER A 154 -6.47 2.04 -9.20
N VAL A 155 -6.64 1.22 -8.15
CA VAL A 155 -5.69 0.14 -7.83
C VAL A 155 -6.44 -1.20 -7.97
N GLU A 156 -6.26 -1.87 -9.12
CA GLU A 156 -6.95 -3.12 -9.41
C GLU A 156 -5.98 -4.28 -9.61
N PHE A 157 -6.23 -5.36 -8.85
CA PHE A 157 -5.40 -6.57 -8.95
C PHE A 157 -6.21 -7.75 -9.48
N VAL A 158 -5.61 -8.37 -10.51
CA VAL A 158 -6.19 -9.52 -11.26
C VAL A 158 -5.44 -10.86 -10.92
N LYS A 159 -6.20 -11.97 -10.89
CA LYS A 159 -5.70 -13.34 -10.55
C LYS A 159 -4.93 -14.06 -11.71
N GLY A 160 -3.97 -14.91 -11.30
CA GLY A 160 -3.17 -15.68 -12.27
C GLY A 160 -3.34 -17.21 -12.19
N TYR A 161 -3.71 -17.75 -10.99
CA TYR A 161 -3.91 -19.20 -10.80
C TYR A 161 -5.25 -19.50 -10.10
N TYR A 162 -5.39 -19.11 -8.81
CA TYR A 162 -6.63 -19.35 -8.03
C TYR A 162 -6.99 -18.15 -7.12
N ASP A 163 -6.03 -17.69 -6.29
CA ASP A 163 -6.23 -16.55 -5.37
C ASP A 163 -5.57 -15.24 -5.86
N ASN A 164 -5.77 -14.18 -5.06
CA ASN A 164 -5.21 -12.85 -5.31
C ASN A 164 -4.24 -12.47 -4.13
N PRO A 165 -3.59 -11.24 -4.09
CA PRO A 165 -2.69 -10.82 -2.95
C PRO A 165 -3.37 -10.85 -1.56
N LYS A 166 -2.68 -11.49 -0.58
CA LYS A 166 -3.21 -11.70 0.80
C LYS A 166 -3.28 -10.41 1.68
N VAL A 167 -2.11 -9.77 1.98
CA VAL A 167 -2.10 -8.53 2.80
C VAL A 167 -1.74 -7.31 1.88
N CYS A 168 -2.57 -6.24 2.04
CA CYS A 168 -2.43 -4.99 1.28
C CYS A 168 -2.53 -3.77 2.21
N ALA A 169 -1.42 -3.02 2.29
CA ALA A 169 -1.21 -1.86 3.20
C ALA A 169 -1.04 -0.46 2.50
N LEU A 170 -1.97 -0.12 1.56
CA LEU A 170 -2.03 1.17 0.77
C LEU A 170 -1.78 2.48 1.57
N PHE A 171 -1.01 3.39 0.96
CA PHE A 171 -0.67 4.68 1.56
C PHE A 171 -0.37 5.73 0.45
N ILE A 172 -1.35 6.62 0.15
CA ILE A 172 -1.08 7.69 -0.83
C ILE A 172 -1.04 9.11 -0.14
N MET A 173 0.11 9.76 -0.32
CA MET A 173 0.37 11.09 0.22
C MET A 173 0.77 12.07 -0.92
N LYS A 174 0.74 13.39 -0.66
CA LYS A 174 1.00 14.35 -1.74
C LYS A 174 2.17 15.35 -1.58
N GLY A 175 2.55 15.83 -2.77
CA GLY A 175 3.52 16.88 -3.07
C GLY A 175 4.91 16.47 -3.61
N THR A 176 5.57 15.38 -3.07
CA THR A 176 6.93 14.92 -3.53
C THR A 176 7.43 13.68 -2.76
N ALA A 177 8.37 12.90 -3.41
CA ALA A 177 9.03 11.69 -2.83
C ALA A 177 10.14 11.99 -1.75
N ASP A 178 10.62 13.27 -1.69
CA ASP A 178 11.64 13.73 -0.69
C ASP A 178 11.03 14.24 0.66
N ASP A 179 9.69 14.12 0.81
CA ASP A 179 8.95 14.56 2.02
C ASP A 179 8.42 13.37 2.90
N VAL A 180 8.62 12.11 2.43
CA VAL A 180 8.18 10.86 3.15
C VAL A 180 9.32 10.33 4.12
N PRO A 181 9.33 10.71 5.46
CA PRO A 181 10.35 10.24 6.42
C PRO A 181 9.93 9.01 7.27
N MET A 182 10.69 7.91 7.13
CA MET A 182 10.43 6.66 7.87
C MET A 182 11.73 5.96 8.27
N LEU A 183 12.03 5.97 9.58
CA LEU A 183 13.24 5.35 10.13
C LEU A 183 12.96 4.51 11.41
N GLN A 184 13.94 3.67 11.74
CA GLN A 184 13.90 2.79 12.93
C GLN A 184 14.91 3.28 14.01
N PRO A 185 14.75 2.89 15.35
CA PRO A 185 15.69 3.35 16.43
C PRO A 185 17.13 2.79 16.32
N HIS A 186 18.08 3.73 16.25
CA HIS A 186 19.49 3.38 16.14
C HIS A 186 20.37 4.26 17.10
N PRO A 187 21.36 3.66 17.86
CA PRO A 187 22.27 4.42 18.79
C PRO A 187 23.52 5.05 18.10
N GLY A 188 24.56 5.32 18.89
CA GLY A 188 25.79 5.86 18.35
C GLY A 188 26.81 6.24 19.42
N LEU A 189 27.31 7.48 19.31
CA LEU A 189 28.30 8.02 20.27
C LEU A 189 27.77 9.27 21.01
N GLU A 190 27.78 9.20 22.35
CA GLU A 190 27.31 10.30 23.20
C GLU A 190 28.38 10.70 24.24
C2 BGC B . -7.21 -24.48 1.42
C3 BGC B . -7.26 -22.90 1.25
C4 BGC B . -7.73 -22.12 2.58
C5 BGC B . -6.92 -22.66 3.85
C6 BGC B . -7.44 -22.14 5.23
C1 BGC B . -6.51 -24.85 2.77
O1 BGC B . -6.63 -26.21 3.05
O2 BGC B . -6.49 -25.06 0.33
O3 BGC B . -8.19 -22.60 0.20
O4 BGC B . -7.49 -20.67 2.41
O5 BGC B . -7.14 -24.13 3.88
O6 BGC B . -7.48 -23.10 6.27
H2 BGC B . -8.23 -24.87 1.47
H3 BGC B . -6.26 -22.54 0.99
H4 BGC B . -8.79 -22.35 2.75
H5 BGC B . -5.82 -22.61 3.82
H61 BGC B . -8.40 -21.65 5.09
H62 BGC B . -6.75 -21.32 5.53
H1 BGC B . -5.44 -24.60 2.75
HO1 BGC B . -7.51 -26.50 2.81
HO2 BGC B . -6.81 -24.70 -0.49
HO3 BGC B . -8.34 -23.39 -0.31
HO6 BGC B . -8.24 -23.67 6.15
C1 GLC B . -8.62 -19.80 2.24
C2 GLC B . -8.33 -18.67 1.18
C3 GLC B . -7.25 -17.64 1.76
C4 GLC B . -7.62 -17.11 3.21
C5 GLC B . -7.89 -18.33 4.19
C6 GLC B . -8.45 -17.96 5.59
O2 GLC B . -7.77 -19.25 -0.01
O3 GLC B . -7.13 -16.54 0.87
O4 GLC B . -6.57 -16.27 3.71
O5 GLC B . -8.97 -19.13 3.52
O6 GLC B . -9.45 -18.82 6.11
H1 GLC B . -9.50 -20.38 1.94
H2 GLC B . -9.26 -18.12 0.98
H3 GLC B . -6.28 -18.18 1.85
H4 GLC B . -8.57 -16.54 3.10
H5 GLC B . -7.11 -19.11 4.29
H61 GLC B . -8.77 -16.92 5.59
H62 GLC B . -7.57 -17.95 6.28
HO2 GLC B . -7.45 -18.57 -0.58
HO3 GLC B . -7.59 -15.79 1.23
HO4 GLC B . -6.83 -15.36 3.66
HO6 GLC B . -10.29 -18.64 5.68
N GLY A 1 17.03 25.64 7.75
CA GLY A 1 16.27 24.66 6.94
C GLY A 1 15.11 24.05 7.70
N ALA A 2 15.18 22.69 7.94
CA ALA A 2 14.17 21.81 8.68
C ALA A 2 12.75 21.73 8.02
N MET A 3 12.37 20.52 7.60
CA MET A 3 11.07 20.26 6.96
C MET A 3 10.48 18.92 7.42
N SER A 4 9.47 18.99 8.30
CA SER A 4 8.80 17.80 8.84
C SER A 4 7.28 17.99 8.91
N GLY A 5 6.56 17.21 8.09
CA GLY A 5 5.10 17.28 8.05
C GLY A 5 4.48 16.24 7.13
N LEU A 6 4.24 15.03 7.68
CA LEU A 6 3.63 13.89 6.94
C LEU A 6 2.06 13.87 6.99
N ALA A 7 1.52 14.07 8.23
CA ALA A 7 0.05 14.17 8.54
C ALA A 7 -0.73 15.32 7.80
N ASP A 8 0.00 16.42 7.40
CA ASP A 8 -0.57 17.57 6.66
C ASP A 8 -0.60 17.36 5.10
N LYS A 9 0.07 16.29 4.60
CA LYS A 9 0.11 15.97 3.15
C LYS A 9 -0.79 14.78 2.76
N VAL A 10 -1.11 13.83 3.70
CA VAL A 10 -2.02 12.64 3.45
C VAL A 10 -3.46 13.00 2.84
N ILE A 11 -3.85 12.22 1.82
CA ILE A 11 -5.17 12.39 1.18
C ILE A 11 -6.02 11.10 1.21
N TRP A 12 -5.37 9.90 1.24
CA TRP A 12 -6.10 8.62 1.25
C TRP A 12 -5.18 7.45 1.71
N ALA A 13 -5.50 6.78 2.85
CA ALA A 13 -4.69 5.63 3.37
C ALA A 13 -5.60 4.47 3.86
N VAL A 14 -5.31 3.21 3.41
CA VAL A 14 -6.12 2.01 3.78
C VAL A 14 -5.23 0.77 4.15
N ASN A 15 -5.54 0.14 5.31
CA ASN A 15 -4.87 -1.12 5.73
C ASN A 15 -5.94 -2.23 5.74
N ALA A 16 -5.95 -3.06 4.64
CA ALA A 16 -6.92 -4.18 4.49
C ALA A 16 -6.54 -5.41 5.36
N GLY A 17 -7.32 -5.51 6.47
CA GLY A 17 -7.16 -6.53 7.49
C GLY A 17 -7.98 -6.32 8.76
N GLY A 18 -7.90 -5.10 9.33
CA GLY A 18 -8.60 -4.78 10.58
C GLY A 18 -9.69 -3.72 10.44
N GLU A 19 -9.51 -2.58 11.14
CA GLU A 19 -10.47 -1.46 11.10
C GLU A 19 -9.90 -0.17 11.74
N SER A 20 -9.80 0.93 10.91
CA SER A 20 -9.34 2.33 11.29
C SER A 20 -8.09 2.47 12.23
N HIS A 21 -6.96 2.99 11.71
CA HIS A 21 -5.75 3.15 12.57
C HIS A 21 -5.01 4.49 12.36
N VAL A 22 -4.57 5.07 13.48
CA VAL A 22 -3.78 6.34 13.52
C VAL A 22 -2.31 5.94 13.86
N ASP A 23 -1.39 6.11 12.87
CA ASP A 23 0.03 5.76 13.04
C ASP A 23 0.89 6.94 13.59
N VAL A 24 2.11 6.56 14.11
CA VAL A 24 3.15 7.45 14.81
C VAL A 24 3.47 8.86 14.22
N HIS A 25 3.44 9.01 12.88
CA HIS A 25 3.66 10.32 12.23
C HIS A 25 2.32 11.10 12.02
N GLY A 26 1.19 10.35 12.12
CA GLY A 26 -0.16 10.87 11.99
C GLY A 26 -0.86 10.43 10.71
N ILE A 27 -0.71 9.14 10.35
CA ILE A 27 -1.32 8.57 9.13
C ILE A 27 -2.54 7.66 9.55
N HIS A 28 -3.73 8.00 9.03
CA HIS A 28 -4.97 7.31 9.38
C HIS A 28 -5.59 6.44 8.25
N TYR A 29 -5.98 5.19 8.64
CA TYR A 29 -6.68 4.22 7.77
C TYR A 29 -8.20 4.28 8.05
N ARG A 30 -9.00 4.24 6.96
CA ARG A 30 -10.48 4.31 7.03
C ARG A 30 -11.17 2.93 6.84
N LYS A 31 -11.59 2.32 7.99
CA LYS A 31 -12.34 1.01 8.15
C LYS A 31 -13.29 0.53 7.00
N ASP A 32 -12.92 -0.62 6.37
CA ASP A 32 -13.69 -1.33 5.26
C ASP A 32 -14.33 -0.43 4.13
N PRO A 33 -13.52 0.12 3.19
CA PRO A 33 -14.05 1.00 2.10
C PRO A 33 -14.40 0.34 0.73
N LEU A 34 -13.98 -0.92 0.51
CA LEU A 34 -14.30 -1.62 -0.77
C LEU A 34 -14.67 -3.12 -0.63
N GLU A 35 -14.25 -3.79 0.49
CA GLU A 35 -14.52 -5.22 0.73
C GLU A 35 -15.75 -5.44 1.64
N GLY A 36 -16.95 -5.20 1.06
CA GLY A 36 -18.20 -5.35 1.81
C GLY A 36 -18.84 -4.03 2.26
N ARG A 37 -17.97 -2.98 2.50
CA ARG A 37 -18.33 -1.58 2.97
C ARG A 37 -19.24 -1.51 4.25
N VAL A 38 -18.81 -2.27 5.29
CA VAL A 38 -19.50 -2.39 6.61
C VAL A 38 -18.45 -2.46 7.77
N GLY A 39 -18.91 -2.56 9.02
CA GLY A 39 -18.00 -2.64 10.18
C GLY A 39 -17.60 -4.06 10.60
N ARG A 40 -16.55 -4.60 9.94
CA ARG A 40 -16.04 -5.97 10.21
C ARG A 40 -14.52 -6.07 10.09
N ALA A 41 -13.88 -6.63 11.15
CA ALA A 41 -12.42 -6.85 11.24
C ALA A 41 -12.08 -8.36 11.33
N SER A 42 -11.03 -8.78 10.59
CA SER A 42 -10.59 -10.17 10.58
C SER A 42 -9.15 -10.29 11.10
N ASP A 43 -9.02 -10.62 12.38
CA ASP A 43 -7.69 -10.77 13.03
C ASP A 43 -7.44 -12.25 13.48
N TYR A 44 -7.38 -13.16 12.46
CA TYR A 44 -7.14 -14.60 12.67
C TYR A 44 -5.67 -14.93 12.31
N GLY A 45 -4.78 -14.49 13.20
CA GLY A 45 -3.33 -14.64 13.04
C GLY A 45 -2.60 -13.34 13.39
N MET A 46 -2.89 -12.80 14.60
CA MET A 46 -2.28 -11.55 15.11
C MET A 46 -1.00 -11.77 15.97
N LYS A 47 -0.58 -13.05 16.15
CA LYS A 47 0.64 -13.40 16.91
C LYS A 47 1.75 -13.90 15.93
N LEU A 48 2.17 -12.96 15.07
CA LEU A 48 3.19 -13.14 14.03
C LEU A 48 3.59 -11.73 13.53
N PRO A 49 4.30 -10.92 14.38
CA PRO A 49 4.71 -9.50 14.05
C PRO A 49 5.72 -9.31 12.91
N ILE A 50 5.71 -8.09 12.32
CA ILE A 50 6.62 -7.68 11.26
C ILE A 50 7.96 -7.13 11.92
N LEU A 51 9.11 -7.59 11.37
CA LEU A 51 10.47 -7.25 11.90
C LEU A 51 11.08 -5.89 11.45
N ARG A 52 10.45 -5.19 10.48
CA ARG A 52 10.97 -3.88 10.02
C ARG A 52 10.10 -2.66 10.45
N SER A 53 9.21 -2.85 11.45
CA SER A 53 8.33 -1.76 11.94
C SER A 53 8.16 -1.76 13.49
N ASN A 54 7.41 -0.75 13.99
CA ASN A 54 7.10 -0.56 15.45
C ASN A 54 5.78 -1.33 15.87
N PRO A 55 5.26 -1.34 17.17
CA PRO A 55 3.98 -2.08 17.55
C PRO A 55 2.68 -1.54 16.88
N GLU A 56 2.57 -0.17 16.85
CA GLU A 56 1.43 0.57 16.22
C GLU A 56 1.45 0.45 14.67
N ASP A 57 2.66 0.55 14.08
CA ASP A 57 2.86 0.40 12.64
C ASP A 57 3.07 -1.12 12.22
N GLN A 58 3.07 -2.05 13.23
CA GLN A 58 3.10 -3.53 13.04
C GLN A 58 1.72 -3.99 12.54
N VAL A 59 0.65 -3.46 13.23
CA VAL A 59 -0.77 -3.69 12.83
C VAL A 59 -1.12 -2.87 11.49
N LEU A 60 -0.59 -1.63 11.30
CA LEU A 60 -0.85 -0.88 10.02
C LEU A 60 0.10 -1.28 8.83
N TYR A 61 1.06 -2.16 9.12
CA TYR A 61 1.99 -2.77 8.12
C TYR A 61 1.71 -4.30 7.99
N GLN A 62 0.73 -4.79 8.81
CA GLN A 62 0.28 -6.17 8.81
C GLN A 62 -1.28 -6.26 8.73
N THR A 63 -1.91 -7.07 9.64
CA THR A 63 -3.41 -7.45 9.69
C THR A 63 -4.07 -7.81 8.29
N GLU A 64 -4.62 -9.04 8.16
CA GLU A 64 -5.18 -9.53 6.85
C GLU A 64 -6.73 -9.69 6.80
N ARG A 65 -7.29 -9.33 5.62
CA ARG A 65 -8.74 -9.47 5.35
C ARG A 65 -9.03 -10.52 4.24
N TYR A 66 -10.23 -11.12 4.31
CA TYR A 66 -10.64 -12.16 3.34
C TYR A 66 -11.98 -11.81 2.65
N ASN A 67 -11.99 -11.89 1.30
CA ASN A 67 -13.19 -11.60 0.50
C ASN A 67 -13.40 -12.64 -0.62
N GLU A 68 -12.76 -12.45 -1.80
CA GLU A 68 -12.92 -13.39 -2.92
C GLU A 68 -11.71 -13.40 -3.90
N ASP A 69 -11.76 -12.55 -4.96
CA ASP A 69 -10.71 -12.49 -6.02
C ASP A 69 -10.99 -11.35 -7.01
N SER A 70 -9.93 -10.57 -7.39
CA SER A 70 -10.01 -9.39 -8.34
C SER A 70 -10.74 -8.21 -7.67
N PHE A 71 -10.01 -7.52 -6.79
CA PHE A 71 -10.58 -6.40 -6.01
C PHE A 71 -9.70 -5.14 -6.06
N GLY A 72 -10.36 -4.00 -6.26
CA GLY A 72 -9.65 -2.72 -6.38
C GLY A 72 -10.19 -1.57 -5.56
N TYR A 73 -9.34 -0.55 -5.41
CA TYR A 73 -9.64 0.65 -4.61
C TYR A 73 -9.81 1.92 -5.48
N ASP A 74 -10.47 2.93 -4.88
CA ASP A 74 -10.75 4.22 -5.56
C ASP A 74 -10.18 5.44 -4.79
N ILE A 75 -9.40 6.27 -5.50
CA ILE A 75 -8.78 7.50 -4.94
C ILE A 75 -9.23 8.73 -5.80
N PRO A 76 -10.27 9.51 -5.40
CA PRO A 76 -10.72 10.69 -6.17
C PRO A 76 -9.89 12.00 -5.92
N ILE A 77 -9.23 12.48 -6.98
CA ILE A 77 -8.41 13.71 -6.93
C ILE A 77 -8.81 14.69 -8.08
N LYS A 78 -8.53 15.97 -7.85
CA LYS A 78 -8.82 17.06 -8.80
C LYS A 78 -7.70 18.14 -8.82
N GLU A 79 -6.45 17.76 -8.43
CA GLU A 79 -5.31 18.68 -8.38
C GLU A 79 -4.09 18.09 -9.10
N GLU A 80 -3.22 18.97 -9.63
CA GLU A 80 -2.03 18.54 -10.38
C GLU A 80 -0.70 18.87 -9.68
N GLY A 81 0.20 17.90 -9.73
CA GLY A 81 1.53 18.03 -9.14
C GLY A 81 2.25 16.68 -9.02
N GLU A 82 2.74 16.38 -7.80
CA GLU A 82 3.42 15.08 -7.56
C GLU A 82 2.76 14.31 -6.41
N TYR A 83 2.24 13.12 -6.75
CA TYR A 83 1.59 12.23 -5.77
C TYR A 83 2.36 10.92 -5.68
N VAL A 84 2.54 10.40 -4.46
CA VAL A 84 3.33 9.15 -4.26
C VAL A 84 2.46 8.03 -3.65
N LEU A 85 2.46 6.87 -4.34
CA LEU A 85 1.72 5.69 -3.89
C LEU A 85 2.71 4.67 -3.26
N VAL A 86 2.67 4.58 -1.92
CA VAL A 86 3.55 3.66 -1.14
C VAL A 86 2.63 2.61 -0.45
N LEU A 87 2.83 1.34 -0.81
CA LEU A 87 2.03 0.27 -0.19
C LEU A 87 2.90 -0.89 0.32
N LYS A 88 2.57 -1.35 1.54
CA LYS A 88 3.30 -2.45 2.21
C LYS A 88 2.57 -3.78 2.03
N PHE A 89 3.26 -4.77 1.45
CA PHE A 89 2.70 -6.10 1.22
C PHE A 89 3.31 -7.13 2.20
N ALA A 90 2.45 -7.99 2.76
CA ALA A 90 2.86 -9.03 3.74
C ALA A 90 2.23 -10.43 3.40
N GLU A 91 2.96 -11.51 3.75
CA GLU A 91 2.51 -12.90 3.54
C GLU A 91 3.03 -13.81 4.67
N VAL A 92 2.10 -14.33 5.49
CA VAL A 92 2.45 -15.21 6.64
C VAL A 92 1.61 -16.53 6.68
N TYR A 93 1.83 -17.42 5.69
CA TYR A 93 1.12 -18.72 5.61
C TYR A 93 1.77 -19.69 4.59
N PHE A 94 2.10 -19.19 3.38
CA PHE A 94 2.71 -20.03 2.31
C PHE A 94 4.17 -19.62 2.02
N ALA A 95 5.08 -20.62 2.08
CA ALA A 95 6.52 -20.41 1.81
C ALA A 95 6.95 -21.03 0.44
N GLN A 96 6.97 -20.17 -0.59
CA GLN A 96 7.33 -20.58 -1.96
C GLN A 96 7.73 -19.38 -2.84
N SER A 97 8.74 -19.60 -3.72
CA SER A 97 9.26 -18.56 -4.63
C SER A 97 9.16 -18.98 -6.11
N GLN A 98 8.50 -18.11 -6.93
CA GLN A 98 8.26 -18.30 -8.40
C GLN A 98 7.18 -19.39 -8.70
N GLN A 99 6.01 -19.23 -8.04
CA GLN A 99 4.87 -20.16 -8.14
C GLN A 99 3.55 -19.40 -7.90
N LYS A 100 3.55 -18.47 -6.90
CA LYS A 100 2.39 -17.62 -6.58
C LYS A 100 2.71 -16.19 -7.02
N VAL A 101 2.48 -15.92 -8.32
CA VAL A 101 2.78 -14.62 -8.95
C VAL A 101 1.47 -13.85 -9.30
N PHE A 102 1.40 -12.61 -8.81
CA PHE A 102 0.20 -11.76 -8.94
C PHE A 102 0.37 -10.50 -9.84
N ASP A 103 -0.76 -9.76 -10.06
CA ASP A 103 -0.72 -8.54 -10.90
C ASP A 103 -1.25 -7.31 -10.14
N VAL A 104 -0.53 -6.19 -10.31
CA VAL A 104 -0.85 -4.91 -9.62
C VAL A 104 -0.82 -3.72 -10.68
N ARG A 105 -1.96 -2.97 -10.72
CA ARG A 105 -2.15 -1.84 -11.67
C ARG A 105 -2.53 -0.49 -11.00
N VAL A 106 -2.10 0.62 -11.66
CA VAL A 106 -2.38 2.02 -11.20
C VAL A 106 -3.12 2.88 -12.29
N ASN A 107 -4.46 3.09 -12.10
CA ASN A 107 -5.40 3.85 -13.01
C ASN A 107 -5.58 3.24 -14.42
N GLY A 108 -5.39 1.93 -14.49
CA GLY A 108 -5.48 1.23 -15.74
C GLY A 108 -4.12 0.71 -16.27
N HIS A 109 -3.01 1.35 -15.78
CA HIS A 109 -1.61 1.03 -16.13
C HIS A 109 -1.03 -0.19 -15.37
N THR A 110 -0.12 -0.96 -16.01
CA THR A 110 0.52 -2.12 -15.34
C THR A 110 1.95 -1.78 -14.87
N VAL A 111 2.20 -2.02 -13.59
CA VAL A 111 3.52 -1.71 -12.97
C VAL A 111 4.24 -2.96 -12.39
N VAL A 112 3.59 -3.68 -11.45
CA VAL A 112 4.22 -4.90 -10.86
C VAL A 112 3.34 -6.12 -11.23
N LYS A 113 3.64 -6.72 -12.41
CA LYS A 113 2.91 -7.90 -12.87
C LYS A 113 3.78 -9.17 -12.86
N ASP A 114 3.94 -9.62 -11.63
CA ASP A 114 4.71 -10.80 -11.16
C ASP A 114 5.06 -10.60 -9.66
N LEU A 115 4.02 -10.50 -8.79
CA LEU A 115 4.25 -10.26 -7.36
C LEU A 115 4.32 -11.53 -6.52
N ASP A 116 5.58 -11.90 -6.22
CA ASP A 116 5.92 -13.02 -5.35
C ASP A 116 6.66 -12.42 -4.13
N ILE A 117 5.89 -12.22 -3.03
CA ILE A 117 6.37 -11.57 -1.76
C ILE A 117 7.51 -12.38 -0.99
N PHE A 118 7.54 -13.74 -1.15
CA PHE A 118 8.60 -14.61 -0.52
C PHE A 118 9.98 -14.52 -1.27
N ASP A 119 9.92 -14.39 -2.64
CA ASP A 119 11.13 -14.22 -3.51
C ASP A 119 11.73 -12.78 -3.45
N ARG A 120 10.89 -11.74 -3.12
CA ARG A 120 11.33 -10.33 -3.00
C ARG A 120 12.06 -10.02 -1.67
N VAL A 121 11.45 -10.32 -0.49
CA VAL A 121 12.13 -10.10 0.83
C VAL A 121 12.89 -11.36 1.37
N GLY A 122 12.31 -12.58 1.23
CA GLY A 122 12.97 -13.81 1.71
C GLY A 122 12.28 -14.44 2.93
N HIS A 123 12.39 -13.74 4.07
CA HIS A 123 11.79 -14.14 5.36
C HIS A 123 10.54 -13.29 5.70
N SER A 124 9.83 -13.63 6.82
CA SER A 124 8.60 -12.90 7.26
C SER A 124 8.90 -11.50 7.88
N THR A 125 9.03 -10.51 6.97
CA THR A 125 9.35 -9.09 7.27
C THR A 125 8.34 -8.15 6.53
N ALA A 126 8.73 -6.88 6.22
CA ALA A 126 7.87 -5.94 5.48
C ALA A 126 8.35 -5.72 4.01
N HIS A 127 7.40 -5.86 3.04
CA HIS A 127 7.69 -5.62 1.60
C HIS A 127 7.18 -4.22 1.18
N ASP A 128 7.95 -3.54 0.31
CA ASP A 128 7.58 -2.17 -0.10
C ASP A 128 7.71 -1.90 -1.61
N GLU A 129 6.60 -1.37 -2.17
CA GLU A 129 6.55 -0.96 -3.57
C GLU A 129 6.28 0.56 -3.67
N ILE A 130 7.26 1.26 -4.27
CA ILE A 130 7.24 2.74 -4.44
C ILE A 130 7.01 3.14 -5.92
N ILE A 131 5.93 3.90 -6.16
CA ILE A 131 5.56 4.35 -7.52
C ILE A 131 5.21 5.88 -7.51
N PRO A 132 6.17 6.83 -7.82
CA PRO A 132 5.87 8.31 -7.93
C PRO A 132 5.12 8.69 -9.23
N ILE A 133 4.11 9.56 -9.09
CA ILE A 133 3.26 10.00 -10.20
C ILE A 133 3.37 11.54 -10.44
N SER A 134 3.27 11.93 -11.72
CA SER A 134 3.31 13.34 -12.14
C SER A 134 2.12 13.67 -13.08
N ILE A 135 1.20 14.50 -12.55
CA ILE A 135 -0.01 14.94 -13.30
C ILE A 135 0.10 16.48 -13.58
N LYS A 136 0.06 16.86 -14.88
CA LYS A 136 0.17 18.28 -15.30
C LYS A 136 -0.75 18.59 -16.48
N LYS A 137 -1.53 19.70 -16.32
CA LYS A 137 -2.54 20.21 -17.34
C LYS A 137 -3.77 19.28 -17.59
N GLY A 138 -3.97 18.30 -16.67
CA GLY A 138 -5.05 17.31 -16.79
C GLY A 138 -4.60 15.94 -17.39
N LYS A 139 -3.27 15.64 -17.39
CA LYS A 139 -2.76 14.37 -17.95
C LYS A 139 -1.82 13.65 -16.97
N LEU A 140 -1.92 12.31 -16.96
CA LEU A 140 -1.12 11.46 -16.05
C LEU A 140 0.14 10.83 -16.70
N SER A 141 1.20 10.74 -15.90
CA SER A 141 2.48 10.17 -16.32
C SER A 141 3.04 9.20 -15.26
N VAL A 142 3.09 7.89 -15.62
CA VAL A 142 3.61 6.85 -14.72
C VAL A 142 4.89 6.16 -15.35
N GLN A 143 6.09 6.47 -14.76
CA GLN A 143 7.44 5.93 -15.17
C GLN A 143 7.92 6.42 -16.58
N GLY A 144 7.41 5.75 -17.64
CA GLY A 144 7.72 6.10 -19.02
C GLY A 144 6.49 5.95 -19.95
N GLU A 145 5.28 6.19 -19.40
CA GLU A 145 4.02 6.10 -20.15
C GLU A 145 3.12 7.32 -19.86
N VAL A 146 2.66 7.98 -20.94
CA VAL A 146 1.81 9.19 -20.81
C VAL A 146 0.35 8.94 -21.39
N SER A 147 -0.65 9.33 -20.58
CA SER A 147 -2.08 9.19 -20.93
C SER A 147 -2.89 10.36 -20.30
N THR A 148 -4.23 10.26 -20.34
CA THR A 148 -5.10 11.31 -19.75
C THR A 148 -5.68 10.90 -18.35
N PHE A 149 -5.74 11.89 -17.43
CA PHE A 149 -6.30 11.70 -16.07
C PHE A 149 -7.83 11.95 -16.03
N THR A 150 -8.52 11.01 -15.40
CA THR A 150 -9.99 11.07 -15.18
C THR A 150 -10.28 11.61 -13.74
N GLY A 151 -11.50 11.45 -13.21
CA GLY A 151 -11.79 11.96 -11.83
C GLY A 151 -11.38 11.04 -10.64
N LYS A 152 -10.68 9.92 -10.93
CA LYS A 152 -10.20 8.97 -9.89
C LYS A 152 -9.04 8.09 -10.42
N LEU A 153 -8.20 7.67 -9.46
CA LEU A 153 -7.03 6.78 -9.70
C LEU A 153 -7.35 5.37 -9.12
N SER A 154 -6.99 4.27 -9.83
CA SER A 154 -7.36 2.93 -9.32
C SER A 154 -6.17 1.97 -9.03
N VAL A 155 -6.35 1.14 -7.98
CA VAL A 155 -5.34 0.09 -7.63
C VAL A 155 -6.06 -1.28 -7.70
N GLU A 156 -5.87 -1.99 -8.84
CA GLU A 156 -6.54 -3.29 -9.06
C GLU A 156 -5.59 -4.48 -8.98
N PHE A 157 -5.96 -5.45 -8.11
CA PHE A 157 -5.18 -6.67 -7.92
C PHE A 157 -5.89 -7.87 -8.55
N VAL A 158 -5.19 -8.51 -9.51
CA VAL A 158 -5.71 -9.70 -10.26
C VAL A 158 -4.99 -10.99 -9.74
N LYS A 159 -5.77 -12.10 -9.69
CA LYS A 159 -5.32 -13.41 -9.18
C LYS A 159 -4.60 -14.32 -10.21
N GLY A 160 -3.68 -15.14 -9.66
CA GLY A 160 -2.93 -16.14 -10.47
C GLY A 160 -3.48 -17.58 -10.30
N TYR A 161 -4.00 -17.90 -9.10
CA TYR A 161 -4.60 -19.21 -8.79
C TYR A 161 -5.99 -19.04 -8.12
N TYR A 162 -6.02 -18.82 -6.78
CA TYR A 162 -7.27 -18.63 -6.02
C TYR A 162 -6.96 -18.19 -4.55
N ASP A 163 -6.39 -16.97 -4.39
CA ASP A 163 -6.02 -16.43 -3.05
C ASP A 163 -5.70 -14.92 -3.08
N ASN A 164 -4.87 -14.46 -4.08
CA ASN A 164 -4.42 -13.03 -4.22
C ASN A 164 -3.18 -12.73 -3.29
N PRO A 165 -2.59 -11.47 -3.19
CA PRO A 165 -1.40 -11.17 -2.28
C PRO A 165 -1.64 -11.39 -0.75
N LYS A 166 -2.95 -11.39 -0.36
CA LYS A 166 -3.45 -11.65 1.03
C LYS A 166 -3.42 -10.43 1.99
N VAL A 167 -2.22 -9.93 2.40
CA VAL A 167 -2.15 -8.78 3.35
C VAL A 167 -1.80 -7.45 2.61
N CYS A 168 -2.57 -6.37 2.94
CA CYS A 168 -2.37 -5.07 2.28
C CYS A 168 -2.30 -3.87 3.26
N ALA A 169 -1.35 -2.95 2.98
CA ALA A 169 -1.07 -1.72 3.79
C ALA A 169 -1.00 -0.37 2.98
N LEU A 170 -1.97 -0.14 2.05
CA LEU A 170 -2.11 1.11 1.18
C LEU A 170 -1.87 2.48 1.89
N PHE A 171 -1.08 3.34 1.26
CA PHE A 171 -0.75 4.67 1.82
C PHE A 171 -0.41 5.68 0.69
N ILE A 172 -1.36 6.60 0.35
CA ILE A 172 -1.06 7.65 -0.66
C ILE A 172 -0.97 9.07 0.01
N MET A 173 0.20 9.69 -0.20
CA MET A 173 0.53 11.01 0.34
C MET A 173 0.91 12.02 -0.78
N LYS A 174 0.66 13.32 -0.50
CA LYS A 174 0.87 14.39 -1.46
C LYS A 174 2.12 15.30 -1.30
N GLY A 175 2.50 15.80 -2.48
CA GLY A 175 3.54 16.82 -2.73
C GLY A 175 4.90 16.39 -3.30
N THR A 176 5.54 15.26 -2.86
CA THR A 176 6.87 14.79 -3.41
C THR A 176 7.38 13.51 -2.71
N ALA A 177 8.38 12.83 -3.34
CA ALA A 177 9.06 11.60 -2.80
C ALA A 177 10.18 11.91 -1.74
N ASP A 178 10.65 13.19 -1.66
CA ASP A 178 11.68 13.64 -0.67
C ASP A 178 11.08 14.13 0.70
N ASP A 179 9.73 14.04 0.87
CA ASP A 179 9.01 14.46 2.10
C ASP A 179 8.51 13.29 3.00
N VAL A 180 8.72 12.03 2.54
CA VAL A 180 8.32 10.77 3.30
C VAL A 180 9.46 10.30 4.29
N PRO A 181 9.40 10.67 5.63
CA PRO A 181 10.43 10.23 6.62
C PRO A 181 10.07 8.94 7.41
N MET A 182 11.12 8.20 7.81
CA MET A 182 10.96 6.96 8.56
C MET A 182 12.06 6.80 9.62
N LEU A 183 11.64 6.72 10.90
CA LEU A 183 12.57 6.57 12.04
C LEU A 183 12.15 5.44 13.01
N GLN A 184 13.11 5.06 13.87
CA GLN A 184 12.92 4.00 14.88
C GLN A 184 12.79 4.63 16.31
N PRO A 185 12.17 3.92 17.33
CA PRO A 185 12.00 4.48 18.71
C PRO A 185 13.32 4.64 19.53
N HIS A 186 13.58 5.90 19.91
CA HIS A 186 14.77 6.28 20.67
C HIS A 186 14.39 7.26 21.83
N PRO A 187 15.05 7.17 23.06
CA PRO A 187 14.74 8.08 24.23
C PRO A 187 15.35 9.50 24.18
N GLY A 188 16.51 9.63 23.52
CA GLY A 188 17.18 10.93 23.44
C GLY A 188 17.77 11.25 22.07
N LEU A 189 18.93 11.93 22.07
CA LEU A 189 19.64 12.32 20.83
C LEU A 189 21.05 11.71 20.75
N GLU A 190 21.30 10.99 19.64
CA GLU A 190 22.61 10.35 19.40
C GLU A 190 23.03 10.50 17.94
C2 BGC B . -5.98 -24.81 2.74
C3 BGC B . -5.51 -23.31 2.91
C4 BGC B . -6.24 -22.54 4.12
C5 BGC B . -6.07 -23.42 5.45
C6 BGC B . -6.85 -22.88 6.69
C1 BGC B . -5.93 -25.52 4.13
O1 BGC B . -6.53 -26.78 4.07
O2 BGC B . -5.13 -25.49 1.82
O3 BGC B . -5.78 -22.60 1.69
O4 BGC B . -5.67 -21.20 4.29
O5 BGC B . -6.68 -24.74 5.13
O6 BGC B . -7.52 -23.87 7.47
H2 BGC B . -7.04 -24.82 2.39
H3 BGC B . -4.43 -23.30 3.12
H4 BGC B . -7.32 -22.52 3.89
H5 BGC B . -5.05 -23.73 5.75
H61 BGC B . -7.51 -22.09 6.37
H62 BGC B . -6.10 -22.37 7.32
H1 BGC B . -4.90 -25.66 4.48
HO1 BGC B . -7.33 -26.72 3.55
HO2 BGC B . -5.52 -26.34 1.59
HO3 BGC B . -5.04 -22.05 1.47
HO6 BGC B . -7.73 -23.50 8.32
C1 GLC B . -6.51 -20.07 3.96
C2 GLC B . -5.68 -18.88 3.30
C3 GLC B . -4.74 -18.21 4.39
C4 GLC B . -5.52 -17.82 5.72
C5 GLC B . -6.29 -19.09 6.29
C6 GLC B . -7.23 -18.80 7.50
O2 GLC B . -4.85 -19.39 2.26
O3 GLC B . -4.15 -17.04 3.84
O4 GLC B . -4.58 -17.31 6.69
O5 GLC B . -7.18 -19.53 5.17
O6 GLC B . -8.48 -19.50 7.48
H1 GLC B . -7.31 -20.40 3.28
H2 GLC B . -6.39 -18.13 2.93
H3 GLC B . -3.95 -18.94 4.68
H4 GLC B . -6.26 -17.05 5.45
H5 GLC B . -5.71 -20.01 6.46
H61 GLC B . -7.37 -17.74 7.61
H62 GLC B . -6.67 -19.09 8.41
HO2 GLC B . -5.40 -19.66 1.52
HO3 GLC B . -4.59 -16.27 4.18
HO4 GLC B . -4.68 -16.36 6.75
HO6 GLC B . -9.07 -19.08 6.86
N GLY A 1 16.93 25.37 5.01
CA GLY A 1 15.68 24.82 4.41
C GLY A 1 15.22 23.56 5.11
N ALA A 2 14.21 23.71 6.01
CA ALA A 2 13.64 22.57 6.78
C ALA A 2 12.18 22.24 6.34
N MET A 3 11.93 20.93 6.09
CA MET A 3 10.61 20.44 5.67
C MET A 3 10.17 19.21 6.48
N SER A 4 9.22 19.43 7.40
CA SER A 4 8.69 18.36 8.27
C SER A 4 7.16 18.47 8.44
N GLY A 5 6.43 17.52 7.83
CA GLY A 5 4.98 17.52 7.91
C GLY A 5 4.33 16.56 6.93
N LEU A 6 4.24 15.27 7.31
CA LEU A 6 3.63 14.20 6.48
C LEU A 6 2.10 14.05 6.70
N ALA A 7 1.65 14.01 8.00
CA ALA A 7 0.22 13.95 8.43
C ALA A 7 -0.70 15.11 7.86
N ASP A 8 -0.09 16.26 7.46
CA ASP A 8 -0.78 17.42 6.87
C ASP A 8 -0.95 17.33 5.31
N LYS A 9 -0.13 16.46 4.65
CA LYS A 9 -0.19 16.27 3.17
C LYS A 9 -0.89 14.96 2.73
N VAL A 10 -1.21 14.01 3.69
CA VAL A 10 -1.97 12.73 3.40
C VAL A 10 -3.42 12.99 2.82
N ILE A 11 -3.79 12.24 1.76
CA ILE A 11 -5.13 12.38 1.15
C ILE A 11 -5.98 11.09 1.20
N TRP A 12 -5.34 9.90 1.23
CA TRP A 12 -6.09 8.61 1.23
C TRP A 12 -5.19 7.42 1.66
N ALA A 13 -5.54 6.73 2.79
CA ALA A 13 -4.77 5.53 3.28
C ALA A 13 -5.70 4.38 3.74
N VAL A 14 -5.42 3.12 3.26
CA VAL A 14 -6.27 1.93 3.60
C VAL A 14 -5.42 0.63 3.83
N ASN A 15 -5.74 -0.11 4.93
CA ASN A 15 -5.15 -1.44 5.19
C ASN A 15 -6.32 -2.45 5.21
N ALA A 16 -6.37 -3.33 4.19
CA ALA A 16 -7.42 -4.37 4.05
C ALA A 16 -7.15 -5.58 4.98
N GLY A 17 -7.91 -5.62 6.09
CA GLY A 17 -7.77 -6.68 7.07
C GLY A 17 -8.23 -6.38 8.50
N GLY A 18 -8.45 -5.10 8.84
CA GLY A 18 -8.85 -4.78 10.23
C GLY A 18 -9.82 -3.62 10.40
N GLU A 19 -9.46 -2.72 11.35
CA GLU A 19 -10.27 -1.54 11.65
C GLU A 19 -9.38 -0.38 12.10
N SER A 20 -9.42 0.69 11.26
CA SER A 20 -8.72 2.02 11.37
C SER A 20 -7.43 2.17 12.26
N HIS A 21 -6.28 2.57 11.66
CA HIS A 21 -5.03 2.77 12.45
C HIS A 21 -4.21 3.98 12.02
N VAL A 22 -3.64 4.63 13.05
CA VAL A 22 -2.77 5.82 12.90
C VAL A 22 -1.29 5.45 13.13
N ASP A 23 -0.53 5.61 12.04
CA ASP A 23 0.93 5.35 11.96
C ASP A 23 1.75 6.48 12.66
N VAL A 24 2.99 6.13 13.09
CA VAL A 24 4.01 7.01 13.85
C VAL A 24 4.23 8.50 13.38
N HIS A 25 3.94 8.81 12.10
CA HIS A 25 4.04 10.21 11.59
C HIS A 25 2.65 10.92 11.62
N GLY A 26 1.58 10.09 11.69
CA GLY A 26 0.19 10.54 11.77
C GLY A 26 -0.66 10.18 10.56
N ILE A 27 -0.50 8.94 10.03
CA ILE A 27 -1.28 8.48 8.86
C ILE A 27 -2.39 7.47 9.30
N HIS A 28 -3.65 7.81 9.00
CA HIS A 28 -4.82 6.99 9.41
C HIS A 28 -5.42 6.13 8.27
N TYR A 29 -5.55 4.80 8.54
CA TYR A 29 -6.16 3.85 7.59
C TYR A 29 -7.66 3.61 7.90
N ARG A 30 -8.44 3.26 6.86
CA ARG A 30 -9.90 3.03 6.96
C ARG A 30 -10.30 1.53 7.04
N LYS A 31 -11.43 1.30 7.74
CA LYS A 31 -12.02 -0.04 8.03
C LYS A 31 -12.77 -0.74 6.86
N ASP A 32 -12.07 -1.74 6.25
CA ASP A 32 -12.57 -2.69 5.16
C ASP A 32 -13.38 -2.09 3.95
N PRO A 33 -12.95 -0.97 3.31
CA PRO A 33 -13.67 -0.37 2.16
C PRO A 33 -13.10 -0.69 0.73
N LEU A 34 -13.11 -1.98 0.34
CA LEU A 34 -12.65 -2.41 -1.02
C LEU A 34 -13.81 -2.39 -2.03
N GLU A 35 -14.74 -3.35 -1.91
CA GLU A 35 -15.89 -3.42 -2.86
C GLU A 35 -17.23 -3.83 -2.20
N GLY A 36 -17.61 -3.21 -1.06
CA GLY A 36 -18.87 -3.54 -0.39
C GLY A 36 -18.77 -4.43 0.86
N ARG A 37 -17.52 -4.81 1.26
CA ARG A 37 -17.26 -5.69 2.42
C ARG A 37 -17.05 -4.91 3.75
N VAL A 38 -18.11 -4.23 4.22
CA VAL A 38 -18.07 -3.43 5.49
C VAL A 38 -18.92 -4.08 6.60
N GLY A 39 -18.25 -4.48 7.69
CA GLY A 39 -18.93 -5.12 8.81
C GLY A 39 -17.99 -5.78 9.81
N ARG A 40 -17.34 -6.89 9.39
CA ARG A 40 -16.42 -7.65 10.26
C ARG A 40 -15.00 -7.82 9.65
N ALA A 41 -14.02 -8.08 10.57
CA ALA A 41 -12.60 -8.30 10.22
C ALA A 41 -12.21 -9.81 10.26
N SER A 42 -11.33 -10.24 9.32
CA SER A 42 -10.89 -11.64 9.25
C SER A 42 -9.40 -11.81 9.64
N ASP A 43 -9.14 -11.74 10.96
CA ASP A 43 -7.77 -11.88 11.53
C ASP A 43 -7.56 -13.26 12.19
N TYR A 44 -8.37 -13.59 13.25
CA TYR A 44 -8.34 -14.88 14.04
C TYR A 44 -7.20 -14.92 15.09
N GLY A 45 -5.94 -14.88 14.60
CA GLY A 45 -4.77 -14.90 15.47
C GLY A 45 -3.76 -13.81 15.11
N MET A 46 -3.48 -12.93 16.08
CA MET A 46 -2.51 -11.80 15.91
C MET A 46 -1.05 -12.15 16.34
N LYS A 47 -0.83 -13.43 16.72
CA LYS A 47 0.49 -13.96 17.19
C LYS A 47 1.49 -14.38 16.05
N LEU A 48 1.32 -13.79 14.85
CA LEU A 48 2.17 -14.01 13.67
C LEU A 48 2.54 -12.59 13.14
N PRO A 49 3.50 -11.87 13.81
CA PRO A 49 3.87 -10.47 13.46
C PRO A 49 4.85 -10.26 12.29
N ILE A 50 5.03 -8.96 11.94
CA ILE A 50 5.94 -8.49 10.89
C ILE A 50 7.28 -8.02 11.57
N LEU A 51 8.42 -8.46 11.00
CA LEU A 51 9.79 -8.17 11.55
C LEU A 51 10.45 -6.85 11.09
N ARG A 52 9.90 -6.15 10.07
CA ARG A 52 10.48 -4.87 9.59
C ARG A 52 9.64 -3.62 10.01
N SER A 53 8.82 -3.75 11.08
CA SER A 53 8.00 -2.64 11.60
C SER A 53 7.94 -2.67 13.17
N ASN A 54 7.09 -1.80 13.75
CA ASN A 54 6.87 -1.70 15.24
C ASN A 54 5.61 -2.55 15.65
N PRO A 55 5.14 -2.60 16.97
CA PRO A 55 3.86 -3.33 17.36
C PRO A 55 2.57 -2.65 16.81
N GLU A 56 2.58 -1.29 16.88
CA GLU A 56 1.50 -0.39 16.38
C GLU A 56 1.39 -0.41 14.82
N ASP A 57 2.55 -0.24 14.17
CA ASP A 57 2.68 -0.28 12.71
C ASP A 57 2.73 -1.75 12.14
N GLN A 58 2.73 -2.75 13.08
CA GLN A 58 2.63 -4.21 12.80
C GLN A 58 1.17 -4.50 12.37
N VAL A 59 0.20 -3.87 13.11
CA VAL A 59 -1.28 -3.90 12.80
C VAL A 59 -1.54 -3.20 11.41
N LEU A 60 -0.85 -2.05 11.10
CA LEU A 60 -0.98 -1.42 9.75
C LEU A 60 -0.20 -2.18 8.60
N TYR A 61 0.73 -3.06 8.93
CA TYR A 61 1.52 -3.82 7.93
C TYR A 61 1.45 -5.39 8.09
N GLN A 62 0.39 -5.89 8.76
CA GLN A 62 0.20 -7.37 9.03
C GLN A 62 -1.24 -7.90 8.81
N THR A 63 -2.25 -7.07 9.15
CA THR A 63 -3.73 -7.45 9.07
C THR A 63 -4.28 -7.69 7.61
N GLU A 64 -4.91 -8.88 7.40
CA GLU A 64 -5.47 -9.31 6.08
C GLU A 64 -7.00 -9.54 6.11
N ARG A 65 -7.65 -9.27 4.96
CA ARG A 65 -9.11 -9.43 4.75
C ARG A 65 -9.43 -10.78 4.01
N TYR A 66 -10.55 -10.83 3.24
CA TYR A 66 -10.91 -12.04 2.47
C TYR A 66 -10.67 -11.86 0.96
N ASN A 67 -10.09 -12.90 0.33
CA ASN A 67 -9.74 -12.84 -1.11
C ASN A 67 -10.51 -13.88 -1.98
N GLU A 68 -10.73 -13.53 -3.27
CA GLU A 68 -11.46 -14.40 -4.22
C GLU A 68 -11.17 -14.08 -5.73
N ASP A 69 -11.59 -12.88 -6.21
CA ASP A 69 -11.44 -12.51 -7.65
C ASP A 69 -10.81 -11.10 -7.85
N SER A 70 -10.96 -10.52 -9.09
CA SER A 70 -10.44 -9.16 -9.46
C SER A 70 -11.18 -8.03 -8.71
N PHE A 71 -10.44 -7.39 -7.79
CA PHE A 71 -11.01 -6.33 -6.93
C PHE A 71 -10.00 -5.22 -6.59
N GLY A 72 -10.53 -4.05 -6.25
CA GLY A 72 -9.69 -2.92 -5.89
C GLY A 72 -10.40 -1.72 -5.27
N TYR A 73 -9.60 -0.67 -5.04
CA TYR A 73 -10.09 0.58 -4.41
C TYR A 73 -10.18 1.80 -5.37
N ASP A 74 -10.77 2.89 -4.84
CA ASP A 74 -10.98 4.16 -5.56
C ASP A 74 -10.39 5.38 -4.79
N ILE A 75 -9.59 6.22 -5.50
CA ILE A 75 -8.98 7.44 -4.92
C ILE A 75 -9.39 8.68 -5.77
N PRO A 76 -10.41 9.51 -5.34
CA PRO A 76 -10.80 10.71 -6.09
C PRO A 76 -9.94 11.98 -5.78
N ILE A 77 -9.31 12.55 -6.82
CA ILE A 77 -8.44 13.75 -6.70
C ILE A 77 -8.89 14.89 -7.68
N LYS A 78 -8.45 16.11 -7.35
CA LYS A 78 -8.72 17.33 -8.14
C LYS A 78 -7.54 18.35 -8.08
N GLU A 79 -6.31 17.88 -7.68
CA GLU A 79 -5.13 18.76 -7.58
C GLU A 79 -3.94 18.18 -8.38
N GLU A 80 -2.97 19.04 -8.70
CA GLU A 80 -1.79 18.63 -9.49
C GLU A 80 -0.46 18.87 -8.76
N GLY A 81 0.47 17.95 -8.99
CA GLY A 81 1.81 17.99 -8.40
C GLY A 81 2.50 16.63 -8.45
N GLU A 82 3.13 16.19 -7.33
CA GLU A 82 3.78 14.87 -7.32
C GLU A 82 3.15 13.97 -6.24
N TYR A 83 2.36 12.97 -6.69
CA TYR A 83 1.68 12.04 -5.78
C TYR A 83 2.41 10.70 -5.73
N VAL A 84 2.71 10.25 -4.51
CA VAL A 84 3.48 8.99 -4.32
C VAL A 84 2.59 7.90 -3.67
N LEU A 85 2.56 6.74 -4.35
CA LEU A 85 1.80 5.57 -3.89
C LEU A 85 2.76 4.55 -3.22
N VAL A 86 2.71 4.49 -1.89
CA VAL A 86 3.56 3.56 -1.08
C VAL A 86 2.61 2.52 -0.39
N LEU A 87 2.88 1.24 -0.65
CA LEU A 87 2.05 0.17 -0.08
C LEU A 87 2.88 -1.03 0.43
N LYS A 88 2.46 -1.58 1.60
CA LYS A 88 3.15 -2.76 2.19
C LYS A 88 2.39 -4.07 1.93
N PHE A 89 3.07 -4.99 1.25
CA PHE A 89 2.50 -6.31 0.93
C PHE A 89 3.12 -7.38 1.85
N ALA A 90 2.27 -8.25 2.44
CA ALA A 90 2.72 -9.31 3.39
C ALA A 90 1.95 -10.66 3.17
N GLU A 91 2.56 -11.77 3.65
CA GLU A 91 1.98 -13.12 3.56
C GLU A 91 1.83 -13.79 4.96
N VAL A 92 0.98 -14.83 5.05
CA VAL A 92 0.74 -15.56 6.32
C VAL A 92 1.12 -17.08 6.23
N TYR A 93 0.33 -17.87 5.47
CA TYR A 93 0.60 -19.32 5.32
C TYR A 93 0.58 -19.79 3.84
N PHE A 94 1.51 -19.24 3.03
CA PHE A 94 1.63 -19.59 1.60
C PHE A 94 3.10 -19.49 1.17
N ALA A 95 3.81 -20.66 1.14
CA ALA A 95 5.25 -20.71 0.78
C ALA A 95 5.47 -21.28 -0.67
N GLN A 96 5.80 -20.36 -1.59
CA GLN A 96 6.06 -20.69 -3.02
C GLN A 96 6.72 -19.51 -3.76
N SER A 97 7.69 -19.83 -4.64
CA SER A 97 8.42 -18.81 -5.43
C SER A 97 8.40 -19.10 -6.94
N GLN A 98 7.88 -18.11 -7.71
CA GLN A 98 7.75 -18.13 -9.21
C GLN A 98 6.70 -19.17 -9.74
N GLN A 99 5.52 -19.13 -9.11
CA GLN A 99 4.38 -20.02 -9.41
C GLN A 99 3.05 -19.31 -9.13
N LYS A 100 3.02 -18.51 -8.02
CA LYS A 100 1.86 -17.71 -7.63
C LYS A 100 2.19 -16.23 -7.89
N VAL A 101 2.07 -15.86 -9.18
CA VAL A 101 2.40 -14.50 -9.68
C VAL A 101 1.12 -13.72 -10.05
N PHE A 102 0.96 -12.57 -9.37
CA PHE A 102 -0.22 -11.69 -9.50
C PHE A 102 -0.02 -10.47 -10.43
N ASP A 103 -1.08 -9.66 -10.64
CA ASP A 103 -0.97 -8.42 -11.44
C ASP A 103 -1.53 -7.22 -10.66
N VAL A 104 -0.79 -6.09 -10.68
CA VAL A 104 -1.18 -4.86 -9.94
C VAL A 104 -1.17 -3.62 -10.92
N ARG A 105 -2.34 -2.92 -10.99
CA ARG A 105 -2.57 -1.77 -11.91
C ARG A 105 -2.96 -0.43 -11.21
N VAL A 106 -2.59 0.72 -11.86
CA VAL A 106 -2.93 2.11 -11.35
C VAL A 106 -3.67 2.99 -12.44
N ASN A 107 -4.99 3.29 -12.20
CA ASN A 107 -5.91 4.12 -13.09
C ASN A 107 -6.16 3.48 -14.50
N GLY A 108 -6.03 2.15 -14.57
CA GLY A 108 -6.17 1.46 -15.86
C GLY A 108 -4.83 1.00 -16.46
N HIS A 109 -3.71 1.55 -15.91
CA HIS A 109 -2.31 1.29 -16.33
C HIS A 109 -1.67 0.08 -15.57
N THR A 110 -0.45 -0.32 -15.98
CA THR A 110 0.25 -1.44 -15.29
C THR A 110 1.61 -1.00 -14.74
N VAL A 111 1.87 -1.39 -13.49
CA VAL A 111 3.12 -1.03 -12.77
C VAL A 111 3.90 -2.26 -12.24
N VAL A 112 3.25 -3.10 -11.40
CA VAL A 112 3.90 -4.32 -10.87
C VAL A 112 3.09 -5.55 -11.33
N LYS A 113 3.47 -6.07 -12.51
CA LYS A 113 2.81 -7.23 -13.10
C LYS A 113 3.69 -8.48 -13.03
N ASP A 114 3.37 -9.25 -12.00
CA ASP A 114 3.98 -10.54 -11.56
C ASP A 114 4.49 -10.36 -10.13
N LEU A 115 3.54 -10.33 -9.16
CA LEU A 115 3.88 -10.13 -7.75
C LEU A 115 3.92 -11.43 -6.95
N ASP A 116 5.16 -11.84 -6.64
CA ASP A 116 5.45 -13.01 -5.80
C ASP A 116 6.19 -12.48 -4.55
N ILE A 117 5.45 -12.38 -3.42
CA ILE A 117 5.97 -11.82 -2.11
C ILE A 117 7.06 -12.72 -1.41
N PHE A 118 7.06 -14.06 -1.68
CA PHE A 118 8.05 -15.03 -1.12
C PHE A 118 9.44 -14.93 -1.82
N ASP A 119 9.43 -14.78 -3.17
CA ASP A 119 10.66 -14.59 -4.01
C ASP A 119 11.29 -13.15 -3.88
N ARG A 120 10.46 -12.12 -3.54
CA ARG A 120 10.92 -10.71 -3.38
C ARG A 120 11.64 -10.46 -2.02
N VAL A 121 10.99 -10.75 -0.86
CA VAL A 121 11.65 -10.55 0.49
C VAL A 121 12.29 -11.85 1.09
N GLY A 122 11.64 -13.04 0.91
CA GLY A 122 12.19 -14.29 1.45
C GLY A 122 11.19 -15.06 2.29
N HIS A 123 11.41 -15.09 3.62
CA HIS A 123 10.52 -15.78 4.57
C HIS A 123 9.86 -14.78 5.52
N SER A 124 8.53 -14.54 5.29
CA SER A 124 7.67 -13.58 6.08
C SER A 124 8.09 -12.07 5.87
N THR A 125 8.28 -11.29 6.98
CA THR A 125 8.74 -9.84 7.00
C THR A 125 7.79 -8.82 6.25
N ALA A 126 8.31 -7.60 5.94
CA ALA A 126 7.54 -6.55 5.22
C ALA A 126 8.09 -6.27 3.78
N HIS A 127 7.17 -6.27 2.79
CA HIS A 127 7.50 -5.96 1.37
C HIS A 127 7.03 -4.52 1.05
N ASP A 128 7.85 -3.75 0.34
CA ASP A 128 7.50 -2.34 0.03
C ASP A 128 7.74 -1.92 -1.43
N GLU A 129 6.67 -1.37 -2.04
CA GLU A 129 6.76 -0.82 -3.40
C GLU A 129 6.49 0.70 -3.41
N ILE A 130 7.46 1.44 -3.98
CA ILE A 130 7.44 2.91 -4.10
C ILE A 130 7.33 3.33 -5.58
N ILE A 131 6.19 3.97 -5.94
CA ILE A 131 5.95 4.41 -7.33
C ILE A 131 5.50 5.91 -7.39
N PRO A 132 6.40 6.92 -7.75
CA PRO A 132 6.02 8.37 -7.90
C PRO A 132 5.21 8.69 -9.18
N ILE A 133 4.25 9.61 -9.02
CA ILE A 133 3.34 10.06 -10.11
C ILE A 133 3.42 11.62 -10.27
N SER A 134 3.19 12.10 -11.50
CA SER A 134 3.20 13.53 -11.79
C SER A 134 2.01 13.93 -12.69
N ILE A 135 1.09 14.72 -12.11
CA ILE A 135 -0.10 15.24 -12.81
C ILE A 135 0.05 16.79 -12.99
N LYS A 136 -0.05 17.25 -14.26
CA LYS A 136 0.07 18.68 -14.62
C LYS A 136 -0.89 19.04 -15.75
N LYS A 137 -1.66 20.15 -15.54
CA LYS A 137 -2.70 20.68 -16.51
C LYS A 137 -3.95 19.74 -16.68
N GLY A 138 -4.10 18.77 -15.75
CA GLY A 138 -5.17 17.78 -15.80
C GLY A 138 -4.78 16.43 -16.43
N LYS A 139 -3.46 16.13 -16.57
CA LYS A 139 -3.02 14.86 -17.17
C LYS A 139 -2.03 14.06 -16.30
N LEU A 140 -2.06 12.73 -16.44
CA LEU A 140 -1.25 11.82 -15.61
C LEU A 140 -0.02 11.23 -16.34
N SER A 141 1.09 11.13 -15.59
CA SER A 141 2.35 10.58 -16.10
C SER A 141 2.92 9.55 -15.08
N VAL A 142 2.93 8.26 -15.48
CA VAL A 142 3.42 7.17 -14.62
C VAL A 142 4.72 6.48 -15.25
N GLN A 143 5.93 6.95 -14.79
CA GLN A 143 7.28 6.45 -15.22
C GLN A 143 7.63 6.77 -16.70
N GLY A 144 7.20 5.88 -17.62
CA GLY A 144 7.40 6.07 -19.06
C GLY A 144 6.08 5.99 -19.86
N GLU A 145 4.95 6.31 -19.18
CA GLU A 145 3.61 6.29 -19.78
C GLU A 145 2.90 7.64 -19.59
N VAL A 146 2.24 8.10 -20.65
CA VAL A 146 1.51 9.39 -20.62
C VAL A 146 0.01 9.22 -21.06
N SER A 147 -0.90 9.68 -20.20
CA SER A 147 -2.36 9.62 -20.44
C SER A 147 -3.05 10.80 -19.73
N THR A 148 -4.39 10.89 -19.85
CA THR A 148 -5.14 11.97 -19.18
C THR A 148 -5.89 11.49 -17.88
N PHE A 149 -5.84 12.34 -16.82
CA PHE A 149 -6.51 12.09 -15.52
C PHE A 149 -8.00 12.53 -15.56
N THR A 150 -8.91 11.58 -15.29
CA THR A 150 -10.35 11.91 -15.29
C THR A 150 -11.06 11.45 -13.99
N GLY A 151 -11.10 12.37 -13.00
CA GLY A 151 -11.79 12.16 -11.70
C GLY A 151 -11.09 11.32 -10.62
N LYS A 152 -10.89 10.01 -10.88
CA LYS A 152 -10.30 9.10 -9.88
C LYS A 152 -9.19 8.18 -10.43
N LEU A 153 -8.34 7.74 -9.48
CA LEU A 153 -7.22 6.80 -9.70
C LEU A 153 -7.61 5.40 -9.15
N SER A 154 -7.30 4.31 -9.87
CA SER A 154 -7.72 2.99 -9.39
C SER A 154 -6.58 1.98 -9.14
N VAL A 155 -6.74 1.18 -8.07
CA VAL A 155 -5.77 0.09 -7.75
C VAL A 155 -6.52 -1.24 -7.92
N GLU A 156 -6.35 -1.88 -9.09
CA GLU A 156 -7.05 -3.14 -9.40
C GLU A 156 -6.07 -4.28 -9.62
N PHE A 157 -6.26 -5.36 -8.85
CA PHE A 157 -5.41 -6.54 -8.97
C PHE A 157 -6.19 -7.77 -9.42
N VAL A 158 -5.56 -8.47 -10.38
CA VAL A 158 -6.10 -9.69 -11.04
C VAL A 158 -5.37 -10.96 -10.48
N LYS A 159 -6.17 -12.02 -10.28
CA LYS A 159 -5.73 -13.32 -9.71
C LYS A 159 -5.26 -14.36 -10.77
N GLY A 160 -4.32 -15.22 -10.33
CA GLY A 160 -3.77 -16.29 -11.18
C GLY A 160 -4.32 -17.70 -10.89
N TYR A 161 -4.62 -17.99 -9.60
CA TYR A 161 -5.17 -19.30 -9.19
C TYR A 161 -6.49 -19.16 -8.37
N TYR A 162 -6.38 -19.01 -7.04
CA TYR A 162 -7.56 -18.86 -6.14
C TYR A 162 -7.41 -17.67 -5.17
N ASP A 163 -6.25 -17.61 -4.46
CA ASP A 163 -5.92 -16.53 -3.50
C ASP A 163 -5.08 -15.43 -4.16
N ASN A 164 -5.62 -14.20 -4.10
CA ASN A 164 -5.02 -12.96 -4.64
C ASN A 164 -3.96 -12.37 -3.63
N PRO A 165 -3.41 -11.10 -3.78
CA PRO A 165 -2.49 -10.49 -2.76
C PRO A 165 -3.20 -10.29 -1.40
N LYS A 166 -2.91 -11.27 -0.48
CA LYS A 166 -3.55 -11.42 0.86
C LYS A 166 -3.47 -10.18 1.82
N VAL A 167 -2.25 -9.64 2.10
CA VAL A 167 -2.15 -8.40 2.95
C VAL A 167 -1.80 -7.20 2.03
N CYS A 168 -2.59 -6.12 2.21
CA CYS A 168 -2.47 -4.88 1.42
C CYS A 168 -2.55 -3.65 2.34
N ALA A 169 -1.43 -2.92 2.42
CA ALA A 169 -1.22 -1.75 3.31
C ALA A 169 -1.14 -0.34 2.62
N LEU A 170 -2.09 -0.06 1.69
CA LEU A 170 -2.21 1.23 0.91
C LEU A 170 -2.00 2.55 1.70
N PHE A 171 -1.15 3.41 1.12
CA PHE A 171 -0.83 4.72 1.68
C PHE A 171 -0.48 5.71 0.54
N ILE A 172 -1.40 6.64 0.21
CA ILE A 172 -1.09 7.65 -0.80
C ILE A 172 -0.99 9.09 -0.15
N MET A 173 0.18 9.69 -0.35
CA MET A 173 0.50 11.04 0.18
C MET A 173 0.75 12.04 -0.98
N LYS A 174 0.73 13.35 -0.71
CA LYS A 174 0.92 14.33 -1.80
C LYS A 174 2.08 15.35 -1.66
N GLY A 175 2.47 15.80 -2.85
CA GLY A 175 3.44 16.85 -3.13
C GLY A 175 4.84 16.45 -3.64
N THR A 176 5.51 15.37 -3.09
CA THR A 176 6.89 14.94 -3.54
C THR A 176 7.40 13.66 -2.84
N ALA A 177 8.41 13.01 -3.48
CA ALA A 177 9.12 11.78 -2.98
C ALA A 177 10.27 12.08 -1.95
N ASP A 178 10.71 13.38 -1.85
CA ASP A 178 11.78 13.83 -0.90
C ASP A 178 11.25 14.22 0.53
N ASP A 179 9.93 14.06 0.78
CA ASP A 179 9.30 14.38 2.08
C ASP A 179 8.89 13.12 2.92
N VAL A 180 8.95 11.91 2.30
CA VAL A 180 8.61 10.61 2.96
C VAL A 180 9.86 9.93 3.66
N PRO A 181 10.13 10.15 5.00
CA PRO A 181 11.27 9.52 5.71
C PRO A 181 10.92 8.21 6.45
N MET A 182 11.96 7.40 6.73
CA MET A 182 11.79 6.11 7.42
C MET A 182 12.85 5.92 8.52
N LEU A 183 12.39 5.87 9.79
CA LEU A 183 13.26 5.69 10.96
C LEU A 183 12.64 4.77 12.03
N GLN A 184 13.51 4.30 12.93
CA GLN A 184 13.13 3.43 14.06
C GLN A 184 13.27 4.19 15.42
N PRO A 185 12.64 3.72 16.57
CA PRO A 185 12.76 4.42 17.91
C PRO A 185 14.17 4.35 18.53
N HIS A 186 14.75 5.53 18.76
CA HIS A 186 16.09 5.63 19.34
C HIS A 186 16.15 6.73 20.45
N PRO A 187 16.79 6.46 21.65
CA PRO A 187 16.94 7.47 22.75
C PRO A 187 18.19 8.40 22.59
N GLY A 188 18.68 8.95 23.71
CA GLY A 188 19.86 9.79 23.67
C GLY A 188 20.14 10.51 24.98
N LEU A 189 20.88 9.84 25.89
CA LEU A 189 21.24 10.41 27.20
C LEU A 189 22.75 10.53 27.38
N GLU A 190 23.24 11.78 27.50
CA GLU A 190 24.67 12.07 27.67
C GLU A 190 24.88 13.07 28.82
C2 BGC B . -5.59 -23.40 2.19
C3 BGC B . -6.14 -21.93 2.42
C4 BGC B . -7.08 -21.80 3.71
C5 BGC B . -6.32 -22.41 4.98
C6 BGC B . -7.18 -22.50 6.28
C1 BGC B . -5.01 -23.95 3.53
O1 BGC B . -4.70 -25.30 3.44
O2 BGC B . -4.57 -23.39 1.19
O3 BGC B . -6.87 -21.53 1.26
O4 BGC B . -7.44 -20.38 3.94
O5 BGC B . -6.00 -23.82 4.61
O6 BGC B . -7.02 -23.68 7.04
H2 BGC B . -6.43 -24.05 1.89
H3 BGC B . -5.28 -21.26 2.58
H4 BGC B . -7.97 -22.43 3.52
H5 BGC B . -5.32 -22.03 5.22
H61 BGC B . -8.22 -22.31 6.03
H62 BGC B . -6.89 -21.62 6.90
H1 BGC B . -4.10 -23.41 3.83
HO1 BGC B . -4.67 -25.68 4.31
HO2 BGC B . -4.36 -24.30 0.94
HO3 BGC B . -6.64 -22.11 0.53
HO6 BGC B . -6.09 -23.91 7.09
C1 GLC B . -8.79 -19.97 3.64
C2 GLC B . -8.84 -18.54 2.97
C3 GLC B . -8.46 -17.42 4.04
C4 GLC B . -9.27 -17.57 5.41
C5 GLC B . -9.14 -19.04 5.97
C6 GLC B . -10.05 -19.38 7.20
O2 GLC B . -7.86 -18.47 1.92
O3 GLC B . -8.73 -16.14 3.48
O4 GLC B . -8.78 -16.61 6.36
O5 GLC B . -9.62 -19.92 4.87
O6 GLC B . -10.65 -20.66 7.20
H1 GLC B . -9.26 -20.71 2.97
H2 GLC B . -9.85 -18.35 2.59
H3 GLC B . -7.38 -17.51 4.29
H4 GLC B . -10.33 -17.38 5.17
H5 GLC B . -8.12 -19.47 6.12
H61 GLC B . -10.77 -18.58 7.33
H62 GLC B . -9.39 -19.27 8.10
HO2 GLC B . -7.77 -17.56 1.62
HO3 GLC B . -9.55 -15.79 3.85
HO4 GLC B . -7.94 -16.27 6.06
HO6 GLC B . -10.95 -20.87 8.08
N GLY A 1 8.04 28.41 5.68
CA GLY A 1 9.13 27.51 6.14
C GLY A 1 8.66 26.09 6.40
N ALA A 2 9.06 25.16 5.52
CA ALA A 2 8.68 23.72 5.62
C ALA A 2 9.90 22.83 5.99
N MET A 3 9.70 21.96 7.01
CA MET A 3 10.76 21.05 7.49
C MET A 3 10.25 19.60 7.60
N SER A 4 9.33 19.34 8.56
CA SER A 4 8.76 18.00 8.78
C SER A 4 7.23 18.05 8.95
N GLY A 5 6.51 17.42 8.02
CA GLY A 5 5.06 17.40 8.06
C GLY A 5 4.44 16.38 7.11
N LEU A 6 4.27 15.13 7.60
CA LEU A 6 3.68 14.01 6.82
C LEU A 6 2.12 13.94 6.90
N ALA A 7 1.58 14.09 8.15
CA ALA A 7 0.11 14.13 8.48
C ALA A 7 -0.70 15.30 7.77
N ASP A 8 0.00 16.39 7.37
CA ASP A 8 -0.59 17.55 6.66
C ASP A 8 -0.64 17.37 5.10
N LYS A 9 0.04 16.32 4.56
CA LYS A 9 0.06 16.04 3.11
C LYS A 9 -0.82 14.83 2.70
N VAL A 10 -1.10 13.84 3.64
CA VAL A 10 -1.98 12.65 3.37
C VAL A 10 -3.42 12.98 2.77
N ILE A 11 -3.80 12.22 1.72
CA ILE A 11 -5.12 12.39 1.07
C ILE A 11 -5.98 11.10 1.14
N TRP A 12 -5.31 9.92 1.15
CA TRP A 12 -6.01 8.63 1.18
C TRP A 12 -5.06 7.48 1.64
N ALA A 13 -5.38 6.80 2.77
CA ALA A 13 -4.55 5.65 3.29
C ALA A 13 -5.44 4.53 3.88
N VAL A 14 -5.23 3.26 3.44
CA VAL A 14 -6.05 2.11 3.93
C VAL A 14 -5.23 0.81 4.19
N ASN A 15 -5.54 0.17 5.35
CA ASN A 15 -4.99 -1.16 5.69
C ASN A 15 -6.18 -2.13 5.77
N ALA A 16 -6.37 -2.95 4.70
CA ALA A 16 -7.49 -3.92 4.63
C ALA A 16 -7.24 -5.16 5.53
N GLY A 17 -7.87 -5.09 6.72
CA GLY A 17 -7.73 -6.17 7.71
C GLY A 17 -8.33 -5.95 9.09
N GLY A 18 -8.33 -4.70 9.58
CA GLY A 18 -8.82 -4.43 10.94
C GLY A 18 -9.89 -3.35 11.04
N GLU A 19 -9.54 -2.25 11.73
CA GLU A 19 -10.46 -1.10 11.93
C GLU A 19 -9.68 0.13 12.43
N SER A 20 -9.70 1.22 11.58
CA SER A 20 -9.07 2.58 11.81
C SER A 20 -7.73 2.67 12.61
N HIS A 21 -6.60 2.96 11.94
CA HIS A 21 -5.31 3.06 12.68
C HIS A 21 -4.47 4.30 12.31
N VAL A 22 -3.97 4.98 13.37
CA VAL A 22 -3.07 6.14 13.21
C VAL A 22 -1.63 5.72 13.56
N ASP A 23 -0.75 5.81 12.56
CA ASP A 23 0.67 5.45 12.71
C ASP A 23 1.52 6.66 13.25
N VAL A 24 2.75 6.33 13.75
CA VAL A 24 3.76 7.26 14.44
C VAL A 24 4.04 8.69 13.84
N HIS A 25 3.82 8.90 12.53
CA HIS A 25 3.99 10.22 11.89
C HIS A 25 2.62 10.97 11.75
N GLY A 26 1.52 10.22 12.01
CA GLY A 26 0.15 10.71 11.94
C GLY A 26 -0.59 10.29 10.68
N ILE A 27 -0.39 9.03 10.25
CA ILE A 27 -1.04 8.48 9.03
C ILE A 27 -2.20 7.50 9.47
N HIS A 28 -3.43 7.85 9.06
CA HIS A 28 -4.63 7.11 9.44
C HIS A 28 -5.26 6.24 8.33
N TYR A 29 -5.62 4.99 8.73
CA TYR A 29 -6.33 4.02 7.86
C TYR A 29 -7.87 4.13 8.12
N ARG A 30 -8.64 4.17 7.01
CA ARG A 30 -10.12 4.29 7.02
C ARG A 30 -10.85 2.92 7.04
N LYS A 31 -11.39 2.59 8.22
CA LYS A 31 -12.19 1.36 8.58
C LYS A 31 -13.25 0.83 7.55
N ASP A 32 -12.91 -0.35 6.94
CA ASP A 32 -13.75 -1.15 5.95
C ASP A 32 -14.43 -0.39 4.75
N PRO A 33 -13.65 0.28 3.85
CA PRO A 33 -14.22 1.02 2.69
C PRO A 33 -14.01 0.33 1.29
N LEU A 34 -14.50 -0.91 1.15
CA LEU A 34 -14.35 -1.65 -0.13
C LEU A 34 -15.62 -2.44 -0.53
N GLU A 35 -16.00 -3.51 0.23
CA GLU A 35 -17.20 -4.33 -0.10
C GLU A 35 -18.44 -3.96 0.74
N GLY A 36 -19.23 -2.98 0.23
CA GLY A 36 -20.44 -2.50 0.91
C GLY A 36 -20.25 -1.17 1.69
N ARG A 37 -18.99 -0.94 2.18
CA ARG A 37 -18.54 0.26 2.96
C ARG A 37 -18.91 0.23 4.48
N VAL A 38 -19.52 -0.88 4.96
CA VAL A 38 -19.91 -1.08 6.38
C VAL A 38 -19.76 -2.59 6.76
N GLY A 39 -18.86 -2.88 7.71
CA GLY A 39 -18.64 -4.26 8.13
C GLY A 39 -17.96 -4.42 9.49
N ARG A 40 -17.05 -5.41 9.58
CA ARG A 40 -16.31 -5.70 10.82
C ARG A 40 -14.82 -6.06 10.56
N ALA A 41 -14.10 -6.38 11.67
CA ALA A 41 -12.66 -6.75 11.65
C ALA A 41 -12.46 -8.30 11.69
N SER A 42 -11.64 -8.79 10.74
CA SER A 42 -11.32 -10.22 10.63
C SER A 42 -9.81 -10.46 10.64
N ASP A 43 -9.35 -11.28 11.59
CA ASP A 43 -7.93 -11.60 11.75
C ASP A 43 -7.70 -13.12 11.89
N TYR A 44 -7.13 -13.74 10.84
CA TYR A 44 -6.82 -15.19 10.82
C TYR A 44 -5.30 -15.42 10.97
N GLY A 45 -4.82 -15.16 12.21
CA GLY A 45 -3.41 -15.27 12.56
C GLY A 45 -2.88 -13.92 13.03
N MET A 46 -3.23 -13.55 14.29
CA MET A 46 -2.84 -12.25 14.89
C MET A 46 -1.51 -12.25 15.71
N LYS A 47 -0.82 -13.41 15.81
CA LYS A 47 0.45 -13.51 16.55
C LYS A 47 1.64 -13.90 15.62
N LEU A 48 1.71 -13.22 14.46
CA LEU A 48 2.75 -13.41 13.44
C LEU A 48 3.34 -12.03 13.07
N PRO A 49 4.16 -11.39 13.98
CA PRO A 49 4.75 -10.02 13.76
C PRO A 49 5.80 -9.87 12.64
N ILE A 50 5.98 -8.60 12.21
CA ILE A 50 6.97 -8.24 11.16
C ILE A 50 8.25 -7.63 11.85
N LEU A 51 9.42 -8.07 11.33
CA LEU A 51 10.76 -7.66 11.82
C LEU A 51 11.26 -6.28 11.32
N ARG A 52 10.63 -5.74 10.25
CA ARG A 52 10.99 -4.42 9.71
C ARG A 52 10.01 -3.28 10.14
N SER A 53 9.05 -3.58 11.06
CA SER A 53 8.06 -2.60 11.55
C SER A 53 8.14 -2.32 13.08
N ASN A 54 7.20 -1.46 13.53
CA ASN A 54 7.00 -1.05 14.95
C ASN A 54 5.85 -1.91 15.58
N PRO A 55 5.38 -1.69 16.88
CA PRO A 55 4.18 -2.42 17.46
C PRO A 55 2.85 -1.92 16.83
N GLU A 56 2.79 -0.57 16.72
CA GLU A 56 1.66 0.20 16.11
C GLU A 56 1.60 -0.01 14.57
N ASP A 57 2.78 0.12 13.91
CA ASP A 57 2.93 -0.10 12.46
C ASP A 57 2.92 -1.63 12.08
N GLN A 58 3.04 -2.54 13.09
CA GLN A 58 2.90 -4.03 12.96
C GLN A 58 1.42 -4.37 12.60
N VAL A 59 0.47 -3.69 13.32
CA VAL A 59 -1.02 -3.78 13.06
C VAL A 59 -1.35 -3.20 11.62
N LEU A 60 -0.76 -2.02 11.28
CA LEU A 60 -0.96 -1.37 9.94
C LEU A 60 -0.12 -2.03 8.79
N TYR A 61 0.74 -3.00 9.13
CA TYR A 61 1.59 -3.74 8.18
C TYR A 61 1.36 -5.30 8.27
N GLN A 62 0.32 -5.76 9.01
CA GLN A 62 0.06 -7.22 9.23
C GLN A 62 -1.44 -7.69 9.11
N THR A 63 -2.43 -6.82 9.41
CA THR A 63 -3.89 -7.20 9.40
C THR A 63 -4.51 -7.35 7.95
N GLU A 64 -5.24 -8.48 7.71
CA GLU A 64 -5.83 -8.82 6.38
C GLU A 64 -7.36 -9.15 6.41
N ARG A 65 -8.06 -8.75 5.32
CA ARG A 65 -9.52 -9.02 5.14
C ARG A 65 -9.79 -10.26 4.23
N TYR A 66 -11.09 -10.60 4.07
CA TYR A 66 -11.53 -11.73 3.24
C TYR A 66 -12.56 -11.28 2.18
N ASN A 67 -12.27 -11.59 0.89
CA ASN A 67 -13.16 -11.21 -0.22
C ASN A 67 -13.43 -12.39 -1.19
N GLU A 68 -12.81 -12.41 -2.40
CA GLU A 68 -13.04 -13.50 -3.37
C GLU A 68 -11.98 -13.56 -4.51
N ASP A 69 -12.10 -12.66 -5.52
CA ASP A 69 -11.20 -12.64 -6.71
C ASP A 69 -11.39 -11.35 -7.54
N SER A 70 -10.26 -10.60 -7.78
CA SER A 70 -10.23 -9.31 -8.57
C SER A 70 -10.97 -8.16 -7.84
N PHE A 71 -10.25 -7.48 -6.94
CA PHE A 71 -10.86 -6.38 -6.16
C PHE A 71 -9.87 -5.23 -5.89
N GLY A 72 -10.43 -4.03 -5.62
CA GLY A 72 -9.59 -2.86 -5.39
C GLY A 72 -10.33 -1.62 -4.89
N TYR A 73 -9.53 -0.59 -4.56
CA TYR A 73 -10.03 0.68 -4.01
C TYR A 73 -10.03 1.87 -5.02
N ASP A 74 -10.74 2.94 -4.60
CA ASP A 74 -10.92 4.18 -5.40
C ASP A 74 -10.38 5.43 -4.66
N ILE A 75 -9.58 6.24 -5.38
CA ILE A 75 -8.98 7.48 -4.84
C ILE A 75 -9.37 8.70 -5.74
N PRO A 76 -10.40 9.53 -5.36
CA PRO A 76 -10.78 10.73 -6.16
C PRO A 76 -9.92 12.00 -5.86
N ILE A 77 -9.29 12.53 -6.93
CA ILE A 77 -8.42 13.72 -6.85
C ILE A 77 -8.87 14.82 -7.88
N LYS A 78 -8.46 16.06 -7.59
CA LYS A 78 -8.73 17.24 -8.43
C LYS A 78 -7.57 18.29 -8.36
N GLU A 79 -6.34 17.84 -7.99
CA GLU A 79 -5.17 18.72 -7.88
C GLU A 79 -3.95 18.14 -8.63
N GLU A 80 -2.99 19.01 -8.96
CA GLU A 80 -1.79 18.59 -9.71
C GLU A 80 -0.48 18.84 -8.94
N GLY A 81 0.46 17.91 -9.15
CA GLY A 81 1.79 17.95 -8.53
C GLY A 81 2.46 16.58 -8.51
N GLU A 82 3.13 16.21 -7.39
CA GLU A 82 3.76 14.89 -7.31
C GLU A 82 3.08 14.00 -6.24
N TYR A 83 2.33 12.98 -6.68
CA TYR A 83 1.63 12.08 -5.74
C TYR A 83 2.39 10.74 -5.62
N VAL A 84 2.64 10.33 -4.38
CA VAL A 84 3.43 9.10 -4.12
C VAL A 84 2.54 7.98 -3.54
N LEU A 85 2.54 6.86 -4.27
CA LEU A 85 1.79 5.66 -3.90
C LEU A 85 2.74 4.59 -3.28
N VAL A 86 2.65 4.43 -1.95
CA VAL A 86 3.50 3.45 -1.20
C VAL A 86 2.59 2.41 -0.51
N LEU A 87 2.86 1.11 -0.75
CA LEU A 87 2.05 0.03 -0.16
C LEU A 87 2.88 -1.12 0.42
N LYS A 88 2.37 -1.71 1.53
CA LYS A 88 3.04 -2.88 2.17
C LYS A 88 2.29 -4.19 1.86
N PHE A 89 3.00 -5.15 1.25
CA PHE A 89 2.46 -6.48 0.96
C PHE A 89 3.13 -7.53 1.89
N ALA A 90 2.28 -8.41 2.46
CA ALA A 90 2.73 -9.50 3.39
C ALA A 90 2.01 -10.85 3.05
N GLU A 91 2.70 -12.00 3.28
CA GLU A 91 2.14 -13.34 3.00
C GLU A 91 1.75 -14.08 4.31
N VAL A 92 2.77 -14.52 5.11
CA VAL A 92 2.66 -15.28 6.43
C VAL A 92 1.68 -16.51 6.47
N TYR A 93 1.87 -17.46 5.52
CA TYR A 93 1.03 -18.68 5.44
C TYR A 93 1.65 -19.78 4.56
N PHE A 94 2.02 -19.45 3.30
CA PHE A 94 2.61 -20.44 2.35
C PHE A 94 4.04 -20.05 1.93
N ALA A 95 4.92 -21.08 1.85
CA ALA A 95 6.34 -20.89 1.45
C ALA A 95 6.62 -21.46 0.03
N GLN A 96 6.73 -20.54 -0.95
CA GLN A 96 7.01 -20.88 -2.36
C GLN A 96 7.49 -19.66 -3.16
N SER A 97 8.48 -19.88 -4.05
CA SER A 97 9.06 -18.82 -4.88
C SER A 97 8.97 -19.11 -6.40
N GLN A 98 8.31 -18.17 -7.13
CA GLN A 98 8.07 -18.21 -8.62
C GLN A 98 7.07 -19.33 -9.05
N GLN A 99 5.87 -19.23 -8.48
CA GLN A 99 4.75 -20.17 -8.70
C GLN A 99 3.43 -19.44 -8.37
N LYS A 100 3.45 -18.63 -7.27
CA LYS A 100 2.32 -17.80 -6.85
C LYS A 100 2.62 -16.34 -7.24
N VAL A 101 2.34 -16.02 -8.52
CA VAL A 101 2.62 -14.69 -9.12
C VAL A 101 1.31 -13.90 -9.37
N PHE A 102 1.32 -12.63 -8.96
CA PHE A 102 0.13 -11.75 -9.05
C PHE A 102 0.28 -10.53 -10.00
N ASP A 103 -0.85 -9.79 -10.18
CA ASP A 103 -0.88 -8.58 -11.04
C ASP A 103 -1.42 -7.35 -10.26
N VAL A 104 -0.72 -6.21 -10.45
CA VAL A 104 -1.03 -4.93 -9.77
C VAL A 104 -1.11 -3.75 -10.82
N ARG A 105 -2.29 -3.05 -10.81
CA ARG A 105 -2.57 -1.91 -11.74
C ARG A 105 -2.88 -0.56 -11.02
N VAL A 106 -2.36 0.54 -11.62
CA VAL A 106 -2.59 1.95 -11.14
C VAL A 106 -3.35 2.83 -12.19
N ASN A 107 -4.70 2.97 -11.98
CA ASN A 107 -5.70 3.72 -12.86
C ASN A 107 -5.88 3.09 -14.27
N GLY A 108 -5.64 1.79 -14.33
CA GLY A 108 -5.73 1.06 -15.58
C GLY A 108 -4.35 0.62 -16.13
N HIS A 109 -3.26 1.30 -15.65
CA HIS A 109 -1.87 1.07 -16.05
C HIS A 109 -1.16 -0.01 -15.21
N THR A 110 -0.62 -1.11 -15.82
CA THR A 110 0.09 -2.15 -15.01
C THR A 110 1.58 -1.84 -14.82
N VAL A 111 1.93 -1.84 -13.54
CA VAL A 111 3.29 -1.53 -13.07
C VAL A 111 4.06 -2.78 -12.57
N VAL A 112 3.39 -3.66 -11.79
CA VAL A 112 4.05 -4.89 -11.28
C VAL A 112 3.17 -6.11 -11.59
N LYS A 113 3.41 -6.73 -12.78
CA LYS A 113 2.66 -7.91 -13.20
C LYS A 113 3.52 -9.17 -13.24
N ASP A 114 3.72 -9.61 -12.02
CA ASP A 114 4.51 -10.80 -11.55
C ASP A 114 4.97 -10.52 -10.11
N LEU A 115 3.99 -10.32 -9.20
CA LEU A 115 4.28 -9.98 -7.81
C LEU A 115 4.23 -11.18 -6.85
N ASP A 116 5.45 -11.69 -6.58
CA ASP A 116 5.69 -12.80 -5.64
C ASP A 116 6.45 -12.29 -4.39
N ILE A 117 5.75 -12.31 -3.23
CA ILE A 117 6.26 -11.79 -1.91
C ILE A 117 7.42 -12.67 -1.27
N PHE A 118 7.39 -14.02 -1.47
CA PHE A 118 8.45 -14.94 -0.94
C PHE A 118 9.78 -14.89 -1.77
N ASP A 119 9.65 -14.76 -3.13
CA ASP A 119 10.82 -14.63 -4.07
C ASP A 119 11.51 -13.21 -4.02
N ARG A 120 10.74 -12.14 -3.64
CA ARG A 120 11.26 -10.76 -3.53
C ARG A 120 12.05 -10.50 -2.20
N VAL A 121 11.40 -10.70 -1.02
CA VAL A 121 12.12 -10.50 0.30
C VAL A 121 12.81 -11.79 0.86
N GLY A 122 12.18 -12.99 0.69
CA GLY A 122 12.76 -14.25 1.21
C GLY A 122 12.04 -14.83 2.42
N HIS A 123 12.20 -14.16 3.57
CA HIS A 123 11.58 -14.53 4.86
C HIS A 123 10.35 -13.64 5.19
N SER A 124 9.62 -13.97 6.30
CA SER A 124 8.41 -13.22 6.74
C SER A 124 8.73 -11.85 7.43
N THR A 125 8.98 -10.84 6.58
CA THR A 125 9.30 -9.45 7.02
C THR A 125 8.35 -8.45 6.28
N ALA A 126 8.88 -7.30 5.79
CA ALA A 126 8.05 -6.30 5.07
C ALA A 126 8.42 -6.13 3.57
N HIS A 127 7.38 -6.25 2.68
CA HIS A 127 7.56 -6.01 1.23
C HIS A 127 6.92 -4.64 0.88
N ASP A 128 7.68 -3.76 0.22
CA ASP A 128 7.18 -2.40 -0.10
C ASP A 128 7.56 -1.94 -1.51
N GLU A 129 6.57 -1.32 -2.18
CA GLU A 129 6.75 -0.76 -3.52
C GLU A 129 6.47 0.75 -3.53
N ILE A 130 7.38 1.49 -4.19
CA ILE A 130 7.33 2.96 -4.33
C ILE A 130 7.11 3.34 -5.83
N ILE A 131 5.94 3.97 -6.10
CA ILE A 131 5.55 4.37 -7.46
C ILE A 131 5.19 5.91 -7.47
N PRO A 132 6.18 6.85 -7.75
CA PRO A 132 5.89 8.33 -7.87
C PRO A 132 5.16 8.72 -9.17
N ILE A 133 4.15 9.60 -9.02
CA ILE A 133 3.30 10.06 -10.14
C ILE A 133 3.42 11.60 -10.33
N SER A 134 3.20 12.03 -11.59
CA SER A 134 3.25 13.45 -11.95
C SER A 134 2.05 13.86 -12.83
N ILE A 135 1.12 14.64 -12.24
CA ILE A 135 -0.08 15.15 -12.94
C ILE A 135 0.10 16.70 -13.14
N LYS A 136 0.02 17.13 -14.42
CA LYS A 136 0.17 18.55 -14.80
C LYS A 136 -0.79 18.92 -15.94
N LYS A 137 -1.55 20.04 -15.72
CA LYS A 137 -2.59 20.59 -16.69
C LYS A 137 -3.84 19.68 -16.87
N GLY A 138 -4.02 18.70 -15.95
CA GLY A 138 -5.11 17.74 -15.99
C GLY A 138 -4.76 16.36 -16.59
N LYS A 139 -3.44 16.02 -16.72
CA LYS A 139 -3.02 14.73 -17.30
C LYS A 139 -2.05 13.95 -16.38
N LEU A 140 -2.10 12.60 -16.48
CA LEU A 140 -1.30 11.70 -15.63
C LEU A 140 -0.06 11.12 -16.35
N SER A 141 1.05 11.07 -15.60
CA SER A 141 2.32 10.52 -16.12
C SER A 141 2.86 9.44 -15.14
N VAL A 142 2.86 8.18 -15.62
CA VAL A 142 3.34 7.03 -14.83
C VAL A 142 4.73 6.50 -15.42
N GLN A 143 5.86 7.02 -14.86
CA GLN A 143 7.28 6.67 -15.26
C GLN A 143 7.65 7.10 -16.72
N GLY A 144 7.29 6.25 -17.70
CA GLY A 144 7.53 6.54 -19.11
C GLY A 144 6.27 6.37 -20.01
N GLU A 145 5.07 6.52 -19.41
CA GLU A 145 3.80 6.41 -20.15
C GLU A 145 2.88 7.60 -19.80
N VAL A 146 2.51 8.38 -20.82
CA VAL A 146 1.67 9.58 -20.64
C VAL A 146 0.18 9.36 -21.16
N SER A 147 -0.78 9.73 -20.29
CA SER A 147 -2.22 9.63 -20.58
C SER A 147 -2.97 10.76 -19.85
N THR A 148 -4.30 10.80 -19.96
CA THR A 148 -5.10 11.84 -19.28
C THR A 148 -5.84 11.31 -17.99
N PHE A 149 -5.82 12.16 -16.92
CA PHE A 149 -6.49 11.88 -15.61
C PHE A 149 -7.98 12.22 -15.65
N THR A 150 -8.85 11.22 -15.36
CA THR A 150 -10.31 11.47 -15.38
C THR A 150 -11.00 11.10 -14.05
N GLY A 151 -11.08 12.12 -13.14
CA GLY A 151 -11.77 12.00 -11.82
C GLY A 151 -11.07 11.22 -10.70
N LYS A 152 -10.81 9.92 -10.91
CA LYS A 152 -10.22 9.06 -9.86
C LYS A 152 -9.05 8.18 -10.39
N LEU A 153 -8.29 7.66 -9.40
CA LEU A 153 -7.14 6.73 -9.61
C LEU A 153 -7.52 5.36 -9.03
N SER A 154 -7.27 4.23 -9.75
CA SER A 154 -7.71 2.94 -9.20
C SER A 154 -6.59 1.91 -9.00
N VAL A 155 -6.55 1.31 -7.78
CA VAL A 155 -5.56 0.24 -7.47
C VAL A 155 -6.34 -1.10 -7.45
N GLU A 156 -6.21 -1.82 -8.58
CA GLU A 156 -6.89 -3.10 -8.80
C GLU A 156 -5.90 -4.25 -8.92
N PHE A 157 -6.10 -5.28 -8.08
CA PHE A 157 -5.22 -6.46 -8.12
C PHE A 157 -5.99 -7.74 -8.53
N VAL A 158 -5.36 -8.44 -9.48
CA VAL A 158 -5.90 -9.68 -10.10
C VAL A 158 -5.11 -10.94 -9.61
N LYS A 159 -5.86 -12.05 -9.45
CA LYS A 159 -5.31 -13.34 -8.97
C LYS A 159 -4.93 -14.32 -10.12
N GLY A 160 -3.92 -15.17 -9.84
CA GLY A 160 -3.44 -16.15 -10.83
C GLY A 160 -4.00 -17.59 -10.66
N TYR A 161 -4.27 -18.01 -9.40
CA TYR A 161 -4.81 -19.36 -9.11
C TYR A 161 -6.12 -19.30 -8.29
N TYR A 162 -6.01 -19.12 -6.95
CA TYR A 162 -7.19 -19.05 -6.04
C TYR A 162 -7.09 -17.85 -5.07
N ASP A 163 -5.90 -17.65 -4.47
CA ASP A 163 -5.60 -16.55 -3.51
C ASP A 163 -5.01 -15.32 -4.22
N ASN A 164 -5.17 -14.18 -3.55
CA ASN A 164 -4.69 -12.86 -4.00
C ASN A 164 -3.37 -12.52 -3.21
N PRO A 165 -2.80 -11.25 -3.21
CA PRO A 165 -1.55 -10.92 -2.40
C PRO A 165 -1.69 -11.09 -0.85
N LYS A 166 -2.97 -11.29 -0.39
CA LYS A 166 -3.38 -11.57 1.02
C LYS A 166 -3.43 -10.30 1.93
N VAL A 167 -2.26 -9.72 2.29
CA VAL A 167 -2.21 -8.49 3.15
C VAL A 167 -1.83 -7.25 2.27
N CYS A 168 -2.61 -6.16 2.46
CA CYS A 168 -2.43 -4.91 1.73
C CYS A 168 -2.52 -3.69 2.68
N ALA A 169 -1.46 -2.85 2.63
CA ALA A 169 -1.27 -1.65 3.49
C ALA A 169 -1.14 -0.29 2.74
N LEU A 170 -2.13 -0.02 1.82
CA LEU A 170 -2.25 1.25 0.99
C LEU A 170 -1.94 2.58 1.75
N PHE A 171 -1.07 3.40 1.15
CA PHE A 171 -0.67 4.68 1.72
C PHE A 171 -0.34 5.67 0.59
N ILE A 172 -1.29 6.57 0.25
CA ILE A 172 -1.02 7.59 -0.77
C ILE A 172 -1.07 9.04 -0.16
N MET A 173 0.06 9.73 -0.32
CA MET A 173 0.25 11.10 0.18
C MET A 173 0.53 12.11 -0.96
N LYS A 174 0.53 13.42 -0.64
CA LYS A 174 0.66 14.46 -1.64
C LYS A 174 1.88 15.44 -1.53
N GLY A 175 2.28 15.83 -2.74
CA GLY A 175 3.29 16.86 -3.05
C GLY A 175 4.70 16.44 -3.54
N THR A 176 5.36 15.38 -2.97
CA THR A 176 6.75 14.94 -3.42
C THR A 176 7.26 13.70 -2.67
N ALA A 177 8.23 12.98 -3.33
CA ALA A 177 8.93 11.75 -2.79
C ALA A 177 10.04 12.07 -1.71
N ASP A 178 10.44 13.37 -1.57
CA ASP A 178 11.43 13.83 -0.57
C ASP A 178 10.79 14.20 0.83
N ASP A 179 9.47 13.98 0.99
CA ASP A 179 8.71 14.27 2.24
C ASP A 179 8.32 12.99 3.04
N VAL A 180 8.48 11.78 2.44
CA VAL A 180 8.17 10.46 3.09
C VAL A 180 9.40 9.87 3.88
N PRO A 181 9.56 10.11 5.25
CA PRO A 181 10.69 9.54 6.05
C PRO A 181 10.45 8.08 6.54
N MET A 182 11.14 7.14 5.91
CA MET A 182 11.04 5.70 6.25
C MET A 182 12.42 5.02 6.25
N LEU A 183 12.88 4.65 7.46
CA LEU A 183 14.18 3.98 7.64
C LEU A 183 14.10 2.75 8.56
N GLN A 184 15.16 1.93 8.49
CA GLN A 184 15.30 0.70 9.32
C GLN A 184 16.33 0.93 10.47
N PRO A 185 16.25 0.19 11.64
CA PRO A 185 17.21 0.38 12.79
C PRO A 185 18.67 0.02 12.50
N HIS A 186 19.55 1.01 12.69
CA HIS A 186 20.97 0.86 12.46
C HIS A 186 21.80 1.51 13.61
N PRO A 187 22.89 0.81 14.14
CA PRO A 187 23.77 1.36 15.22
C PRO A 187 24.92 2.28 14.71
N GLY A 188 26.00 2.39 15.51
CA GLY A 188 27.15 3.17 15.12
C GLY A 188 28.19 3.29 16.22
N LEU A 189 29.31 2.54 16.06
CA LEU A 189 30.40 2.54 17.03
C LEU A 189 31.73 3.04 16.41
N GLU A 190 32.14 4.26 16.81
CA GLU A 190 33.39 4.88 16.31
C GLU A 190 34.17 5.52 17.46
C2 BGC B . -6.15 -24.71 2.03
C3 BGC B . -6.53 -23.16 1.90
C4 BGC B . -7.04 -22.50 3.28
C5 BGC B . -6.05 -22.88 4.48
C6 BGC B . -6.56 -22.50 5.90
C1 BGC B . -5.30 -24.93 3.31
O1 BGC B . -5.12 -26.29 3.56
O2 BGC B . -5.41 -25.11 0.87
O3 BGC B . -7.57 -23.04 0.93
O4 BGC B . -7.08 -21.02 3.13
O5 BGC B . -5.97 -24.37 4.48
O6 BGC B . -6.34 -23.47 6.92
H2 BGC B . -7.07 -25.29 2.14
H3 BGC B . -5.65 -22.60 1.58
H4 BGC B . -8.03 -22.92 3.51
H5 BGC B . -4.98 -22.62 4.38
H61 BGC B . -7.61 -22.20 5.84
H62 BGC B . -6.04 -21.55 6.17
H1 BGC B . -4.30 -24.47 3.23
HO1 BGC B . -4.47 -26.64 2.95
HO2 BGC B . -5.35 -26.07 0.87
HO3 BGC B . -7.62 -23.84 0.41
HO6 BGC B . -6.43 -23.06 7.77
C1 GLC B . -8.38 -20.40 3.01
C2 GLC B . -8.34 -19.18 2.00
C3 GLC B . -7.51 -17.96 2.64
C4 GLC B . -7.98 -17.61 4.13
C5 GLC B . -7.95 -18.93 5.02
C6 GLC B . -8.55 -18.76 6.46
O2 GLC B . -7.65 -19.57 0.80
O3 GLC B . -7.69 -16.82 1.82
O4 GLC B . -7.11 -16.61 4.67
O5 GLC B . -8.85 -19.89 4.32
O6 GLC B . -9.35 -19.85 6.92
H1 GLC B . -9.12 -21.15 2.67
H2 GLC B . -9.37 -18.85 1.80
H3 GLC B . -6.46 -18.25 2.69
H4 GLC B . -9.01 -17.26 4.07
H5 GLC B . -7.02 -19.52 5.06
H61 GLC B . -9.08 -17.81 6.52
H62 GLC B . -7.69 -18.62 7.15
HO2 GLC B . -7.49 -18.79 0.27
HO3 GLC B . -8.03 -17.09 0.96
HO4 GLC B . -6.32 -16.55 4.13
HO6 GLC B . -8.92 -20.67 6.69
N GLY A 1 15.88 25.59 5.79
CA GLY A 1 16.42 24.84 6.97
C GLY A 1 15.85 23.45 7.09
N ALA A 2 14.89 23.29 8.04
CA ALA A 2 14.21 21.99 8.30
C ALA A 2 12.71 22.03 7.90
N MET A 3 12.29 21.04 7.09
CA MET A 3 10.90 20.93 6.62
C MET A 3 10.40 19.47 6.76
N SER A 4 9.52 19.24 7.75
CA SER A 4 8.94 17.92 8.01
C SER A 4 7.44 17.99 8.30
N GLY A 5 6.66 17.34 7.42
CA GLY A 5 5.20 17.32 7.57
C GLY A 5 4.54 16.27 6.69
N LEU A 6 4.41 15.03 7.22
CA LEU A 6 3.79 13.89 6.52
C LEU A 6 2.24 13.80 6.72
N ALA A 7 1.80 13.92 8.02
CA ALA A 7 0.35 13.95 8.45
C ALA A 7 -0.51 15.13 7.83
N ASP A 8 0.18 16.24 7.40
CA ASP A 8 -0.46 17.41 6.77
C ASP A 8 -0.64 17.28 5.22
N LYS A 9 0.07 16.31 4.59
CA LYS A 9 -0.02 16.09 3.13
C LYS A 9 -0.85 14.84 2.73
N VAL A 10 -1.10 13.84 3.67
CA VAL A 10 -1.96 12.63 3.39
C VAL A 10 -3.44 12.96 2.88
N ILE A 11 -3.85 12.22 1.82
CA ILE A 11 -5.21 12.40 1.25
C ILE A 11 -6.04 11.10 1.30
N TRP A 12 -5.37 9.91 1.25
CA TRP A 12 -6.08 8.63 1.25
C TRP A 12 -5.13 7.45 1.64
N ALA A 13 -5.40 6.75 2.78
CA ALA A 13 -4.57 5.58 3.25
C ALA A 13 -5.46 4.40 3.74
N VAL A 14 -5.18 3.16 3.25
CA VAL A 14 -6.01 1.96 3.64
C VAL A 14 -5.15 0.68 3.93
N ASN A 15 -5.43 0.07 5.12
CA ASN A 15 -4.86 -1.25 5.51
C ASN A 15 -6.05 -2.23 5.64
N ALA A 16 -6.22 -3.12 4.63
CA ALA A 16 -7.32 -4.12 4.61
C ALA A 16 -7.03 -5.33 5.55
N GLY A 17 -7.68 -5.28 6.73
CA GLY A 17 -7.52 -6.31 7.75
C GLY A 17 -8.27 -6.01 9.06
N GLY A 18 -7.97 -4.85 9.68
CA GLY A 18 -8.60 -4.45 10.95
C GLY A 18 -9.66 -3.36 10.80
N GLU A 19 -9.42 -2.18 11.42
CA GLU A 19 -10.34 -1.02 11.36
C GLU A 19 -9.70 0.24 12.00
N SER A 20 -9.53 1.31 11.16
CA SER A 20 -8.97 2.67 11.51
C SER A 20 -7.63 2.70 12.33
N HIS A 21 -6.49 3.08 11.71
CA HIS A 21 -5.22 3.13 12.52
C HIS A 21 -4.28 4.30 12.17
N VAL A 22 -3.82 4.98 13.25
CA VAL A 22 -2.85 6.12 13.17
C VAL A 22 -1.38 5.60 13.45
N ASP A 23 -0.55 5.64 12.38
CA ASP A 23 0.86 5.20 12.39
C ASP A 23 1.85 6.27 12.95
N VAL A 24 3.09 5.82 13.30
CA VAL A 24 4.23 6.62 13.97
C VAL A 24 4.53 8.08 13.48
N HIS A 25 4.37 8.36 12.17
CA HIS A 25 4.55 9.74 11.62
C HIS A 25 3.21 10.54 11.67
N GLY A 26 2.09 9.79 11.70
CA GLY A 26 0.74 10.32 11.78
C GLY A 26 -0.13 10.00 10.56
N ILE A 27 0.00 8.75 10.08
CA ILE A 27 -0.75 8.28 8.89
C ILE A 27 -1.86 7.26 9.32
N HIS A 28 -3.13 7.66 9.15
CA HIS A 28 -4.25 6.78 9.52
C HIS A 28 -5.06 6.19 8.35
N TYR A 29 -5.55 4.96 8.62
CA TYR A 29 -6.42 4.18 7.73
C TYR A 29 -7.91 4.36 8.16
N ARG A 30 -8.83 4.24 7.17
CA ARG A 30 -10.31 4.43 7.34
C ARG A 30 -11.05 3.32 8.17
N LYS A 31 -11.72 2.37 7.48
CA LYS A 31 -12.50 1.28 8.13
C LYS A 31 -13.19 0.37 7.08
N ASP A 32 -12.44 -0.64 6.53
CA ASP A 32 -12.95 -1.70 5.56
C ASP A 32 -13.70 -1.18 4.26
N PRO A 33 -13.08 -0.29 3.43
CA PRO A 33 -13.71 0.26 2.19
C PRO A 33 -13.25 -0.37 0.83
N LEU A 34 -13.48 -1.69 0.65
CA LEU A 34 -13.09 -2.38 -0.61
C LEU A 34 -14.11 -3.46 -1.02
N GLU A 35 -14.32 -4.49 -0.16
CA GLU A 35 -15.25 -5.58 -0.46
C GLU A 35 -16.46 -5.58 0.52
N GLY A 36 -17.58 -5.01 0.04
CA GLY A 36 -18.84 -4.94 0.83
C GLY A 36 -19.12 -3.57 1.48
N ARG A 37 -18.02 -2.84 1.87
CA ARG A 37 -18.06 -1.47 2.52
C ARG A 37 -18.73 -1.43 3.94
N VAL A 38 -18.45 -2.47 4.76
CA VAL A 38 -19.01 -2.59 6.15
C VAL A 38 -17.89 -2.88 7.20
N GLY A 39 -18.27 -2.96 8.50
CA GLY A 39 -17.29 -3.19 9.58
C GLY A 39 -17.20 -4.64 10.06
N ARG A 40 -16.22 -5.38 9.52
CA ARG A 40 -15.96 -6.79 9.87
C ARG A 40 -14.46 -7.10 9.86
N ALA A 41 -13.90 -7.44 11.06
CA ALA A 41 -12.45 -7.76 11.22
C ALA A 41 -12.18 -9.28 11.34
N SER A 42 -11.16 -9.75 10.59
CA SER A 42 -10.76 -11.18 10.59
C SER A 42 -9.24 -11.34 10.77
N ASP A 43 -8.81 -11.41 12.04
CA ASP A 43 -7.38 -11.56 12.41
C ASP A 43 -7.11 -12.96 13.03
N TYR A 44 -6.31 -13.78 12.32
CA TYR A 44 -5.97 -15.16 12.78
C TYR A 44 -4.54 -15.26 13.35
N GLY A 45 -3.52 -14.97 12.50
CA GLY A 45 -2.11 -15.00 12.94
C GLY A 45 -1.50 -13.59 12.99
N MET A 46 -2.08 -12.74 13.88
CA MET A 46 -1.68 -11.33 14.07
C MET A 46 -0.69 -11.06 15.26
N LYS A 47 -0.10 -12.11 15.89
CA LYS A 47 0.84 -11.98 17.05
C LYS A 47 2.16 -11.17 16.79
N LEU A 48 3.16 -11.77 16.12
CA LEU A 48 4.42 -11.05 15.83
C LEU A 48 4.97 -11.34 14.41
N PRO A 49 4.12 -11.42 13.33
CA PRO A 49 4.61 -11.74 11.95
C PRO A 49 5.49 -10.73 11.20
N ILE A 50 5.24 -9.42 11.33
CA ILE A 50 6.07 -8.40 10.65
C ILE A 50 7.22 -7.94 11.59
N LEU A 51 8.41 -8.44 11.21
CA LEU A 51 9.69 -8.25 11.95
C LEU A 51 10.53 -7.01 11.57
N ARG A 52 10.13 -6.27 10.51
CA ARG A 52 10.85 -5.04 10.10
C ARG A 52 10.08 -3.74 10.52
N SER A 53 9.11 -3.90 11.46
CA SER A 53 8.28 -2.81 11.99
C SER A 53 8.04 -2.97 13.51
N ASN A 54 7.69 -1.85 14.21
CA ASN A 54 7.37 -1.85 15.69
C ASN A 54 5.88 -2.27 15.95
N PRO A 55 5.46 -2.77 17.19
CA PRO A 55 4.05 -3.28 17.52
C PRO A 55 2.80 -2.50 16.98
N GLU A 56 2.83 -1.14 17.01
CA GLU A 56 1.69 -0.29 16.54
C GLU A 56 1.62 -0.20 14.99
N ASP A 57 2.77 0.12 14.36
CA ASP A 57 2.87 0.18 12.88
C ASP A 57 2.98 -1.25 12.21
N GLN A 58 3.15 -2.30 13.08
CA GLN A 58 3.13 -3.75 12.72
C GLN A 58 1.65 -4.13 12.44
N VAL A 59 0.69 -3.55 13.24
CA VAL A 59 -0.81 -3.68 13.02
C VAL A 59 -1.18 -3.05 11.60
N LEU A 60 -0.61 -1.86 11.25
CA LEU A 60 -0.84 -1.24 9.90
C LEU A 60 0.04 -1.87 8.76
N TYR A 61 0.95 -2.78 9.11
CA TYR A 61 1.85 -3.51 8.18
C TYR A 61 1.68 -5.06 8.27
N GLN A 62 0.59 -5.55 8.93
CA GLN A 62 0.36 -7.00 9.17
C GLN A 62 -1.09 -7.53 9.04
N THR A 63 -2.10 -6.75 9.48
CA THR A 63 -3.57 -7.15 9.48
C THR A 63 -4.21 -7.40 8.06
N GLU A 64 -4.85 -8.59 7.90
CA GLU A 64 -5.51 -9.04 6.63
C GLU A 64 -7.03 -9.26 6.79
N ARG A 65 -7.80 -8.96 5.72
CA ARG A 65 -9.27 -9.11 5.71
C ARG A 65 -9.77 -10.39 4.97
N TYR A 66 -9.91 -10.34 3.62
CA TYR A 66 -10.39 -11.51 2.86
C TYR A 66 -9.86 -11.52 1.40
N ASN A 67 -9.97 -12.70 0.75
CA ASN A 67 -9.49 -12.89 -0.64
C ASN A 67 -10.57 -13.49 -1.56
N GLU A 68 -10.65 -12.96 -2.80
CA GLU A 68 -11.61 -13.42 -3.82
C GLU A 68 -10.91 -13.51 -5.22
N ASP A 69 -11.40 -12.75 -6.23
CA ASP A 69 -10.82 -12.74 -7.60
C ASP A 69 -11.07 -11.40 -8.30
N SER A 70 -9.96 -10.68 -8.72
CA SER A 70 -9.99 -9.34 -9.43
C SER A 70 -10.68 -8.22 -8.60
N PHE A 71 -9.89 -7.50 -7.78
CA PHE A 71 -10.47 -6.45 -6.91
C PHE A 71 -9.47 -5.34 -6.54
N GLY A 72 -10.04 -4.18 -6.14
CA GLY A 72 -9.22 -3.02 -5.76
C GLY A 72 -10.00 -1.82 -5.23
N TYR A 73 -9.25 -0.72 -5.04
CA TYR A 73 -9.80 0.53 -4.46
C TYR A 73 -9.91 1.73 -5.45
N ASP A 74 -10.54 2.81 -4.94
CA ASP A 74 -10.78 4.06 -5.68
C ASP A 74 -10.27 5.31 -4.88
N ILE A 75 -9.52 6.20 -5.57
CA ILE A 75 -8.97 7.43 -4.97
C ILE A 75 -9.41 8.68 -5.80
N PRO A 76 -10.41 9.51 -5.35
CA PRO A 76 -10.83 10.72 -6.07
C PRO A 76 -9.98 12.00 -5.76
N ILE A 77 -9.35 12.57 -6.81
CA ILE A 77 -8.48 13.77 -6.70
C ILE A 77 -8.89 14.86 -7.77
N LYS A 78 -8.43 16.09 -7.52
CA LYS A 78 -8.67 17.25 -8.40
C LYS A 78 -7.54 18.31 -8.29
N GLU A 79 -6.30 17.86 -7.96
CA GLU A 79 -5.14 18.75 -7.83
C GLU A 79 -3.91 18.17 -8.58
N GLU A 80 -2.99 19.05 -8.97
CA GLU A 80 -1.79 18.63 -9.72
C GLU A 80 -0.46 18.89 -8.98
N GLY A 81 0.44 17.92 -9.15
CA GLY A 81 1.78 17.97 -8.54
C GLY A 81 2.45 16.60 -8.53
N GLU A 82 3.15 16.24 -7.42
CA GLU A 82 3.78 14.91 -7.36
C GLU A 82 3.13 14.04 -6.27
N TYR A 83 2.40 13.00 -6.70
CA TYR A 83 1.71 12.09 -5.76
C TYR A 83 2.46 10.75 -5.67
N VAL A 84 2.71 10.30 -4.44
CA VAL A 84 3.49 9.06 -4.21
C VAL A 84 2.58 7.97 -3.58
N LEU A 85 2.55 6.80 -4.27
CA LEU A 85 1.77 5.65 -3.82
C LEU A 85 2.72 4.54 -3.33
N VAL A 86 2.76 4.40 -1.99
CA VAL A 86 3.61 3.41 -1.28
C VAL A 86 2.68 2.35 -0.63
N LEU A 87 2.99 1.07 -0.88
CA LEU A 87 2.20 -0.03 -0.31
C LEU A 87 3.08 -1.11 0.35
N LYS A 88 2.61 -1.60 1.51
CA LYS A 88 3.31 -2.69 2.23
C LYS A 88 2.56 -4.02 2.03
N PHE A 89 3.22 -4.96 1.35
CA PHE A 89 2.63 -6.28 1.07
C PHE A 89 3.24 -7.37 1.97
N ALA A 90 2.38 -8.26 2.51
CA ALA A 90 2.79 -9.37 3.41
C ALA A 90 2.01 -10.69 3.10
N GLU A 91 2.65 -11.86 3.37
CA GLU A 91 2.02 -13.19 3.14
C GLU A 91 2.45 -14.21 4.20
N VAL A 92 1.46 -14.81 4.89
CA VAL A 92 1.72 -15.83 5.95
C VAL A 92 0.69 -17.00 5.89
N TYR A 93 0.88 -17.92 4.91
CA TYR A 93 0.00 -19.09 4.73
C TYR A 93 0.56 -20.09 3.68
N PHE A 94 0.99 -19.59 2.50
CA PHE A 94 1.53 -20.44 1.42
C PHE A 94 3.00 -20.12 1.13
N ALA A 95 3.85 -21.18 1.15
CA ALA A 95 5.31 -21.04 0.90
C ALA A 95 5.71 -21.53 -0.52
N GLN A 96 5.95 -20.54 -1.41
CA GLN A 96 6.34 -20.81 -2.81
C GLN A 96 7.01 -19.57 -3.46
N SER A 97 8.04 -19.81 -4.29
CA SER A 97 8.79 -18.74 -4.97
C SER A 97 8.90 -18.95 -6.48
N GLN A 98 8.38 -17.94 -7.26
CA GLN A 98 8.36 -17.92 -8.77
C GLN A 98 7.41 -18.99 -9.40
N GLN A 99 6.15 -18.93 -8.96
CA GLN A 99 5.08 -19.85 -9.38
C GLN A 99 3.71 -19.18 -9.16
N LYS A 100 3.58 -18.44 -8.03
CA LYS A 100 2.37 -17.68 -7.69
C LYS A 100 2.69 -16.18 -7.87
N VAL A 101 2.58 -15.74 -9.13
CA VAL A 101 2.90 -14.35 -9.54
C VAL A 101 1.63 -13.54 -9.86
N PHE A 102 1.57 -12.33 -9.26
CA PHE A 102 0.39 -11.45 -9.37
C PHE A 102 0.60 -10.19 -10.24
N ASP A 103 -0.51 -9.48 -10.50
CA ASP A 103 -0.49 -8.23 -11.31
C ASP A 103 -1.01 -7.04 -10.48
N VAL A 104 -0.31 -5.89 -10.58
CA VAL A 104 -0.66 -4.66 -9.83
C VAL A 104 -0.69 -3.42 -10.82
N ARG A 105 -1.83 -2.66 -10.79
CA ARG A 105 -2.07 -1.50 -11.70
C ARG A 105 -2.50 -0.18 -10.99
N VAL A 106 -2.17 0.98 -11.66
CA VAL A 106 -2.56 2.35 -11.17
C VAL A 106 -3.25 3.22 -12.29
N ASN A 107 -4.59 3.50 -12.08
CA ASN A 107 -5.51 4.29 -13.01
C ASN A 107 -5.73 3.63 -14.40
N GLY A 108 -5.61 2.29 -14.46
CA GLY A 108 -5.73 1.58 -15.72
C GLY A 108 -4.37 1.08 -16.29
N HIS A 109 -3.25 1.70 -15.81
CA HIS A 109 -1.88 1.40 -16.21
C HIS A 109 -1.23 0.20 -15.46
N THR A 110 -0.20 -0.41 -16.08
CA THR A 110 0.52 -1.54 -15.42
C THR A 110 1.91 -1.11 -14.93
N VAL A 111 2.19 -1.45 -13.67
CA VAL A 111 3.48 -1.07 -13.02
C VAL A 111 4.29 -2.29 -12.52
N VAL A 112 3.69 -3.12 -11.62
CA VAL A 112 4.40 -4.31 -11.08
C VAL A 112 3.58 -5.58 -11.45
N LYS A 113 3.91 -6.14 -12.64
CA LYS A 113 3.25 -7.34 -13.17
C LYS A 113 4.17 -8.56 -13.14
N ASP A 114 4.25 -9.07 -11.92
CA ASP A 114 5.02 -10.27 -11.46
C ASP A 114 5.35 -10.05 -9.96
N LEU A 115 4.32 -10.04 -9.11
CA LEU A 115 4.50 -9.80 -7.69
C LEU A 115 4.37 -11.06 -6.82
N ASP A 116 5.56 -11.59 -6.47
CA ASP A 116 5.74 -12.75 -5.59
C ASP A 116 6.43 -12.28 -4.28
N ILE A 117 5.64 -12.23 -3.18
CA ILE A 117 6.08 -11.74 -1.83
C ILE A 117 7.12 -12.70 -1.11
N PHE A 118 7.02 -14.04 -1.31
CA PHE A 118 7.96 -15.04 -0.71
C PHE A 118 9.36 -15.05 -1.44
N ASP A 119 9.36 -14.84 -2.79
CA ASP A 119 10.59 -14.73 -3.64
C ASP A 119 11.35 -13.36 -3.47
N ARG A 120 10.60 -12.26 -3.10
CA ARG A 120 11.17 -10.91 -2.89
C ARG A 120 11.91 -10.77 -1.53
N VAL A 121 11.24 -11.04 -0.39
CA VAL A 121 11.90 -10.99 0.96
C VAL A 121 12.51 -12.37 1.43
N GLY A 122 11.77 -13.49 1.20
CA GLY A 122 12.27 -14.82 1.60
C GLY A 122 11.57 -15.41 2.83
N HIS A 123 11.75 -14.73 3.98
CA HIS A 123 11.16 -15.11 5.28
C HIS A 123 9.94 -14.22 5.64
N SER A 124 9.24 -14.56 6.76
CA SER A 124 8.04 -13.79 7.26
C SER A 124 8.43 -12.42 7.89
N THR A 125 8.47 -11.38 7.03
CA THR A 125 8.89 -10.01 7.41
C THR A 125 7.97 -8.96 6.68
N ALA A 126 8.53 -7.79 6.30
CA ALA A 126 7.78 -6.72 5.58
C ALA A 126 8.29 -6.49 4.11
N HIS A 127 7.33 -6.38 3.14
CA HIS A 127 7.65 -6.08 1.72
C HIS A 127 7.16 -4.65 1.35
N ASP A 128 7.89 -3.95 0.47
CA ASP A 128 7.54 -2.58 0.08
C ASP A 128 7.86 -2.23 -1.39
N GLU A 129 6.96 -1.42 -1.98
CA GLU A 129 7.12 -0.90 -3.35
C GLU A 129 6.74 0.59 -3.41
N ILE A 130 7.69 1.40 -3.93
CA ILE A 130 7.55 2.88 -4.07
C ILE A 130 7.38 3.29 -5.56
N ILE A 131 6.25 3.96 -5.87
CA ILE A 131 5.95 4.39 -7.24
C ILE A 131 5.49 5.90 -7.32
N PRO A 132 6.39 6.90 -7.69
CA PRO A 132 6.00 8.34 -7.85
C PRO A 132 5.20 8.64 -9.14
N ILE A 133 4.24 9.57 -9.02
CA ILE A 133 3.33 9.98 -10.13
C ILE A 133 3.42 11.53 -10.36
N SER A 134 3.22 11.95 -11.62
CA SER A 134 3.24 13.38 -11.99
C SER A 134 2.03 13.78 -12.86
N ILE A 135 1.14 14.60 -12.26
CA ILE A 135 -0.07 15.13 -12.95
C ILE A 135 0.11 16.67 -13.14
N LYS A 136 0.03 17.12 -14.42
CA LYS A 136 0.18 18.54 -14.80
C LYS A 136 -0.77 18.91 -15.93
N LYS A 137 -1.53 20.04 -15.74
CA LYS A 137 -2.55 20.59 -16.72
C LYS A 137 -3.84 19.71 -16.87
N GLY A 138 -3.98 18.71 -15.99
CA GLY A 138 -5.10 17.76 -15.99
C GLY A 138 -4.75 16.40 -16.63
N LYS A 139 -3.43 16.05 -16.76
CA LYS A 139 -3.02 14.77 -17.35
C LYS A 139 -2.02 13.99 -16.46
N LEU A 140 -2.05 12.65 -16.58
CA LEU A 140 -1.22 11.75 -15.75
C LEU A 140 0.01 11.19 -16.49
N SER A 141 1.10 11.03 -15.72
CA SER A 141 2.37 10.48 -16.23
C SER A 141 2.93 9.43 -15.26
N VAL A 142 2.98 8.16 -15.71
CA VAL A 142 3.52 7.05 -14.88
C VAL A 142 4.85 6.47 -15.53
N GLN A 143 6.02 6.97 -15.03
CA GLN A 143 7.41 6.56 -15.49
C GLN A 143 7.75 7.01 -16.94
N GLY A 144 7.35 6.19 -17.93
CA GLY A 144 7.55 6.51 -19.35
C GLY A 144 6.27 6.36 -20.20
N GLU A 145 5.09 6.54 -19.56
CA GLU A 145 3.79 6.44 -20.23
C GLU A 145 2.93 7.68 -19.92
N VAL A 146 2.41 8.33 -20.96
CA VAL A 146 1.58 9.55 -20.81
C VAL A 146 0.08 9.30 -21.25
N SER A 147 -0.85 9.71 -20.36
CA SER A 147 -2.30 9.59 -20.58
C SER A 147 -3.03 10.76 -19.89
N THR A 148 -4.36 10.81 -20.00
CA THR A 148 -5.14 11.88 -19.34
C THR A 148 -5.89 11.40 -18.04
N PHE A 149 -5.84 12.26 -16.99
CA PHE A 149 -6.50 12.02 -15.67
C PHE A 149 -7.99 12.44 -15.69
N THR A 150 -8.88 11.49 -15.37
CA THR A 150 -10.33 11.80 -15.35
C THR A 150 -11.00 11.39 -14.03
N GLY A 151 -11.03 12.35 -13.07
CA GLY A 151 -11.69 12.18 -11.75
C GLY A 151 -10.98 11.35 -10.66
N LYS A 152 -10.79 10.04 -10.90
CA LYS A 152 -10.20 9.13 -9.90
C LYS A 152 -9.04 8.26 -10.43
N LEU A 153 -8.22 7.82 -9.45
CA LEU A 153 -7.05 6.91 -9.66
C LEU A 153 -7.40 5.51 -9.13
N SER A 154 -7.02 4.43 -9.84
CA SER A 154 -7.40 3.07 -9.38
C SER A 154 -6.23 2.11 -9.09
N VAL A 155 -6.42 1.28 -8.05
CA VAL A 155 -5.43 0.23 -7.69
C VAL A 155 -6.12 -1.14 -7.87
N GLU A 156 -5.87 -1.78 -9.03
CA GLU A 156 -6.50 -3.07 -9.36
C GLU A 156 -5.49 -4.18 -9.54
N PHE A 157 -5.70 -5.27 -8.77
CA PHE A 157 -4.82 -6.44 -8.84
C PHE A 157 -5.58 -7.68 -9.33
N VAL A 158 -4.91 -8.35 -10.29
CA VAL A 158 -5.46 -9.56 -10.98
C VAL A 158 -4.73 -10.86 -10.47
N LYS A 159 -5.53 -11.95 -10.39
CA LYS A 159 -5.08 -13.29 -9.90
C LYS A 159 -4.45 -14.18 -11.00
N GLY A 160 -3.52 -15.06 -10.55
CA GLY A 160 -2.83 -16.00 -11.45
C GLY A 160 -3.36 -17.45 -11.36
N TYR A 161 -3.43 -17.99 -10.13
CA TYR A 161 -3.94 -19.37 -9.90
C TYR A 161 -5.03 -19.41 -8.80
N TYR A 162 -4.61 -19.48 -7.52
CA TYR A 162 -5.54 -19.51 -6.37
C TYR A 162 -4.98 -18.66 -5.21
N ASP A 163 -5.80 -17.65 -4.76
CA ASP A 163 -5.43 -16.67 -3.67
C ASP A 163 -4.64 -15.48 -4.24
N ASN A 164 -5.26 -14.29 -4.15
CA ASN A 164 -4.69 -13.00 -4.61
C ASN A 164 -3.73 -12.41 -3.50
N PRO A 165 -3.18 -11.13 -3.61
CA PRO A 165 -2.34 -10.53 -2.51
C PRO A 165 -3.13 -10.37 -1.18
N LYS A 166 -2.86 -11.34 -0.26
CA LYS A 166 -3.56 -11.50 1.05
C LYS A 166 -3.49 -10.29 2.04
N VAL A 167 -2.27 -9.73 2.29
CA VAL A 167 -2.13 -8.54 3.18
C VAL A 167 -1.77 -7.30 2.30
N CYS A 168 -2.51 -6.19 2.55
CA CYS A 168 -2.35 -4.94 1.79
C CYS A 168 -2.37 -3.70 2.72
N ALA A 169 -1.30 -2.88 2.64
CA ALA A 169 -1.09 -1.67 3.48
C ALA A 169 -0.96 -0.31 2.71
N LEU A 170 -1.91 -0.07 1.76
CA LEU A 170 -2.02 1.18 0.90
C LEU A 170 -1.79 2.54 1.63
N PHE A 171 -1.02 3.41 0.97
CA PHE A 171 -0.68 4.73 1.51
C PHE A 171 -0.40 5.74 0.37
N ILE A 172 -1.34 6.69 0.13
CA ILE A 172 -1.09 7.74 -0.88
C ILE A 172 -1.04 9.16 -0.21
N MET A 173 0.10 9.83 -0.43
CA MET A 173 0.35 11.19 0.11
C MET A 173 0.62 12.21 -1.03
N LYS A 174 0.60 13.51 -0.68
CA LYS A 174 0.71 14.57 -1.67
C LYS A 174 1.93 15.53 -1.57
N GLY A 175 2.33 15.91 -2.78
CA GLY A 175 3.34 16.92 -3.11
C GLY A 175 4.75 16.49 -3.60
N THR A 176 5.40 15.42 -3.03
CA THR A 176 6.79 14.99 -3.48
C THR A 176 7.30 13.72 -2.76
N ALA A 177 8.34 13.08 -3.40
CA ALA A 177 9.05 11.86 -2.88
C ALA A 177 10.15 12.17 -1.78
N ASP A 178 10.48 13.48 -1.59
CA ASP A 178 11.48 13.95 -0.57
C ASP A 178 10.88 14.19 0.86
N ASP A 179 9.55 13.94 1.02
CA ASP A 179 8.83 14.13 2.31
C ASP A 179 8.47 12.78 3.02
N VAL A 180 8.61 11.64 2.29
CA VAL A 180 8.34 10.26 2.83
C VAL A 180 9.62 9.60 3.48
N PRO A 181 9.86 9.72 4.83
CA PRO A 181 11.02 9.11 5.51
C PRO A 181 10.76 7.69 6.09
N MET A 182 11.80 6.84 6.03
CA MET A 182 11.71 5.46 6.53
C MET A 182 12.88 5.11 7.46
N LEU A 183 12.54 4.71 8.70
CA LEU A 183 13.54 4.35 9.73
C LEU A 183 13.41 2.87 10.18
N GLN A 184 14.30 2.48 11.11
CA GLN A 184 14.34 1.13 11.71
C GLN A 184 13.79 1.15 13.16
N PRO A 185 13.27 -0.01 13.74
CA PRO A 185 12.72 -0.03 15.13
C PRO A 185 13.77 0.14 16.26
N HIS A 186 13.57 1.20 17.04
CA HIS A 186 14.46 1.51 18.15
C HIS A 186 13.67 1.95 19.42
N PRO A 187 14.06 1.46 20.67
CA PRO A 187 13.40 1.87 21.96
C PRO A 187 13.95 3.21 22.55
N GLY A 188 13.87 3.37 23.88
CA GLY A 188 14.42 4.56 24.50
C GLY A 188 14.00 4.77 25.95
N LEU A 189 13.44 5.96 26.23
CA LEU A 189 12.98 6.33 27.57
C LEU A 189 11.47 6.62 27.60
N GLU A 190 10.71 5.70 28.22
CA GLU A 190 9.25 5.83 28.33
C GLU A 190 8.78 5.54 29.76
C2 BGC B . -7.79 -23.07 -0.17
C3 BGC B . -7.97 -21.54 0.24
C4 BGC B . -8.41 -21.32 1.77
C5 BGC B . -7.49 -22.20 2.74
C6 BGC B . -7.96 -22.24 4.23
C1 BGC B . -6.99 -23.82 0.93
O1 BGC B . -7.00 -25.20 0.72
O2 BGC B . -7.10 -23.16 -1.41
O3 BGC B . -8.97 -20.98 -0.61
O4 BGC B . -8.29 -19.89 2.12
O5 BGC B . -7.60 -23.60 2.26
O6 BGC B . -7.87 -23.51 4.87
H2 BGC B . -8.78 -23.54 -0.23
H3 BGC B . -7.02 -21.02 0.10
H4 BGC B . -9.45 -21.69 1.88
H5 BGC B . -6.39 -22.05 2.69
H61 BGC B . -8.95 -21.81 4.31
H62 BGC B . -7.32 -21.51 4.78
H1 BGC B . -5.94 -23.50 0.98
HO1 BGC B . -7.88 -25.47 0.43
HO2 BGC B . -7.50 -22.57 -2.04
HO3 BGC B . -9.79 -20.90 -0.12
HO6 BGC B . -8.60 -24.06 4.56
C1 GLC B . -9.50 -19.10 2.22
C2 GLC B . -9.27 -17.63 1.69
C3 GLC B . -8.30 -16.84 2.69
C4 GLC B . -8.80 -16.92 4.20
C5 GLC B . -8.99 -18.45 4.62
C6 GLC B . -9.65 -18.67 6.02
O2 GLC B . -8.64 -17.67 0.41
O3 GLC B . -8.23 -15.48 2.28
O4 GLC B . -7.84 -16.28 5.05
O5 GLC B . -9.96 -19.01 3.63
O6 GLC B . -10.60 -19.73 6.09
H1 GLC B . -10.30 -19.60 1.65
H2 GLC B . -10.25 -17.11 1.66
H3 GLC B . -7.30 -17.32 2.64
H4 GLC B . -9.78 -16.42 4.24
H5 GLC B . -8.14 -19.15 4.48
H61 GLC B . -10.06 -17.72 6.38
H62 GLC B . -8.82 -18.87 6.73
HO2 GLC B . -7.88 -18.25 0.45
HO3 GLC B . -7.32 -15.18 2.33
HO4 GLC B . -7.02 -16.16 4.58
HO6 GLC B . -10.74 -19.95 7.01
N GLY A 1 13.95 17.55 4.53
CA GLY A 1 14.96 16.74 5.25
C GLY A 1 14.43 15.39 5.69
N ALA A 2 14.44 15.15 7.01
CA ALA A 2 13.94 13.88 7.62
C ALA A 2 12.61 14.06 8.41
N MET A 3 12.45 15.20 9.14
CA MET A 3 11.23 15.47 9.92
C MET A 3 10.66 16.87 9.59
N SER A 4 9.55 16.89 8.84
CA SER A 4 8.88 18.16 8.44
C SER A 4 7.35 18.11 8.66
N GLY A 5 6.64 17.27 7.87
CA GLY A 5 5.19 17.17 8.00
C GLY A 5 4.58 16.13 7.07
N LEU A 6 4.38 14.91 7.60
CA LEU A 6 3.78 13.77 6.85
C LEU A 6 2.22 13.74 6.94
N ALA A 7 1.68 13.87 8.19
CA ALA A 7 0.22 13.94 8.52
C ALA A 7 -0.57 15.14 7.86
N ASP A 8 0.16 16.24 7.49
CA ASP A 8 -0.41 17.43 6.83
C ASP A 8 -0.50 17.32 5.26
N LYS A 9 0.14 16.28 4.66
CA LYS A 9 0.11 16.07 3.20
C LYS A 9 -0.74 14.84 2.76
N VAL A 10 -1.04 13.85 3.69
CA VAL A 10 -1.92 12.65 3.36
C VAL A 10 -3.38 13.00 2.80
N ILE A 11 -3.80 12.24 1.78
CA ILE A 11 -5.16 12.43 1.18
C ILE A 11 -6.01 11.14 1.24
N TRP A 12 -5.37 9.96 1.19
CA TRP A 12 -6.09 8.67 1.20
C TRP A 12 -5.14 7.50 1.58
N ALA A 13 -5.39 6.83 2.72
CA ALA A 13 -4.56 5.66 3.18
C ALA A 13 -5.44 4.52 3.72
N VAL A 14 -5.13 3.26 3.33
CA VAL A 14 -5.92 2.10 3.82
C VAL A 14 -5.09 0.77 3.97
N ASN A 15 -5.49 -0.01 4.99
CA ASN A 15 -4.90 -1.34 5.24
C ASN A 15 -6.02 -2.39 5.07
N ALA A 16 -5.94 -3.16 3.96
CA ALA A 16 -6.92 -4.23 3.63
C ALA A 16 -6.67 -5.51 4.48
N GLY A 17 -7.55 -5.60 5.51
CA GLY A 17 -7.57 -6.68 6.47
C GLY A 17 -8.16 -6.36 7.85
N GLY A 18 -8.60 -5.10 8.09
CA GLY A 18 -9.18 -4.76 9.39
C GLY A 18 -10.06 -3.50 9.39
N GLU A 19 -9.96 -2.71 10.47
CA GLU A 19 -10.74 -1.47 10.61
C GLU A 19 -9.98 -0.38 11.39
N SER A 20 -9.70 0.75 10.67
CA SER A 20 -9.03 2.03 11.11
C SER A 20 -7.86 2.01 12.16
N HIS A 21 -6.68 2.56 11.79
CA HIS A 21 -5.52 2.69 12.73
C HIS A 21 -4.58 3.86 12.33
N VAL A 22 -3.94 4.45 13.35
CA VAL A 22 -2.98 5.56 13.15
C VAL A 22 -1.53 5.13 13.44
N ASP A 23 -0.66 5.41 12.44
CA ASP A 23 0.79 5.12 12.50
C ASP A 23 1.55 6.30 13.21
N VAL A 24 2.72 5.95 13.81
CA VAL A 24 3.67 6.85 14.64
C VAL A 24 4.00 8.30 14.10
N HIS A 25 3.87 8.53 12.78
CA HIS A 25 4.08 9.87 12.16
C HIS A 25 2.74 10.65 12.04
N GLY A 26 1.62 9.88 12.05
CA GLY A 26 0.27 10.41 11.98
C GLY A 26 -0.48 10.03 10.70
N ILE A 27 -0.30 8.79 10.22
CA ILE A 27 -0.98 8.30 9.00
C ILE A 27 -2.12 7.31 9.41
N HIS A 28 -3.36 7.67 9.03
CA HIS A 28 -4.57 6.89 9.38
C HIS A 28 -5.10 6.00 8.23
N TYR A 29 -5.36 4.72 8.57
CA TYR A 29 -5.91 3.71 7.64
C TYR A 29 -7.45 3.62 7.81
N ARG A 30 -8.18 3.47 6.68
CA ARG A 30 -9.66 3.43 6.66
C ARG A 30 -10.31 2.05 6.95
N LYS A 31 -11.65 2.06 7.00
CA LYS A 31 -12.47 0.89 7.37
C LYS A 31 -13.24 0.24 6.21
N ASP A 32 -12.64 -0.85 5.65
CA ASP A 32 -13.23 -1.73 4.56
C ASP A 32 -13.88 -1.03 3.32
N PRO A 33 -13.14 -0.18 2.55
CA PRO A 33 -13.68 0.51 1.38
C PRO A 33 -13.18 -0.01 -0.01
N LEU A 34 -13.37 -1.32 -0.27
CA LEU A 34 -12.98 -1.93 -1.56
C LEU A 34 -14.19 -2.03 -2.52
N GLU A 35 -14.96 -3.14 -2.42
CA GLU A 35 -16.13 -3.33 -3.29
C GLU A 35 -17.20 -4.29 -2.72
N GLY A 36 -18.15 -3.75 -1.93
CA GLY A 36 -19.24 -4.58 -1.37
C GLY A 36 -19.05 -5.07 0.08
N ARG A 37 -17.95 -4.65 0.74
CA ARG A 37 -17.61 -5.14 2.08
C ARG A 37 -17.47 -4.00 3.10
N VAL A 38 -18.61 -3.56 3.68
CA VAL A 38 -18.60 -2.48 4.71
C VAL A 38 -19.04 -3.01 6.11
N GLY A 39 -18.07 -2.97 7.06
CA GLY A 39 -18.32 -3.43 8.44
C GLY A 39 -17.99 -4.92 8.73
N ARG A 40 -16.81 -5.40 8.26
CA ARG A 40 -16.42 -6.81 8.46
C ARG A 40 -14.89 -7.01 8.38
N ALA A 41 -14.30 -7.49 9.50
CA ALA A 41 -12.83 -7.76 9.61
C ALA A 41 -12.56 -9.30 9.61
N SER A 42 -11.63 -9.74 8.74
CA SER A 42 -11.28 -11.17 8.63
C SER A 42 -9.81 -11.44 9.05
N ASP A 43 -9.62 -11.56 10.37
CA ASP A 43 -8.30 -11.82 10.98
C ASP A 43 -8.29 -13.19 11.70
N TYR A 44 -7.79 -14.23 11.00
CA TYR A 44 -7.72 -15.60 11.54
C TYR A 44 -6.30 -15.97 12.00
N GLY A 45 -5.86 -15.31 13.09
CA GLY A 45 -4.53 -15.53 13.64
C GLY A 45 -3.72 -14.24 13.76
N MET A 46 -3.77 -13.61 14.94
CA MET A 46 -3.01 -12.35 15.24
C MET A 46 -1.61 -12.62 15.87
N LYS A 47 -1.26 -13.92 16.07
CA LYS A 47 0.01 -14.36 16.68
C LYS A 47 1.13 -14.72 15.65
N LEU A 48 1.08 -14.08 14.46
CA LEU A 48 2.05 -14.23 13.38
C LEU A 48 2.35 -12.82 12.83
N PRO A 49 3.03 -11.92 13.65
CA PRO A 49 3.32 -10.50 13.25
C PRO A 49 4.50 -10.31 12.27
N ILE A 50 4.72 -9.03 11.90
CA ILE A 50 5.79 -8.61 10.98
C ILE A 50 7.04 -8.10 11.81
N LEU A 51 8.23 -8.53 11.36
CA LEU A 51 9.53 -8.22 12.03
C LEU A 51 10.24 -6.92 11.59
N ARG A 52 9.81 -6.29 10.47
CA ARG A 52 10.45 -5.03 9.99
C ARG A 52 9.65 -3.73 10.37
N SER A 53 8.70 -3.85 11.32
CA SER A 53 7.89 -2.72 11.80
C SER A 53 7.83 -2.68 13.37
N ASN A 54 6.89 -1.88 13.93
CA ASN A 54 6.71 -1.74 15.41
C ASN A 54 5.59 -2.69 15.96
N PRO A 55 5.36 -2.80 17.34
CA PRO A 55 4.26 -3.65 17.92
C PRO A 55 2.83 -3.09 17.67
N GLU A 56 2.75 -1.75 17.53
CA GLU A 56 1.50 -1.01 17.24
C GLU A 56 1.18 -0.92 15.72
N ASP A 57 2.25 -0.77 14.90
CA ASP A 57 2.10 -0.66 13.42
C ASP A 57 2.31 -2.00 12.66
N GLN A 58 2.40 -3.16 13.40
CA GLN A 58 2.49 -4.53 12.79
C GLN A 58 1.10 -4.96 12.21
N VAL A 59 0.02 -4.36 12.79
CA VAL A 59 -1.42 -4.49 12.36
C VAL A 59 -1.58 -3.76 10.98
N LEU A 60 -1.11 -2.46 10.89
CA LEU A 60 -1.15 -1.70 9.61
C LEU A 60 -0.08 -2.15 8.55
N TYR A 61 0.84 -3.00 8.95
CA TYR A 61 1.86 -3.59 8.05
C TYR A 61 1.56 -5.10 7.78
N GLN A 62 0.44 -5.61 8.38
CA GLN A 62 -0.03 -6.99 8.22
C GLN A 62 -1.54 -7.02 7.80
N THR A 63 -2.44 -7.56 8.70
CA THR A 63 -3.98 -7.80 8.51
C THR A 63 -4.50 -8.21 7.06
N GLU A 64 -5.39 -9.24 6.95
CA GLU A 64 -5.89 -9.75 5.61
C GLU A 64 -7.38 -9.51 5.28
N ARG A 65 -7.63 -9.02 4.04
CA ARG A 65 -8.99 -8.81 3.46
C ARG A 65 -9.07 -9.60 2.14
N TYR A 66 -9.61 -10.83 2.21
CA TYR A 66 -9.69 -11.76 1.05
C TYR A 66 -11.11 -11.91 0.47
N ASN A 67 -11.18 -11.93 -0.88
CA ASN A 67 -12.44 -12.08 -1.62
C ASN A 67 -12.41 -13.34 -2.54
N GLU A 68 -11.90 -13.22 -3.79
CA GLU A 68 -11.82 -14.38 -4.72
C GLU A 68 -10.89 -14.14 -5.94
N ASP A 69 -11.15 -13.06 -6.74
CA ASP A 69 -10.36 -12.78 -7.97
C ASP A 69 -10.71 -11.39 -8.56
N SER A 70 -9.66 -10.53 -8.74
CA SER A 70 -9.78 -9.15 -9.32
C SER A 70 -10.55 -8.17 -8.40
N PHE A 71 -9.85 -7.59 -7.43
CA PHE A 71 -10.47 -6.66 -6.46
C PHE A 71 -9.54 -5.49 -6.11
N GLY A 72 -10.15 -4.29 -6.03
CA GLY A 72 -9.39 -3.08 -5.74
C GLY A 72 -10.14 -1.94 -5.06
N TYR A 73 -9.48 -0.78 -5.05
CA TYR A 73 -9.95 0.46 -4.41
C TYR A 73 -10.07 1.68 -5.37
N ASP A 74 -10.66 2.77 -4.82
CA ASP A 74 -10.90 4.04 -5.56
C ASP A 74 -10.34 5.28 -4.78
N ILE A 75 -9.63 6.18 -5.50
CA ILE A 75 -9.05 7.42 -4.92
C ILE A 75 -9.50 8.65 -5.79
N PRO A 76 -10.49 9.48 -5.33
CA PRO A 76 -10.90 10.70 -6.09
C PRO A 76 -10.03 11.96 -5.81
N ILE A 77 -9.40 12.50 -6.88
CA ILE A 77 -8.52 13.70 -6.79
C ILE A 77 -8.95 14.79 -7.84
N LYS A 78 -8.50 16.04 -7.56
CA LYS A 78 -8.75 17.21 -8.42
C LYS A 78 -7.60 18.24 -8.33
N GLU A 79 -6.36 17.80 -7.95
CA GLU A 79 -5.19 18.69 -7.83
C GLU A 79 -3.97 18.12 -8.59
N GLU A 80 -2.99 18.99 -8.87
CA GLU A 80 -1.79 18.60 -9.60
C GLU A 80 -0.48 18.82 -8.81
N GLY A 81 0.45 17.89 -9.03
CA GLY A 81 1.77 17.93 -8.38
C GLY A 81 2.48 16.58 -8.40
N GLU A 82 3.17 16.20 -7.29
CA GLU A 82 3.83 14.89 -7.24
C GLU A 82 3.17 13.97 -6.21
N TYR A 83 2.38 12.98 -6.67
CA TYR A 83 1.68 12.04 -5.78
C TYR A 83 2.45 10.72 -5.67
N VAL A 84 2.71 10.29 -4.44
CA VAL A 84 3.50 9.06 -4.18
C VAL A 84 2.62 7.94 -3.57
N LEU A 85 2.61 6.79 -4.25
CA LEU A 85 1.85 5.62 -3.80
C LEU A 85 2.81 4.50 -3.33
N VAL A 86 2.83 4.32 -2.00
CA VAL A 86 3.68 3.31 -1.32
C VAL A 86 2.76 2.25 -0.65
N LEU A 87 3.09 0.97 -0.88
CA LEU A 87 2.32 -0.14 -0.30
C LEU A 87 3.22 -1.20 0.34
N LYS A 88 2.76 -1.73 1.49
CA LYS A 88 3.47 -2.82 2.20
C LYS A 88 2.74 -4.16 1.96
N PHE A 89 3.42 -5.07 1.25
CA PHE A 89 2.85 -6.38 0.93
C PHE A 89 3.54 -7.50 1.76
N ALA A 90 2.73 -8.43 2.33
CA ALA A 90 3.29 -9.57 3.14
C ALA A 90 2.48 -10.88 2.89
N GLU A 91 3.18 -12.04 2.96
CA GLU A 91 2.57 -13.36 2.76
C GLU A 91 2.98 -14.35 3.86
N VAL A 92 1.98 -14.83 4.63
CA VAL A 92 2.22 -15.79 5.75
C VAL A 92 1.25 -17.02 5.69
N TYR A 93 1.46 -17.89 4.67
CA TYR A 93 0.64 -19.10 4.48
C TYR A 93 1.32 -20.13 3.53
N PHE A 94 1.80 -19.66 2.35
CA PHE A 94 2.48 -20.53 1.37
C PHE A 94 3.88 -20.01 1.04
N ALA A 95 4.90 -20.92 1.11
CA ALA A 95 6.31 -20.57 0.85
C ALA A 95 6.81 -21.14 -0.52
N GLN A 96 6.94 -20.22 -1.50
CA GLN A 96 7.43 -20.57 -2.86
C GLN A 96 7.89 -19.32 -3.65
N SER A 97 8.94 -19.50 -4.47
CA SER A 97 9.54 -18.42 -5.29
C SER A 97 9.55 -18.75 -6.79
N GLN A 98 8.95 -17.82 -7.60
CA GLN A 98 8.82 -17.92 -9.11
C GLN A 98 7.80 -19.03 -9.55
N GLN A 99 6.61 -18.97 -8.94
CA GLN A 99 5.51 -19.93 -9.16
C GLN A 99 4.16 -19.21 -8.97
N LYS A 100 4.05 -18.41 -7.89
CA LYS A 100 2.86 -17.61 -7.60
C LYS A 100 3.18 -16.14 -7.87
N VAL A 101 2.97 -15.76 -9.15
CA VAL A 101 3.28 -14.40 -9.66
C VAL A 101 1.95 -13.62 -9.95
N PHE A 102 1.82 -12.47 -9.27
CA PHE A 102 0.60 -11.62 -9.31
C PHE A 102 0.71 -10.37 -10.22
N ASP A 103 -0.41 -9.60 -10.34
CA ASP A 103 -0.42 -8.35 -11.16
C ASP A 103 -0.95 -7.15 -10.35
N VAL A 104 -0.26 -6.00 -10.50
CA VAL A 104 -0.60 -4.75 -9.76
C VAL A 104 -0.66 -3.52 -10.78
N ARG A 105 -1.81 -2.79 -10.76
CA ARG A 105 -2.05 -1.62 -11.68
C ARG A 105 -2.59 -0.34 -10.98
N VAL A 106 -2.26 0.84 -11.58
CA VAL A 106 -2.70 2.20 -11.10
C VAL A 106 -3.42 3.03 -12.22
N ASN A 107 -4.76 3.28 -12.02
CA ASN A 107 -5.71 4.03 -12.96
C ASN A 107 -5.92 3.31 -14.33
N GLY A 108 -5.75 1.97 -14.33
CA GLY A 108 -5.86 1.18 -15.54
C GLY A 108 -4.49 0.85 -16.21
N HIS A 109 -3.40 1.39 -15.61
CA HIS A 109 -2.02 1.26 -16.08
C HIS A 109 -1.23 0.18 -15.30
N THR A 110 -0.39 -0.63 -15.99
CA THR A 110 0.40 -1.68 -15.29
C THR A 110 1.82 -1.21 -14.91
N VAL A 111 2.15 -1.45 -13.62
CA VAL A 111 3.46 -1.04 -13.03
C VAL A 111 4.28 -2.25 -12.52
N VAL A 112 3.70 -3.07 -11.60
CA VAL A 112 4.41 -4.27 -11.06
C VAL A 112 3.60 -5.52 -11.45
N LYS A 113 3.89 -6.06 -12.65
CA LYS A 113 3.22 -7.26 -13.15
C LYS A 113 4.15 -8.48 -13.15
N ASP A 114 3.99 -9.20 -12.03
CA ASP A 114 4.66 -10.45 -11.60
C ASP A 114 5.22 -10.22 -10.20
N LEU A 115 4.30 -10.15 -9.20
CA LEU A 115 4.69 -9.92 -7.80
C LEU A 115 4.83 -11.23 -7.01
N ASP A 116 6.10 -11.60 -6.82
CA ASP A 116 6.49 -12.76 -6.01
C ASP A 116 7.20 -12.23 -4.73
N ILE A 117 6.40 -12.08 -3.65
CA ILE A 117 6.83 -11.51 -2.33
C ILE A 117 7.95 -12.36 -1.58
N PHE A 118 7.99 -13.71 -1.81
CA PHE A 118 9.00 -14.62 -1.20
C PHE A 118 10.39 -14.53 -1.92
N ASP A 119 10.37 -14.36 -3.29
CA ASP A 119 11.58 -14.19 -4.14
C ASP A 119 12.25 -12.78 -4.03
N ARG A 120 11.45 -11.73 -3.69
CA ARG A 120 11.95 -10.34 -3.56
C ARG A 120 12.52 -10.01 -2.14
N VAL A 121 11.75 -10.31 -1.05
CA VAL A 121 12.24 -10.07 0.33
C VAL A 121 12.99 -11.32 0.97
N GLY A 122 12.50 -12.57 0.72
CA GLY A 122 13.15 -13.77 1.27
C GLY A 122 12.33 -14.52 2.32
N HIS A 123 12.35 -13.98 3.56
CA HIS A 123 11.63 -14.56 4.73
C HIS A 123 10.33 -13.77 5.06
N SER A 124 9.54 -14.29 6.04
CA SER A 124 8.24 -13.67 6.48
C SER A 124 8.42 -12.38 7.35
N THR A 125 8.65 -11.26 6.62
CA THR A 125 8.87 -9.91 7.21
C THR A 125 7.98 -8.87 6.44
N ALA A 126 8.53 -7.66 6.11
CA ALA A 126 7.78 -6.62 5.37
C ALA A 126 8.38 -6.32 3.96
N HIS A 127 7.51 -6.29 2.91
CA HIS A 127 7.92 -5.95 1.52
C HIS A 127 7.43 -4.52 1.17
N ASP A 128 8.19 -3.80 0.33
CA ASP A 128 7.84 -2.40 0.00
C ASP A 128 8.11 -2.01 -1.47
N GLU A 129 7.08 -1.42 -2.09
CA GLU A 129 7.19 -0.90 -3.46
C GLU A 129 6.79 0.60 -3.52
N ILE A 130 7.75 1.40 -4.04
CA ILE A 130 7.62 2.88 -4.16
C ILE A 130 7.44 3.30 -5.65
N ILE A 131 6.31 3.97 -5.94
CA ILE A 131 6.00 4.42 -7.32
C ILE A 131 5.53 5.92 -7.35
N PRO A 132 6.44 6.92 -7.72
CA PRO A 132 6.05 8.38 -7.86
C PRO A 132 5.24 8.69 -9.14
N ILE A 133 4.26 9.60 -8.99
CA ILE A 133 3.36 10.02 -10.08
C ILE A 133 3.41 11.59 -10.24
N SER A 134 3.18 12.06 -11.48
CA SER A 134 3.17 13.49 -11.77
C SER A 134 2.00 13.87 -12.70
N ILE A 135 1.10 14.72 -12.15
CA ILE A 135 -0.08 15.23 -12.87
C ILE A 135 0.10 16.78 -13.06
N LYS A 136 0.01 17.23 -14.33
CA LYS A 136 0.15 18.66 -14.69
C LYS A 136 -0.89 19.05 -15.76
N LYS A 137 -1.69 20.11 -15.43
CA LYS A 137 -2.81 20.66 -16.29
C LYS A 137 -4.02 19.70 -16.48
N GLY A 138 -4.12 18.68 -15.59
CA GLY A 138 -5.18 17.65 -15.65
C GLY A 138 -4.78 16.34 -16.34
N LYS A 139 -3.46 16.11 -16.58
CA LYS A 139 -2.99 14.86 -17.24
C LYS A 139 -1.98 14.08 -16.38
N LEU A 140 -2.02 12.74 -16.50
CA LEU A 140 -1.19 11.83 -15.68
C LEU A 140 0.04 11.26 -16.41
N SER A 141 1.13 11.08 -15.63
CA SER A 141 2.39 10.52 -16.12
C SER A 141 2.96 9.52 -15.09
N VAL A 142 3.02 8.23 -15.48
CA VAL A 142 3.53 7.16 -14.59
C VAL A 142 4.81 6.44 -15.21
N GLN A 143 6.02 6.92 -14.79
CA GLN A 143 7.37 6.40 -15.22
C GLN A 143 7.71 6.68 -16.71
N GLY A 144 7.24 5.79 -17.61
CA GLY A 144 7.42 5.93 -19.05
C GLY A 144 6.10 5.88 -19.84
N GLU A 145 4.98 6.23 -19.17
CA GLU A 145 3.63 6.24 -19.75
C GLU A 145 2.96 7.61 -19.59
N VAL A 146 2.24 8.03 -20.62
CA VAL A 146 1.53 9.33 -20.62
C VAL A 146 0.03 9.15 -21.07
N SER A 147 -0.88 9.62 -20.20
CA SER A 147 -2.33 9.57 -20.46
C SER A 147 -3.03 10.74 -19.75
N THR A 148 -4.37 10.83 -19.87
CA THR A 148 -5.12 11.91 -19.20
C THR A 148 -5.89 11.43 -17.92
N PHE A 149 -5.83 12.26 -16.85
CA PHE A 149 -6.52 12.00 -15.55
C PHE A 149 -8.01 12.41 -15.60
N THR A 150 -8.90 11.46 -15.31
CA THR A 150 -10.35 11.76 -15.31
C THR A 150 -11.06 11.30 -14.02
N GLY A 151 -11.13 12.24 -13.04
CA GLY A 151 -11.84 12.03 -11.74
C GLY A 151 -11.13 11.21 -10.66
N LYS A 152 -10.90 9.90 -10.90
CA LYS A 152 -10.31 9.01 -9.89
C LYS A 152 -9.15 8.13 -10.41
N LEU A 153 -8.33 7.69 -9.44
CA LEU A 153 -7.18 6.77 -9.64
C LEU A 153 -7.53 5.38 -9.07
N SER A 154 -7.16 4.27 -9.76
CA SER A 154 -7.55 2.94 -9.25
C SER A 154 -6.37 1.99 -8.95
N VAL A 155 -6.52 1.19 -7.87
CA VAL A 155 -5.50 0.17 -7.49
C VAL A 155 -6.17 -1.23 -7.57
N GLU A 156 -5.92 -1.93 -8.68
CA GLU A 156 -6.49 -3.25 -8.93
C GLU A 156 -5.45 -4.36 -8.94
N PHE A 157 -5.69 -5.42 -8.14
CA PHE A 157 -4.79 -6.57 -8.12
C PHE A 157 -5.51 -7.85 -8.56
N VAL A 158 -4.89 -8.49 -9.57
CA VAL A 158 -5.42 -9.73 -10.24
C VAL A 158 -4.57 -10.97 -9.82
N LYS A 159 -5.27 -12.13 -9.67
CA LYS A 159 -4.64 -13.41 -9.28
C LYS A 159 -4.30 -14.33 -10.49
N GLY A 160 -3.24 -15.14 -10.34
CA GLY A 160 -2.80 -16.07 -11.39
C GLY A 160 -3.30 -17.52 -11.27
N TYR A 161 -3.48 -18.03 -10.04
CA TYR A 161 -3.95 -19.42 -9.81
C TYR A 161 -5.23 -19.47 -8.93
N TYR A 162 -5.08 -19.32 -7.61
CA TYR A 162 -6.21 -19.35 -6.64
C TYR A 162 -6.13 -18.19 -5.62
N ASP A 163 -4.92 -17.95 -5.08
CA ASP A 163 -4.64 -16.88 -4.09
C ASP A 163 -4.11 -15.59 -4.76
N ASN A 164 -4.28 -14.50 -4.01
CA ASN A 164 -3.83 -13.15 -4.40
C ASN A 164 -2.60 -12.76 -3.51
N PRO A 165 -2.09 -11.47 -3.41
CA PRO A 165 -0.92 -11.10 -2.51
C PRO A 165 -1.15 -11.31 -0.98
N LYS A 166 -2.43 -11.59 -0.62
CA LYS A 166 -2.93 -11.90 0.75
C LYS A 166 -3.13 -10.65 1.65
N VAL A 167 -2.04 -10.02 2.21
CA VAL A 167 -2.24 -8.80 3.07
C VAL A 167 -1.74 -7.50 2.32
N CYS A 168 -2.56 -6.43 2.40
CA CYS A 168 -2.22 -5.16 1.69
C CYS A 168 -2.26 -3.93 2.61
N ALA A 169 -1.18 -3.10 2.53
CA ALA A 169 -0.96 -1.89 3.38
C ALA A 169 -0.84 -0.49 2.65
N LEU A 170 -1.82 -0.20 1.75
CA LEU A 170 -1.93 1.09 0.93
C LEU A 170 -1.66 2.44 1.69
N PHE A 171 -0.94 3.34 1.02
CA PHE A 171 -0.60 4.67 1.58
C PHE A 171 -0.35 5.69 0.44
N ILE A 172 -1.34 6.59 0.15
CA ILE A 172 -1.10 7.64 -0.85
C ILE A 172 -1.07 9.08 -0.18
N MET A 173 0.08 9.74 -0.38
CA MET A 173 0.31 11.10 0.15
C MET A 173 0.69 12.07 -1.00
N LYS A 174 0.62 13.39 -0.75
CA LYS A 174 0.89 14.34 -1.84
C LYS A 174 2.04 15.38 -1.65
N GLY A 175 2.43 15.83 -2.84
CA GLY A 175 3.40 16.90 -3.09
C GLY A 175 4.82 16.52 -3.59
N THR A 176 5.48 15.44 -3.05
CA THR A 176 6.88 15.03 -3.49
C THR A 176 7.39 13.75 -2.78
N ALA A 177 8.34 13.05 -3.49
CA ALA A 177 9.03 11.82 -3.00
C ALA A 177 10.24 12.11 -2.02
N ASP A 178 10.68 13.40 -1.94
CA ASP A 178 11.78 13.85 -1.02
C ASP A 178 11.29 14.25 0.41
N ASP A 179 9.98 14.05 0.69
CA ASP A 179 9.36 14.40 2.01
C ASP A 179 8.99 13.15 2.88
N VAL A 180 8.94 11.93 2.27
CA VAL A 180 8.63 10.66 2.97
C VAL A 180 9.86 10.08 3.78
N PRO A 181 9.62 9.36 4.92
CA PRO A 181 10.70 8.72 5.80
C PRO A 181 11.58 7.64 5.12
N MET A 182 12.90 7.91 5.08
CA MET A 182 13.89 6.98 4.49
C MET A 182 15.18 6.97 5.31
N LEU A 183 15.36 5.91 6.12
CA LEU A 183 16.54 5.75 6.98
C LEU A 183 17.11 4.31 6.96
N GLN A 184 18.29 4.17 7.59
CA GLN A 184 19.01 2.88 7.73
C GLN A 184 18.90 2.34 9.18
N PRO A 185 19.09 0.99 9.44
CA PRO A 185 19.00 0.41 10.83
C PRO A 185 20.11 0.84 11.81
N HIS A 186 19.69 1.46 12.91
CA HIS A 186 20.61 1.94 13.94
C HIS A 186 20.11 1.59 15.38
N PRO A 187 21.01 1.11 16.32
CA PRO A 187 20.64 0.78 17.74
C PRO A 187 20.66 2.01 18.70
N GLY A 188 20.88 1.77 19.99
CA GLY A 188 20.96 2.86 20.95
C GLY A 188 20.87 2.41 22.41
N LEU A 189 19.97 3.07 23.16
CA LEU A 189 19.75 2.78 24.59
C LEU A 189 18.30 2.32 24.85
N GLU A 190 18.15 1.04 25.23
CA GLU A 190 16.83 0.44 25.52
C GLU A 190 16.85 -0.31 26.86
C2 BGC B . -6.40 -25.03 2.16
C3 BGC B . -6.02 -23.49 2.13
C4 BGC B . -6.95 -22.58 3.06
C5 BGC B . -6.96 -23.21 4.54
C6 BGC B . -7.92 -22.52 5.55
C1 BGC B . -6.56 -25.49 3.64
O1 BGC B . -7.11 -26.77 3.71
O2 BGC B . -5.39 -25.79 1.52
O3 BGC B . -6.11 -23.01 0.79
O4 BGC B . -6.49 -21.18 3.08
O5 BGC B . -7.48 -24.59 4.38
O6 BGC B . -8.68 -23.38 6.38
H2 BGC B . -7.38 -25.15 1.67
H3 BGC B . -4.99 -23.37 2.50
H4 BGC B . -7.99 -22.68 2.68
H5 BGC B . -6.00 -23.43 5.03
H61 BGC B . -8.55 -21.81 5.01
H62 BGC B . -7.29 -21.85 6.18
H1 BGC B . -5.60 -25.51 4.17
HO1 BGC B . -7.81 -26.86 3.07
HO2 BGC B . -5.71 -26.68 1.38
HO3 BGC B . -6.92 -22.50 0.68
HO6 BGC B . -8.12 -24.08 6.70
C1 GLC B . -7.29 -20.20 2.38
C2 GLC B . -6.41 -19.10 1.67
C3 GLC B . -5.77 -18.12 2.76
C4 GLC B . -6.84 -17.57 3.80
C5 GLC B . -7.62 -18.80 4.47
C6 GLC B . -8.81 -18.40 5.39
O2 GLC B . -5.33 -19.72 0.97
O3 GLC B . -5.18 -17.01 2.07
O4 GLC B . -6.16 -16.81 4.81
O5 GLC B . -8.22 -19.52 3.32
O6 GLC B . -9.97 -19.21 5.28
H1 GLC B . -7.92 -20.72 1.64
H2 GLC B . -7.05 -18.51 1.00
H3 GLC B . -5.00 -18.68 3.32
H4 GLC B . -7.55 -16.96 3.25
H5 GLC B . -7.03 -19.61 4.92
H61 GLC B . -9.03 -17.35 5.26
H62 GLC B . -8.42 -18.46 6.43
HO2 GLC B . -4.72 -19.06 0.68
HO3 GLC B . -4.33 -16.82 2.47
HO4 GLC B . -6.49 -17.06 5.67
HO6 GLC B . -10.53 -19.07 6.05
N GLY A 1 14.87 25.62 4.06
CA GLY A 1 15.94 24.95 4.85
C GLY A 1 15.45 23.69 5.54
N ALA A 2 14.49 23.85 6.48
CA ALA A 2 13.90 22.72 7.24
C ALA A 2 12.42 22.47 6.86
N MET A 3 12.10 21.20 6.54
CA MET A 3 10.74 20.79 6.14
C MET A 3 10.29 19.50 6.86
N SER A 4 9.27 19.63 7.72
CA SER A 4 8.73 18.49 8.49
C SER A 4 7.19 18.57 8.62
N GLY A 5 6.51 17.58 8.01
CA GLY A 5 5.04 17.54 8.06
C GLY A 5 4.45 16.52 7.10
N LEU A 6 4.28 15.27 7.58
CA LEU A 6 3.70 14.15 6.78
C LEU A 6 2.14 14.07 6.89
N ALA A 7 1.61 14.22 8.13
CA ALA A 7 0.14 14.25 8.47
C ALA A 7 -0.69 15.39 7.76
N ASP A 8 0.00 16.49 7.34
CA ASP A 8 -0.62 17.63 6.62
C ASP A 8 -0.67 17.43 5.06
N LYS A 9 0.01 16.37 4.53
CA LYS A 9 0.02 16.07 3.07
C LYS A 9 -0.84 14.85 2.70
N VAL A 10 -1.14 13.90 3.67
CA VAL A 10 -2.02 12.68 3.42
C VAL A 10 -3.46 12.99 2.80
N ILE A 11 -3.84 12.19 1.79
CA ILE A 11 -5.16 12.33 1.13
C ILE A 11 -6.01 11.02 1.21
N TRP A 12 -5.32 9.87 1.21
CA TRP A 12 -5.98 8.55 1.23
C TRP A 12 -5.00 7.46 1.74
N ALA A 13 -5.31 6.80 2.89
CA ALA A 13 -4.43 5.70 3.46
C ALA A 13 -5.27 4.54 4.08
N VAL A 14 -4.96 3.28 3.67
CA VAL A 14 -5.69 2.08 4.18
C VAL A 14 -4.76 0.83 4.34
N ASN A 15 -5.01 0.12 5.47
CA ASN A 15 -4.39 -1.18 5.77
C ASN A 15 -5.55 -2.21 5.82
N ALA A 16 -5.70 -3.01 4.73
CA ALA A 16 -6.75 -4.04 4.64
C ALA A 16 -6.41 -5.29 5.50
N GLY A 17 -7.13 -5.33 6.64
CA GLY A 17 -6.95 -6.42 7.62
C GLY A 17 -7.71 -6.23 8.92
N GLY A 18 -7.45 -5.11 9.61
CA GLY A 18 -8.09 -4.83 10.90
C GLY A 18 -9.18 -3.76 10.81
N GLU A 19 -9.03 -2.67 11.58
CA GLU A 19 -9.99 -1.54 11.60
C GLU A 19 -9.36 -0.31 12.29
N SER A 20 -9.22 0.80 11.51
CA SER A 20 -8.68 2.15 11.93
C SER A 20 -7.31 2.19 12.72
N HIS A 21 -6.22 2.70 12.11
CA HIS A 21 -4.92 2.82 12.84
C HIS A 21 -4.16 4.12 12.51
N VAL A 22 -3.69 4.80 13.59
CA VAL A 22 -2.88 6.03 13.47
C VAL A 22 -1.38 5.71 13.80
N ASP A 23 -0.53 5.87 12.79
CA ASP A 23 0.92 5.60 12.87
C ASP A 23 1.74 6.83 13.40
N VAL A 24 2.98 6.52 13.89
CA VAL A 24 3.99 7.47 14.55
C VAL A 24 4.24 8.89 13.93
N HIS A 25 4.12 9.02 12.59
CA HIS A 25 4.27 10.34 11.91
C HIS A 25 2.90 11.10 11.83
N GLY A 26 1.81 10.32 11.97
CA GLY A 26 0.43 10.80 11.96
C GLY A 26 -0.37 10.35 10.75
N ILE A 27 -0.18 9.08 10.34
CA ILE A 27 -0.87 8.52 9.16
C ILE A 27 -1.98 7.50 9.64
N HIS A 28 -3.25 7.87 9.37
CA HIS A 28 -4.41 7.07 9.78
C HIS A 28 -5.11 6.27 8.66
N TYR A 29 -5.38 4.96 8.96
CA TYR A 29 -6.14 4.04 8.09
C TYR A 29 -7.64 4.10 8.52
N ARG A 30 -8.56 3.99 7.51
CA ARG A 30 -10.04 4.08 7.69
C ARG A 30 -10.70 2.99 8.59
N LYS A 31 -11.41 2.02 7.98
CA LYS A 31 -12.14 0.96 8.72
C LYS A 31 -12.94 0.03 7.75
N ASP A 32 -12.24 -0.85 6.94
CA ASP A 32 -12.90 -1.80 5.94
C ASP A 32 -13.81 -1.07 4.88
N PRO A 33 -13.24 -0.17 4.03
CA PRO A 33 -14.04 0.66 3.06
C PRO A 33 -14.27 0.15 1.60
N LEU A 34 -14.07 -1.14 1.29
CA LEU A 34 -14.34 -1.60 -0.10
C LEU A 34 -15.30 -2.82 -0.20
N GLU A 35 -15.15 -3.84 0.67
CA GLU A 35 -16.05 -5.00 0.63
C GLU A 35 -16.70 -5.30 1.98
N GLY A 36 -18.00 -4.93 2.05
CA GLY A 36 -18.81 -5.09 3.27
C GLY A 36 -19.20 -3.77 3.93
N ARG A 37 -18.29 -2.73 3.82
CA ARG A 37 -18.44 -1.33 4.37
C ARG A 37 -18.26 -1.21 5.90
N VAL A 38 -19.11 -1.92 6.67
CA VAL A 38 -19.06 -1.91 8.16
C VAL A 38 -19.19 -3.34 8.72
N GLY A 39 -18.15 -3.81 9.42
CA GLY A 39 -18.15 -5.15 9.99
C GLY A 39 -17.18 -5.33 11.15
N ARG A 40 -16.23 -6.27 10.99
CA ARG A 40 -15.23 -6.58 12.03
C ARG A 40 -13.80 -6.78 11.45
N ALA A 41 -12.85 -7.14 12.35
CA ALA A 41 -11.43 -7.38 12.02
C ALA A 41 -11.12 -8.89 11.81
N SER A 42 -10.40 -9.19 10.71
CA SER A 42 -10.03 -10.57 10.36
C SER A 42 -8.51 -10.79 10.54
N ASP A 43 -8.15 -11.59 11.54
CA ASP A 43 -6.75 -11.89 11.84
C ASP A 43 -6.54 -13.38 12.15
N TYR A 44 -5.98 -14.12 11.16
CA TYR A 44 -5.69 -15.57 11.30
C TYR A 44 -4.17 -15.80 11.45
N GLY A 45 -3.68 -15.45 12.66
CA GLY A 45 -2.27 -15.53 13.00
C GLY A 45 -1.74 -14.17 13.45
N MET A 46 -2.14 -13.75 14.67
CA MET A 46 -1.77 -12.43 15.23
C MET A 46 -0.47 -12.40 16.10
N LYS A 47 0.20 -13.55 16.27
CA LYS A 47 1.45 -13.63 17.04
C LYS A 47 2.66 -14.04 16.14
N LEU A 48 2.87 -13.22 15.11
CA LEU A 48 3.93 -13.39 14.11
C LEU A 48 4.32 -11.98 13.60
N PRO A 49 5.05 -11.16 14.44
CA PRO A 49 5.46 -9.76 14.07
C PRO A 49 6.49 -9.59 12.92
N ILE A 50 6.58 -8.34 12.40
CA ILE A 50 7.52 -7.96 11.32
C ILE A 50 8.85 -7.39 11.96
N LEU A 51 9.99 -7.72 11.31
CA LEU A 51 11.36 -7.32 11.74
C LEU A 51 11.76 -5.84 11.42
N ARG A 52 11.13 -5.23 10.40
CA ARG A 52 11.44 -3.83 10.01
C ARG A 52 10.34 -2.80 10.43
N SER A 53 9.48 -3.16 11.42
CA SER A 53 8.42 -2.28 11.93
C SER A 53 8.51 -2.04 13.47
N ASN A 54 7.59 -1.18 13.96
CA ASN A 54 7.42 -0.85 15.41
C ASN A 54 6.23 -1.72 15.98
N PRO A 55 5.73 -1.59 17.27
CA PRO A 55 4.51 -2.36 17.73
C PRO A 55 3.20 -1.85 17.06
N GLU A 56 3.15 -0.49 16.94
CA GLU A 56 2.07 0.29 16.30
C GLU A 56 2.04 0.10 14.76
N ASP A 57 3.24 0.29 14.14
CA ASP A 57 3.47 0.14 12.69
C ASP A 57 3.54 -1.38 12.24
N GLN A 58 3.58 -2.32 13.24
CA GLN A 58 3.51 -3.79 13.04
C GLN A 58 2.06 -4.16 12.64
N VAL A 59 1.07 -3.57 13.40
CA VAL A 59 -0.42 -3.69 13.12
C VAL A 59 -0.76 -3.09 11.69
N LEU A 60 -0.15 -1.91 11.34
CA LEU A 60 -0.37 -1.28 10.01
C LEU A 60 0.45 -1.92 8.84
N TYR A 61 1.41 -2.80 9.14
CA TYR A 61 2.20 -3.54 8.12
C TYR A 61 2.15 -5.10 8.34
N GLN A 62 1.12 -5.60 9.06
CA GLN A 62 0.97 -7.07 9.38
C GLN A 62 -0.47 -7.64 9.27
N THR A 63 -1.53 -6.82 9.47
CA THR A 63 -2.97 -7.30 9.45
C THR A 63 -3.53 -7.51 7.98
N GLU A 64 -4.17 -8.70 7.74
CA GLU A 64 -4.71 -9.08 6.39
C GLU A 64 -6.25 -9.29 6.31
N ARG A 65 -6.83 -8.82 5.20
CA ARG A 65 -8.28 -8.94 4.91
C ARG A 65 -8.53 -9.83 3.65
N TYR A 66 -9.43 -10.82 3.79
CA TYR A 66 -9.78 -11.73 2.70
C TYR A 66 -11.30 -11.75 2.45
N ASN A 67 -11.70 -11.62 1.16
CA ASN A 67 -13.12 -11.61 0.78
C ASN A 67 -13.44 -12.49 -0.44
N GLU A 68 -13.06 -12.04 -1.67
CA GLU A 68 -13.36 -12.80 -2.90
C GLU A 68 -12.14 -12.90 -3.88
N ASP A 69 -12.27 -12.35 -5.11
CA ASP A 69 -11.23 -12.42 -6.17
C ASP A 69 -11.39 -11.25 -7.16
N SER A 70 -10.26 -10.51 -7.40
CA SER A 70 -10.20 -9.29 -8.31
C SER A 70 -10.86 -8.09 -7.60
N PHE A 71 -10.09 -7.44 -6.70
CA PHE A 71 -10.63 -6.33 -5.89
C PHE A 71 -9.63 -5.20 -5.66
N GLY A 72 -10.17 -4.00 -5.37
CA GLY A 72 -9.34 -2.84 -5.15
C GLY A 72 -10.03 -1.66 -4.47
N TYR A 73 -9.41 -0.48 -4.61
CA TYR A 73 -9.92 0.76 -3.99
C TYR A 73 -9.95 1.96 -4.96
N ASP A 74 -10.71 2.99 -4.56
CA ASP A 74 -10.90 4.23 -5.36
C ASP A 74 -10.36 5.50 -4.64
N ILE A 75 -9.58 6.30 -5.38
CA ILE A 75 -8.99 7.57 -4.87
C ILE A 75 -9.40 8.76 -5.80
N PRO A 76 -10.43 9.59 -5.44
CA PRO A 76 -10.80 10.77 -6.26
C PRO A 76 -9.95 12.04 -5.98
N ILE A 77 -9.25 12.50 -7.03
CA ILE A 77 -8.36 13.69 -6.94
C ILE A 77 -8.82 14.83 -7.92
N LYS A 78 -8.41 16.05 -7.59
CA LYS A 78 -8.72 17.27 -8.38
C LYS A 78 -7.54 18.30 -8.34
N GLU A 79 -6.32 17.85 -7.94
CA GLU A 79 -5.14 18.72 -7.87
C GLU A 79 -3.94 18.12 -8.63
N GLU A 80 -2.94 18.96 -8.93
CA GLU A 80 -1.74 18.53 -9.66
C GLU A 80 -0.43 18.76 -8.89
N GLY A 81 0.52 17.86 -9.15
CA GLY A 81 1.84 17.90 -8.53
C GLY A 81 2.51 16.53 -8.54
N GLU A 82 3.11 16.09 -7.40
CA GLU A 82 3.72 14.76 -7.36
C GLU A 82 3.09 13.90 -6.24
N TYR A 83 2.26 12.91 -6.65
CA TYR A 83 1.59 12.01 -5.69
C TYR A 83 2.34 10.68 -5.58
N VAL A 84 2.65 10.30 -4.34
CA VAL A 84 3.47 9.08 -4.07
C VAL A 84 2.63 7.98 -3.39
N LEU A 85 2.73 6.76 -3.98
CA LEU A 85 2.05 5.58 -3.44
C LEU A 85 3.08 4.62 -2.80
N VAL A 86 3.03 4.52 -1.46
CA VAL A 86 3.94 3.63 -0.68
C VAL A 86 3.08 2.52 -0.02
N LEU A 87 3.15 1.30 -0.58
CA LEU A 87 2.36 0.16 -0.08
C LEU A 87 3.24 -0.91 0.57
N LYS A 88 2.81 -1.41 1.75
CA LYS A 88 3.56 -2.49 2.43
C LYS A 88 2.85 -3.85 2.28
N PHE A 89 3.56 -4.76 1.58
CA PHE A 89 3.06 -6.11 1.31
C PHE A 89 3.80 -7.13 2.20
N ALA A 90 3.01 -8.05 2.81
CA ALA A 90 3.54 -9.10 3.73
C ALA A 90 2.81 -10.48 3.52
N GLU A 91 3.52 -11.59 3.85
CA GLU A 91 2.97 -12.95 3.74
C GLU A 91 3.39 -13.85 4.93
N VAL A 92 2.39 -14.54 5.51
CA VAL A 92 2.62 -15.47 6.67
C VAL A 92 1.76 -16.77 6.56
N TYR A 93 2.00 -17.57 5.50
CA TYR A 93 1.26 -18.84 5.28
C TYR A 93 1.98 -19.78 4.28
N PHE A 94 2.38 -19.25 3.10
CA PHE A 94 3.07 -20.06 2.06
C PHE A 94 4.52 -19.60 1.83
N ALA A 95 5.45 -20.58 1.83
CA ALA A 95 6.90 -20.32 1.62
C ALA A 95 7.37 -20.92 0.25
N GLN A 96 7.39 -20.03 -0.77
CA GLN A 96 7.81 -20.42 -2.14
C GLN A 96 8.17 -19.19 -3.01
N SER A 97 9.15 -19.38 -3.91
CA SER A 97 9.62 -18.31 -4.83
C SER A 97 9.48 -18.73 -6.31
N GLN A 98 8.70 -17.92 -7.07
CA GLN A 98 8.39 -18.12 -8.53
C GLN A 98 7.36 -19.26 -8.77
N GLN A 99 6.19 -19.09 -8.13
CA GLN A 99 5.07 -20.04 -8.18
C GLN A 99 3.76 -19.29 -7.85
N LYS A 100 3.83 -18.42 -6.81
CA LYS A 100 2.71 -17.56 -6.39
C LYS A 100 2.99 -16.11 -6.84
N VAL A 101 2.64 -15.83 -8.11
CA VAL A 101 2.89 -14.51 -8.74
C VAL A 101 1.56 -13.73 -8.97
N PHE A 102 1.56 -12.47 -8.52
CA PHE A 102 0.35 -11.61 -8.58
C PHE A 102 0.47 -10.38 -9.52
N ASP A 103 -0.68 -9.67 -9.73
CA ASP A 103 -0.70 -8.48 -10.61
C ASP A 103 -1.20 -7.23 -9.88
N VAL A 104 -0.51 -6.10 -10.13
CA VAL A 104 -0.81 -4.80 -9.48
C VAL A 104 -0.84 -3.63 -10.56
N ARG A 105 -1.94 -2.84 -10.52
CA ARG A 105 -2.17 -1.72 -11.48
C ARG A 105 -2.63 -0.38 -10.82
N VAL A 106 -2.21 0.76 -11.44
CA VAL A 106 -2.60 2.15 -10.97
C VAL A 106 -3.33 2.98 -12.08
N ASN A 107 -4.67 3.22 -11.88
CA ASN A 107 -5.61 3.96 -12.81
C ASN A 107 -5.82 3.26 -14.19
N GLY A 108 -5.65 1.93 -14.21
CA GLY A 108 -5.74 1.17 -15.44
C GLY A 108 -4.37 0.72 -16.00
N HIS A 109 -3.28 1.40 -15.55
CA HIS A 109 -1.89 1.15 -15.96
C HIS A 109 -1.22 0.00 -15.16
N THR A 110 -0.43 -0.87 -15.84
CA THR A 110 0.26 -1.98 -15.12
C THR A 110 1.72 -1.64 -14.78
N VAL A 111 2.06 -1.87 -13.51
CA VAL A 111 3.41 -1.56 -12.97
C VAL A 111 4.15 -2.81 -12.41
N VAL A 112 3.52 -3.55 -11.46
CA VAL A 112 4.18 -4.76 -10.87
C VAL A 112 3.30 -6.00 -11.19
N LYS A 113 3.58 -6.63 -12.35
CA LYS A 113 2.85 -7.84 -12.78
C LYS A 113 3.76 -9.08 -12.79
N ASP A 114 3.97 -9.49 -11.57
CA ASP A 114 4.79 -10.65 -11.12
C ASP A 114 5.20 -10.41 -9.64
N LEU A 115 4.19 -10.30 -8.73
CA LEU A 115 4.49 -10.04 -7.31
C LEU A 115 4.64 -11.30 -6.47
N ASP A 116 5.90 -11.67 -6.28
CA ASP A 116 6.32 -12.79 -5.43
C ASP A 116 7.11 -12.20 -4.23
N ILE A 117 6.38 -12.01 -3.10
CA ILE A 117 6.91 -11.39 -1.84
C ILE A 117 8.07 -12.18 -1.12
N PHE A 118 8.13 -13.54 -1.33
CA PHE A 118 9.21 -14.42 -0.75
C PHE A 118 10.56 -14.27 -1.53
N ASP A 119 10.47 -14.15 -2.89
CA ASP A 119 11.64 -13.93 -3.80
C ASP A 119 12.20 -12.46 -3.74
N ARG A 120 11.33 -11.47 -3.37
CA ARG A 120 11.71 -10.03 -3.25
C ARG A 120 12.49 -9.70 -1.95
N VAL A 121 11.91 -10.00 -0.76
CA VAL A 121 12.61 -9.73 0.55
C VAL A 121 13.37 -10.97 1.16
N GLY A 122 12.78 -12.18 1.04
CA GLY A 122 13.42 -13.39 1.60
C GLY A 122 12.51 -14.19 2.52
N HIS A 123 12.79 -14.13 3.85
CA HIS A 123 12.00 -14.83 4.86
C HIS A 123 11.28 -13.83 5.80
N SER A 124 9.93 -13.71 5.61
CA SER A 124 9.03 -12.79 6.39
C SER A 124 9.32 -11.27 6.12
N THR A 125 9.52 -10.46 7.21
CA THR A 125 9.86 -8.97 7.17
C THR A 125 8.81 -8.05 6.43
N ALA A 126 9.22 -6.80 6.06
CA ALA A 126 8.36 -5.83 5.35
C ALA A 126 8.81 -5.61 3.87
N HIS A 127 7.84 -5.71 2.93
CA HIS A 127 8.09 -5.46 1.49
C HIS A 127 7.50 -4.08 1.09
N ASP A 128 8.27 -3.30 0.32
CA ASP A 128 7.84 -1.95 -0.05
C ASP A 128 7.93 -1.63 -1.55
N GLU A 129 6.81 -1.13 -2.10
CA GLU A 129 6.73 -0.70 -3.50
C GLU A 129 6.47 0.81 -3.58
N ILE A 130 7.44 1.51 -4.19
CA ILE A 130 7.41 2.99 -4.36
C ILE A 130 7.15 3.37 -5.84
N ILE A 131 5.98 4.00 -6.06
CA ILE A 131 5.54 4.42 -7.41
C ILE A 131 5.17 5.94 -7.38
N PRO A 132 6.11 6.91 -7.73
CA PRO A 132 5.78 8.36 -7.81
C PRO A 132 5.15 8.76 -9.17
N ILE A 133 4.10 9.59 -9.11
CA ILE A 133 3.37 10.06 -10.31
C ILE A 133 3.39 11.60 -10.44
N SER A 134 3.35 12.06 -11.69
CA SER A 134 3.34 13.49 -11.98
C SER A 134 2.16 13.87 -12.89
N ILE A 135 1.23 14.64 -12.31
CA ILE A 135 0.02 15.13 -12.98
C ILE A 135 0.15 16.68 -13.18
N LYS A 136 0.06 17.13 -14.45
CA LYS A 136 0.18 18.56 -14.81
C LYS A 136 -0.85 18.95 -15.88
N LYS A 137 -1.65 20.02 -15.57
CA LYS A 137 -2.74 20.58 -16.46
C LYS A 137 -3.97 19.62 -16.64
N GLY A 138 -4.09 18.61 -15.75
CA GLY A 138 -5.15 17.60 -15.82
C GLY A 138 -4.75 16.27 -16.49
N LYS A 139 -3.42 16.03 -16.72
CA LYS A 139 -2.96 14.78 -17.36
C LYS A 139 -1.95 14.02 -16.49
N LEU A 140 -1.97 12.68 -16.61
CA LEU A 140 -1.13 11.79 -15.79
C LEU A 140 0.11 11.21 -16.52
N SER A 141 1.20 11.05 -15.73
CA SER A 141 2.45 10.48 -16.24
C SER A 141 3.01 9.45 -15.25
N VAL A 142 2.93 8.16 -15.64
CA VAL A 142 3.42 7.02 -14.81
C VAL A 142 4.80 6.47 -15.40
N GLN A 143 5.95 7.01 -14.87
CA GLN A 143 7.35 6.63 -15.28
C GLN A 143 7.72 7.03 -16.74
N GLY A 144 7.31 6.17 -17.71
CA GLY A 144 7.54 6.43 -19.13
C GLY A 144 6.28 6.25 -20.01
N GLU A 145 5.06 6.41 -19.41
CA GLU A 145 3.79 6.29 -20.13
C GLU A 145 2.90 7.51 -19.83
N VAL A 146 2.56 8.28 -20.87
CA VAL A 146 1.73 9.50 -20.73
C VAL A 146 0.25 9.30 -21.26
N SER A 147 -0.70 9.72 -20.41
CA SER A 147 -2.15 9.64 -20.69
C SER A 147 -2.88 10.76 -19.94
N THR A 148 -4.22 10.82 -20.07
CA THR A 148 -5.01 11.85 -19.36
C THR A 148 -5.77 11.30 -18.09
N PHE A 149 -5.76 12.13 -17.01
CA PHE A 149 -6.43 11.84 -15.71
C PHE A 149 -7.95 12.15 -15.77
N THR A 150 -8.79 11.16 -15.47
CA THR A 150 -10.26 11.36 -15.50
C THR A 150 -10.94 10.98 -14.17
N GLY A 151 -11.05 12.00 -13.27
CA GLY A 151 -11.74 11.86 -11.96
C GLY A 151 -11.06 11.09 -10.82
N LYS A 152 -10.79 9.79 -11.01
CA LYS A 152 -10.22 8.95 -9.94
C LYS A 152 -9.08 8.01 -10.41
N LEU A 153 -8.26 7.63 -9.41
CA LEU A 153 -7.12 6.68 -9.57
C LEU A 153 -7.51 5.30 -9.00
N SER A 154 -7.12 4.21 -9.67
CA SER A 154 -7.52 2.89 -9.15
C SER A 154 -6.34 1.94 -8.84
N VAL A 155 -6.38 1.33 -7.65
CA VAL A 155 -5.34 0.34 -7.23
C VAL A 155 -6.07 -1.04 -7.19
N GLU A 156 -5.90 -1.78 -8.28
CA GLU A 156 -6.54 -3.08 -8.47
C GLU A 156 -5.54 -4.23 -8.59
N PHE A 157 -5.81 -5.32 -7.84
CA PHE A 157 -4.95 -6.51 -7.89
C PHE A 157 -5.75 -7.76 -8.30
N VAL A 158 -5.09 -8.51 -9.21
CA VAL A 158 -5.64 -9.76 -9.82
C VAL A 158 -4.89 -11.01 -9.26
N LYS A 159 -5.66 -12.11 -9.08
CA LYS A 159 -5.18 -13.42 -8.53
C LYS A 159 -4.51 -14.35 -9.58
N GLY A 160 -3.55 -15.17 -9.09
CA GLY A 160 -2.83 -16.13 -9.95
C GLY A 160 -3.27 -17.60 -9.74
N TYR A 161 -3.37 -18.04 -8.47
CA TYR A 161 -3.80 -19.41 -8.12
C TYR A 161 -4.97 -19.42 -7.10
N TYR A 162 -4.75 -18.84 -5.90
CA TYR A 162 -5.78 -18.78 -4.84
C TYR A 162 -5.95 -17.35 -4.26
N ASP A 163 -4.84 -16.64 -4.00
CA ASP A 163 -4.83 -15.27 -3.44
C ASP A 163 -4.43 -14.20 -4.49
N ASN A 164 -4.53 -12.91 -4.10
CA ASN A 164 -4.16 -11.77 -4.96
C ASN A 164 -3.27 -10.78 -4.18
N PRO A 165 -3.73 -10.20 -3.03
CA PRO A 165 -2.90 -9.28 -2.23
C PRO A 165 -2.26 -9.89 -0.94
N LYS A 166 -3.13 -10.47 -0.06
CA LYS A 166 -2.80 -11.06 1.27
C LYS A 166 -2.69 -9.93 2.34
N VAL A 167 -1.48 -9.33 2.57
CA VAL A 167 -1.38 -8.15 3.50
C VAL A 167 -1.09 -6.90 2.61
N CYS A 168 -1.90 -5.83 2.80
CA CYS A 168 -1.77 -4.58 2.01
C CYS A 168 -1.91 -3.30 2.86
N ALA A 169 -0.85 -2.47 2.78
CA ALA A 169 -0.70 -1.18 3.52
C ALA A 169 -0.63 0.08 2.60
N LEU A 170 -1.60 0.20 1.63
CA LEU A 170 -1.66 1.32 0.62
C LEU A 170 -1.84 2.73 1.27
N PHE A 171 -0.70 3.42 1.31
CA PHE A 171 -0.53 4.76 1.88
C PHE A 171 -0.21 5.77 0.76
N ILE A 172 -1.22 6.55 0.31
CA ILE A 172 -0.97 7.58 -0.71
C ILE A 172 -1.05 9.04 -0.10
N MET A 173 0.08 9.74 -0.27
CA MET A 173 0.26 11.12 0.21
C MET A 173 0.59 12.09 -0.96
N LYS A 174 0.59 13.42 -0.72
CA LYS A 174 0.82 14.37 -1.83
C LYS A 174 1.99 15.38 -1.70
N GLY A 175 2.36 15.83 -2.91
CA GLY A 175 3.33 16.89 -3.20
C GLY A 175 4.74 16.50 -3.69
N THR A 176 5.41 15.44 -3.13
CA THR A 176 6.81 15.02 -3.57
C THR A 176 7.32 13.77 -2.82
N ALA A 177 8.30 13.06 -3.48
CA ALA A 177 8.99 11.84 -2.94
C ALA A 177 10.11 12.14 -1.87
N ASP A 178 10.53 13.44 -1.74
CA ASP A 178 11.54 13.90 -0.74
C ASP A 178 10.93 14.29 0.65
N ASP A 179 9.59 14.12 0.81
CA ASP A 179 8.86 14.45 2.06
C ASP A 179 8.42 13.19 2.88
N VAL A 180 8.59 11.98 2.31
CA VAL A 180 8.25 10.67 2.99
C VAL A 180 9.47 10.06 3.79
N PRO A 181 9.64 10.36 5.13
CA PRO A 181 10.74 9.79 5.95
C PRO A 181 10.35 8.54 6.78
N MET A 182 11.31 7.63 6.97
CA MET A 182 11.09 6.40 7.75
C MET A 182 12.32 6.04 8.61
N LEU A 183 12.15 6.18 9.93
CA LEU A 183 13.23 5.90 10.91
C LEU A 183 12.74 5.06 12.10
N GLN A 184 13.72 4.51 12.85
CA GLN A 184 13.46 3.70 14.06
C GLN A 184 13.81 4.50 15.36
N PRO A 185 13.30 4.09 16.59
CA PRO A 185 13.62 4.82 17.87
C PRO A 185 15.08 4.70 18.32
N HIS A 186 15.73 5.86 18.45
CA HIS A 186 17.13 5.92 18.88
C HIS A 186 17.35 7.05 19.93
N PRO A 187 18.09 6.78 21.08
CA PRO A 187 18.39 7.81 22.13
C PRO A 187 19.64 8.70 21.82
N GLY A 188 20.21 9.29 22.88
CA GLY A 188 21.41 10.09 22.72
C GLY A 188 21.71 10.97 23.93
N LEU A 189 22.63 10.49 24.79
CA LEU A 189 23.03 11.21 26.01
C LEU A 189 24.54 11.56 25.99
N GLU A 190 24.83 12.86 25.94
CA GLU A 190 26.21 13.37 25.91
C GLU A 190 26.43 14.47 26.96
C2 BGC B . -6.42 -23.61 1.59
C3 BGC B . -5.70 -22.21 1.82
C4 BGC B . -6.41 -21.35 2.98
C5 BGC B . -6.49 -22.24 4.30
C6 BGC B . -7.27 -21.59 5.49
C1 BGC B . -6.61 -24.33 2.96
O1 BGC B . -7.41 -25.46 2.82
O2 BGC B . -5.62 -24.41 0.72
O3 BGC B . -5.72 -21.46 0.61
O4 BGC B . -5.64 -20.10 3.22
O5 BGC B . -7.28 -23.44 3.92
O6 BGC B . -8.15 -22.45 6.20
H2 BGC B . -7.41 -23.42 1.16
H3 BGC B . -4.67 -22.39 2.15
H4 BGC B . -7.44 -21.16 2.65
H5 BGC B . -5.57 -22.72 4.68
H61 BGC B . -7.78 -20.69 5.13
H62 BGC B . -6.50 -21.19 6.18
H1 BGC B . -5.65 -24.65 3.38
HO1 BGC B . -6.91 -26.16 2.40
HO2 BGC B . -6.13 -25.17 0.44
HO3 BGC B . -4.87 -21.05 0.48
HO6 BGC B . -7.71 -23.29 6.36
C1 GLC B . -6.30 -18.84 2.92
C2 GLC B . -5.32 -17.80 2.25
C3 GLC B . -4.25 -17.29 3.32
C4 GLC B . -4.92 -16.82 4.69
C5 GLC B . -5.87 -17.96 5.24
C6 GLC B . -6.74 -17.56 6.48
O2 GLC B . -4.59 -18.43 1.19
O3 GLC B . -3.54 -16.20 2.75
O4 GLC B . -3.90 -16.51 5.64
O5 GLC B . -6.84 -18.23 4.16
O6 GLC B . -8.08 -18.03 6.47
H1 GLC B . -7.15 -19.04 2.25
H2 GLC B . -5.91 -16.94 1.89
H3 GLC B . -3.57 -18.12 3.55
H4 GLC B . -5.54 -15.93 4.45
H5 GLC B . -5.46 -18.97 5.40
H61 GLC B . -6.70 -16.47 6.61
H62 GLC B . -6.21 -17.94 7.38
HO2 GLC B . -3.89 -17.85 0.90
HO3 GLC B . -3.86 -15.38 3.12
HO4 GLC B . -4.12 -16.88 6.48
HO6 GLC B . -8.09 -18.95 6.20
N GLY A 1 15.00 19.39 12.02
CA GLY A 1 15.31 19.73 10.60
C GLY A 1 14.71 21.06 10.16
N ALA A 2 14.46 21.19 8.84
CA ALA A 2 13.87 22.42 8.24
C ALA A 2 12.41 22.21 7.72
N MET A 3 12.12 21.01 7.15
CA MET A 3 10.78 20.69 6.62
C MET A 3 10.29 19.31 7.13
N SER A 4 9.34 19.34 8.07
CA SER A 4 8.77 18.12 8.66
C SER A 4 7.23 18.22 8.80
N GLY A 5 6.52 17.44 7.97
CA GLY A 5 5.06 17.44 8.01
C GLY A 5 4.45 16.42 7.05
N LEU A 6 4.29 15.17 7.54
CA LEU A 6 3.71 14.05 6.75
C LEU A 6 2.15 13.96 6.87
N ALA A 7 1.64 14.11 8.12
CA ALA A 7 0.17 14.13 8.48
C ALA A 7 -0.67 15.28 7.80
N ASP A 8 0.02 16.39 7.38
CA ASP A 8 -0.61 17.54 6.68
C ASP A 8 -0.68 17.36 5.12
N LYS A 9 0.03 16.34 4.57
CA LYS A 9 0.03 16.06 3.11
C LYS A 9 -0.84 14.84 2.72
N VAL A 10 -1.11 13.86 3.67
CA VAL A 10 -2.00 12.65 3.42
C VAL A 10 -3.45 12.99 2.84
N ILE A 11 -3.86 12.23 1.81
CA ILE A 11 -5.19 12.40 1.20
C ILE A 11 -6.04 11.11 1.26
N TRP A 12 -5.38 9.92 1.23
CA TRP A 12 -6.10 8.63 1.25
C TRP A 12 -5.16 7.46 1.69
N ALA A 13 -5.46 6.80 2.85
CA ALA A 13 -4.64 5.63 3.34
C ALA A 13 -5.50 4.49 3.94
N VAL A 14 -5.20 3.22 3.57
CA VAL A 14 -5.94 2.04 4.10
C VAL A 14 -5.07 0.72 4.22
N ASN A 15 -5.34 -0.04 5.30
CA ASN A 15 -4.71 -1.36 5.49
C ASN A 15 -5.85 -2.42 5.44
N ALA A 16 -5.77 -3.32 4.45
CA ALA A 16 -6.75 -4.40 4.25
C ALA A 16 -6.47 -5.61 5.19
N GLY A 17 -7.20 -5.61 6.32
CA GLY A 17 -7.06 -6.67 7.32
C GLY A 17 -7.82 -6.48 8.63
N GLY A 18 -7.91 -5.24 9.13
CA GLY A 18 -8.59 -4.99 10.40
C GLY A 18 -9.52 -3.78 10.38
N GLU A 19 -9.30 -2.86 11.35
CA GLU A 19 -10.10 -1.63 11.48
C GLU A 19 -9.28 -0.48 12.08
N SER A 20 -9.11 0.59 11.26
CA SER A 20 -8.41 1.91 11.54
C SER A 20 -7.18 1.98 12.54
N HIS A 21 -6.03 2.51 12.06
CA HIS A 21 -4.83 2.70 12.93
C HIS A 21 -3.98 3.90 12.49
N VAL A 22 -3.32 4.53 13.48
CA VAL A 22 -2.43 5.69 13.24
C VAL A 22 -0.95 5.31 13.47
N ASP A 23 -0.14 5.61 12.44
CA ASP A 23 1.32 5.38 12.42
C ASP A 23 2.07 6.59 13.08
N VAL A 24 3.30 6.29 13.58
CA VAL A 24 4.26 7.22 14.34
C VAL A 24 4.50 8.68 13.80
N HIS A 25 4.26 8.91 12.49
CA HIS A 25 4.39 10.26 11.88
C HIS A 25 3.00 10.98 11.82
N GLY A 26 1.92 10.16 11.94
CA GLY A 26 0.54 10.61 11.95
C GLY A 26 -0.27 10.20 10.71
N ILE A 27 -0.06 8.94 10.25
CA ILE A 27 -0.79 8.42 9.06
C ILE A 27 -1.88 7.40 9.52
N HIS A 28 -3.15 7.72 9.18
CA HIS A 28 -4.31 6.90 9.59
C HIS A 28 -4.87 5.99 8.47
N TYR A 29 -5.03 4.69 8.82
CA TYR A 29 -5.62 3.68 7.90
C TYR A 29 -7.14 3.51 8.17
N ARG A 30 -7.93 3.31 7.08
CA ARG A 30 -9.41 3.20 7.17
C ARG A 30 -9.96 1.76 7.42
N LYS A 31 -11.26 1.73 7.74
CA LYS A 31 -12.01 0.51 8.12
C LYS A 31 -12.84 -0.13 6.98
N ASP A 32 -12.26 -1.20 6.37
CA ASP A 32 -12.89 -2.04 5.24
C ASP A 32 -13.74 -1.25 4.18
N PRO A 33 -13.12 -0.29 3.43
CA PRO A 33 -13.83 0.58 2.47
C PRO A 33 -14.01 0.13 0.97
N LEU A 34 -14.06 -1.18 0.69
CA LEU A 34 -14.30 -1.65 -0.70
C LEU A 34 -15.20 -2.93 -0.81
N GLU A 35 -15.41 -3.67 0.31
CA GLU A 35 -16.27 -4.89 0.29
C GLU A 35 -17.67 -4.64 0.93
N GLY A 36 -18.41 -3.62 0.40
CA GLY A 36 -19.74 -3.29 0.92
C GLY A 36 -19.82 -1.93 1.65
N ARG A 37 -18.67 -1.50 2.26
CA ARG A 37 -18.52 -0.21 3.04
C ARG A 37 -19.05 -0.33 4.49
N VAL A 38 -18.34 -1.15 5.30
CA VAL A 38 -18.68 -1.40 6.71
C VAL A 38 -17.36 -1.67 7.56
N GLY A 39 -17.50 -1.84 8.89
CA GLY A 39 -16.34 -2.10 9.75
C GLY A 39 -16.32 -3.50 10.36
N ARG A 40 -15.45 -4.37 9.80
CA ARG A 40 -15.29 -5.77 10.27
C ARG A 40 -13.82 -6.24 10.17
N ALA A 41 -13.31 -6.78 11.30
CA ALA A 41 -11.90 -7.29 11.40
C ALA A 41 -11.87 -8.85 11.44
N SER A 42 -10.87 -9.44 10.76
CA SER A 42 -10.70 -10.90 10.70
C SER A 42 -9.34 -11.38 11.26
N ASP A 43 -8.21 -10.94 10.62
CA ASP A 43 -6.80 -11.29 11.02
C ASP A 43 -6.32 -12.65 10.41
N TYR A 44 -6.71 -13.79 11.07
CA TYR A 44 -6.35 -15.20 10.69
C TYR A 44 -4.85 -15.52 10.95
N GLY A 45 -4.43 -15.31 12.21
CA GLY A 45 -3.05 -15.51 12.64
C GLY A 45 -2.49 -14.23 13.25
N MET A 46 -2.80 -13.98 14.54
CA MET A 46 -2.38 -12.76 15.26
C MET A 46 -1.03 -12.89 16.03
N LYS A 47 -0.39 -14.07 15.99
CA LYS A 47 0.90 -14.31 16.67
C LYS A 47 2.06 -14.64 15.68
N LEU A 48 2.05 -13.92 14.54
CA LEU A 48 3.03 -14.06 13.47
C LEU A 48 3.24 -12.66 12.84
N PRO A 49 3.98 -11.71 13.55
CA PRO A 49 4.20 -10.31 13.08
C PRO A 49 5.29 -10.12 11.99
N ILE A 50 5.42 -8.85 11.52
CA ILE A 50 6.36 -8.45 10.48
C ILE A 50 7.76 -8.04 11.09
N LEU A 51 8.83 -8.54 10.43
CA LEU A 51 10.22 -8.25 10.84
C LEU A 51 10.87 -7.25 9.89
N ARG A 52 10.93 -6.01 10.37
CA ARG A 52 11.48 -4.80 9.68
C ARG A 52 10.77 -3.51 10.14
N SER A 53 9.53 -3.65 10.69
CA SER A 53 8.70 -2.52 11.16
C SER A 53 8.75 -2.35 12.73
N ASN A 54 7.73 -1.61 13.25
CA ASN A 54 7.58 -1.31 14.71
C ASN A 54 6.62 -2.33 15.43
N PRO A 55 6.52 -2.31 16.83
CA PRO A 55 5.55 -3.19 17.60
C PRO A 55 4.08 -2.75 17.45
N GLU A 56 3.91 -1.40 17.36
CA GLU A 56 2.59 -0.74 17.17
C GLU A 56 2.16 -0.65 15.67
N ASP A 57 3.16 -0.43 14.78
CA ASP A 57 2.92 -0.32 13.33
C ASP A 57 3.00 -1.68 12.54
N GLN A 58 3.25 -2.84 13.25
CA GLN A 58 3.26 -4.18 12.62
C GLN A 58 1.80 -4.61 12.24
N VAL A 59 0.80 -4.02 12.96
CA VAL A 59 -0.68 -4.17 12.71
C VAL A 59 -1.03 -3.58 11.30
N LEU A 60 -0.50 -2.36 11.01
CA LEU A 60 -0.66 -1.68 9.71
C LEU A 60 0.22 -2.32 8.57
N TYR A 61 1.17 -3.17 8.94
CA TYR A 61 2.04 -3.87 7.98
C TYR A 61 1.98 -5.44 8.11
N GLN A 62 0.89 -5.98 8.73
CA GLN A 62 0.71 -7.46 8.95
C GLN A 62 -0.75 -8.00 8.76
N THR A 63 -1.77 -7.21 9.16
CA THR A 63 -3.24 -7.64 9.10
C THR A 63 -3.83 -7.82 7.65
N GLU A 64 -4.58 -8.94 7.44
CA GLU A 64 -5.23 -9.29 6.14
C GLU A 64 -6.74 -9.64 6.29
N ARG A 65 -7.57 -9.31 5.24
CA ARG A 65 -9.04 -9.57 5.25
C ARG A 65 -9.41 -10.98 4.70
N TYR A 66 -9.66 -11.08 3.38
CA TYR A 66 -10.03 -12.34 2.71
C TYR A 66 -9.62 -12.32 1.21
N ASN A 67 -9.64 -13.51 0.57
CA ASN A 67 -9.24 -13.64 -0.85
C ASN A 67 -10.40 -14.11 -1.76
N GLU A 68 -10.59 -13.39 -2.89
CA GLU A 68 -11.65 -13.71 -3.86
C GLU A 68 -11.09 -13.68 -5.32
N ASP A 69 -11.48 -12.66 -6.14
CA ASP A 69 -11.00 -12.54 -7.54
C ASP A 69 -11.31 -11.15 -8.12
N SER A 70 -10.23 -10.43 -8.58
CA SER A 70 -10.28 -9.06 -9.20
C SER A 70 -10.90 -7.96 -8.29
N PHE A 71 -10.09 -7.36 -7.41
CA PHE A 71 -10.58 -6.33 -6.48
C PHE A 71 -9.55 -5.22 -6.24
N GLY A 72 -10.05 -4.02 -5.91
CA GLY A 72 -9.17 -2.89 -5.68
C GLY A 72 -9.80 -1.69 -4.98
N TYR A 73 -9.23 -0.52 -5.26
CA TYR A 73 -9.68 0.74 -4.62
C TYR A 73 -9.87 1.93 -5.59
N ASP A 74 -10.54 2.97 -5.05
CA ASP A 74 -10.85 4.22 -5.76
C ASP A 74 -10.35 5.46 -4.98
N ILE A 75 -9.44 6.24 -5.60
CA ILE A 75 -8.86 7.46 -4.98
C ILE A 75 -9.30 8.72 -5.81
N PRO A 76 -10.33 9.51 -5.36
CA PRO A 76 -10.76 10.72 -6.08
C PRO A 76 -9.92 12.01 -5.77
N ILE A 77 -9.25 12.54 -6.82
CA ILE A 77 -8.41 13.75 -6.71
C ILE A 77 -8.78 14.80 -7.81
N LYS A 78 -8.45 16.06 -7.51
CA LYS A 78 -8.69 17.20 -8.41
C LYS A 78 -7.55 18.25 -8.37
N GLU A 79 -6.32 17.82 -7.98
CA GLU A 79 -5.15 18.70 -7.89
C GLU A 79 -3.96 18.12 -8.68
N GLU A 80 -3.03 19.00 -9.07
CA GLU A 80 -1.85 18.58 -9.85
C GLU A 80 -0.52 18.84 -9.14
N GLY A 81 0.36 17.83 -9.23
CA GLY A 81 1.68 17.88 -8.62
C GLY A 81 2.36 16.51 -8.58
N GLU A 82 3.08 16.17 -7.47
CA GLU A 82 3.71 14.84 -7.39
C GLU A 82 3.06 13.99 -6.29
N TYR A 83 2.31 12.95 -6.71
CA TYR A 83 1.63 12.03 -5.77
C TYR A 83 2.38 10.72 -5.67
N VAL A 84 2.65 10.29 -4.43
CA VAL A 84 3.44 9.05 -4.19
C VAL A 84 2.56 7.95 -3.58
N LEU A 85 2.51 6.82 -4.32
CA LEU A 85 1.76 5.63 -3.89
C LEU A 85 2.74 4.60 -3.27
N VAL A 86 2.68 4.49 -1.93
CA VAL A 86 3.56 3.57 -1.15
C VAL A 86 2.68 2.43 -0.55
N LEU A 87 3.05 1.18 -0.84
CA LEU A 87 2.31 0.02 -0.30
C LEU A 87 3.24 -1.09 0.22
N LYS A 88 2.83 -1.68 1.38
CA LYS A 88 3.58 -2.81 1.98
C LYS A 88 2.86 -4.13 1.69
N PHE A 89 3.56 -5.05 1.01
CA PHE A 89 3.00 -6.37 0.68
C PHE A 89 3.62 -7.46 1.57
N ALA A 90 2.76 -8.34 2.15
CA ALA A 90 3.23 -9.43 3.06
C ALA A 90 2.54 -10.80 2.76
N GLU A 91 3.26 -11.91 3.08
CA GLU A 91 2.78 -13.29 2.89
C GLU A 91 3.15 -14.19 4.09
N VAL A 92 2.12 -14.75 4.76
CA VAL A 92 2.33 -15.63 5.95
C VAL A 92 1.39 -16.88 5.94
N TYR A 93 1.58 -17.79 4.95
CA TYR A 93 0.77 -19.04 4.84
C TYR A 93 1.31 -20.00 3.75
N PHE A 94 1.79 -19.46 2.60
CA PHE A 94 2.32 -20.29 1.50
C PHE A 94 3.82 -20.06 1.25
N ALA A 95 4.59 -21.17 1.16
CA ALA A 95 6.06 -21.12 0.92
C ALA A 95 6.42 -21.66 -0.50
N GLN A 96 6.58 -20.72 -1.45
CA GLN A 96 6.94 -21.06 -2.86
C GLN A 96 7.40 -19.81 -3.65
N SER A 97 8.42 -20.02 -4.50
CA SER A 97 9.02 -18.95 -5.34
C SER A 97 8.95 -19.28 -6.85
N GLN A 98 8.34 -18.34 -7.64
CA GLN A 98 8.14 -18.44 -9.14
C GLN A 98 7.04 -19.48 -9.53
N GLN A 99 5.85 -19.29 -8.95
CA GLN A 99 4.67 -20.16 -9.16
C GLN A 99 3.38 -19.39 -8.83
N LYS A 100 3.43 -18.54 -7.77
CA LYS A 100 2.30 -17.68 -7.37
C LYS A 100 2.64 -16.23 -7.75
N VAL A 101 2.39 -15.93 -9.04
CA VAL A 101 2.70 -14.61 -9.64
C VAL A 101 1.40 -13.81 -9.95
N PHE A 102 1.33 -12.61 -9.35
CA PHE A 102 0.15 -11.72 -9.43
C PHE A 102 0.30 -10.49 -10.34
N ASP A 103 -0.81 -9.71 -10.49
CA ASP A 103 -0.75 -8.47 -11.32
C ASP A 103 -1.24 -7.25 -10.52
N VAL A 104 -0.51 -6.15 -10.68
CA VAL A 104 -0.81 -4.88 -9.97
C VAL A 104 -0.84 -3.68 -11.01
N ARG A 105 -1.99 -2.96 -11.04
CA ARG A 105 -2.24 -1.84 -11.99
C ARG A 105 -2.58 -0.47 -11.33
N VAL A 106 -2.19 0.66 -12.01
CA VAL A 106 -2.48 2.05 -11.52
C VAL A 106 -3.25 2.93 -12.57
N ASN A 107 -4.57 3.19 -12.30
CA ASN A 107 -5.54 4.00 -13.13
C ASN A 107 -5.84 3.39 -14.54
N GLY A 108 -5.71 2.07 -14.63
CA GLY A 108 -5.91 1.38 -15.89
C GLY A 108 -4.59 0.88 -16.53
N HIS A 109 -3.44 1.43 -16.02
CA HIS A 109 -2.08 1.13 -16.47
C HIS A 109 -1.45 -0.08 -15.75
N THR A 110 -0.27 -0.55 -16.21
CA THR A 110 0.42 -1.68 -15.55
C THR A 110 1.83 -1.30 -15.08
N VAL A 111 2.12 -1.68 -13.82
CA VAL A 111 3.43 -1.37 -13.20
C VAL A 111 4.17 -2.62 -12.67
N VAL A 112 3.54 -3.38 -11.73
CA VAL A 112 4.19 -4.61 -11.18
C VAL A 112 3.37 -5.84 -11.59
N LYS A 113 3.71 -6.38 -12.78
CA LYS A 113 3.07 -7.55 -13.35
C LYS A 113 4.00 -8.77 -13.24
N ASP A 114 3.63 -9.55 -12.23
CA ASP A 114 4.25 -10.82 -11.75
C ASP A 114 4.83 -10.58 -10.34
N LEU A 115 3.93 -10.50 -9.33
CA LEU A 115 4.33 -10.27 -7.94
C LEU A 115 4.41 -11.56 -7.13
N ASP A 116 5.66 -11.97 -6.88
CA ASP A 116 5.99 -13.12 -6.05
C ASP A 116 6.74 -12.58 -4.81
N ILE A 117 5.98 -12.39 -3.71
CA ILE A 117 6.49 -11.81 -2.42
C ILE A 117 7.54 -12.72 -1.66
N PHE A 118 7.48 -14.07 -1.88
CA PHE A 118 8.44 -15.04 -1.27
C PHE A 118 9.83 -15.03 -1.99
N ASP A 119 9.82 -14.89 -3.35
CA ASP A 119 11.04 -14.79 -4.21
C ASP A 119 11.77 -13.40 -4.09
N ARG A 120 11.01 -12.32 -3.73
CA ARG A 120 11.57 -10.95 -3.56
C ARG A 120 12.27 -10.73 -2.18
N VAL A 121 11.57 -10.96 -1.05
CA VAL A 121 12.21 -10.78 0.32
C VAL A 121 12.79 -12.10 0.94
N GLY A 122 12.14 -13.27 0.71
CA GLY A 122 12.64 -14.54 1.26
C GLY A 122 11.61 -15.26 2.13
N HIS A 123 11.87 -15.31 3.44
CA HIS A 123 10.96 -15.96 4.41
C HIS A 123 10.36 -14.91 5.37
N SER A 124 9.04 -14.61 5.18
CA SER A 124 8.24 -13.62 5.98
C SER A 124 8.69 -12.13 5.71
N THR A 125 8.88 -11.31 6.81
CA THR A 125 9.35 -9.86 6.78
C THR A 125 8.38 -8.87 6.01
N ALA A 126 8.90 -7.66 5.65
CA ALA A 126 8.12 -6.63 4.92
C ALA A 126 8.66 -6.37 3.47
N HIS A 127 7.73 -6.39 2.48
CA HIS A 127 8.07 -6.07 1.06
C HIS A 127 7.63 -4.62 0.73
N ASP A 128 8.38 -3.95 -0.15
CA ASP A 128 8.09 -2.53 -0.46
C ASP A 128 8.12 -2.18 -1.96
N GLU A 129 6.99 -1.61 -2.43
CA GLU A 129 6.90 -1.12 -3.81
C GLU A 129 6.49 0.37 -3.82
N ILE A 130 7.39 1.18 -4.44
CA ILE A 130 7.23 2.66 -4.55
C ILE A 130 6.98 3.11 -6.01
N ILE A 131 5.92 3.90 -6.21
CA ILE A 131 5.54 4.40 -7.54
C ILE A 131 5.21 5.95 -7.51
N PRO A 132 6.19 6.88 -7.80
CA PRO A 132 5.91 8.35 -7.89
C PRO A 132 5.21 8.76 -9.21
N ILE A 133 4.15 9.58 -9.07
CA ILE A 133 3.32 10.03 -10.21
C ILE A 133 3.41 11.58 -10.40
N SER A 134 3.28 12.00 -11.68
CA SER A 134 3.32 13.43 -12.04
C SER A 134 2.14 13.83 -12.94
N ILE A 135 1.18 14.58 -12.35
CA ILE A 135 -0.02 15.09 -13.05
C ILE A 135 0.13 16.64 -13.22
N LYS A 136 0.09 17.10 -14.49
CA LYS A 136 0.23 18.53 -14.83
C LYS A 136 -0.68 18.90 -16.01
N LYS A 137 -1.45 20.02 -15.84
CA LYS A 137 -2.43 20.56 -16.88
C LYS A 137 -3.70 19.67 -17.11
N GLY A 138 -3.85 18.63 -16.25
CA GLY A 138 -4.95 17.66 -16.34
C GLY A 138 -4.56 16.34 -17.03
N LYS A 139 -3.23 16.01 -17.06
CA LYS A 139 -2.74 14.77 -17.69
C LYS A 139 -1.79 13.98 -16.76
N LEU A 140 -1.86 12.64 -16.84
CA LEU A 140 -1.06 11.74 -15.99
C LEU A 140 0.20 11.17 -16.68
N SER A 141 1.28 11.09 -15.88
CA SER A 141 2.57 10.55 -16.34
C SER A 141 3.11 9.51 -15.33
N VAL A 142 3.22 8.24 -15.78
CA VAL A 142 3.72 7.14 -14.94
C VAL A 142 5.01 6.48 -15.58
N GLN A 143 6.20 6.95 -15.12
CA GLN A 143 7.57 6.47 -15.57
C GLN A 143 7.91 6.83 -17.05
N GLY A 144 7.46 5.97 -17.98
CA GLY A 144 7.65 6.19 -19.42
C GLY A 144 6.34 6.07 -20.23
N GLU A 145 5.19 6.37 -19.59
CA GLU A 145 3.87 6.32 -20.23
C GLU A 145 3.07 7.62 -19.94
N VAL A 146 2.55 8.24 -21.01
CA VAL A 146 1.78 9.50 -20.90
C VAL A 146 0.29 9.31 -21.42
N SER A 147 -0.67 9.74 -20.59
CA SER A 147 -2.10 9.64 -20.90
C SER A 147 -2.88 10.80 -20.23
N THR A 148 -4.22 10.74 -20.27
CA THR A 148 -5.05 11.78 -19.63
C THR A 148 -5.64 11.33 -18.24
N PHE A 149 -5.69 12.28 -17.28
CA PHE A 149 -6.25 12.04 -15.92
C PHE A 149 -7.77 12.30 -15.88
N THR A 150 -8.47 11.34 -15.28
CA THR A 150 -9.95 11.40 -15.08
C THR A 150 -10.24 11.90 -13.62
N GLY A 151 -11.47 11.74 -13.10
CA GLY A 151 -11.76 12.21 -11.72
C GLY A 151 -11.38 11.25 -10.55
N LYS A 152 -10.67 10.13 -10.86
CA LYS A 152 -10.22 9.15 -9.86
C LYS A 152 -9.05 8.29 -10.40
N LEU A 153 -8.23 7.81 -9.45
CA LEU A 153 -7.07 6.91 -9.72
C LEU A 153 -7.39 5.51 -9.17
N SER A 154 -7.09 4.43 -9.93
CA SER A 154 -7.45 3.08 -9.45
C SER A 154 -6.27 2.11 -9.20
N VAL A 155 -6.41 1.29 -8.15
CA VAL A 155 -5.38 0.24 -7.83
C VAL A 155 -6.12 -1.12 -7.94
N GLU A 156 -5.97 -1.78 -9.10
CA GLU A 156 -6.64 -3.06 -9.38
C GLU A 156 -5.67 -4.22 -9.51
N PHE A 157 -5.85 -5.23 -8.64
CA PHE A 157 -5.02 -6.43 -8.68
C PHE A 157 -5.82 -7.68 -9.06
N VAL A 158 -5.24 -8.42 -10.02
CA VAL A 158 -5.86 -9.65 -10.60
C VAL A 158 -5.11 -10.93 -10.07
N LYS A 159 -5.92 -12.02 -9.86
CA LYS A 159 -5.49 -13.35 -9.34
C LYS A 159 -4.66 -14.20 -10.34
N GLY A 160 -3.75 -15.04 -9.78
CA GLY A 160 -2.90 -15.93 -10.58
C GLY A 160 -3.32 -17.41 -10.57
N TYR A 161 -3.44 -18.00 -9.36
CA TYR A 161 -3.83 -19.42 -9.21
C TYR A 161 -4.98 -19.61 -8.19
N TYR A 162 -4.68 -19.43 -6.88
CA TYR A 162 -5.68 -19.58 -5.79
C TYR A 162 -5.90 -18.27 -5.00
N ASP A 163 -4.78 -17.58 -4.64
CA ASP A 163 -4.80 -16.29 -3.90
C ASP A 163 -4.64 -15.08 -4.86
N ASN A 164 -4.82 -13.87 -4.32
CA ASN A 164 -4.71 -12.65 -5.14
C ASN A 164 -3.67 -11.65 -4.46
N PRO A 165 -4.01 -10.63 -3.57
CA PRO A 165 -2.97 -9.77 -2.94
C PRO A 165 -2.35 -10.34 -1.63
N LYS A 166 -3.23 -11.01 -0.81
CA LYS A 166 -2.92 -11.61 0.52
C LYS A 166 -2.91 -10.51 1.63
N VAL A 167 -1.76 -9.83 1.86
CA VAL A 167 -1.69 -8.70 2.83
C VAL A 167 -1.36 -7.39 2.02
N CYS A 168 -2.16 -6.33 2.28
CA CYS A 168 -2.00 -5.05 1.56
C CYS A 168 -2.08 -3.84 2.51
N ALA A 169 -1.02 -3.00 2.46
CA ALA A 169 -0.81 -1.81 3.33
C ALA A 169 -0.82 -0.40 2.61
N LEU A 170 -1.88 -0.13 1.80
CA LEU A 170 -2.10 1.14 1.01
C LEU A 170 -1.82 2.48 1.77
N PHE A 171 -1.06 3.37 1.11
CA PHE A 171 -0.71 4.68 1.68
C PHE A 171 -0.41 5.69 0.55
N ILE A 172 -1.35 6.62 0.27
CA ILE A 172 -1.08 7.66 -0.75
C ILE A 172 -1.04 9.11 -0.11
N MET A 173 0.11 9.75 -0.33
CA MET A 173 0.36 11.12 0.18
C MET A 173 0.62 12.14 -0.97
N LYS A 174 0.61 13.44 -0.63
CA LYS A 174 0.72 14.50 -1.63
C LYS A 174 1.93 15.45 -1.56
N GLY A 175 2.31 15.83 -2.78
CA GLY A 175 3.31 16.85 -3.13
C GLY A 175 4.71 16.43 -3.63
N THR A 176 5.37 15.37 -3.06
CA THR A 176 6.77 14.95 -3.51
C THR A 176 7.28 13.68 -2.78
N ALA A 177 8.30 13.00 -3.42
CA ALA A 177 8.99 11.79 -2.89
C ALA A 177 10.07 12.10 -1.77
N ASP A 178 10.47 13.40 -1.63
CA ASP A 178 11.44 13.86 -0.59
C ASP A 178 10.77 14.24 0.78
N ASP A 179 9.42 14.06 0.89
CA ASP A 179 8.64 14.36 2.13
C ASP A 179 8.28 13.09 2.96
N VAL A 180 8.53 11.88 2.40
CA VAL A 180 8.28 10.57 3.10
C VAL A 180 9.54 10.03 3.88
N PRO A 181 9.73 10.37 5.21
CA PRO A 181 10.89 9.89 6.01
C PRO A 181 10.61 8.61 6.83
N MET A 182 11.65 7.79 7.03
CA MET A 182 11.54 6.53 7.80
C MET A 182 12.66 6.41 8.83
N LEU A 183 12.29 6.56 10.12
CA LEU A 183 13.25 6.47 11.23
C LEU A 183 12.71 5.61 12.40
N GLN A 184 13.60 5.39 13.39
CA GLN A 184 13.30 4.60 14.60
C GLN A 184 13.23 5.55 15.84
N PRO A 185 12.52 5.17 16.97
CA PRO A 185 12.41 6.02 18.21
C PRO A 185 13.74 6.20 18.99
N HIS A 186 14.13 7.46 19.16
CA HIS A 186 15.38 7.79 19.85
C HIS A 186 15.19 8.94 20.88
N PRO A 187 15.66 8.78 22.19
CA PRO A 187 15.56 9.85 23.23
C PRO A 187 16.79 10.81 23.24
N GLY A 188 17.02 11.47 24.39
CA GLY A 188 18.16 12.35 24.53
C GLY A 188 18.10 13.21 25.80
N LEU A 189 18.70 12.69 26.89
CA LEU A 189 18.72 13.39 28.19
C LEU A 189 20.17 13.70 28.65
N GLU A 190 20.48 15.01 28.71
CA GLU A 190 21.82 15.47 29.14
C GLU A 190 21.71 16.61 30.16
C2 BGC B . -6.75 -24.24 1.27
C3 BGC B . -6.34 -22.72 1.47
C4 BGC B . -7.06 -22.03 2.72
C5 BGC B . -6.78 -22.93 4.01
C6 BGC B . -7.49 -22.45 5.32
C1 BGC B . -6.65 -25.00 2.63
O1 BGC B . -7.24 -26.26 2.56
O2 BGC B . -5.90 -24.86 0.31
O3 BGC B . -6.67 -21.99 0.29
O4 BGC B . -6.57 -20.64 2.90
O5 BGC B . -7.37 -24.26 3.69
O6 BGC B . -8.08 -23.48 6.10
H2 BGC B . -7.81 -24.27 0.94
H3 BGC B . -5.26 -22.68 1.66
H4 BGC B . -8.15 -22.08 2.53
H5 BGC B . -5.74 -23.22 4.24
H61 BGC B . -8.19 -21.66 5.08
H62 BGC B . -6.72 -21.93 5.92
H1 BGC B . -5.61 -25.13 2.94
HO1 BGC B . -8.04 -26.20 2.05
HO2 BGC B . -5.03 -24.98 0.70
HO3 BGC B . -6.81 -22.61 -0.43
HO6 BGC B . -8.90 -23.75 5.72
C1 GLC B . -7.52 -19.58 2.70
C2 GLC B . -6.88 -18.34 1.95
C3 GLC B . -5.84 -17.59 2.90
C4 GLC B . -6.45 -17.26 4.34
C5 GLC B . -7.03 -18.59 4.98
C6 GLC B . -7.82 -18.39 6.31
O2 GLC B . -6.14 -18.80 0.80
O3 GLC B . -5.46 -16.36 2.27
O4 GLC B . -5.42 -16.72 5.18
O5 GLC B . -8.04 -19.09 4.00
O6 GLC B . -9.01 -19.18 6.46
H1 GLC B . -8.39 -19.95 2.13
H2 GLC B . -7.68 -17.64 1.66
H3 GLC B . -4.96 -18.24 3.05
H4 GLC B . -7.28 -16.56 4.20
H5 GLC B . -6.39 -19.49 5.06
H61 GLC B . -8.02 -17.33 6.46
H62 GLC B . -7.12 -18.65 7.13
HO2 GLC B . -5.62 -18.09 0.44
HO3 GLC B . -4.52 -16.24 2.37
HO4 GLC B . -4.56 -16.87 4.77
HO6 GLC B . -9.27 -19.19 7.38
N GLY A 1 5.47 18.10 21.56
CA GLY A 1 5.19 19.55 21.32
C GLY A 1 4.51 19.80 19.99
N ALA A 2 5.33 20.07 18.94
CA ALA A 2 4.83 20.34 17.57
C ALA A 2 5.21 19.21 16.59
N MET A 3 4.19 18.70 15.85
CA MET A 3 4.39 17.63 14.87
C MET A 3 3.47 17.82 13.65
N SER A 4 4.00 18.45 12.59
CA SER A 4 3.25 18.71 11.35
C SER A 4 4.17 18.66 10.12
N GLY A 5 3.94 17.63 9.27
CA GLY A 5 4.73 17.47 8.05
C GLY A 5 4.17 16.41 7.11
N LEU A 6 4.12 15.13 7.57
CA LEU A 6 3.57 14.01 6.76
C LEU A 6 2.02 13.89 6.88
N ALA A 7 1.51 14.09 8.13
CA ALA A 7 0.05 14.11 8.48
C ALA A 7 -0.75 15.30 7.80
N ASP A 8 -0.02 16.39 7.39
CA ASP A 8 -0.62 17.57 6.70
C ASP A 8 -0.70 17.40 5.13
N LYS A 9 -0.02 16.36 4.57
CA LYS A 9 -0.03 16.11 3.11
C LYS A 9 -0.86 14.86 2.70
N VAL A 10 -1.15 13.88 3.65
CA VAL A 10 -2.01 12.67 3.37
C VAL A 10 -3.46 12.99 2.78
N ILE A 11 -3.84 12.20 1.77
CA ILE A 11 -5.18 12.34 1.14
C ILE A 11 -6.01 11.04 1.21
N TRP A 12 -5.33 9.87 1.19
CA TRP A 12 -6.01 8.57 1.24
C TRP A 12 -5.06 7.43 1.68
N ALA A 13 -5.36 6.74 2.82
CA ALA A 13 -4.53 5.60 3.33
C ALA A 13 -5.42 4.44 3.87
N VAL A 14 -5.13 3.19 3.41
CA VAL A 14 -5.91 1.99 3.83
C VAL A 14 -5.02 0.73 3.97
N ASN A 15 -5.33 -0.07 5.02
CA ASN A 15 -4.68 -1.39 5.20
C ASN A 15 -5.79 -2.44 5.04
N ALA A 16 -5.70 -3.19 3.92
CA ALA A 16 -6.66 -4.28 3.58
C ALA A 16 -6.38 -5.53 4.43
N GLY A 17 -7.18 -5.54 5.54
CA GLY A 17 -7.12 -6.62 6.51
C GLY A 17 -7.67 -6.33 7.92
N GLY A 18 -8.17 -5.13 8.24
CA GLY A 18 -8.66 -4.90 9.61
C GLY A 18 -9.53 -3.67 9.86
N GLU A 19 -9.21 -3.00 10.98
CA GLU A 19 -9.91 -1.79 11.43
C GLU A 19 -8.91 -0.65 11.75
N SER A 20 -9.29 0.56 11.24
CA SER A 20 -8.58 1.90 11.34
C SER A 20 -7.41 2.08 12.37
N HIS A 21 -6.21 2.46 11.86
CA HIS A 21 -5.02 2.67 12.73
C HIS A 21 -4.17 3.87 12.30
N VAL A 22 -3.66 4.57 13.31
CA VAL A 22 -2.81 5.75 13.14
C VAL A 22 -1.31 5.40 13.48
N ASP A 23 -0.45 5.57 12.45
CA ASP A 23 1.01 5.28 12.59
C ASP A 23 1.82 6.48 13.13
N VAL A 24 3.10 6.16 13.47
CA VAL A 24 4.17 7.02 14.13
C VAL A 24 4.27 8.51 13.66
N HIS A 25 4.37 8.76 12.36
CA HIS A 25 4.42 10.15 11.80
C HIS A 25 3.01 10.86 11.80
N GLY A 26 1.94 10.02 11.87
CA GLY A 26 0.55 10.49 11.94
C GLY A 26 -0.31 10.17 10.73
N ILE A 27 -0.19 8.92 10.25
CA ILE A 27 -0.97 8.45 9.08
C ILE A 27 -2.09 7.44 9.53
N HIS A 28 -3.34 7.71 9.17
CA HIS A 28 -4.48 6.86 9.57
C HIS A 28 -5.09 6.02 8.42
N TYR A 29 -5.22 4.69 8.66
CA TYR A 29 -5.82 3.73 7.72
C TYR A 29 -7.32 3.52 8.05
N ARG A 30 -8.15 3.21 7.02
CA ARG A 30 -9.60 3.02 7.21
C ARG A 30 -10.08 1.56 7.17
N LYS A 31 -11.13 1.33 7.97
CA LYS A 31 -11.84 0.04 8.20
C LYS A 31 -12.66 -0.55 7.02
N ASP A 32 -12.12 -1.65 6.44
CA ASP A 32 -12.72 -2.53 5.34
C ASP A 32 -13.51 -1.82 4.17
N PRO A 33 -12.89 -0.84 3.46
CA PRO A 33 -13.54 -0.13 2.34
C PRO A 33 -13.05 -0.50 0.89
N LEU A 34 -13.28 -1.76 0.46
CA LEU A 34 -12.89 -2.19 -0.91
C LEU A 34 -14.08 -2.13 -1.87
N GLU A 35 -14.93 -3.20 -1.89
CA GLU A 35 -16.10 -3.24 -2.81
C GLU A 35 -17.30 -4.02 -2.21
N GLY A 36 -17.83 -3.56 -1.06
CA GLY A 36 -18.99 -4.24 -0.44
C GLY A 36 -18.68 -5.09 0.81
N ARG A 37 -17.40 -5.13 1.25
CA ARG A 37 -16.97 -5.93 2.41
C ARG A 37 -16.90 -5.11 3.72
N VAL A 38 -18.09 -4.76 4.25
CA VAL A 38 -18.22 -3.99 5.52
C VAL A 38 -18.83 -4.85 6.65
N GLY A 39 -18.04 -5.07 7.72
CA GLY A 39 -18.49 -5.88 8.85
C GLY A 39 -17.41 -6.84 9.37
N ARG A 40 -16.91 -7.72 8.48
CA ARG A 40 -15.87 -8.70 8.84
C ARG A 40 -14.58 -8.51 8.01
N ALA A 41 -13.42 -8.58 8.72
CA ALA A 41 -12.07 -8.41 8.12
C ALA A 41 -11.39 -9.75 7.69
N SER A 42 -11.53 -10.83 8.55
CA SER A 42 -10.95 -12.19 8.32
C SER A 42 -9.45 -12.26 8.67
N ASP A 43 -9.15 -12.41 9.98
CA ASP A 43 -7.75 -12.47 10.50
C ASP A 43 -7.25 -13.93 10.67
N TYR A 44 -6.61 -14.46 9.61
CA TYR A 44 -6.06 -15.83 9.60
C TYR A 44 -4.51 -15.79 9.59
N GLY A 45 -3.96 -15.45 10.76
CA GLY A 45 -2.53 -15.31 10.95
C GLY A 45 -2.19 -14.07 11.77
N MET A 46 -2.70 -14.01 13.02
CA MET A 46 -2.49 -12.88 13.96
C MET A 46 -1.27 -13.06 14.90
N LYS A 47 -0.86 -14.33 15.14
CA LYS A 47 0.30 -14.65 16.00
C LYS A 47 1.53 -15.04 15.13
N LEU A 48 1.94 -14.07 14.31
CA LEU A 48 3.06 -14.15 13.37
C LEU A 48 3.31 -12.73 12.84
N PRO A 49 3.86 -11.78 13.70
CA PRO A 49 4.13 -10.34 13.32
C PRO A 49 5.22 -10.12 12.26
N ILE A 50 5.23 -8.89 11.69
CA ILE A 50 6.19 -8.47 10.67
C ILE A 50 7.50 -7.91 11.35
N LEU A 51 8.64 -8.57 11.02
CA LEU A 51 9.99 -8.30 11.60
C LEU A 51 10.75 -7.05 11.08
N ARG A 52 10.30 -6.44 9.96
CA ARG A 52 10.96 -5.23 9.42
C ARG A 52 10.21 -3.90 9.79
N SER A 53 9.27 -3.98 10.77
CA SER A 53 8.50 -2.83 11.23
C SER A 53 8.49 -2.72 12.80
N ASN A 54 7.51 -1.98 13.32
CA ASN A 54 7.31 -1.72 14.77
C ASN A 54 6.26 -2.69 15.44
N PRO A 55 6.14 -2.73 16.83
CA PRO A 55 5.12 -3.56 17.54
C PRO A 55 3.66 -3.01 17.41
N GLU A 56 3.59 -1.65 17.30
CA GLU A 56 2.32 -0.90 17.10
C GLU A 56 1.89 -0.82 15.61
N ASP A 57 2.90 -0.65 14.73
CA ASP A 57 2.70 -0.55 13.28
C ASP A 57 2.76 -1.92 12.50
N GLN A 58 2.96 -3.07 13.25
CA GLN A 58 2.97 -4.45 12.66
C GLN A 58 1.54 -4.86 12.17
N VAL A 59 0.49 -4.30 12.86
CA VAL A 59 -0.98 -4.43 12.52
C VAL A 59 -1.23 -3.82 11.10
N LEU A 60 -0.70 -2.59 10.88
CA LEU A 60 -0.79 -1.87 9.58
C LEU A 60 0.12 -2.48 8.45
N TYR A 61 1.03 -3.37 8.82
CA TYR A 61 1.92 -4.08 7.89
C TYR A 61 1.82 -5.65 8.01
N GLN A 62 0.67 -6.16 8.55
CA GLN A 62 0.45 -7.64 8.76
C GLN A 62 -0.99 -8.16 8.51
N THR A 63 -2.04 -7.34 8.80
CA THR A 63 -3.51 -7.76 8.66
C THR A 63 -4.02 -7.92 7.18
N GLU A 64 -4.79 -9.01 6.92
CA GLU A 64 -5.31 -9.37 5.55
C GLU A 64 -6.86 -9.50 5.41
N ARG A 65 -7.37 -9.10 4.22
CA ARG A 65 -8.81 -9.20 3.85
C ARG A 65 -9.03 -10.38 2.85
N TYR A 66 -10.22 -11.01 2.88
CA TYR A 66 -10.52 -12.20 2.03
C TYR A 66 -11.45 -11.94 0.82
N ASN A 67 -10.98 -12.42 -0.37
CA ASN A 67 -11.70 -12.35 -1.67
C ASN A 67 -10.98 -13.22 -2.75
N GLU A 68 -11.52 -13.25 -4.00
CA GLU A 68 -10.93 -14.07 -5.10
C GLU A 68 -11.23 -13.58 -6.53
N ASP A 69 -10.70 -12.40 -6.91
CA ASP A 69 -10.92 -11.83 -8.26
C ASP A 69 -10.06 -10.55 -8.48
N SER A 70 -10.47 -9.72 -9.48
CA SER A 70 -9.84 -8.41 -9.79
C SER A 70 -10.53 -7.33 -8.95
N PHE A 71 -9.90 -6.97 -7.81
CA PHE A 71 -10.51 -6.03 -6.86
C PHE A 71 -9.54 -4.98 -6.31
N GLY A 72 -10.11 -3.79 -6.07
CA GLY A 72 -9.34 -2.69 -5.51
C GLY A 72 -10.14 -1.46 -5.11
N TYR A 73 -9.40 -0.43 -4.73
CA TYR A 73 -9.96 0.86 -4.25
C TYR A 73 -9.92 2.01 -5.28
N ASP A 74 -10.74 3.03 -4.99
CA ASP A 74 -10.85 4.25 -5.82
C ASP A 74 -10.50 5.50 -5.01
N ILE A 75 -9.53 6.27 -5.52
CA ILE A 75 -9.04 7.50 -4.87
C ILE A 75 -9.40 8.75 -5.75
N PRO A 76 -10.47 9.55 -5.40
CA PRO A 76 -10.83 10.75 -6.19
C PRO A 76 -10.01 12.03 -5.84
N ILE A 77 -9.35 12.57 -6.88
CA ILE A 77 -8.49 13.77 -6.76
C ILE A 77 -8.95 14.89 -7.76
N LYS A 78 -8.47 16.11 -7.49
CA LYS A 78 -8.76 17.30 -8.30
C LYS A 78 -7.60 18.35 -8.22
N GLU A 79 -6.36 17.88 -7.90
CA GLU A 79 -5.18 18.74 -7.80
C GLU A 79 -3.97 18.14 -8.55
N GLU A 80 -3.03 19.01 -8.94
CA GLU A 80 -1.84 18.57 -9.68
C GLU A 80 -0.51 18.83 -8.94
N GLY A 81 0.42 17.90 -9.13
CA GLY A 81 1.75 17.97 -8.52
C GLY A 81 2.46 16.61 -8.52
N GLU A 82 3.10 16.22 -7.40
CA GLU A 82 3.76 14.91 -7.35
C GLU A 82 3.12 14.01 -6.28
N TYR A 83 2.35 13.00 -6.71
CA TYR A 83 1.68 12.08 -5.77
C TYR A 83 2.44 10.76 -5.65
N VAL A 84 2.66 10.33 -4.40
CA VAL A 84 3.45 9.11 -4.13
C VAL A 84 2.55 7.98 -3.56
N LEU A 85 2.57 6.84 -4.27
CA LEU A 85 1.81 5.65 -3.90
C LEU A 85 2.76 4.60 -3.28
N VAL A 86 2.68 4.43 -1.95
CA VAL A 86 3.55 3.47 -1.20
C VAL A 86 2.67 2.36 -0.55
N LEU A 87 2.97 1.10 -0.89
CA LEU A 87 2.20 -0.04 -0.31
C LEU A 87 3.12 -1.18 0.18
N LYS A 88 2.69 -1.82 1.31
CA LYS A 88 3.42 -2.97 1.86
C LYS A 88 2.67 -4.28 1.60
N PHE A 89 3.36 -5.23 0.94
CA PHE A 89 2.79 -6.55 0.64
C PHE A 89 3.41 -7.63 1.55
N ALA A 90 2.55 -8.51 2.09
CA ALA A 90 2.99 -9.60 3.02
C ALA A 90 2.21 -10.93 2.76
N GLU A 91 2.89 -12.08 3.03
CA GLU A 91 2.31 -13.43 2.86
C GLU A 91 2.89 -14.41 3.90
N VAL A 92 2.00 -15.00 4.72
CA VAL A 92 2.42 -15.97 5.78
C VAL A 92 1.57 -17.28 5.75
N TYR A 93 1.80 -18.13 4.72
CA TYR A 93 1.08 -19.42 4.58
C TYR A 93 1.75 -20.36 3.54
N PHE A 94 2.19 -19.81 2.37
CA PHE A 94 2.82 -20.61 1.31
C PHE A 94 4.28 -20.19 1.03
N ALA A 95 5.18 -21.20 0.97
CA ALA A 95 6.63 -20.97 0.71
C ALA A 95 7.02 -21.52 -0.69
N GLN A 96 7.06 -20.60 -1.68
CA GLN A 96 7.43 -20.92 -3.08
C GLN A 96 7.86 -19.67 -3.87
N SER A 97 8.88 -19.84 -4.74
CA SER A 97 9.43 -18.75 -5.57
C SER A 97 9.36 -19.08 -7.07
N GLN A 98 8.69 -18.15 -7.84
CA GLN A 98 8.47 -18.24 -9.33
C GLN A 98 7.40 -19.32 -9.70
N GLN A 99 6.23 -19.20 -9.06
CA GLN A 99 5.08 -20.12 -9.22
C GLN A 99 3.76 -19.37 -8.96
N LYS A 100 3.76 -18.51 -7.90
CA LYS A 100 2.60 -17.68 -7.54
C LYS A 100 2.90 -16.22 -7.92
N VAL A 101 2.67 -15.92 -9.21
CA VAL A 101 2.96 -14.58 -9.80
C VAL A 101 1.64 -13.83 -10.12
N PHE A 102 1.55 -12.61 -9.59
CA PHE A 102 0.33 -11.77 -9.69
C PHE A 102 0.49 -10.47 -10.54
N ASP A 103 -0.63 -9.73 -10.70
CA ASP A 103 -0.63 -8.46 -11.46
C ASP A 103 -1.20 -7.29 -10.61
N VAL A 104 -0.53 -6.13 -10.75
CA VAL A 104 -0.86 -4.88 -10.02
C VAL A 104 -0.90 -3.66 -11.01
N ARG A 105 -2.04 -2.91 -10.97
CA ARG A 105 -2.25 -1.73 -11.84
C ARG A 105 -2.74 -0.45 -11.12
N VAL A 106 -2.20 0.70 -11.60
CA VAL A 106 -2.53 2.07 -11.10
C VAL A 106 -3.28 2.94 -12.17
N ASN A 107 -4.62 3.14 -11.95
CA ASN A 107 -5.59 3.88 -12.86
C ASN A 107 -5.81 3.18 -14.24
N GLY A 108 -5.60 1.85 -14.27
CA GLY A 108 -5.70 1.10 -15.50
C GLY A 108 -4.33 0.72 -16.13
N HIS A 109 -3.23 1.32 -15.59
CA HIS A 109 -1.85 1.15 -16.05
C HIS A 109 -1.07 0.07 -15.26
N THR A 110 -0.40 -0.90 -15.93
CA THR A 110 0.37 -1.95 -15.18
C THR A 110 1.83 -1.56 -14.92
N VAL A 111 2.21 -1.79 -13.67
CA VAL A 111 3.56 -1.49 -13.17
C VAL A 111 4.29 -2.74 -12.64
N VAL A 112 3.59 -3.57 -11.81
CA VAL A 112 4.23 -4.81 -11.27
C VAL A 112 3.37 -6.02 -11.71
N LYS A 113 3.70 -6.56 -12.91
CA LYS A 113 3.00 -7.72 -13.48
C LYS A 113 3.91 -8.96 -13.49
N ASP A 114 4.03 -9.45 -12.28
CA ASP A 114 4.80 -10.64 -11.83
C ASP A 114 5.14 -10.48 -10.32
N LEU A 115 4.10 -10.44 -9.45
CA LEU A 115 4.31 -10.26 -8.02
C LEU A 115 4.40 -11.56 -7.22
N ASP A 116 5.66 -11.93 -6.94
CA ASP A 116 6.01 -13.09 -6.12
C ASP A 116 6.75 -12.53 -4.87
N ILE A 117 6.01 -12.47 -3.74
CA ILE A 117 6.48 -11.90 -2.44
C ILE A 117 7.65 -12.74 -1.76
N PHE A 118 7.69 -14.08 -1.99
CA PHE A 118 8.75 -14.98 -1.44
C PHE A 118 10.10 -14.86 -2.24
N ASP A 119 10.01 -14.69 -3.59
CA ASP A 119 11.18 -14.49 -4.49
C ASP A 119 11.80 -13.04 -4.39
N ARG A 120 10.97 -12.02 -3.97
CA ARG A 120 11.41 -10.62 -3.81
C ARG A 120 12.19 -10.38 -2.49
N VAL A 121 11.59 -10.70 -1.31
CA VAL A 121 12.32 -10.52 0.01
C VAL A 121 13.05 -11.82 0.50
N GLY A 122 12.45 -13.02 0.33
CA GLY A 122 13.09 -14.28 0.77
C GLY A 122 12.38 -14.97 1.94
N HIS A 123 12.42 -14.32 3.11
CA HIS A 123 11.79 -14.83 4.36
C HIS A 123 10.51 -14.04 4.74
N SER A 124 9.80 -14.51 5.79
CA SER A 124 8.53 -13.89 6.29
C SER A 124 8.76 -12.57 7.09
N THR A 125 8.89 -11.47 6.34
CA THR A 125 9.16 -10.10 6.87
C THR A 125 8.22 -9.07 6.13
N ALA A 126 8.76 -7.88 5.74
CA ALA A 126 7.96 -6.84 5.03
C ALA A 126 8.45 -6.56 3.57
N HIS A 127 7.50 -6.52 2.61
CA HIS A 127 7.79 -6.20 1.19
C HIS A 127 7.23 -4.78 0.86
N ASP A 128 7.98 -3.97 0.11
CA ASP A 128 7.55 -2.60 -0.20
C ASP A 128 7.89 -2.14 -1.63
N GLU A 129 6.87 -1.60 -2.31
CA GLU A 129 7.00 -1.04 -3.66
C GLU A 129 6.62 0.47 -3.67
N ILE A 130 7.53 1.27 -4.27
CA ILE A 130 7.39 2.74 -4.39
C ILE A 130 7.15 3.16 -5.88
N ILE A 131 6.05 3.88 -6.10
CA ILE A 131 5.66 4.34 -7.46
C ILE A 131 5.29 5.87 -7.44
N PRO A 132 6.26 6.82 -7.77
CA PRO A 132 5.96 8.30 -7.89
C PRO A 132 5.19 8.67 -9.17
N ILE A 133 4.22 9.58 -9.02
CA ILE A 133 3.33 10.02 -10.12
C ILE A 133 3.43 11.57 -10.34
N SER A 134 3.20 11.98 -11.60
CA SER A 134 3.20 13.41 -11.97
C SER A 134 1.97 13.77 -12.82
N ILE A 135 1.09 14.60 -12.23
CA ILE A 135 -0.15 15.09 -12.89
C ILE A 135 0.01 16.63 -13.14
N LYS A 136 -0.11 17.02 -14.42
CA LYS A 136 -0.01 18.42 -14.85
C LYS A 136 -1.06 18.75 -15.91
N LYS A 137 -1.83 19.86 -15.66
CA LYS A 137 -2.95 20.38 -16.56
C LYS A 137 -4.18 19.43 -16.69
N GLY A 138 -4.29 18.44 -15.78
CA GLY A 138 -5.37 17.44 -15.79
C GLY A 138 -5.00 16.09 -16.45
N LYS A 139 -3.67 15.78 -16.57
CA LYS A 139 -3.22 14.51 -17.19
C LYS A 139 -2.26 13.73 -16.28
N LEU A 140 -2.40 12.39 -16.28
CA LEU A 140 -1.60 11.49 -15.42
C LEU A 140 -0.43 10.81 -16.15
N SER A 141 0.74 10.78 -15.48
CA SER A 141 1.93 10.15 -16.05
C SER A 141 2.64 9.23 -15.02
N VAL A 142 2.75 7.94 -15.40
CA VAL A 142 3.40 6.91 -14.58
C VAL A 142 4.84 6.54 -15.18
N GLN A 143 5.90 7.22 -14.65
CA GLN A 143 7.35 7.04 -15.05
C GLN A 143 7.65 7.59 -16.48
N GLY A 144 7.34 6.78 -17.51
CA GLY A 144 7.53 7.17 -18.91
C GLY A 144 6.29 6.95 -19.79
N GLU A 145 5.08 6.91 -19.16
CA GLU A 145 3.80 6.73 -19.86
C GLU A 145 2.82 7.87 -19.53
N VAL A 146 2.36 8.59 -20.57
CA VAL A 146 1.42 9.75 -20.40
C VAL A 146 -0.01 9.40 -20.88
N SER A 147 -1.00 9.78 -20.05
CA SER A 147 -2.42 9.55 -20.32
C SER A 147 -3.28 10.65 -19.67
N THR A 148 -4.60 10.44 -19.67
CA THR A 148 -5.57 11.41 -19.09
C THR A 148 -6.08 10.99 -17.69
N PHE A 149 -6.18 12.00 -16.78
CA PHE A 149 -6.74 11.80 -15.42
C PHE A 149 -8.24 12.18 -15.43
N THR A 150 -9.10 11.21 -15.11
CA THR A 150 -10.56 11.48 -15.11
C THR A 150 -11.24 10.98 -13.81
N GLY A 151 -11.33 11.91 -12.81
CA GLY A 151 -11.98 11.65 -11.52
C GLY A 151 -11.14 10.96 -10.43
N LYS A 152 -10.83 9.66 -10.61
CA LYS A 152 -10.04 8.92 -9.62
C LYS A 152 -8.89 8.11 -10.21
N LEU A 153 -8.11 7.61 -9.25
CA LEU A 153 -6.96 6.71 -9.46
C LEU A 153 -7.34 5.32 -8.93
N SER A 154 -7.22 4.26 -9.74
CA SER A 154 -7.67 2.96 -9.25
C SER A 154 -6.57 1.90 -9.12
N VAL A 155 -6.42 1.39 -7.89
CA VAL A 155 -5.40 0.36 -7.57
C VAL A 155 -6.13 -1.00 -7.37
N GLU A 156 -6.06 -1.84 -8.41
CA GLU A 156 -6.69 -3.16 -8.38
C GLU A 156 -5.73 -4.24 -8.89
N PHE A 157 -5.83 -5.41 -8.26
CA PHE A 157 -4.97 -6.55 -8.60
C PHE A 157 -5.77 -7.73 -9.17
N VAL A 158 -5.12 -8.37 -10.17
CA VAL A 158 -5.67 -9.56 -10.89
C VAL A 158 -4.97 -10.84 -10.35
N LYS A 159 -5.78 -11.90 -10.12
CA LYS A 159 -5.33 -13.20 -9.57
C LYS A 159 -4.69 -14.17 -10.60
N GLY A 160 -3.73 -14.97 -10.09
CA GLY A 160 -3.03 -15.97 -10.90
C GLY A 160 -3.49 -17.43 -10.65
N TYR A 161 -3.95 -17.73 -9.42
CA TYR A 161 -4.44 -19.07 -9.06
C TYR A 161 -5.84 -18.98 -8.40
N TYR A 162 -5.91 -18.65 -7.09
CA TYR A 162 -7.19 -18.54 -6.34
C TYR A 162 -6.99 -17.95 -4.92
N ASP A 163 -6.24 -16.82 -4.79
CA ASP A 163 -5.96 -16.19 -3.48
C ASP A 163 -5.54 -14.71 -3.59
N ASN A 164 -4.65 -14.36 -4.57
CA ASN A 164 -4.10 -12.96 -4.77
C ASN A 164 -2.86 -12.71 -3.82
N PRO A 165 -2.25 -11.46 -3.69
CA PRO A 165 -1.09 -11.21 -2.74
C PRO A 165 -1.41 -11.37 -1.22
N LYS A 166 -2.73 -11.31 -0.88
CA LYS A 166 -3.30 -11.51 0.49
C LYS A 166 -3.26 -10.25 1.41
N VAL A 167 -2.04 -9.77 1.83
CA VAL A 167 -1.93 -8.56 2.72
C VAL A 167 -1.57 -7.30 1.85
N CYS A 168 -2.35 -6.20 2.08
CA CYS A 168 -2.10 -4.93 1.35
C CYS A 168 -2.12 -3.71 2.29
N ALA A 169 -1.04 -2.91 2.25
CA ALA A 169 -0.81 -1.72 3.13
C ALA A 169 -0.78 -0.32 2.43
N LEU A 170 -1.84 -0.02 1.59
CA LEU A 170 -2.02 1.28 0.83
C LEU A 170 -1.77 2.57 1.66
N PHE A 171 -0.93 3.43 1.12
CA PHE A 171 -0.57 4.71 1.72
C PHE A 171 -0.26 5.74 0.62
N ILE A 172 -1.24 6.59 0.26
CA ILE A 172 -0.99 7.64 -0.74
C ILE A 172 -1.04 9.08 -0.12
N MET A 173 0.09 9.77 -0.31
CA MET A 173 0.29 11.14 0.18
C MET A 173 0.67 12.11 -0.98
N LYS A 174 0.64 13.43 -0.74
CA LYS A 174 0.90 14.39 -1.83
C LYS A 174 2.06 15.39 -1.66
N GLY A 175 2.43 15.87 -2.86
CA GLY A 175 3.42 16.91 -3.14
C GLY A 175 4.81 16.50 -3.66
N THR A 176 5.48 15.43 -3.12
CA THR A 176 6.85 14.98 -3.56
C THR A 176 7.35 13.72 -2.82
N ALA A 177 8.25 12.95 -3.50
CA ALA A 177 8.91 11.70 -2.96
C ALA A 177 10.06 11.96 -1.93
N ASP A 178 10.65 13.20 -1.92
CA ASP A 178 11.72 13.61 -0.96
C ASP A 178 11.17 14.22 0.39
N ASP A 179 9.83 14.21 0.56
CA ASP A 179 9.15 14.78 1.76
C ASP A 179 8.45 13.72 2.66
N VAL A 180 8.58 12.40 2.31
CA VAL A 180 7.95 11.24 3.08
C VAL A 180 8.38 11.07 4.59
N PRO A 181 9.67 11.35 5.00
CA PRO A 181 10.08 11.23 6.43
C PRO A 181 10.07 12.57 7.20
N MET A 182 10.17 12.49 8.54
CA MET A 182 10.19 13.68 9.41
C MET A 182 11.11 13.46 10.62
N LEU A 183 12.21 14.25 10.66
CA LEU A 183 13.19 14.18 11.75
C LEU A 183 13.57 15.57 12.31
N GLN A 184 14.25 15.54 13.47
CA GLN A 184 14.72 16.75 14.17
C GLN A 184 16.25 16.96 13.97
N PRO A 185 16.82 18.23 14.15
CA PRO A 185 18.29 18.48 13.97
C PRO A 185 19.21 17.81 15.00
N HIS A 186 20.14 16.99 14.47
CA HIS A 186 21.09 16.27 15.31
C HIS A 186 22.53 16.34 14.71
N PRO A 187 23.61 16.59 15.55
CA PRO A 187 25.04 16.64 15.08
C PRO A 187 25.73 15.25 14.99
N GLY A 188 27.07 15.24 15.06
CA GLY A 188 27.80 13.98 15.03
C GLY A 188 29.29 14.16 14.75
N LEU A 189 30.11 14.02 15.81
CA LEU A 189 31.57 14.15 15.71
C LEU A 189 32.29 12.85 16.11
N GLU A 190 33.06 12.28 15.16
CA GLU A 190 33.81 11.04 15.38
C GLU A 190 35.28 11.20 15.00
C2 BGC B . -5.45 -25.90 1.49
C3 BGC B . -5.14 -24.34 1.62
C4 BGC B . -6.00 -23.62 2.76
C5 BGC B . -5.79 -24.42 4.14
C6 BGC B . -6.69 -23.94 5.33
C1 BGC B . -5.38 -26.55 2.90
O1 BGC B . -5.82 -27.86 2.88
O2 BGC B . -4.49 -26.52 0.63
O3 BGC B . -5.43 -23.72 0.37
O4 BGC B . -5.58 -22.21 2.91
O5 BGC B . -6.24 -25.82 3.86
O6 BGC B . -7.31 -24.95 6.10
H2 BGC B . -6.47 -26.02 1.12
H3 BGC B . -4.07 -24.21 1.88
H4 BGC B . -7.05 -23.71 2.48
H5 BGC B . -4.78 -24.62 4.49
H61 BGC B . -7.42 -23.22 4.95
H62 BGC B . -6.03 -23.32 5.97
H1 BGC B . -4.34 -26.54 3.31
HO1 BGC B . -6.59 -27.93 2.30
HO2 BGC B . -3.64 -26.54 1.07
HO3 BGC B . -6.27 -23.25 0.43
HO6 BGC B . -6.67 -25.65 6.27
C1 GLC B . -6.52 -21.18 2.53
C2 GLC B . -5.81 -19.95 1.84
C3 GLC B . -4.95 -19.15 2.90
C4 GLC B . -5.77 -18.78 4.22
C5 GLC B . -6.42 -20.11 4.83
C6 GLC B . -7.41 -19.87 6.01
O2 GLC B . -4.92 -20.41 0.82
O3 GLC B . -4.47 -17.94 2.31
O4 GLC B . -4.91 -18.16 5.17
O5 GLC B . -7.25 -20.67 3.72
O6 GLC B . -8.58 -20.68 6.01
H1 GLC B . -7.27 -21.62 1.86
H2 GLC B . -6.59 -19.28 1.44
H3 GLC B . -4.10 -19.78 3.21
H4 GLC B . -6.58 -18.10 3.91
H5 GLC B . -5.77 -20.96 5.04
H61 GLC B . -7.65 -18.81 6.08
H62 GLC B . -6.83 -20.05 6.94
HO2 GLC B . -4.39 -19.68 0.51
HO3 GLC B . -4.55 -18.02 1.36
HO4 GLC B . -5.09 -17.22 5.19
HO6 GLC B . -8.98 -20.67 6.88
N GLY A 1 8.74 14.64 21.34
CA GLY A 1 8.22 16.02 21.26
C GLY A 1 7.05 16.14 20.30
N ALA A 2 7.03 17.26 19.54
CA ALA A 2 5.95 17.54 18.54
C ALA A 2 6.49 17.47 17.07
N MET A 3 5.77 16.71 16.23
CA MET A 3 6.15 16.52 14.82
C MET A 3 4.94 16.71 13.88
N SER A 4 5.06 17.70 12.97
CA SER A 4 4.01 18.02 11.99
C SER A 4 4.60 18.29 10.59
N GLY A 5 4.34 17.35 9.66
CA GLY A 5 4.85 17.49 8.30
C GLY A 5 4.27 16.49 7.30
N LEU A 6 4.22 15.19 7.67
CA LEU A 6 3.66 14.12 6.79
C LEU A 6 2.11 13.98 6.91
N ALA A 7 1.59 14.10 8.16
CA ALA A 7 0.12 14.09 8.51
C ALA A 7 -0.72 15.25 7.83
N ASP A 8 -0.04 16.38 7.46
CA ASP A 8 -0.68 17.53 6.77
C ASP A 8 -0.72 17.39 5.21
N LYS A 9 -0.02 16.36 4.64
CA LYS A 9 0.01 16.12 3.18
C LYS A 9 -0.88 14.91 2.74
N VAL A 10 -1.11 13.88 3.64
CA VAL A 10 -1.99 12.68 3.34
C VAL A 10 -3.44 13.00 2.78
N ILE A 11 -3.86 12.23 1.76
CA ILE A 11 -5.22 12.38 1.16
C ILE A 11 -6.04 11.08 1.22
N TRP A 12 -5.37 9.90 1.18
CA TRP A 12 -6.07 8.61 1.19
C TRP A 12 -5.11 7.44 1.53
N ALA A 13 -5.33 6.74 2.68
CA ALA A 13 -4.47 5.58 3.11
C ALA A 13 -5.32 4.40 3.65
N VAL A 14 -4.98 3.13 3.25
CA VAL A 14 -5.77 1.95 3.72
C VAL A 14 -4.95 0.58 3.86
N ASN A 15 -5.23 -0.15 4.98
CA ASN A 15 -4.65 -1.50 5.23
C ASN A 15 -5.81 -2.53 5.23
N ALA A 16 -5.84 -3.41 4.19
CA ALA A 16 -6.85 -4.48 4.07
C ALA A 16 -6.46 -5.70 4.95
N GLY A 17 -7.24 -5.80 6.06
CA GLY A 17 -7.08 -6.84 7.07
C GLY A 17 -7.94 -6.65 8.31
N GLY A 18 -7.72 -5.53 9.03
CA GLY A 18 -8.47 -5.25 10.29
C GLY A 18 -9.50 -4.14 10.17
N GLU A 19 -9.23 -2.99 10.85
CA GLU A 19 -10.13 -1.81 10.82
C GLU A 19 -9.45 -0.57 11.48
N SER A 20 -9.26 0.52 10.65
CA SER A 20 -8.69 1.88 11.06
C SER A 20 -7.42 1.93 11.99
N HIS A 21 -6.27 2.43 11.47
CA HIS A 21 -5.03 2.55 12.31
C HIS A 21 -4.18 3.79 11.97
N VAL A 22 -3.65 4.43 13.04
CA VAL A 22 -2.77 5.61 12.92
C VAL A 22 -1.28 5.20 13.23
N ASP A 23 -0.43 5.29 12.18
CA ASP A 23 1.02 4.94 12.27
C ASP A 23 1.90 6.11 12.80
N VAL A 24 3.14 5.72 13.24
CA VAL A 24 4.21 6.60 13.91
C VAL A 24 4.49 8.05 13.37
N HIS A 25 4.26 8.32 12.08
CA HIS A 25 4.44 9.68 11.49
C HIS A 25 3.12 10.52 11.56
N GLY A 26 1.98 9.79 11.72
CA GLY A 26 0.64 10.36 11.82
C GLY A 26 -0.24 10.09 10.61
N ILE A 27 -0.13 8.85 10.09
CA ILE A 27 -0.91 8.42 8.90
C ILE A 27 -2.02 7.42 9.35
N HIS A 28 -3.29 7.72 9.00
CA HIS A 28 -4.43 6.88 9.39
C HIS A 28 -5.09 6.10 8.23
N TYR A 29 -5.28 4.76 8.45
CA TYR A 29 -5.98 3.84 7.52
C TYR A 29 -7.52 3.92 7.72
N ARG A 30 -8.24 3.95 6.57
CA ARG A 30 -9.72 4.05 6.52
C ARG A 30 -10.45 2.69 6.45
N LYS A 31 -10.97 2.25 7.63
CA LYS A 31 -11.75 0.99 7.89
C LYS A 31 -12.80 0.52 6.81
N ASP A 32 -12.46 -0.62 6.12
CA ASP A 32 -13.33 -1.31 5.06
C ASP A 32 -13.96 -0.40 3.95
N PRO A 33 -13.19 0.07 2.94
CA PRO A 33 -13.73 0.94 1.86
C PRO A 33 -14.18 0.25 0.54
N LEU A 34 -13.85 -1.04 0.31
CA LEU A 34 -14.25 -1.72 -0.95
C LEU A 34 -14.84 -3.16 -0.78
N GLU A 35 -14.52 -3.90 0.32
CA GLU A 35 -15.04 -5.27 0.52
C GLU A 35 -16.25 -5.31 1.49
N GLY A 36 -17.39 -4.77 1.02
CA GLY A 36 -18.62 -4.72 1.84
C GLY A 36 -18.98 -3.34 2.39
N ARG A 37 -17.93 -2.48 2.64
CA ARG A 37 -18.01 -1.06 3.21
C ARG A 37 -18.81 -0.92 4.55
N VAL A 38 -18.40 -1.75 5.53
CA VAL A 38 -19.01 -1.81 6.90
C VAL A 38 -17.90 -2.05 7.98
N GLY A 39 -18.29 -2.12 9.27
CA GLY A 39 -17.32 -2.34 10.36
C GLY A 39 -17.09 -3.81 10.74
N ARG A 40 -16.05 -4.42 10.13
CA ARG A 40 -15.70 -5.83 10.38
C ARG A 40 -14.19 -6.11 10.14
N ALA A 41 -13.56 -6.80 11.12
CA ALA A 41 -12.12 -7.18 11.08
C ALA A 41 -11.94 -8.72 10.95
N SER A 42 -11.00 -9.13 10.08
CA SER A 42 -10.69 -10.55 9.85
C SER A 42 -9.21 -10.87 10.08
N ASP A 43 -8.96 -11.81 11.01
CA ASP A 43 -7.58 -12.23 11.35
C ASP A 43 -7.53 -13.75 11.57
N TYR A 44 -6.98 -14.47 10.57
CA TYR A 44 -6.84 -15.96 10.61
C TYR A 44 -5.41 -16.39 11.05
N GLY A 45 -4.37 -15.74 10.48
CA GLY A 45 -2.97 -16.01 10.86
C GLY A 45 -2.39 -14.83 11.63
N MET A 46 -2.83 -14.69 12.89
CA MET A 46 -2.41 -13.58 13.79
C MET A 46 -1.19 -13.88 14.72
N LYS A 47 -0.61 -15.11 14.62
CA LYS A 47 0.56 -15.49 15.45
C LYS A 47 1.87 -15.61 14.61
N LEU A 48 2.00 -14.73 13.59
CA LEU A 48 3.16 -14.66 12.71
C LEU A 48 3.52 -13.18 12.49
N PRO A 49 4.18 -12.52 13.51
CA PRO A 49 4.57 -11.07 13.45
C PRO A 49 5.58 -10.65 12.35
N ILE A 50 5.50 -9.34 11.98
CA ILE A 50 6.38 -8.73 10.97
C ILE A 50 7.67 -8.15 11.69
N LEU A 51 8.84 -8.59 11.18
CA LEU A 51 10.19 -8.25 11.74
C LEU A 51 10.77 -6.87 11.32
N ARG A 52 10.27 -6.25 10.23
CA ARG A 52 10.77 -4.94 9.76
C ARG A 52 9.86 -3.72 10.19
N SER A 53 9.09 -3.89 11.30
CA SER A 53 8.21 -2.85 11.84
C SER A 53 8.13 -2.90 13.40
N ASN A 54 7.26 -2.04 13.99
CA ASN A 54 7.02 -1.97 15.48
C ASN A 54 5.76 -2.85 15.83
N PRO A 55 5.23 -2.93 17.13
CA PRO A 55 3.97 -3.70 17.46
C PRO A 55 2.68 -3.07 16.88
N GLU A 56 2.63 -1.71 16.95
CA GLU A 56 1.50 -0.85 16.43
C GLU A 56 1.42 -0.85 14.87
N ASP A 57 2.60 -0.60 14.24
CA ASP A 57 2.75 -0.60 12.77
C ASP A 57 2.87 -2.05 12.17
N GLN A 58 2.98 -3.08 13.09
CA GLN A 58 2.99 -4.55 12.76
C GLN A 58 1.54 -4.94 12.38
N VAL A 59 0.55 -4.39 13.15
CA VAL A 59 -0.94 -4.54 12.86
C VAL A 59 -1.26 -3.91 11.45
N LEU A 60 -0.70 -2.70 11.17
CA LEU A 60 -0.88 -2.03 9.85
C LEU A 60 -0.01 -2.63 8.68
N TYR A 61 0.96 -3.49 9.01
CA TYR A 61 1.81 -4.19 8.02
C TYR A 61 1.77 -5.75 8.18
N GLN A 62 0.68 -6.29 8.81
CA GLN A 62 0.53 -7.77 9.08
C GLN A 62 -0.91 -8.34 8.96
N THR A 63 -1.94 -7.51 9.20
CA THR A 63 -3.40 -7.96 9.16
C THR A 63 -3.96 -8.17 7.70
N GLU A 64 -4.60 -9.34 7.45
CA GLU A 64 -5.13 -9.72 6.09
C GLU A 64 -6.66 -9.88 6.00
N ARG A 65 -7.22 -9.39 4.86
CA ARG A 65 -8.66 -9.48 4.57
C ARG A 65 -8.93 -10.32 3.29
N TYR A 66 -9.83 -11.32 3.42
CA TYR A 66 -10.20 -12.21 2.30
C TYR A 66 -11.73 -12.35 2.17
N ASN A 67 -12.26 -12.04 0.97
CA ASN A 67 -13.72 -12.11 0.72
C ASN A 67 -14.08 -12.68 -0.68
N GLU A 68 -13.65 -12.02 -1.79
CA GLU A 68 -14.01 -12.47 -3.14
C GLU A 68 -12.78 -12.73 -4.07
N ASP A 69 -12.83 -12.24 -5.34
CA ASP A 69 -11.80 -12.45 -6.37
C ASP A 69 -11.89 -11.33 -7.43
N SER A 70 -10.75 -10.59 -7.67
CA SER A 70 -10.66 -9.42 -8.62
C SER A 70 -11.32 -8.18 -7.99
N PHE A 71 -10.58 -7.52 -7.09
CA PHE A 71 -11.11 -6.37 -6.36
C PHE A 71 -10.12 -5.19 -6.28
N GLY A 72 -10.68 -3.96 -6.39
CA GLY A 72 -9.87 -2.75 -6.40
C GLY A 72 -10.37 -1.61 -5.54
N TYR A 73 -9.53 -0.56 -5.49
CA TYR A 73 -9.78 0.64 -4.67
C TYR A 73 -10.01 1.92 -5.52
N ASP A 74 -10.70 2.90 -4.91
CA ASP A 74 -11.03 4.19 -5.55
C ASP A 74 -10.45 5.39 -4.76
N ILE A 75 -9.68 6.23 -5.48
CA ILE A 75 -9.04 7.44 -4.90
C ILE A 75 -9.50 8.68 -5.72
N PRO A 76 -10.45 9.53 -5.21
CA PRO A 76 -10.89 10.75 -5.93
C PRO A 76 -9.97 12.00 -5.69
N ILE A 77 -9.36 12.50 -6.77
CA ILE A 77 -8.43 13.66 -6.71
C ILE A 77 -8.92 14.83 -7.65
N LYS A 78 -8.45 16.04 -7.31
CA LYS A 78 -8.78 17.28 -8.05
C LYS A 78 -7.57 18.28 -8.09
N GLU A 79 -6.34 17.83 -7.75
CA GLU A 79 -5.14 18.71 -7.74
C GLU A 79 -4.00 18.15 -8.62
N GLU A 80 -2.94 18.97 -8.78
CA GLU A 80 -1.77 18.58 -9.59
C GLU A 80 -0.44 18.83 -8.86
N GLY A 81 0.50 17.90 -9.10
CA GLY A 81 1.83 17.97 -8.51
C GLY A 81 2.52 16.61 -8.49
N GLU A 82 3.16 16.23 -7.36
CA GLU A 82 3.81 14.92 -7.26
C GLU A 82 3.11 14.02 -6.23
N TYR A 83 2.46 12.95 -6.70
CA TYR A 83 1.75 12.01 -5.80
C TYR A 83 2.54 10.70 -5.62
N VAL A 84 2.67 10.24 -4.38
CA VAL A 84 3.48 9.04 -4.09
C VAL A 84 2.61 7.91 -3.47
N LEU A 85 2.65 6.75 -4.14
CA LEU A 85 1.92 5.54 -3.70
C LEU A 85 2.90 4.49 -3.15
N VAL A 86 2.84 4.28 -1.84
CA VAL A 86 3.70 3.30 -1.11
C VAL A 86 2.80 2.24 -0.44
N LEU A 87 3.10 0.95 -0.69
CA LEU A 87 2.31 -0.14 -0.10
C LEU A 87 3.18 -1.25 0.52
N LYS A 88 2.75 -1.73 1.72
CA LYS A 88 3.45 -2.85 2.40
C LYS A 88 2.67 -4.16 2.19
N PHE A 89 3.29 -5.08 1.44
CA PHE A 89 2.67 -6.39 1.14
C PHE A 89 3.31 -7.49 2.02
N ALA A 90 2.44 -8.34 2.60
CA ALA A 90 2.87 -9.46 3.50
C ALA A 90 2.07 -10.77 3.21
N GLU A 91 2.71 -11.93 3.48
CA GLU A 91 2.08 -13.25 3.26
C GLU A 91 2.16 -14.16 4.51
N VAL A 92 1.08 -14.94 4.73
CA VAL A 92 1.00 -15.88 5.90
C VAL A 92 0.91 -17.38 5.45
N TYR A 93 0.21 -17.65 4.33
CA TYR A 93 0.03 -19.01 3.79
C TYR A 93 0.52 -19.11 2.32
N PHE A 94 1.15 -20.28 2.00
CA PHE A 94 1.72 -20.63 0.65
C PHE A 94 3.21 -20.25 0.56
N ALA A 95 4.10 -21.27 0.75
CA ALA A 95 5.57 -21.06 0.69
C ALA A 95 6.16 -21.56 -0.66
N GLN A 96 6.11 -20.65 -1.65
CA GLN A 96 6.64 -20.92 -3.01
C GLN A 96 7.12 -19.64 -3.72
N SER A 97 8.19 -19.79 -4.52
CA SER A 97 8.80 -18.68 -5.29
C SER A 97 8.80 -18.94 -6.80
N GLN A 98 8.12 -18.01 -7.55
CA GLN A 98 7.95 -18.04 -9.05
C GLN A 98 6.96 -19.16 -9.52
N GLN A 99 5.75 -19.08 -8.98
CA GLN A 99 4.64 -20.03 -9.22
C GLN A 99 3.30 -19.32 -8.91
N LYS A 100 3.29 -18.57 -7.78
CA LYS A 100 2.13 -17.77 -7.34
C LYS A 100 2.42 -16.28 -7.63
N VAL A 101 2.16 -15.89 -8.89
CA VAL A 101 2.43 -14.52 -9.40
C VAL A 101 1.10 -13.73 -9.64
N PHE A 102 1.08 -12.49 -9.14
CA PHE A 102 -0.11 -11.62 -9.20
C PHE A 102 0.02 -10.36 -10.08
N ASP A 103 -1.08 -9.56 -10.18
CA ASP A 103 -1.06 -8.29 -10.98
C ASP A 103 -1.53 -7.06 -10.16
N VAL A 104 -0.85 -5.91 -10.40
CA VAL A 104 -1.15 -4.63 -9.72
C VAL A 104 -1.17 -3.46 -10.80
N ARG A 105 -2.30 -2.71 -10.82
CA ARG A 105 -2.54 -1.61 -11.80
C ARG A 105 -2.88 -0.22 -11.16
N VAL A 106 -2.43 0.88 -11.85
CA VAL A 106 -2.72 2.30 -11.40
C VAL A 106 -3.51 3.14 -12.48
N ASN A 107 -4.83 3.39 -12.21
CA ASN A 107 -5.81 4.15 -13.11
C ASN A 107 -6.10 3.47 -14.47
N GLY A 108 -5.93 2.15 -14.52
CA GLY A 108 -6.11 1.39 -15.75
C GLY A 108 -4.77 0.92 -16.37
N HIS A 109 -3.65 1.50 -15.86
CA HIS A 109 -2.27 1.24 -16.29
C HIS A 109 -1.62 0.04 -15.54
N THR A 110 -0.44 -0.44 -16.00
CA THR A 110 0.24 -1.56 -15.31
C THR A 110 1.64 -1.19 -14.83
N VAL A 111 1.91 -1.56 -13.56
CA VAL A 111 3.22 -1.26 -12.93
C VAL A 111 3.93 -2.53 -12.37
N VAL A 112 3.25 -3.30 -11.49
CA VAL A 112 3.87 -4.55 -10.93
C VAL A 112 2.99 -5.75 -11.37
N LYS A 113 3.32 -6.31 -12.55
CA LYS A 113 2.59 -7.46 -13.11
C LYS A 113 3.49 -8.71 -13.11
N ASP A 114 3.57 -9.24 -11.90
CA ASP A 114 4.34 -10.45 -11.47
C ASP A 114 4.70 -10.28 -9.96
N LEU A 115 3.67 -10.20 -9.07
CA LEU A 115 3.92 -10.01 -7.64
C LEU A 115 3.98 -11.32 -6.85
N ASP A 116 5.22 -11.74 -6.60
CA ASP A 116 5.56 -12.91 -5.78
C ASP A 116 6.29 -12.41 -4.51
N ILE A 117 5.54 -12.31 -3.40
CA ILE A 117 6.04 -11.77 -2.08
C ILE A 117 7.17 -12.66 -1.39
N PHE A 118 7.15 -14.00 -1.62
CA PHE A 118 8.16 -14.95 -1.07
C PHE A 118 9.54 -14.87 -1.83
N ASP A 119 9.47 -14.67 -3.19
CA ASP A 119 10.67 -14.49 -4.07
C ASP A 119 11.34 -13.07 -3.93
N ARG A 120 10.53 -12.03 -3.53
CA ARG A 120 11.02 -10.64 -3.33
C ARG A 120 11.79 -10.44 -2.00
N VAL A 121 11.19 -10.78 -0.84
CA VAL A 121 11.90 -10.66 0.49
C VAL A 121 12.62 -11.98 0.95
N GLY A 122 12.00 -13.17 0.72
CA GLY A 122 12.61 -14.45 1.12
C GLY A 122 11.89 -15.15 2.27
N HIS A 123 12.02 -14.54 3.48
CA HIS A 123 11.39 -15.02 4.73
C HIS A 123 10.21 -14.11 5.14
N SER A 124 9.48 -14.49 6.22
CA SER A 124 8.31 -13.71 6.75
C SER A 124 8.69 -12.37 7.43
N THR A 125 8.81 -11.34 6.57
CA THR A 125 9.19 -9.94 6.94
C THR A 125 8.23 -8.93 6.22
N ALA A 126 8.67 -7.66 6.03
CA ALA A 126 7.85 -6.62 5.35
C ALA A 126 8.34 -6.30 3.89
N HIS A 127 7.40 -6.36 2.92
CA HIS A 127 7.66 -6.03 1.49
C HIS A 127 7.13 -4.60 1.18
N ASP A 128 7.90 -3.81 0.41
CA ASP A 128 7.49 -2.43 0.11
C ASP A 128 7.86 -1.98 -1.31
N GLU A 129 6.88 -1.40 -2.02
CA GLU A 129 7.10 -0.85 -3.38
C GLU A 129 6.72 0.66 -3.43
N ILE A 130 7.61 1.42 -4.11
CA ILE A 130 7.47 2.90 -4.28
C ILE A 130 7.21 3.26 -5.78
N ILE A 131 6.11 4.03 -6.00
CA ILE A 131 5.69 4.45 -7.35
C ILE A 131 5.36 5.99 -7.36
N PRO A 132 6.35 6.92 -7.70
CA PRO A 132 6.06 8.40 -7.84
C PRO A 132 5.35 8.76 -9.16
N ILE A 133 4.27 9.55 -9.02
CA ILE A 133 3.41 9.97 -10.15
C ILE A 133 3.44 11.53 -10.32
N SER A 134 3.19 12.00 -11.57
CA SER A 134 3.17 13.44 -11.87
C SER A 134 1.98 13.85 -12.76
N ILE A 135 1.11 14.71 -12.21
CA ILE A 135 -0.09 15.25 -12.92
C ILE A 135 0.08 16.80 -13.08
N LYS A 136 -0.08 17.28 -14.34
CA LYS A 136 0.05 18.71 -14.67
C LYS A 136 -1.00 19.13 -15.70
N LYS A 137 -1.80 20.19 -15.36
CA LYS A 137 -2.92 20.76 -16.20
C LYS A 137 -4.15 19.81 -16.34
N GLY A 138 -4.22 18.78 -15.48
CA GLY A 138 -5.29 17.77 -15.49
C GLY A 138 -4.91 16.47 -16.24
N LYS A 139 -3.59 16.22 -16.50
CA LYS A 139 -3.15 15.01 -17.21
C LYS A 139 -2.09 14.21 -16.42
N LEU A 140 -2.17 12.88 -16.54
CA LEU A 140 -1.30 11.95 -15.77
C LEU A 140 -0.04 11.46 -16.55
N SER A 141 1.02 11.22 -15.77
CA SER A 141 2.30 10.71 -16.29
C SER A 141 2.88 9.65 -15.33
N VAL A 142 2.96 8.39 -15.81
CA VAL A 142 3.47 7.26 -15.02
C VAL A 142 4.72 6.59 -15.75
N GLN A 143 5.96 7.01 -15.35
CA GLN A 143 7.28 6.51 -15.88
C GLN A 143 7.55 6.92 -17.36
N GLY A 144 7.01 6.13 -18.30
CA GLY A 144 7.13 6.40 -19.74
C GLY A 144 5.79 6.32 -20.49
N GLU A 145 4.67 6.57 -19.76
CA GLU A 145 3.31 6.55 -20.33
C GLU A 145 2.54 7.83 -19.96
N VAL A 146 2.05 8.55 -20.97
CA VAL A 146 1.32 9.81 -20.76
C VAL A 146 -0.16 9.73 -21.30
N SER A 147 -1.11 10.13 -20.44
CA SER A 147 -2.54 10.12 -20.75
C SER A 147 -3.28 11.22 -19.95
N THR A 148 -4.62 11.25 -20.03
CA THR A 148 -5.41 12.26 -19.28
C THR A 148 -6.13 11.68 -18.00
N PHE A 149 -6.08 12.46 -16.90
CA PHE A 149 -6.73 12.13 -15.60
C PHE A 149 -8.22 12.56 -15.58
N THR A 150 -9.12 11.60 -15.27
CA THR A 150 -10.58 11.92 -15.23
C THR A 150 -11.26 11.46 -13.92
N GLY A 151 -11.31 12.40 -12.95
CA GLY A 151 -12.00 12.19 -11.64
C GLY A 151 -11.31 11.37 -10.54
N LYS A 152 -11.09 10.06 -10.79
CA LYS A 152 -10.50 9.16 -9.79
C LYS A 152 -9.39 8.24 -10.34
N LEU A 153 -8.57 7.74 -9.40
CA LEU A 153 -7.45 6.78 -9.67
C LEU A 153 -7.85 5.37 -9.19
N SER A 154 -7.46 4.31 -9.92
CA SER A 154 -7.85 2.96 -9.50
C SER A 154 -6.66 2.00 -9.31
N VAL A 155 -6.61 1.38 -8.13
CA VAL A 155 -5.56 0.36 -7.83
C VAL A 155 -6.28 -1.01 -7.85
N GLU A 156 -6.17 -1.69 -9.01
CA GLU A 156 -6.86 -2.97 -9.22
C GLU A 156 -5.90 -4.16 -9.10
N PHE A 157 -6.28 -5.06 -8.18
CA PHE A 157 -5.50 -6.27 -7.92
C PHE A 157 -6.25 -7.49 -8.48
N VAL A 158 -5.57 -8.15 -9.43
CA VAL A 158 -6.10 -9.35 -10.14
C VAL A 158 -5.41 -10.65 -9.59
N LYS A 159 -6.29 -11.67 -9.39
CA LYS A 159 -6.00 -13.04 -8.83
C LYS A 159 -4.92 -13.88 -9.59
N GLY A 160 -4.24 -14.75 -8.82
CA GLY A 160 -3.22 -15.66 -9.37
C GLY A 160 -3.65 -17.13 -9.40
N TYR A 161 -3.90 -17.72 -8.21
CA TYR A 161 -4.33 -19.13 -8.08
C TYR A 161 -5.50 -19.31 -7.10
N TYR A 162 -5.24 -19.17 -5.78
CA TYR A 162 -6.28 -19.34 -4.72
C TYR A 162 -6.59 -18.01 -4.01
N ASP A 163 -5.56 -17.39 -3.38
CA ASP A 163 -5.68 -16.07 -2.68
C ASP A 163 -5.24 -14.93 -3.62
N ASN A 164 -5.72 -13.70 -3.37
CA ASN A 164 -5.36 -12.54 -4.23
C ASN A 164 -4.19 -11.71 -3.60
N PRO A 165 -4.35 -10.57 -2.79
CA PRO A 165 -3.16 -9.87 -2.19
C PRO A 165 -2.69 -10.46 -0.84
N LYS A 166 -3.69 -10.88 -0.02
CA LYS A 166 -3.53 -11.42 1.36
C LYS A 166 -3.42 -10.22 2.35
N VAL A 167 -2.20 -9.61 2.50
CA VAL A 167 -2.03 -8.39 3.35
C VAL A 167 -1.69 -7.20 2.40
N CYS A 168 -2.45 -6.08 2.58
CA CYS A 168 -2.24 -4.88 1.73
C CYS A 168 -2.24 -3.57 2.56
N ALA A 169 -1.09 -2.87 2.55
CA ALA A 169 -0.86 -1.61 3.35
C ALA A 169 -0.78 -0.27 2.56
N LEU A 170 -1.75 -0.03 1.63
CA LEU A 170 -1.91 1.22 0.79
C LEU A 170 -1.64 2.58 1.53
N PHE A 171 -0.88 3.46 0.88
CA PHE A 171 -0.54 4.77 1.45
C PHE A 171 -0.29 5.81 0.32
N ILE A 172 -1.29 6.67 0.03
CA ILE A 172 -1.09 7.74 -0.96
C ILE A 172 -1.07 9.16 -0.28
N MET A 173 0.05 9.86 -0.48
CA MET A 173 0.24 11.20 0.08
C MET A 173 0.53 12.26 -1.03
N LYS A 174 0.48 13.55 -0.63
CA LYS A 174 0.60 14.64 -1.58
C LYS A 174 1.86 15.56 -1.50
N GLY A 175 2.28 15.90 -2.74
CA GLY A 175 3.31 16.88 -3.07
C GLY A 175 4.72 16.45 -3.53
N THR A 176 5.37 15.38 -2.96
CA THR A 176 6.77 14.95 -3.38
C THR A 176 7.29 13.69 -2.66
N ALA A 177 8.28 13.01 -3.33
CA ALA A 177 8.99 11.79 -2.81
C ALA A 177 10.10 12.10 -1.73
N ASP A 178 10.49 13.40 -1.60
CA ASP A 178 11.51 13.86 -0.59
C ASP A 178 10.88 14.22 0.81
N ASP A 179 9.54 14.02 0.96
CA ASP A 179 8.80 14.29 2.22
C ASP A 179 8.39 12.99 2.98
N VAL A 180 8.59 11.80 2.34
CA VAL A 180 8.28 10.46 2.95
C VAL A 180 9.55 9.79 3.59
N PRO A 181 9.88 10.05 4.91
CA PRO A 181 11.07 9.45 5.57
C PRO A 181 10.79 8.13 6.34
N MET A 182 11.83 7.30 6.47
CA MET A 182 11.74 6.01 7.18
C MET A 182 12.93 5.83 8.14
N LEU A 183 12.64 6.00 9.45
CA LEU A 183 13.68 5.87 10.49
C LEU A 183 13.25 4.92 11.65
N GLN A 184 14.23 4.61 12.51
CA GLN A 184 14.05 3.74 13.69
C GLN A 184 14.18 4.56 15.01
N PRO A 185 13.63 4.05 16.19
CA PRO A 185 13.70 4.79 17.51
C PRO A 185 15.14 4.94 18.09
N HIS A 186 15.51 6.20 18.34
CA HIS A 186 16.84 6.52 18.86
C HIS A 186 16.76 7.54 20.05
N PRO A 187 17.47 7.27 21.22
CA PRO A 187 17.51 8.22 22.39
C PRO A 187 18.64 9.29 22.28
N GLY A 188 19.05 9.85 23.41
CA GLY A 188 20.12 10.82 23.42
C GLY A 188 20.34 11.51 24.77
N LEU A 189 20.43 12.85 24.73
CA LEU A 189 20.64 13.67 25.93
C LEU A 189 19.49 14.65 26.18
N GLU A 190 18.73 14.39 27.26
CA GLU A 190 17.58 15.24 27.64
C GLU A 190 17.43 15.28 29.18
C2 BGC B . -6.41 -25.12 -0.65
C3 BGC B . -6.40 -23.64 -0.05
C4 BGC B . -7.12 -23.54 1.38
C5 BGC B . -6.41 -24.60 2.36
C6 BGC B . -7.06 -24.71 3.77
C1 BGC B . -5.89 -26.11 0.46
O1 BGC B . -6.09 -27.43 0.07
O2 BGC B . -5.57 -25.19 -1.79
O3 BGC B . -7.09 -22.79 -0.98
O4 BGC B . -7.01 -22.16 1.90
O5 BGC B . -6.63 -25.93 1.72
O6 BGC B . -7.20 -26.03 4.28
H2 BGC B . -7.45 -25.41 -0.88
H3 BGC B . -5.36 -23.33 0.08
H4 BGC B . -8.17 -23.87 1.25
H5 BGC B . -5.31 -24.58 2.45
H61 BGC B . -8.00 -24.16 3.78
H62 BGC B . -6.41 -24.12 4.46
H1 BGC B . -4.82 -25.97 0.65
HO1 BGC B . -6.94 -27.52 -0.35
HO2 BGC B . -5.79 -24.47 -2.39
HO3 BGC B . -7.96 -22.60 -0.65
HO6 BGC B . -7.35 -25.99 5.23
C1 GLC B . -8.24 -21.39 1.98
C2 GLC B . -8.01 -19.85 1.66
C3 GLC B . -7.21 -19.16 2.85
C4 GLC B . -7.83 -19.48 4.29
C5 GLC B . -7.99 -21.05 4.48
C6 GLC B . -8.76 -21.49 5.76
O2 GLC B . -7.21 -19.72 0.49
O3 GLC B . -7.23 -17.75 2.66
O4 GLC B . -6.97 -18.94 5.31
O5 GLC B . -8.84 -21.49 3.34
O6 GLC B . -9.66 -22.57 5.60
H1 GLC B . -8.98 -21.81 1.27
H2 GLC B . -8.99 -19.36 1.56
H3 GLC B . -6.17 -19.53 2.85
H4 GLC B . -8.84 -19.03 4.32
H5 GLC B . -7.10 -21.69 4.31
H61 GLC B . -9.23 -20.62 6.22
H62 GLC B . -7.97 -21.78 6.50
HO2 GLC B . -6.94 -18.80 0.39
HO3 GLC B . -7.88 -17.36 3.25
HO4 GLC B . -6.86 -19.58 6.00
HO6 GLC B . -9.26 -23.25 5.06
#